data_5MMU
#
_entry.id   5MMU
#
_entity_poly.entity_id   1
_entity_poly.type   'polypeptide(L)'
_entity_poly.pdbx_seq_one_letter_code
;GVYTFENEFTSEIPPSRLFKAFVLDADNLIPKIAPQAIKQAEILEGNGGPGTIKKITFGEGSQYGYVKHRIDSIDEASYS
YSYTLIEGDALTDTIEKISYETKLVACGSGSTIKSISHYHTKGNIEIKEEHVKVGKEKAHGLFKLIESYLKDHPDAYN
;
_entity_poly.pdbx_strand_id   A
#
# COMPACT_ATOMS: atom_id res chain seq x y z
N GLY A 1 1.13 -6.33 -19.78
CA GLY A 1 -0.03 -7.17 -19.42
C GLY A 1 -0.68 -6.65 -18.15
N VAL A 2 -0.46 -5.38 -17.84
CA VAL A 2 -1.02 -4.76 -16.64
C VAL A 2 -1.61 -3.41 -16.96
N TYR A 3 -2.65 -3.03 -16.22
CA TYR A 3 -3.28 -1.73 -16.38
C TYR A 3 -2.71 -0.76 -15.36
N THR A 4 -1.93 0.22 -15.82
CA THR A 4 -1.35 1.21 -14.91
C THR A 4 -2.19 2.47 -14.88
N PHE A 5 -2.46 2.96 -13.68
CA PHE A 5 -3.23 4.17 -13.49
C PHE A 5 -2.52 5.09 -12.50
N GLU A 6 -2.39 6.36 -12.86
CA GLU A 6 -1.72 7.32 -12.00
C GLU A 6 -2.74 8.19 -11.27
N ASN A 7 -2.63 8.25 -9.95
CA ASN A 7 -3.55 9.03 -9.12
C ASN A 7 -2.76 9.88 -8.15
N GLU A 8 -3.39 10.92 -7.61
CA GLU A 8 -2.71 11.79 -6.66
C GLU A 8 -3.68 12.50 -5.73
N PHE A 9 -3.20 12.85 -4.54
CA PHE A 9 -4.01 13.54 -3.55
C PHE A 9 -3.17 14.57 -2.81
N THR A 10 -3.74 15.73 -2.51
CA THR A 10 -3.02 16.79 -1.81
C THR A 10 -3.23 16.69 -0.30
N SER A 11 -2.22 17.07 0.47
CA SER A 11 -2.30 17.03 1.92
C SER A 11 -1.57 18.21 2.54
N GLU A 12 -1.98 18.60 3.74
CA GLU A 12 -1.36 19.73 4.44
C GLU A 12 -0.29 19.23 5.40
N ILE A 13 0.30 18.08 5.07
CA ILE A 13 1.32 17.46 5.91
C ILE A 13 2.64 17.37 5.15
N PRO A 14 3.73 17.89 5.70
CA PRO A 14 5.04 17.81 5.04
C PRO A 14 5.34 16.38 4.55
N PRO A 15 6.12 16.21 3.50
CA PRO A 15 6.45 14.87 2.95
C PRO A 15 7.19 14.00 3.97
N SER A 16 7.85 14.65 4.92
CA SER A 16 8.63 13.95 5.93
C SER A 16 7.78 13.20 6.94
N ARG A 17 6.58 13.70 7.26
CA ARG A 17 5.74 13.03 8.24
C ARG A 17 5.11 11.82 7.59
N LEU A 18 4.35 12.08 6.55
CA LEU A 18 3.69 11.03 5.80
C LEU A 18 4.71 9.94 5.50
N PHE A 19 5.87 10.37 4.98
CA PHE A 19 6.95 9.46 4.65
C PHE A 19 7.20 8.44 5.75
N LYS A 20 7.53 8.87 6.96
CA LYS A 20 7.80 7.91 8.04
C LYS A 20 6.52 7.24 8.49
N ALA A 21 5.41 7.94 8.30
CA ALA A 21 4.12 7.46 8.72
C ALA A 21 3.55 6.40 7.79
N PHE A 22 4.08 6.25 6.59
CA PHE A 22 3.55 5.28 5.64
C PHE A 22 4.56 4.19 5.26
N VAL A 23 5.81 4.30 5.70
CA VAL A 23 6.81 3.26 5.41
C VAL A 23 7.48 2.73 6.68
N LEU A 24 7.72 3.58 7.68
CA LEU A 24 8.40 3.14 8.89
C LEU A 24 7.42 2.69 9.96
N ASP A 25 6.44 3.53 10.26
CA ASP A 25 5.48 3.23 11.34
C ASP A 25 4.13 2.86 10.78
N ALA A 26 3.95 2.90 9.46
CA ALA A 26 2.66 2.55 8.86
C ALA A 26 2.08 1.29 9.46
N ASP A 27 2.96 0.38 9.83
CA ASP A 27 2.57 -0.90 10.43
C ASP A 27 2.35 -0.77 11.93
N ASN A 28 2.29 0.45 12.40
CA ASN A 28 2.06 0.82 13.79
C ASN A 28 1.15 2.01 13.82
N LEU A 29 0.96 2.59 12.65
CA LEU A 29 0.15 3.75 12.40
C LEU A 29 -1.20 3.31 11.88
N ILE A 30 -1.19 2.42 10.89
CA ILE A 30 -2.42 1.92 10.30
C ILE A 30 -3.35 1.29 11.34
N PRO A 31 -2.89 0.30 12.10
CA PRO A 31 -3.75 -0.36 13.13
C PRO A 31 -4.21 0.55 14.26
N LYS A 32 -3.44 1.60 14.55
CA LYS A 32 -3.78 2.51 15.64
C LYS A 32 -5.02 3.32 15.34
N ILE A 33 -5.02 3.91 14.15
CA ILE A 33 -6.08 4.77 13.70
C ILE A 33 -7.08 4.00 12.86
N ALA A 34 -6.58 3.02 12.10
CA ALA A 34 -7.42 2.25 11.19
C ALA A 34 -7.69 0.85 11.71
N PRO A 35 -8.39 0.72 12.82
CA PRO A 35 -8.80 -0.58 13.33
C PRO A 35 -9.98 -1.06 12.50
N GLN A 36 -10.70 -0.08 11.97
CA GLN A 36 -11.86 -0.35 11.13
C GLN A 36 -11.40 -0.83 9.76
N ALA A 37 -10.38 -0.17 9.23
CA ALA A 37 -9.85 -0.50 7.92
C ALA A 37 -9.05 -1.80 7.97
N ILE A 38 -7.83 -1.71 8.48
CA ILE A 38 -6.95 -2.88 8.59
C ILE A 38 -6.89 -3.35 10.03
N LYS A 39 -6.77 -4.67 10.21
CA LYS A 39 -6.70 -5.24 11.55
C LYS A 39 -5.31 -5.08 12.14
N GLN A 40 -4.27 -5.53 11.43
CA GLN A 40 -2.91 -5.40 11.92
C GLN A 40 -1.92 -5.82 10.86
N ALA A 41 -0.66 -5.48 11.09
CA ALA A 41 0.39 -5.84 10.15
C ALA A 41 1.75 -5.66 10.81
N GLU A 42 2.69 -6.53 10.46
CA GLU A 42 4.03 -6.46 11.03
C GLU A 42 5.04 -7.02 10.04
N ILE A 43 6.23 -6.44 10.02
CA ILE A 43 7.26 -6.89 9.09
C ILE A 43 7.91 -8.18 9.57
N LEU A 44 8.16 -9.05 8.61
CA LEU A 44 8.82 -10.32 8.89
C LEU A 44 10.31 -10.15 8.74
N GLU A 45 10.71 -9.37 7.74
CA GLU A 45 12.12 -9.12 7.50
C GLU A 45 12.34 -7.71 6.99
N GLY A 46 13.35 -7.03 7.52
CA GLY A 46 13.65 -5.66 7.11
C GLY A 46 12.97 -4.65 8.02
N ASN A 47 12.76 -3.45 7.50
CA ASN A 47 12.13 -2.36 8.26
C ASN A 47 11.09 -1.63 7.42
N GLY A 48 11.01 -1.99 6.14
CA GLY A 48 10.08 -1.37 5.21
C GLY A 48 10.78 -0.96 3.93
N GLY A 49 12.02 -1.41 3.75
CA GLY A 49 12.80 -1.07 2.56
C GLY A 49 13.00 -2.28 1.66
N PRO A 50 13.83 -2.15 0.64
CA PRO A 50 14.10 -3.26 -0.31
C PRO A 50 14.70 -4.50 0.36
N GLY A 51 14.06 -5.65 0.14
CA GLY A 51 14.52 -6.91 0.74
C GLY A 51 13.67 -7.23 1.94
N THR A 52 12.68 -6.37 2.15
CA THR A 52 11.77 -6.49 3.24
C THR A 52 10.52 -7.24 2.82
N ILE A 53 10.02 -8.09 3.72
CA ILE A 53 8.80 -8.85 3.49
C ILE A 53 7.81 -8.50 4.57
N LYS A 54 6.60 -8.14 4.18
CA LYS A 54 5.58 -7.79 5.15
C LYS A 54 4.46 -8.82 5.15
N LYS A 55 3.99 -9.13 6.36
CA LYS A 55 2.89 -10.07 6.55
C LYS A 55 1.71 -9.37 7.21
N ILE A 56 0.56 -9.37 6.55
CA ILE A 56 -0.64 -8.73 7.12
C ILE A 56 -1.62 -9.79 7.60
N THR A 57 -2.24 -9.52 8.74
CA THR A 57 -3.23 -10.42 9.32
C THR A 57 -4.57 -9.73 9.43
N PHE A 58 -5.59 -10.29 8.77
CA PHE A 58 -6.94 -9.72 8.82
C PHE A 58 -7.73 -10.35 9.95
N GLY A 59 -9.02 -10.02 10.02
CA GLY A 59 -9.87 -10.56 11.07
C GLY A 59 -9.82 -12.08 11.11
N GLU A 60 -9.86 -12.63 12.33
CA GLU A 60 -9.82 -14.08 12.51
C GLU A 60 -11.00 -14.75 11.82
N GLY A 61 -12.21 -14.41 12.23
CA GLY A 61 -13.42 -14.97 11.67
C GLY A 61 -13.91 -14.15 10.48
N SER A 62 -13.08 -14.07 9.44
CA SER A 62 -13.44 -13.30 8.25
C SER A 62 -13.06 -14.08 6.99
N GLN A 63 -13.42 -13.53 5.83
CA GLN A 63 -13.10 -14.18 4.56
C GLN A 63 -11.59 -14.30 4.37
N TYR A 64 -10.88 -13.23 4.71
CA TYR A 64 -9.42 -13.21 4.58
C TYR A 64 -8.77 -13.67 5.88
N GLY A 65 -7.75 -14.52 5.76
CA GLY A 65 -7.04 -15.03 6.93
C GLY A 65 -5.63 -14.47 6.99
N TYR A 66 -4.85 -14.70 5.93
CA TYR A 66 -3.47 -14.23 5.87
C TYR A 66 -3.10 -13.85 4.44
N VAL A 67 -2.12 -12.96 4.31
CA VAL A 67 -1.67 -12.51 2.99
C VAL A 67 -0.22 -12.05 3.07
N LYS A 68 0.54 -12.30 1.99
CA LYS A 68 1.96 -11.93 1.95
C LYS A 68 2.22 -10.73 1.05
N HIS A 69 2.72 -9.66 1.64
CA HIS A 69 3.04 -8.43 0.92
C HIS A 69 4.57 -8.27 0.84
N ARG A 70 5.11 -8.24 -0.37
CA ARG A 70 6.55 -8.07 -0.56
C ARG A 70 6.88 -6.66 -0.98
N ILE A 71 7.86 -6.06 -0.30
CA ILE A 71 8.30 -4.72 -0.60
C ILE A 71 9.40 -4.76 -1.65
N ASP A 72 9.46 -3.77 -2.52
CA ASP A 72 10.47 -3.76 -3.58
C ASP A 72 11.60 -2.77 -3.31
N SER A 73 11.30 -1.50 -3.10
CA SER A 73 12.36 -0.52 -2.86
C SER A 73 11.85 0.82 -2.32
N ILE A 74 12.62 1.42 -1.41
CA ILE A 74 12.30 2.73 -0.86
C ILE A 74 13.46 3.68 -1.07
N ASP A 75 13.15 4.85 -1.57
CA ASP A 75 14.16 5.87 -1.78
C ASP A 75 13.83 7.04 -0.89
N GLU A 76 14.33 7.02 0.33
CA GLU A 76 14.07 8.09 1.29
C GLU A 76 14.45 9.41 0.67
N ALA A 77 15.45 9.38 -0.20
CA ALA A 77 15.88 10.56 -0.91
C ALA A 77 14.70 11.17 -1.63
N SER A 78 13.87 10.31 -2.19
CA SER A 78 12.68 10.74 -2.92
C SER A 78 11.41 10.42 -2.16
N TYR A 79 11.48 9.64 -1.09
CA TYR A 79 10.31 9.26 -0.32
C TYR A 79 9.38 8.43 -1.20
N SER A 80 9.96 7.46 -1.89
CA SER A 80 9.19 6.60 -2.78
C SER A 80 9.04 5.22 -2.16
N TYR A 81 7.92 4.57 -2.45
CA TYR A 81 7.64 3.24 -1.92
C TYR A 81 6.98 2.37 -2.97
N SER A 82 7.65 1.26 -3.28
CA SER A 82 7.13 0.32 -4.27
C SER A 82 7.09 -1.08 -3.68
N TYR A 83 5.96 -1.75 -3.82
CA TYR A 83 5.79 -3.09 -3.29
C TYR A 83 4.91 -3.91 -4.22
N THR A 84 4.83 -5.21 -3.97
CA THR A 84 4.03 -6.07 -4.82
C THR A 84 3.40 -7.20 -4.02
N LEU A 85 2.13 -7.46 -4.29
CA LEU A 85 1.40 -8.53 -3.63
C LEU A 85 1.76 -9.85 -4.29
N ILE A 86 2.32 -10.77 -3.52
CA ILE A 86 2.75 -12.06 -4.08
C ILE A 86 1.65 -13.11 -4.03
N GLU A 87 0.95 -13.21 -2.91
CA GLU A 87 -0.09 -14.21 -2.76
C GLU A 87 -1.16 -13.72 -1.79
N GLY A 88 -2.25 -14.45 -1.68
CA GLY A 88 -3.34 -14.10 -0.79
C GLY A 88 -4.59 -13.82 -1.58
N ASP A 89 -5.68 -13.53 -0.88
CA ASP A 89 -6.93 -13.19 -1.56
C ASP A 89 -6.71 -11.93 -2.39
N ALA A 90 -5.47 -11.46 -2.37
CA ALA A 90 -5.02 -10.31 -3.10
C ALA A 90 -5.01 -10.59 -4.61
N LEU A 91 -4.70 -11.82 -4.98
CA LEU A 91 -4.61 -12.24 -6.37
C LEU A 91 -5.75 -13.19 -6.68
N THR A 92 -6.74 -13.26 -5.80
CA THR A 92 -7.83 -14.19 -6.01
C THR A 92 -7.26 -15.56 -6.40
N ASP A 93 -7.71 -16.11 -7.51
CA ASP A 93 -7.21 -17.37 -8.02
C ASP A 93 -6.86 -17.26 -9.49
N THR A 94 -7.27 -16.16 -10.11
CA THR A 94 -7.07 -15.92 -11.53
C THR A 94 -5.97 -14.89 -11.79
N ILE A 95 -5.43 -14.26 -10.75
CA ILE A 95 -4.44 -13.22 -10.93
C ILE A 95 -3.02 -13.68 -10.77
N GLU A 96 -2.13 -12.99 -11.48
CA GLU A 96 -0.72 -13.25 -11.43
C GLU A 96 -0.09 -12.44 -10.30
N LYS A 97 -0.19 -11.12 -10.38
CA LYS A 97 0.38 -10.24 -9.37
C LYS A 97 -0.18 -8.83 -9.50
N ILE A 98 -0.08 -8.08 -8.41
CA ILE A 98 -0.56 -6.69 -8.37
C ILE A 98 0.52 -5.82 -7.72
N SER A 99 0.96 -4.79 -8.42
CA SER A 99 2.00 -3.90 -7.92
C SER A 99 1.45 -2.50 -7.66
N TYR A 100 1.97 -1.86 -6.61
CA TYR A 100 1.54 -0.51 -6.25
C TYR A 100 2.75 0.35 -5.87
N GLU A 101 2.83 1.55 -6.44
CA GLU A 101 3.94 2.45 -6.17
C GLU A 101 3.41 3.83 -5.80
N THR A 102 3.95 4.43 -4.74
CA THR A 102 3.48 5.74 -4.29
C THR A 102 4.66 6.61 -3.89
N LYS A 103 4.68 7.84 -4.38
CA LYS A 103 5.74 8.79 -4.05
C LYS A 103 5.15 10.06 -3.47
N LEU A 104 5.75 10.54 -2.39
CA LEU A 104 5.25 11.74 -1.73
C LEU A 104 6.07 12.95 -2.16
N VAL A 105 5.39 14.01 -2.55
CA VAL A 105 6.05 15.23 -3.00
C VAL A 105 5.46 16.44 -2.28
N ALA A 106 6.29 17.35 -1.84
CA ALA A 106 5.81 18.55 -1.17
C ALA A 106 5.16 19.50 -2.18
N CYS A 107 3.99 20.03 -1.85
CA CYS A 107 3.28 20.95 -2.72
C CYS A 107 3.06 22.28 -2.01
N GLY A 108 2.59 23.28 -2.75
CA GLY A 108 2.35 24.60 -2.18
C GLY A 108 1.42 24.53 -0.96
N SER A 109 0.49 23.58 -0.85
CA SER A 109 -0.38 23.44 0.36
C SER A 109 0.17 22.52 1.46
N GLY A 110 1.25 21.80 1.18
CA GLY A 110 1.84 20.76 2.02
C GLY A 110 2.62 19.77 1.15
N SER A 111 2.00 18.66 0.70
CA SER A 111 2.59 17.60 -0.11
C SER A 111 1.52 16.81 -0.85
N THR A 112 1.70 16.66 -2.14
CA THR A 112 0.79 15.91 -2.98
C THR A 112 1.36 14.53 -3.21
N ILE A 113 0.64 13.52 -2.77
CA ILE A 113 1.09 12.15 -2.91
C ILE A 113 0.55 11.54 -4.19
N LYS A 114 1.45 10.91 -4.94
CA LYS A 114 1.06 10.26 -6.20
C LYS A 114 1.06 8.76 -6.00
N SER A 115 -0.10 8.14 -6.15
CA SER A 115 -0.24 6.70 -5.96
C SER A 115 -0.54 5.99 -7.27
N ILE A 116 0.34 5.11 -7.67
CA ILE A 116 0.23 4.36 -8.91
C ILE A 116 -0.35 2.99 -8.63
N SER A 117 -1.29 2.59 -9.47
CA SER A 117 -1.92 1.28 -9.34
C SER A 117 -1.65 0.47 -10.61
N HIS A 118 -1.21 -0.77 -10.46
CA HIS A 118 -0.93 -1.62 -11.61
C HIS A 118 -1.49 -3.01 -11.36
N TYR A 119 -2.46 -3.41 -12.15
CA TYR A 119 -3.05 -4.74 -12.01
C TYR A 119 -2.52 -5.65 -13.09
N HIS A 120 -1.60 -6.53 -12.74
CA HIS A 120 -1.01 -7.45 -13.71
C HIS A 120 -1.81 -8.73 -13.80
N THR A 121 -2.57 -8.82 -14.88
CA THR A 121 -3.42 -9.98 -15.13
C THR A 121 -2.66 -11.03 -15.93
N LYS A 122 -3.19 -12.26 -15.97
CA LYS A 122 -2.54 -13.35 -16.71
C LYS A 122 -3.38 -13.78 -17.92
N GLY A 123 -2.71 -14.39 -18.90
CA GLY A 123 -3.38 -14.86 -20.11
C GLY A 123 -4.39 -13.84 -20.62
N ASN A 124 -5.63 -14.27 -20.77
CA ASN A 124 -6.70 -13.39 -21.25
C ASN A 124 -7.45 -12.83 -20.05
N ILE A 125 -7.20 -13.43 -18.88
CA ILE A 125 -7.81 -12.99 -17.65
C ILE A 125 -7.68 -11.49 -17.51
N GLU A 126 -8.47 -10.89 -16.64
CA GLU A 126 -8.44 -9.44 -16.43
C GLU A 126 -8.88 -9.08 -15.02
N ILE A 127 -8.33 -8.00 -14.48
CA ILE A 127 -8.68 -7.53 -13.14
C ILE A 127 -9.86 -6.58 -13.23
N LYS A 128 -10.93 -6.87 -12.48
CA LYS A 128 -12.11 -6.02 -12.51
C LYS A 128 -11.90 -4.74 -11.70
N GLU A 129 -12.74 -3.75 -11.96
CA GLU A 129 -12.68 -2.48 -11.25
C GLU A 129 -13.13 -2.64 -9.81
N GLU A 130 -14.23 -3.35 -9.61
CA GLU A 130 -14.75 -3.59 -8.27
C GLU A 130 -13.71 -4.31 -7.42
N HIS A 131 -12.82 -5.05 -8.06
CA HIS A 131 -11.78 -5.78 -7.35
C HIS A 131 -10.72 -4.84 -6.81
N VAL A 132 -10.19 -3.98 -7.68
CA VAL A 132 -9.16 -3.04 -7.28
C VAL A 132 -9.78 -1.90 -6.47
N LYS A 133 -11.07 -1.65 -6.67
CA LYS A 133 -11.76 -0.59 -5.95
C LYS A 133 -11.86 -0.91 -4.46
N VAL A 134 -12.25 -2.13 -4.13
CA VAL A 134 -12.37 -2.53 -2.73
C VAL A 134 -11.01 -2.63 -2.06
N GLY A 135 -10.05 -3.24 -2.76
CA GLY A 135 -8.71 -3.40 -2.22
C GLY A 135 -8.02 -2.04 -2.10
N LYS A 136 -8.10 -1.25 -3.16
CA LYS A 136 -7.50 0.08 -3.17
C LYS A 136 -8.21 1.02 -2.20
N GLU A 137 -9.54 1.00 -2.22
CA GLU A 137 -10.30 1.86 -1.33
C GLU A 137 -9.87 1.67 0.11
N LYS A 138 -9.60 0.41 0.48
CA LYS A 138 -9.14 0.11 1.83
C LYS A 138 -7.74 0.67 2.02
N ALA A 139 -6.83 0.29 1.12
CA ALA A 139 -5.46 0.77 1.17
C ALA A 139 -5.42 2.29 1.29
N HIS A 140 -6.28 2.95 0.54
CA HIS A 140 -6.38 4.39 0.58
C HIS A 140 -6.94 4.80 1.94
N GLY A 141 -7.85 4.00 2.45
CA GLY A 141 -8.47 4.25 3.74
C GLY A 141 -7.44 4.30 4.85
N LEU A 142 -6.39 3.49 4.72
CA LEU A 142 -5.34 3.44 5.72
C LEU A 142 -4.51 4.70 5.64
N PHE A 143 -4.11 5.06 4.42
CA PHE A 143 -3.33 6.29 4.24
C PHE A 143 -4.16 7.47 4.74
N LYS A 144 -5.48 7.30 4.71
CA LYS A 144 -6.40 8.31 5.20
C LYS A 144 -6.28 8.46 6.70
N LEU A 145 -6.15 7.33 7.38
CA LEU A 145 -6.00 7.33 8.82
C LEU A 145 -4.71 8.01 9.18
N ILE A 146 -3.64 7.49 8.61
CA ILE A 146 -2.31 7.99 8.85
C ILE A 146 -2.23 9.47 8.55
N GLU A 147 -2.73 9.89 7.40
CA GLU A 147 -2.70 11.31 7.07
C GLU A 147 -3.18 12.12 8.26
N SER A 148 -4.38 11.84 8.75
CA SER A 148 -4.92 12.53 9.91
C SER A 148 -3.94 12.46 11.09
N TYR A 149 -3.35 11.28 11.28
CA TYR A 149 -2.42 11.06 12.36
C TYR A 149 -1.24 12.03 12.36
N LEU A 150 -0.56 12.24 11.24
CA LEU A 150 0.60 13.15 11.24
C LEU A 150 0.21 14.57 11.52
N LYS A 151 -0.87 15.03 10.92
CA LYS A 151 -1.31 16.41 11.16
C LYS A 151 -1.64 16.57 12.63
N ASP A 152 -1.97 15.47 13.28
CA ASP A 152 -2.28 15.47 14.70
C ASP A 152 -1.14 14.87 15.51
N HIS A 153 -0.22 14.21 14.85
CA HIS A 153 0.92 13.53 15.46
C HIS A 153 2.04 13.38 14.45
N PRO A 154 2.65 14.48 14.05
CA PRO A 154 3.75 14.47 13.06
C PRO A 154 5.05 13.96 13.68
N ASP A 155 5.00 13.69 14.98
CA ASP A 155 6.14 13.23 15.73
C ASP A 155 6.48 11.75 15.45
N ALA A 156 5.78 11.12 14.50
CA ALA A 156 6.03 9.71 14.23
C ALA A 156 7.46 9.43 13.75
N TYR A 157 8.09 8.44 14.40
CA TYR A 157 9.43 7.97 14.06
C TYR A 157 10.50 9.06 14.04
N ASN A 158 10.18 10.29 14.43
CA ASN A 158 11.18 11.36 14.44
C ASN A 158 11.82 11.47 15.81
N GLY A 1 -2.09 -8.85 -20.57
CA GLY A 1 -1.16 -7.82 -20.03
C GLY A 1 -1.66 -7.34 -18.68
N VAL A 2 -1.53 -6.04 -18.42
CA VAL A 2 -1.97 -5.47 -17.16
C VAL A 2 -2.75 -4.18 -17.39
N TYR A 3 -3.70 -3.90 -16.49
CA TYR A 3 -4.48 -2.67 -16.56
C TYR A 3 -3.91 -1.62 -15.61
N THR A 4 -3.33 -0.57 -16.16
CA THR A 4 -2.77 0.49 -15.33
C THR A 4 -3.76 1.63 -15.16
N PHE A 5 -3.95 2.08 -13.93
CA PHE A 5 -4.85 3.18 -13.63
C PHE A 5 -4.21 4.13 -12.63
N GLU A 6 -4.26 5.42 -12.92
CA GLU A 6 -3.66 6.43 -12.04
C GLU A 6 -4.72 7.14 -11.20
N ASN A 7 -4.41 7.34 -9.92
CA ASN A 7 -5.35 7.99 -8.98
C ASN A 7 -4.64 9.15 -8.28
N GLU A 8 -5.41 9.99 -7.59
CA GLU A 8 -4.85 11.14 -6.88
C GLU A 8 -5.70 11.54 -5.68
N PHE A 9 -5.04 12.00 -4.62
CA PHE A 9 -5.73 12.43 -3.41
C PHE A 9 -4.89 13.45 -2.65
N THR A 10 -5.50 14.54 -2.19
CA THR A 10 -4.78 15.58 -1.47
C THR A 10 -4.84 15.35 0.04
N SER A 11 -3.77 15.74 0.73
CA SER A 11 -3.68 15.59 2.18
C SER A 11 -3.11 16.85 2.81
N GLU A 12 -3.44 17.09 4.07
CA GLU A 12 -2.94 18.27 4.79
C GLU A 12 -1.75 17.89 5.66
N ILE A 13 -1.11 16.79 5.31
CA ILE A 13 0.04 16.28 6.06
C ILE A 13 1.29 16.30 5.20
N PRO A 14 2.38 16.91 5.66
CA PRO A 14 3.63 16.97 4.90
C PRO A 14 3.98 15.60 4.29
N PRO A 15 4.61 15.57 3.12
CA PRO A 15 4.97 14.29 2.45
C PRO A 15 5.86 13.39 3.32
N SER A 16 6.61 14.01 4.22
CA SER A 16 7.53 13.27 5.08
C SER A 16 6.82 12.42 6.13
N ARG A 17 5.66 12.86 6.62
CA ARG A 17 4.97 12.10 7.64
C ARG A 17 4.32 10.90 7.00
N LEU A 18 3.48 11.18 6.02
CA LEU A 18 2.80 10.14 5.30
C LEU A 18 3.83 9.15 4.77
N PHE A 19 4.99 9.68 4.37
CA PHE A 19 6.06 8.84 3.86
C PHE A 19 6.42 7.72 4.82
N LYS A 20 6.76 8.05 6.06
CA LYS A 20 7.11 6.99 7.01
C LYS A 20 5.85 6.24 7.36
N ALA A 21 4.81 7.01 7.59
CA ALA A 21 3.51 6.49 7.93
C ALA A 21 2.94 5.63 6.80
N PHE A 22 3.63 5.55 5.67
CA PHE A 22 3.16 4.77 4.53
C PHE A 22 4.13 3.65 4.14
N VAL A 23 5.33 3.63 4.74
CA VAL A 23 6.30 2.57 4.40
C VAL A 23 6.88 1.85 5.61
N LEU A 24 7.42 2.59 6.58
CA LEU A 24 8.07 1.96 7.74
C LEU A 24 7.17 1.83 8.96
N ASP A 25 6.23 2.75 9.16
CA ASP A 25 5.36 2.69 10.33
C ASP A 25 3.91 2.44 9.93
N ALA A 26 3.64 2.43 8.63
CA ALA A 26 2.27 2.23 8.14
C ALA A 26 1.79 0.82 8.42
N ASP A 27 2.65 -0.15 8.17
CA ASP A 27 2.32 -1.56 8.37
C ASP A 27 2.49 -1.94 9.82
N ASN A 28 2.66 -0.93 10.64
CA ASN A 28 2.80 -1.06 12.08
C ASN A 28 1.81 -0.09 12.70
N LEU A 29 1.26 0.74 11.83
CA LEU A 29 0.29 1.76 12.18
C LEU A 29 -1.12 1.23 12.01
N ILE A 30 -1.32 0.31 11.06
CA ILE A 30 -2.64 -0.26 10.83
C ILE A 30 -3.22 -0.83 12.13
N PRO A 31 -2.50 -1.70 12.81
CA PRO A 31 -2.97 -2.30 14.08
C PRO A 31 -3.16 -1.25 15.18
N LYS A 32 -2.42 -0.14 15.09
CA LYS A 32 -2.48 0.91 16.09
C LYS A 32 -3.78 1.69 16.02
N ILE A 33 -4.01 2.29 14.88
CA ILE A 33 -5.15 3.13 14.64
C ILE A 33 -6.28 2.35 14.02
N ALA A 34 -5.95 1.40 13.15
CA ALA A 34 -6.95 0.62 12.44
C ALA A 34 -7.06 -0.80 12.98
N PRO A 35 -7.50 -0.96 14.22
CA PRO A 35 -7.73 -2.29 14.79
C PRO A 35 -9.03 -2.83 14.21
N GLN A 36 -9.90 -1.90 13.82
CA GLN A 36 -11.18 -2.24 13.22
C GLN A 36 -10.95 -2.70 11.79
N ALA A 37 -10.09 -1.98 11.08
CA ALA A 37 -9.80 -2.31 9.70
C ALA A 37 -8.94 -3.57 9.58
N ILE A 38 -7.67 -3.47 9.96
CA ILE A 38 -6.74 -4.60 9.88
C ILE A 38 -6.58 -5.27 11.24
N LYS A 39 -6.43 -6.58 11.21
CA LYS A 39 -6.25 -7.35 12.44
C LYS A 39 -4.83 -7.25 12.95
N GLN A 40 -3.84 -7.50 12.10
CA GLN A 40 -2.45 -7.41 12.51
C GLN A 40 -1.52 -7.60 11.31
N ALA A 41 -0.25 -7.23 11.47
CA ALA A 41 0.72 -7.37 10.42
C ALA A 41 2.14 -7.20 10.97
N GLU A 42 3.08 -7.95 10.41
CA GLU A 42 4.47 -7.89 10.85
C GLU A 42 5.38 -8.22 9.68
N ILE A 43 6.58 -7.63 9.65
CA ILE A 43 7.51 -7.88 8.57
C ILE A 43 8.30 -9.15 8.83
N LEU A 44 8.49 -9.92 7.76
CA LEU A 44 9.27 -11.15 7.82
C LEU A 44 10.72 -10.84 7.51
N GLU A 45 10.92 -9.94 6.55
CA GLU A 45 12.27 -9.55 6.16
C GLU A 45 12.31 -8.07 5.86
N GLY A 46 13.31 -7.37 6.38
CA GLY A 46 13.43 -5.93 6.16
C GLY A 46 12.62 -5.15 7.18
N ASN A 47 12.25 -3.94 6.84
CA ASN A 47 11.47 -3.07 7.74
C ASN A 47 10.42 -2.27 6.97
N GLY A 48 10.45 -2.37 5.65
CA GLY A 48 9.53 -1.65 4.79
C GLY A 48 10.22 -1.15 3.53
N GLY A 49 11.43 -1.65 3.27
CA GLY A 49 12.20 -1.23 2.10
C GLY A 49 12.32 -2.35 1.08
N PRO A 50 13.13 -2.16 0.05
CA PRO A 50 13.35 -3.15 -1.02
C PRO A 50 13.95 -4.46 -0.51
N GLY A 51 13.32 -5.59 -0.83
CA GLY A 51 13.81 -6.89 -0.41
C GLY A 51 13.07 -7.33 0.83
N THR A 52 12.08 -6.53 1.18
CA THR A 52 11.28 -6.76 2.35
C THR A 52 10.02 -7.53 2.00
N ILE A 53 9.66 -8.48 2.86
CA ILE A 53 8.45 -9.28 2.68
C ILE A 53 7.56 -9.06 3.89
N LYS A 54 6.28 -8.79 3.63
CA LYS A 54 5.32 -8.57 4.70
C LYS A 54 4.32 -9.71 4.77
N LYS A 55 4.00 -10.10 6.00
CA LYS A 55 3.00 -11.14 6.26
C LYS A 55 1.85 -10.56 7.05
N ILE A 56 0.66 -10.49 6.45
CA ILE A 56 -0.51 -9.96 7.16
C ILE A 56 -1.45 -11.08 7.54
N THR A 57 -1.99 -11.01 8.75
CA THR A 57 -2.93 -12.01 9.23
C THR A 57 -4.27 -11.37 9.56
N PHE A 58 -5.31 -11.79 8.86
CA PHE A 58 -6.66 -11.27 9.08
C PHE A 58 -7.40 -12.14 10.08
N GLY A 59 -8.69 -11.87 10.28
CA GLY A 59 -9.50 -12.65 11.20
C GLY A 59 -9.59 -14.11 10.76
N GLU A 60 -9.59 -15.02 11.72
CA GLU A 60 -9.67 -16.44 11.43
C GLU A 60 -10.96 -16.78 10.70
N GLY A 61 -12.08 -16.28 11.23
CA GLY A 61 -13.38 -16.52 10.63
C GLY A 61 -13.72 -15.44 9.60
N SER A 62 -12.92 -15.34 8.56
CA SER A 62 -13.12 -14.35 7.52
C SER A 62 -12.77 -14.91 6.15
N GLN A 63 -13.02 -14.13 5.11
CA GLN A 63 -12.73 -14.57 3.74
C GLN A 63 -11.24 -14.84 3.58
N TYR A 64 -10.41 -13.93 4.07
CA TYR A 64 -8.96 -14.06 3.96
C TYR A 64 -8.37 -14.50 5.30
N GLY A 65 -7.41 -15.41 5.25
CA GLY A 65 -6.75 -15.91 6.46
C GLY A 65 -5.31 -15.42 6.54
N TYR A 66 -4.56 -15.65 5.47
CA TYR A 66 -3.16 -15.23 5.41
C TYR A 66 -2.82 -14.76 4.00
N VAL A 67 -1.86 -13.85 3.90
CA VAL A 67 -1.45 -13.32 2.60
C VAL A 67 -0.03 -12.76 2.67
N LYS A 68 0.70 -12.90 1.56
CA LYS A 68 2.08 -12.41 1.49
C LYS A 68 2.17 -11.13 0.67
N HIS A 69 2.44 -10.02 1.34
CA HIS A 69 2.60 -8.72 0.70
C HIS A 69 4.07 -8.41 0.53
N ARG A 70 4.55 -8.40 -0.72
CA ARG A 70 5.96 -8.14 -0.99
C ARG A 70 6.22 -6.72 -1.46
N ILE A 71 7.19 -6.08 -0.83
CA ILE A 71 7.59 -4.72 -1.18
C ILE A 71 8.53 -4.76 -2.38
N ASP A 72 8.33 -3.88 -3.34
CA ASP A 72 9.16 -3.88 -4.53
C ASP A 72 10.30 -2.88 -4.45
N SER A 73 10.00 -1.60 -4.21
CA SER A 73 11.05 -0.59 -4.13
C SER A 73 10.59 0.72 -3.53
N ILE A 74 11.46 1.34 -2.72
CA ILE A 74 11.17 2.64 -2.13
C ILE A 74 12.29 3.61 -2.46
N ASP A 75 11.90 4.77 -2.97
CA ASP A 75 12.86 5.81 -3.29
C ASP A 75 12.61 6.98 -2.38
N GLU A 76 13.23 6.98 -1.22
CA GLU A 76 13.06 8.06 -0.25
C GLU A 76 13.37 9.37 -0.92
N ALA A 77 14.36 9.35 -1.82
CA ALA A 77 14.70 10.53 -2.59
C ALA A 77 13.43 11.08 -3.21
N SER A 78 12.57 10.16 -3.60
CA SER A 78 11.30 10.50 -4.22
C SER A 78 10.12 10.23 -3.27
N TYR A 79 10.36 9.55 -2.17
CA TYR A 79 9.32 9.21 -1.23
C TYR A 79 8.22 8.43 -1.90
N SER A 80 8.61 7.49 -2.76
CA SER A 80 7.66 6.65 -3.49
C SER A 80 7.69 5.24 -2.93
N TYR A 81 6.56 4.55 -2.98
CA TYR A 81 6.48 3.18 -2.47
C TYR A 81 5.74 2.27 -3.44
N SER A 82 6.37 1.17 -3.81
CA SER A 82 5.78 0.20 -4.73
C SER A 82 5.82 -1.19 -4.12
N TYR A 83 4.72 -1.92 -4.25
CA TYR A 83 4.63 -3.28 -3.71
C TYR A 83 3.79 -4.15 -4.62
N THR A 84 3.87 -5.46 -4.42
CA THR A 84 3.11 -6.40 -5.22
C THR A 84 2.70 -7.61 -4.39
N LEU A 85 1.43 -8.01 -4.52
CA LEU A 85 0.93 -9.16 -3.80
C LEU A 85 1.35 -10.43 -4.54
N ILE A 86 2.15 -11.26 -3.89
CA ILE A 86 2.64 -12.49 -4.52
C ILE A 86 1.60 -13.60 -4.43
N GLU A 87 1.00 -13.76 -3.25
CA GLU A 87 0.02 -14.80 -3.05
C GLU A 87 -1.01 -14.36 -2.01
N GLY A 88 -2.07 -15.14 -1.85
CA GLY A 88 -3.11 -14.82 -0.89
C GLY A 88 -4.42 -14.58 -1.61
N ASP A 89 -5.48 -14.33 -0.86
CA ASP A 89 -6.77 -14.04 -1.48
C ASP A 89 -6.64 -12.78 -2.31
N ALA A 90 -5.41 -12.25 -2.35
CA ALA A 90 -5.07 -11.08 -3.11
C ALA A 90 -5.15 -11.38 -4.61
N LEU A 91 -4.80 -12.60 -4.98
CA LEU A 91 -4.77 -13.04 -6.37
C LEU A 91 -5.87 -14.04 -6.63
N THR A 92 -6.73 -14.28 -5.65
CA THR A 92 -7.76 -15.27 -5.81
C THR A 92 -7.12 -16.56 -6.32
N ASP A 93 -7.61 -17.10 -7.43
CA ASP A 93 -7.07 -18.30 -8.03
C ASP A 93 -6.85 -18.12 -9.53
N THR A 94 -7.37 -17.03 -10.07
CA THR A 94 -7.28 -16.72 -11.50
C THR A 94 -6.26 -15.63 -11.80
N ILE A 95 -5.70 -14.99 -10.77
CA ILE A 95 -4.77 -13.90 -11.00
C ILE A 95 -3.32 -14.29 -10.86
N GLU A 96 -2.49 -13.55 -11.57
CA GLU A 96 -1.05 -13.74 -11.54
C GLU A 96 -0.48 -12.92 -10.38
N LYS A 97 -0.70 -11.61 -10.44
CA LYS A 97 -0.22 -10.71 -9.41
C LYS A 97 -0.79 -9.30 -9.62
N ILE A 98 -0.89 -8.55 -8.54
CA ILE A 98 -1.42 -7.18 -8.61
C ILE A 98 -0.36 -6.21 -8.11
N SER A 99 -0.02 -5.22 -8.93
CA SER A 99 1.00 -4.22 -8.60
C SER A 99 0.37 -2.88 -8.28
N TYR A 100 0.99 -2.16 -7.33
CA TYR A 100 0.50 -0.84 -6.94
C TYR A 100 1.66 0.12 -6.69
N GLU A 101 1.52 1.36 -7.14
CA GLU A 101 2.57 2.37 -6.99
C GLU A 101 2.01 3.64 -6.35
N THR A 102 2.71 4.20 -5.38
CA THR A 102 2.26 5.40 -4.70
C THR A 102 3.41 6.38 -4.59
N LYS A 103 3.17 7.62 -4.96
CA LYS A 103 4.21 8.65 -4.89
C LYS A 103 3.76 9.78 -3.99
N LEU A 104 4.67 10.24 -3.12
CA LEU A 104 4.35 11.31 -2.19
C LEU A 104 4.82 12.63 -2.75
N VAL A 105 3.90 13.60 -2.84
CA VAL A 105 4.22 14.92 -3.36
C VAL A 105 3.53 15.98 -2.54
N ALA A 106 4.23 17.07 -2.22
CA ALA A 106 3.62 18.15 -1.47
C ALA A 106 2.66 18.93 -2.35
N CYS A 107 1.52 19.31 -1.82
CA CYS A 107 0.51 20.07 -2.55
C CYS A 107 0.23 21.39 -1.86
N GLY A 108 -0.52 22.26 -2.52
CA GLY A 108 -0.86 23.57 -1.96
C GLY A 108 -1.49 23.45 -0.57
N SER A 109 -2.29 22.42 -0.26
CA SER A 109 -2.87 22.25 1.08
C SER A 109 -2.04 21.33 2.00
N GLY A 110 -0.99 20.68 1.51
CA GLY A 110 -0.10 19.79 2.26
C GLY A 110 0.68 18.86 1.33
N SER A 111 0.07 17.77 0.83
CA SER A 111 0.68 16.79 -0.04
C SER A 111 -0.35 15.94 -0.75
N THR A 112 -0.18 15.84 -2.06
CA THR A 112 -1.06 15.04 -2.90
C THR A 112 -0.38 13.71 -3.18
N ILE A 113 -1.15 12.64 -3.07
CA ILE A 113 -0.63 11.30 -3.29
C ILE A 113 -1.22 10.73 -4.56
N LYS A 114 -0.35 10.20 -5.40
CA LYS A 114 -0.77 9.58 -6.65
C LYS A 114 -0.64 8.07 -6.51
N SER A 115 -1.77 7.37 -6.59
CA SER A 115 -1.78 5.91 -6.44
C SER A 115 -2.10 5.23 -7.75
N ILE A 116 -1.22 4.34 -8.17
CA ILE A 116 -1.35 3.63 -9.43
C ILE A 116 -1.76 2.20 -9.16
N SER A 117 -2.72 1.73 -9.94
CA SER A 117 -3.20 0.36 -9.85
C SER A 117 -2.73 -0.40 -11.06
N HIS A 118 -2.21 -1.61 -10.87
CA HIS A 118 -1.71 -2.42 -11.98
C HIS A 118 -2.18 -3.86 -11.86
N TYR A 119 -3.27 -4.18 -12.53
CA TYR A 119 -3.81 -5.53 -12.49
C TYR A 119 -3.10 -6.39 -13.53
N HIS A 120 -2.15 -7.21 -13.10
CA HIS A 120 -1.43 -8.08 -14.03
C HIS A 120 -2.12 -9.43 -14.09
N THR A 121 -2.93 -9.61 -15.13
CA THR A 121 -3.68 -10.84 -15.29
C THR A 121 -3.05 -11.77 -16.31
N LYS A 122 -3.63 -12.95 -16.42
CA LYS A 122 -3.17 -13.97 -17.37
C LYS A 122 -4.21 -14.20 -18.45
N GLY A 123 -3.76 -14.46 -19.67
CA GLY A 123 -4.68 -14.71 -20.77
C GLY A 123 -5.71 -13.59 -20.91
N ASN A 124 -6.96 -13.89 -20.59
CA ASN A 124 -8.05 -12.91 -20.66
C ASN A 124 -8.65 -12.62 -19.28
N ILE A 125 -8.09 -13.25 -18.25
CA ILE A 125 -8.57 -13.05 -16.88
C ILE A 125 -8.79 -11.57 -16.61
N GLU A 126 -9.57 -11.28 -15.57
CA GLU A 126 -9.86 -9.91 -15.20
C GLU A 126 -10.24 -9.80 -13.72
N ILE A 127 -9.90 -8.67 -13.11
CA ILE A 127 -10.23 -8.42 -11.70
C ILE A 127 -11.61 -7.78 -11.64
N LYS A 128 -12.51 -8.38 -10.87
CA LYS A 128 -13.88 -7.86 -10.79
C LYS A 128 -13.93 -6.59 -9.95
N GLU A 129 -15.02 -5.85 -10.11
CA GLU A 129 -15.22 -4.61 -9.37
C GLU A 129 -15.45 -4.87 -7.90
N GLU A 130 -16.34 -5.81 -7.59
CA GLU A 130 -16.63 -6.14 -6.20
C GLU A 130 -15.37 -6.59 -5.47
N HIS A 131 -14.41 -7.13 -6.21
CA HIS A 131 -13.15 -7.59 -5.62
C HIS A 131 -12.27 -6.43 -5.20
N VAL A 132 -12.08 -5.48 -6.11
CA VAL A 132 -11.24 -4.32 -5.83
C VAL A 132 -12.00 -3.27 -5.03
N LYS A 133 -13.33 -3.24 -5.18
CA LYS A 133 -14.15 -2.27 -4.47
C LYS A 133 -14.12 -2.54 -2.97
N VAL A 134 -14.29 -3.80 -2.59
CA VAL A 134 -14.26 -4.17 -1.18
C VAL A 134 -12.86 -4.00 -0.63
N GLY A 135 -11.89 -4.58 -1.32
CA GLY A 135 -10.53 -4.53 -0.86
C GLY A 135 -10.04 -3.10 -0.80
N LYS A 136 -10.36 -2.32 -1.84
CA LYS A 136 -9.94 -0.92 -1.90
C LYS A 136 -10.62 -0.10 -0.83
N GLU A 137 -11.93 -0.28 -0.66
CA GLU A 137 -12.67 0.47 0.34
C GLU A 137 -12.02 0.31 1.70
N LYS A 138 -11.61 -0.92 2.03
CA LYS A 138 -10.93 -1.17 3.30
C LYS A 138 -9.58 -0.47 3.30
N ALA A 139 -8.78 -0.74 2.27
CA ALA A 139 -7.48 -0.12 2.12
C ALA A 139 -7.56 1.39 2.31
N HIS A 140 -8.62 1.96 1.75
CA HIS A 140 -8.84 3.39 1.87
C HIS A 140 -9.04 3.74 3.33
N GLY A 141 -9.70 2.85 4.06
CA GLY A 141 -9.96 3.04 5.48
C GLY A 141 -8.67 3.17 6.25
N LEU A 142 -7.70 2.31 5.94
CA LEU A 142 -6.42 2.34 6.62
C LEU A 142 -5.73 3.66 6.35
N PHE A 143 -5.80 4.12 5.10
CA PHE A 143 -5.21 5.40 4.74
C PHE A 143 -5.88 6.49 5.56
N LYS A 144 -7.10 6.22 5.99
CA LYS A 144 -7.86 7.15 6.82
C LYS A 144 -7.29 7.19 8.22
N LEU A 145 -6.96 6.01 8.75
CA LEU A 145 -6.40 5.90 10.07
C LEU A 145 -5.07 6.63 10.16
N ILE A 146 -4.16 6.22 9.29
CA ILE A 146 -2.81 6.77 9.27
C ILE A 146 -2.83 8.27 9.04
N GLU A 147 -3.53 8.74 8.02
CA GLU A 147 -3.58 10.16 7.76
C GLU A 147 -3.86 10.92 9.05
N SER A 148 -4.96 10.59 9.71
CA SER A 148 -5.33 11.22 10.98
C SER A 148 -4.18 11.20 11.97
N TYR A 149 -3.55 10.03 12.13
CA TYR A 149 -2.48 9.89 13.09
C TYR A 149 -1.32 10.89 12.87
N LEU A 150 -0.79 11.02 11.65
CA LEU A 150 0.35 11.93 11.45
C LEU A 150 -0.03 13.36 11.76
N LYS A 151 -1.18 13.81 11.32
CA LYS A 151 -1.59 15.20 11.61
C LYS A 151 -1.64 15.38 13.11
N ASP A 152 -1.85 14.29 13.83
CA ASP A 152 -1.85 14.32 15.29
C ASP A 152 -0.52 13.85 15.83
N HIS A 153 0.29 13.23 14.98
CA HIS A 153 1.59 12.71 15.33
C HIS A 153 2.49 12.66 14.10
N PRO A 154 2.88 13.80 13.57
CA PRO A 154 3.74 13.86 12.36
C PRO A 154 5.13 13.33 12.67
N ASP A 155 5.34 13.00 13.93
CA ASP A 155 6.61 12.50 14.41
C ASP A 155 6.71 10.99 14.26
N ALA A 156 5.74 10.32 13.64
CA ALA A 156 5.81 8.87 13.53
C ALA A 156 7.17 8.43 13.00
N TYR A 157 7.77 7.45 13.68
CA TYR A 157 9.06 6.90 13.30
C TYR A 157 10.15 7.97 13.20
N ASN A 158 9.83 9.20 13.60
CA ASN A 158 10.79 10.28 13.54
C ASN A 158 11.88 10.08 14.57
N GLY A 1 -0.24 -9.10 -20.87
CA GLY A 1 -0.78 -7.71 -20.94
C GLY A 1 -1.29 -7.29 -19.57
N VAL A 2 -1.11 -6.01 -19.25
CA VAL A 2 -1.57 -5.48 -17.96
C VAL A 2 -2.29 -4.15 -18.14
N TYR A 3 -3.25 -3.88 -17.27
CA TYR A 3 -3.99 -2.63 -17.30
C TYR A 3 -3.42 -1.65 -16.27
N THR A 4 -2.76 -0.60 -16.73
CA THR A 4 -2.20 0.41 -15.81
C THR A 4 -3.11 1.61 -15.69
N PHE A 5 -3.23 2.14 -14.47
CA PHE A 5 -4.05 3.30 -14.21
C PHE A 5 -3.41 4.17 -13.13
N GLU A 6 -3.41 5.47 -13.33
CA GLU A 6 -2.84 6.40 -12.37
C GLU A 6 -3.91 7.07 -11.54
N ASN A 7 -3.66 7.22 -10.25
CA ASN A 7 -4.62 7.82 -9.32
C ASN A 7 -3.95 8.97 -8.57
N GLU A 8 -4.74 9.78 -7.87
CA GLU A 8 -4.19 10.91 -7.13
C GLU A 8 -5.10 11.33 -5.98
N PHE A 9 -4.49 11.66 -4.84
CA PHE A 9 -5.22 12.10 -3.66
C PHE A 9 -4.42 13.14 -2.89
N THR A 10 -5.08 14.24 -2.49
CA THR A 10 -4.40 15.30 -1.76
C THR A 10 -4.51 15.11 -0.26
N SER A 11 -3.49 15.55 0.48
CA SER A 11 -3.48 15.42 1.94
C SER A 11 -2.79 16.62 2.56
N GLU A 12 -3.14 16.93 3.81
CA GLU A 12 -2.55 18.06 4.53
C GLU A 12 -1.38 17.58 5.37
N ILE A 13 -0.75 16.49 4.94
CA ILE A 13 0.37 15.91 5.66
C ILE A 13 1.65 15.96 4.82
N PRO A 14 2.73 16.52 5.34
CA PRO A 14 4.00 16.57 4.59
C PRO A 14 4.39 15.19 4.04
N PRO A 15 5.06 15.12 2.90
CA PRO A 15 5.47 13.82 2.30
C PRO A 15 6.36 13.01 3.24
N SER A 16 7.04 13.71 4.15
CA SER A 16 7.95 13.07 5.09
C SER A 16 7.22 12.16 6.06
N ARG A 17 6.02 12.53 6.48
CA ARG A 17 5.28 11.70 7.44
C ARG A 17 4.67 10.54 6.71
N LEU A 18 3.87 10.87 5.72
CA LEU A 18 3.23 9.85 4.90
C LEU A 18 4.28 8.85 4.47
N PHE A 19 5.40 9.35 3.97
CA PHE A 19 6.50 8.52 3.54
C PHE A 19 6.88 7.46 4.57
N LYS A 20 7.21 7.86 5.80
CA LYS A 20 7.57 6.84 6.80
C LYS A 20 6.35 6.05 7.19
N ALA A 21 5.19 6.67 7.00
CA ALA A 21 3.94 6.05 7.32
C ALA A 21 3.47 5.13 6.20
N PHE A 22 4.23 5.06 5.11
CA PHE A 22 3.89 4.22 3.97
C PHE A 22 4.96 3.17 3.70
N VAL A 23 6.11 3.27 4.36
CA VAL A 23 7.18 2.29 4.14
C VAL A 23 7.85 1.79 5.42
N LEU A 24 8.02 2.65 6.44
CA LEU A 24 8.73 2.23 7.65
C LEU A 24 7.78 1.68 8.70
N ASP A 25 6.75 2.42 9.05
CA ASP A 25 5.81 1.98 10.08
C ASP A 25 4.44 1.67 9.53
N ALA A 26 4.21 1.92 8.24
CA ALA A 26 2.92 1.66 7.63
C ALA A 26 2.45 0.24 7.88
N ASP A 27 3.38 -0.70 7.77
CA ASP A 27 3.08 -2.12 7.95
C ASP A 27 3.10 -2.49 9.42
N ASN A 28 3.01 -1.48 10.26
CA ASN A 28 2.96 -1.62 11.71
C ASN A 28 1.95 -0.62 12.24
N LEU A 29 1.52 0.24 11.34
CA LEU A 29 0.58 1.30 11.61
C LEU A 29 -0.85 0.82 11.38
N ILE A 30 -1.04 -0.06 10.40
CA ILE A 30 -2.37 -0.57 10.09
C ILE A 30 -3.03 -1.18 11.33
N PRO A 31 -2.38 -2.10 12.01
CA PRO A 31 -2.95 -2.72 13.21
C PRO A 31 -3.19 -1.71 14.34
N LYS A 32 -2.44 -0.61 14.31
CA LYS A 32 -2.55 0.42 15.32
C LYS A 32 -3.86 1.20 15.23
N ILE A 33 -4.06 1.81 14.09
CA ILE A 33 -5.19 2.65 13.82
C ILE A 33 -6.29 1.87 13.11
N ALA A 34 -5.91 0.94 12.24
CA ALA A 34 -6.87 0.16 11.46
C ALA A 34 -6.99 -1.26 11.97
N PRO A 35 -7.47 -1.45 13.18
CA PRO A 35 -7.73 -2.79 13.71
C PRO A 35 -9.01 -3.31 13.09
N GLN A 36 -9.89 -2.36 12.75
CA GLN A 36 -11.15 -2.66 12.11
C GLN A 36 -10.91 -3.05 10.66
N ALA A 37 -10.03 -2.29 10.01
CA ALA A 37 -9.71 -2.54 8.61
C ALA A 37 -8.86 -3.79 8.45
N ILE A 38 -7.57 -3.68 8.78
CA ILE A 38 -6.63 -4.78 8.68
C ILE A 38 -6.42 -5.43 10.04
N LYS A 39 -6.24 -6.74 10.05
CA LYS A 39 -6.01 -7.46 11.30
C LYS A 39 -4.57 -7.28 11.77
N GLN A 40 -3.61 -7.51 10.88
CA GLN A 40 -2.21 -7.33 11.23
C GLN A 40 -1.31 -7.58 10.03
N ALA A 41 -0.05 -7.20 10.15
CA ALA A 41 0.91 -7.38 9.09
C ALA A 41 2.32 -7.17 9.63
N GLU A 42 3.26 -7.95 9.15
CA GLU A 42 4.65 -7.85 9.61
C GLU A 42 5.60 -8.26 8.51
N ILE A 43 6.82 -7.74 8.55
CA ILE A 43 7.82 -8.06 7.54
C ILE A 43 8.57 -9.32 7.91
N LEU A 44 8.80 -10.16 6.90
CA LEU A 44 9.55 -11.38 7.06
C LEU A 44 11.02 -11.10 6.85
N GLU A 45 11.30 -10.24 5.88
CA GLU A 45 12.68 -9.88 5.57
C GLU A 45 12.76 -8.42 5.15
N GLY A 46 13.76 -7.71 5.66
CA GLY A 46 13.95 -6.30 5.34
C GLY A 46 13.28 -5.40 6.37
N ASN A 47 12.97 -4.18 5.96
CA ASN A 47 12.33 -3.20 6.83
C ASN A 47 11.18 -2.50 6.11
N GLY A 48 11.11 -2.72 4.80
CA GLY A 48 10.09 -2.09 3.96
C GLY A 48 10.67 -1.59 2.66
N GLY A 49 11.93 -1.95 2.37
CA GLY A 49 12.59 -1.51 1.14
C GLY A 49 12.80 -2.67 0.17
N PRO A 50 13.54 -2.45 -0.90
CA PRO A 50 13.82 -3.49 -1.91
C PRO A 50 14.52 -4.72 -1.33
N GLY A 51 13.95 -5.89 -1.57
CA GLY A 51 14.52 -7.15 -1.07
C GLY A 51 13.73 -7.60 0.13
N THR A 52 12.72 -6.80 0.43
CA THR A 52 11.85 -7.05 1.55
C THR A 52 10.61 -7.82 1.15
N ILE A 53 10.21 -8.75 2.02
CA ILE A 53 9.00 -9.53 1.80
C ILE A 53 8.09 -9.31 2.99
N LYS A 54 6.83 -8.98 2.71
CA LYS A 54 5.87 -8.74 3.78
C LYS A 54 4.77 -9.78 3.77
N LYS A 55 4.36 -10.21 4.94
CA LYS A 55 3.29 -11.18 5.09
C LYS A 55 2.12 -10.61 5.87
N ILE A 56 0.92 -10.60 5.28
CA ILE A 56 -0.26 -10.09 5.99
C ILE A 56 -1.14 -11.23 6.45
N THR A 57 -1.69 -11.09 7.65
CA THR A 57 -2.58 -12.10 8.21
C THR A 57 -3.97 -11.53 8.41
N PHE A 58 -4.96 -12.10 7.74
CA PHE A 58 -6.34 -11.66 7.85
C PHE A 58 -7.05 -12.43 8.95
N GLY A 59 -8.35 -12.18 9.12
CA GLY A 59 -9.12 -12.86 10.14
C GLY A 59 -9.01 -14.38 10.01
N GLU A 60 -8.96 -15.05 11.15
CA GLU A 60 -8.85 -16.51 11.17
C GLU A 60 -10.05 -17.16 10.49
N GLY A 61 -11.25 -16.69 10.81
CA GLY A 61 -12.48 -17.24 10.26
C GLY A 61 -12.86 -16.53 8.98
N SER A 62 -12.01 -16.60 7.97
CA SER A 62 -12.27 -15.94 6.69
C SER A 62 -11.79 -16.81 5.54
N GLN A 63 -12.09 -16.37 4.32
CA GLN A 63 -11.69 -17.11 3.13
C GLN A 63 -10.17 -17.07 2.95
N TYR A 64 -9.58 -15.92 3.24
CA TYR A 64 -8.13 -15.75 3.11
C TYR A 64 -7.43 -16.07 4.42
N GLY A 65 -6.25 -16.68 4.34
CA GLY A 65 -5.48 -17.04 5.52
C GLY A 65 -4.25 -16.16 5.65
N TYR A 66 -3.36 -16.23 4.67
CA TYR A 66 -2.13 -15.45 4.67
C TYR A 66 -1.75 -15.05 3.25
N VAL A 67 -1.18 -13.86 3.11
CA VAL A 67 -0.76 -13.36 1.79
C VAL A 67 0.60 -12.69 1.89
N LYS A 68 1.45 -12.91 0.89
CA LYS A 68 2.79 -12.33 0.86
C LYS A 68 2.91 -11.18 -0.14
N HIS A 69 3.15 -9.99 0.36
CA HIS A 69 3.35 -8.80 -0.47
C HIS A 69 4.83 -8.63 -0.71
N ARG A 70 5.26 -8.57 -1.97
CA ARG A 70 6.67 -8.42 -2.30
C ARG A 70 7.00 -6.98 -2.67
N ILE A 71 7.78 -6.33 -1.82
CA ILE A 71 8.21 -4.96 -2.07
C ILE A 71 9.27 -4.96 -3.16
N ASP A 72 9.16 -4.05 -4.11
CA ASP A 72 10.11 -3.99 -5.23
C ASP A 72 11.20 -2.96 -5.02
N SER A 73 10.86 -1.70 -4.80
CA SER A 73 11.89 -0.67 -4.64
C SER A 73 11.38 0.64 -4.06
N ILE A 74 12.20 1.26 -3.21
CA ILE A 74 11.88 2.56 -2.63
C ILE A 74 12.89 3.59 -3.09
N ASP A 75 12.41 4.73 -3.56
CA ASP A 75 13.28 5.80 -3.99
C ASP A 75 13.10 6.96 -3.05
N GLU A 76 13.84 6.97 -1.96
CA GLU A 76 13.75 8.05 -0.97
C GLU A 76 13.96 9.38 -1.68
N ALA A 77 14.76 9.33 -2.74
CA ALA A 77 15.00 10.51 -3.54
C ALA A 77 13.68 11.08 -4.00
N SER A 78 12.78 10.19 -4.37
CA SER A 78 11.46 10.58 -4.85
C SER A 78 10.36 10.25 -3.83
N TYR A 79 10.69 9.49 -2.81
CA TYR A 79 9.72 9.07 -1.81
C TYR A 79 8.64 8.23 -2.46
N SER A 80 9.05 7.33 -3.34
CA SER A 80 8.12 6.44 -4.02
C SER A 80 8.39 5.00 -3.66
N TYR A 81 7.33 4.23 -3.47
CA TYR A 81 7.47 2.82 -3.11
C TYR A 81 6.57 1.96 -3.98
N SER A 82 7.14 0.88 -4.51
CA SER A 82 6.40 -0.03 -5.37
C SER A 82 6.52 -1.45 -4.86
N TYR A 83 5.40 -2.18 -4.89
CA TYR A 83 5.37 -3.56 -4.43
C TYR A 83 4.42 -4.36 -5.29
N THR A 84 4.48 -5.68 -5.18
CA THR A 84 3.61 -6.56 -5.97
C THR A 84 3.23 -7.79 -5.16
N LEU A 85 1.99 -8.23 -5.34
CA LEU A 85 1.50 -9.42 -4.64
C LEU A 85 2.01 -10.66 -5.37
N ILE A 86 2.85 -11.44 -4.71
CA ILE A 86 3.42 -12.62 -5.34
C ILE A 86 2.42 -13.78 -5.38
N GLU A 87 1.73 -14.01 -4.27
CA GLU A 87 0.75 -15.10 -4.22
C GLU A 87 -0.31 -14.79 -3.19
N GLY A 88 -1.34 -15.62 -3.13
CA GLY A 88 -2.44 -15.43 -2.19
C GLY A 88 -3.72 -15.17 -2.91
N ASP A 89 -4.82 -15.03 -2.17
CA ASP A 89 -6.11 -14.73 -2.80
C ASP A 89 -6.00 -13.39 -3.51
N ALA A 90 -4.81 -12.80 -3.43
CA ALA A 90 -4.48 -11.57 -4.07
C ALA A 90 -4.59 -11.71 -5.59
N LEU A 91 -4.24 -12.89 -6.08
CA LEU A 91 -4.23 -13.19 -7.50
C LEU A 91 -5.35 -14.16 -7.84
N THR A 92 -6.27 -14.37 -6.92
CA THR A 92 -7.34 -15.32 -7.16
C THR A 92 -6.74 -16.61 -7.71
N ASP A 93 -7.22 -17.08 -8.85
CA ASP A 93 -6.71 -18.28 -9.48
C ASP A 93 -6.40 -18.06 -10.95
N THR A 94 -6.88 -16.93 -11.48
CA THR A 94 -6.72 -16.59 -12.90
C THR A 94 -5.67 -15.50 -13.11
N ILE A 95 -5.15 -14.91 -12.04
CA ILE A 95 -4.19 -13.83 -12.16
C ILE A 95 -2.76 -14.28 -12.03
N GLU A 96 -1.90 -13.51 -12.67
CA GLU A 96 -0.47 -13.74 -12.63
C GLU A 96 0.15 -12.89 -11.52
N LYS A 97 -0.14 -11.58 -11.54
CA LYS A 97 0.41 -10.68 -10.54
C LYS A 97 -0.21 -9.28 -10.68
N ILE A 98 -0.32 -8.59 -9.55
CA ILE A 98 -0.87 -7.23 -9.51
C ILE A 98 0.21 -6.31 -8.93
N SER A 99 0.52 -5.24 -9.64
CA SER A 99 1.55 -4.29 -9.21
C SER A 99 0.96 -2.96 -8.79
N TYR A 100 1.56 -2.36 -7.77
CA TYR A 100 1.11 -1.06 -7.26
C TYR A 100 2.30 -0.14 -6.98
N GLU A 101 2.26 1.07 -7.52
CA GLU A 101 3.33 2.05 -7.32
C GLU A 101 2.73 3.37 -6.87
N THR A 102 3.29 3.98 -5.84
CA THR A 102 2.76 5.25 -5.33
C THR A 102 3.90 6.17 -4.95
N LYS A 103 3.79 7.43 -5.37
CA LYS A 103 4.81 8.43 -5.06
C LYS A 103 4.15 9.60 -4.33
N LEU A 104 4.79 10.05 -3.26
CA LEU A 104 4.25 11.17 -2.47
C LEU A 104 4.93 12.46 -2.90
N VAL A 105 4.12 13.46 -3.23
CA VAL A 105 4.64 14.75 -3.68
C VAL A 105 4.00 15.87 -2.89
N ALA A 106 4.79 16.84 -2.47
CA ALA A 106 4.25 17.96 -1.72
C ALA A 106 3.46 18.89 -2.64
N CYS A 107 2.28 19.30 -2.21
CA CYS A 107 1.42 20.19 -2.99
C CYS A 107 1.11 21.44 -2.17
N GLY A 108 0.45 22.41 -2.79
CA GLY A 108 0.10 23.66 -2.12
C GLY A 108 -0.68 23.40 -0.82
N SER A 109 -1.53 22.36 -0.77
CA SER A 109 -2.29 21.96 0.42
C SER A 109 -1.46 21.20 1.47
N GLY A 110 -0.38 20.53 1.05
CA GLY A 110 0.39 19.59 1.83
C GLY A 110 1.22 18.65 0.95
N SER A 111 0.59 17.61 0.38
CA SER A 111 1.20 16.66 -0.54
C SER A 111 0.15 15.83 -1.25
N THR A 112 0.26 15.72 -2.56
CA THR A 112 -0.65 14.95 -3.37
C THR A 112 -0.01 13.61 -3.67
N ILE A 113 -0.65 12.55 -3.22
CA ILE A 113 -0.14 11.21 -3.41
C ILE A 113 -0.70 10.60 -4.68
N LYS A 114 0.19 10.12 -5.53
CA LYS A 114 -0.22 9.49 -6.80
C LYS A 114 -0.06 7.99 -6.69
N SER A 115 -1.16 7.25 -6.81
CA SER A 115 -1.13 5.80 -6.70
C SER A 115 -1.46 5.13 -8.02
N ILE A 116 -0.57 4.29 -8.49
CA ILE A 116 -0.70 3.60 -9.77
C ILE A 116 -1.10 2.16 -9.53
N SER A 117 -2.04 1.69 -10.34
CA SER A 117 -2.51 0.30 -10.24
C SER A 117 -2.25 -0.42 -11.55
N HIS A 118 -1.68 -1.62 -11.49
CA HIS A 118 -1.38 -2.39 -12.69
C HIS A 118 -1.72 -3.85 -12.48
N TYR A 119 -2.72 -4.34 -13.20
CA TYR A 119 -3.13 -5.75 -13.07
C TYR A 119 -2.59 -6.56 -14.24
N HIS A 120 -1.61 -7.41 -13.98
CA HIS A 120 -1.03 -8.25 -15.02
C HIS A 120 -1.79 -9.56 -15.09
N THR A 121 -2.60 -9.70 -16.13
CA THR A 121 -3.42 -10.89 -16.33
C THR A 121 -2.80 -11.84 -17.33
N LYS A 122 -3.47 -12.98 -17.53
CA LYS A 122 -3.03 -14.00 -18.47
C LYS A 122 -4.01 -14.09 -19.63
N GLY A 123 -3.56 -14.62 -20.76
CA GLY A 123 -4.42 -14.76 -21.92
C GLY A 123 -5.40 -13.60 -22.03
N ASN A 124 -6.68 -13.88 -21.77
CA ASN A 124 -7.73 -12.86 -21.82
C ASN A 124 -8.32 -12.62 -20.44
N ILE A 125 -7.72 -13.22 -19.41
CA ILE A 125 -8.18 -13.07 -18.04
C ILE A 125 -8.47 -11.61 -17.73
N GLU A 126 -9.26 -11.38 -16.69
CA GLU A 126 -9.62 -10.04 -16.27
C GLU A 126 -9.91 -9.98 -14.77
N ILE A 127 -9.63 -8.84 -14.17
CA ILE A 127 -9.88 -8.62 -12.74
C ILE A 127 -11.31 -8.12 -12.57
N LYS A 128 -12.10 -8.81 -11.75
CA LYS A 128 -13.50 -8.42 -11.54
C LYS A 128 -13.60 -7.17 -10.69
N GLU A 129 -14.77 -6.52 -10.75
CA GLU A 129 -15.00 -5.31 -9.97
C GLU A 129 -15.07 -5.61 -8.48
N GLU A 130 -15.79 -6.67 -8.12
CA GLU A 130 -15.92 -7.05 -6.72
C GLU A 130 -14.56 -7.38 -6.12
N HIS A 131 -13.61 -7.79 -6.95
CA HIS A 131 -12.28 -8.13 -6.49
C HIS A 131 -11.49 -6.89 -6.14
N VAL A 132 -11.48 -5.92 -7.04
CA VAL A 132 -10.74 -4.68 -6.81
C VAL A 132 -11.51 -3.73 -5.90
N LYS A 133 -12.84 -3.80 -5.93
CA LYS A 133 -13.67 -2.93 -5.10
C LYS A 133 -13.50 -3.26 -3.63
N VAL A 134 -13.52 -4.54 -3.29
CA VAL A 134 -13.36 -4.97 -1.90
C VAL A 134 -11.93 -4.75 -1.44
N GLY A 135 -10.96 -5.14 -2.26
CA GLY A 135 -9.55 -4.97 -1.90
C GLY A 135 -9.18 -3.50 -1.85
N LYS A 136 -9.60 -2.74 -2.86
CA LYS A 136 -9.31 -1.31 -2.92
C LYS A 136 -10.06 -0.57 -1.82
N GLU A 137 -11.34 -0.88 -1.65
CA GLU A 137 -12.14 -0.22 -0.63
C GLU A 137 -11.48 -0.36 0.74
N LYS A 138 -11.03 -1.57 1.06
CA LYS A 138 -10.35 -1.80 2.33
C LYS A 138 -9.02 -1.09 2.34
N ALA A 139 -8.21 -1.32 1.31
CA ALA A 139 -6.91 -0.69 1.18
C ALA A 139 -7.02 0.82 1.39
N HIS A 140 -8.08 1.40 0.82
CA HIS A 140 -8.33 2.82 0.96
C HIS A 140 -8.59 3.13 2.43
N GLY A 141 -9.25 2.20 3.11
CA GLY A 141 -9.58 2.35 4.52
C GLY A 141 -8.32 2.48 5.35
N LEU A 142 -7.29 1.74 4.98
CA LEU A 142 -6.02 1.78 5.70
C LEU A 142 -5.34 3.10 5.43
N PHE A 143 -5.38 3.54 4.15
CA PHE A 143 -4.80 4.81 3.79
C PHE A 143 -5.49 5.91 4.57
N LYS A 144 -6.71 5.62 5.03
CA LYS A 144 -7.48 6.56 5.82
C LYS A 144 -6.97 6.61 7.25
N LEU A 145 -6.59 5.46 7.78
CA LEU A 145 -6.09 5.39 9.14
C LEU A 145 -4.74 6.07 9.23
N ILE A 146 -3.81 5.60 8.42
CA ILE A 146 -2.46 6.12 8.42
C ILE A 146 -2.47 7.63 8.22
N GLU A 147 -3.17 8.10 7.19
CA GLU A 147 -3.22 9.54 6.97
C GLU A 147 -3.56 10.26 8.27
N SER A 148 -4.67 9.88 8.90
CA SER A 148 -5.09 10.47 10.16
C SER A 148 -3.97 10.43 11.18
N TYR A 149 -3.29 9.29 11.28
CA TYR A 149 -2.22 9.11 12.24
C TYR A 149 -1.09 10.12 12.11
N LEU A 150 -0.61 10.42 10.91
CA LEU A 150 0.51 11.36 10.79
C LEU A 150 0.08 12.77 11.13
N LYS A 151 -1.07 13.19 10.66
CA LYS A 151 -1.52 14.54 10.95
C LYS A 151 -1.70 14.71 12.45
N ASP A 152 -1.92 13.60 13.14
CA ASP A 152 -2.06 13.62 14.60
C ASP A 152 -0.81 13.02 15.26
N HIS A 153 0.01 12.36 14.48
CA HIS A 153 1.20 11.68 14.93
C HIS A 153 2.21 11.58 13.79
N PRO A 154 2.74 12.70 13.33
CA PRO A 154 3.69 12.73 12.20
C PRO A 154 5.06 12.19 12.58
N ASP A 155 5.20 11.84 13.85
CA ASP A 155 6.45 11.32 14.39
C ASP A 155 6.63 9.84 14.08
N ALA A 156 5.74 9.22 13.31
CA ALA A 156 5.87 7.79 13.04
C ALA A 156 7.28 7.45 12.59
N TYR A 157 7.86 6.42 13.21
CA TYR A 157 9.21 5.95 12.89
C TYR A 157 10.24 7.07 12.99
N ASN A 158 9.85 8.23 13.49
CA ASN A 158 10.77 9.35 13.61
C ASN A 158 11.78 9.08 14.71
N GLY A 1 0.39 -7.33 -21.30
CA GLY A 1 -1.08 -7.37 -21.23
C GLY A 1 -1.56 -6.84 -19.89
N VAL A 2 -1.43 -5.54 -19.69
CA VAL A 2 -1.84 -4.92 -18.43
C VAL A 2 -2.63 -3.64 -18.67
N TYR A 3 -3.57 -3.35 -17.76
CA TYR A 3 -4.37 -2.14 -17.82
C TYR A 3 -3.80 -1.08 -16.90
N THR A 4 -3.24 -0.01 -17.44
CA THR A 4 -2.68 1.05 -16.61
C THR A 4 -3.68 2.18 -16.44
N PHE A 5 -3.75 2.72 -15.24
CA PHE A 5 -4.63 3.83 -14.93
C PHE A 5 -4.00 4.73 -13.88
N GLU A 6 -4.06 6.04 -14.11
CA GLU A 6 -3.47 7.01 -13.20
C GLU A 6 -4.54 7.68 -12.34
N ASN A 7 -4.28 7.74 -11.04
CA ASN A 7 -5.21 8.33 -10.08
C ASN A 7 -4.49 9.39 -9.26
N GLU A 8 -5.23 10.21 -8.53
CA GLU A 8 -4.61 11.25 -7.73
C GLU A 8 -5.48 11.70 -6.56
N PHE A 9 -4.86 11.98 -5.42
CA PHE A 9 -5.56 12.42 -4.22
C PHE A 9 -4.76 13.52 -3.53
N THR A 10 -5.46 14.54 -3.03
CA THR A 10 -4.80 15.67 -2.36
C THR A 10 -4.92 15.56 -0.83
N SER A 11 -3.91 16.04 -0.12
CA SER A 11 -3.91 16.01 1.34
C SER A 11 -3.21 17.25 1.90
N GLU A 12 -3.57 17.63 3.12
CA GLU A 12 -2.98 18.80 3.77
C GLU A 12 -1.79 18.40 4.63
N ILE A 13 -1.17 17.28 4.30
CA ILE A 13 -0.03 16.78 5.06
C ILE A 13 1.24 16.87 4.21
N PRO A 14 2.31 17.44 4.72
CA PRO A 14 3.56 17.52 3.96
C PRO A 14 3.90 16.18 3.31
N PRO A 15 4.48 16.18 2.13
CA PRO A 15 4.80 14.93 1.40
C PRO A 15 5.80 14.05 2.16
N SER A 16 6.60 14.66 3.02
CA SER A 16 7.60 13.92 3.78
C SER A 16 6.99 13.03 4.85
N ARG A 17 5.83 13.40 5.38
CA ARG A 17 5.20 12.58 6.42
C ARG A 17 4.58 11.37 5.77
N LEU A 18 3.69 11.63 4.84
CA LEU A 18 3.03 10.56 4.11
C LEU A 18 4.09 9.63 3.57
N PHE A 19 5.16 10.20 3.03
CA PHE A 19 6.27 9.44 2.49
C PHE A 19 6.73 8.34 3.45
N LYS A 20 7.12 8.71 4.66
CA LYS A 20 7.56 7.69 5.60
C LYS A 20 6.38 6.86 6.02
N ALA A 21 5.29 7.56 6.27
CA ALA A 21 4.05 6.94 6.70
C ALA A 21 3.49 6.01 5.61
N PHE A 22 4.11 5.97 4.43
CA PHE A 22 3.64 5.14 3.33
C PHE A 22 4.68 4.12 2.88
N VAL A 23 5.91 4.19 3.39
CA VAL A 23 6.94 3.22 2.96
C VAL A 23 7.68 2.55 4.11
N LEU A 24 8.17 3.32 5.08
CA LEU A 24 8.96 2.74 6.16
C LEU A 24 8.14 2.48 7.42
N ASP A 25 7.11 3.28 7.69
CA ASP A 25 6.30 3.10 8.88
C ASP A 25 4.88 2.70 8.53
N ALA A 26 4.53 2.69 7.25
CA ALA A 26 3.18 2.34 6.82
C ALA A 26 2.80 0.93 7.22
N ASP A 27 3.75 0.02 7.10
CA ASP A 27 3.51 -1.37 7.43
C ASP A 27 3.70 -1.59 8.93
N ASN A 28 3.68 -0.49 9.67
CA ASN A 28 3.79 -0.49 11.11
C ASN A 28 2.82 0.54 11.66
N LEU A 29 2.26 1.32 10.74
CA LEU A 29 1.33 2.38 11.03
C LEU A 29 -0.09 1.92 10.77
N ILE A 30 -0.27 1.16 9.69
CA ILE A 30 -1.58 0.66 9.31
C ILE A 30 -2.25 -0.08 10.46
N PRO A 31 -1.59 -1.07 11.04
CA PRO A 31 -2.18 -1.83 12.19
C PRO A 31 -2.42 -0.94 13.41
N LYS A 32 -1.65 0.15 13.49
CA LYS A 32 -1.75 1.07 14.62
C LYS A 32 -3.08 1.79 14.63
N ILE A 33 -3.38 2.43 13.53
CA ILE A 33 -4.56 3.23 13.36
C ILE A 33 -5.68 2.45 12.72
N ALA A 34 -5.33 1.53 11.81
CA ALA A 34 -6.31 0.75 11.07
C ALA A 34 -6.41 -0.69 11.56
N PRO A 35 -6.84 -0.88 12.79
CA PRO A 35 -7.08 -2.23 13.30
C PRO A 35 -8.39 -2.73 12.71
N GLN A 36 -9.24 -1.76 12.35
CA GLN A 36 -10.52 -2.04 11.75
C GLN A 36 -10.32 -2.49 10.31
N ALA A 37 -9.44 -1.78 9.60
CA ALA A 37 -9.16 -2.11 8.22
C ALA A 37 -8.39 -3.42 8.12
N ILE A 38 -7.09 -3.37 8.37
CA ILE A 38 -6.24 -4.55 8.30
C ILE A 38 -6.01 -5.12 9.69
N LYS A 39 -5.88 -6.44 9.78
CA LYS A 39 -5.66 -7.10 11.06
C LYS A 39 -4.22 -6.94 11.50
N GLN A 40 -3.27 -7.13 10.59
CA GLN A 40 -1.87 -6.98 10.93
C GLN A 40 -0.99 -7.17 9.70
N ALA A 41 0.25 -6.73 9.78
CA ALA A 41 1.20 -6.88 8.70
C ALA A 41 2.62 -6.57 9.19
N GLU A 42 3.58 -7.31 8.66
CA GLU A 42 4.97 -7.12 9.04
C GLU A 42 5.90 -7.50 7.90
N ILE A 43 7.06 -6.86 7.81
CA ILE A 43 8.00 -7.16 6.74
C ILE A 43 8.84 -8.37 7.07
N LEU A 44 9.03 -9.21 6.07
CA LEU A 44 9.84 -10.41 6.20
C LEU A 44 11.27 -10.06 5.88
N GLU A 45 11.46 -9.22 4.87
CA GLU A 45 12.79 -8.80 4.47
C GLU A 45 12.78 -7.33 4.09
N GLY A 46 13.75 -6.57 4.57
CA GLY A 46 13.83 -5.16 4.27
C GLY A 46 13.04 -4.33 5.27
N ASN A 47 12.63 -3.14 4.86
CA ASN A 47 11.87 -2.23 5.72
C ASN A 47 10.76 -1.54 4.94
N GLY A 48 10.78 -1.69 3.63
CA GLY A 48 9.80 -1.07 2.76
C GLY A 48 10.40 -0.61 1.44
N GLY A 49 11.63 -1.02 1.15
CA GLY A 49 12.30 -0.64 -0.09
C GLY A 49 12.46 -1.82 -1.04
N PRO A 50 13.18 -1.63 -2.14
CA PRO A 50 13.40 -2.70 -3.15
C PRO A 50 14.12 -3.93 -2.59
N GLY A 51 13.51 -5.10 -2.79
CA GLY A 51 14.09 -6.35 -2.30
C GLY A 51 13.41 -6.76 -1.03
N THR A 52 12.40 -5.97 -0.68
CA THR A 52 11.63 -6.18 0.52
C THR A 52 10.38 -7.00 0.23
N ILE A 53 10.05 -7.90 1.13
CA ILE A 53 8.85 -8.72 1.03
C ILE A 53 8.00 -8.46 2.26
N LYS A 54 6.73 -8.18 2.05
CA LYS A 54 5.82 -7.93 3.14
C LYS A 54 4.74 -8.97 3.19
N LYS A 55 4.39 -9.39 4.40
CA LYS A 55 3.32 -10.38 4.60
C LYS A 55 2.19 -9.81 5.43
N ILE A 56 0.98 -9.80 4.89
CA ILE A 56 -0.17 -9.29 5.62
C ILE A 56 -0.98 -10.45 6.19
N THR A 57 -1.17 -10.45 7.50
CA THR A 57 -1.93 -11.51 8.15
C THR A 57 -3.36 -11.07 8.39
N PHE A 58 -4.31 -11.78 7.80
CA PHE A 58 -5.72 -11.47 7.96
C PHE A 58 -6.31 -12.27 9.11
N GLY A 59 -7.52 -11.92 9.53
CA GLY A 59 -8.18 -12.63 10.62
C GLY A 59 -8.27 -14.13 10.33
N GLU A 60 -8.11 -14.93 11.37
CA GLU A 60 -8.18 -16.39 11.23
C GLU A 60 -9.54 -16.80 10.68
N GLY A 61 -10.61 -16.26 11.26
CA GLY A 61 -11.97 -16.58 10.82
C GLY A 61 -12.44 -15.60 9.75
N SER A 62 -11.74 -15.56 8.63
CA SER A 62 -12.09 -14.64 7.54
C SER A 62 -11.99 -15.36 6.20
N GLN A 63 -12.39 -14.66 5.13
CA GLN A 63 -12.34 -15.24 3.79
C GLN A 63 -10.90 -15.54 3.39
N TYR A 64 -10.03 -14.55 3.53
CA TYR A 64 -8.62 -14.71 3.18
C TYR A 64 -7.82 -15.15 4.40
N GLY A 65 -6.75 -15.89 4.15
CA GLY A 65 -5.88 -16.38 5.23
C GLY A 65 -4.57 -15.62 5.28
N TYR A 66 -3.82 -15.67 4.18
CA TYR A 66 -2.53 -14.99 4.10
C TYR A 66 -2.28 -14.46 2.69
N VAL A 67 -1.45 -13.43 2.59
CA VAL A 67 -1.12 -12.84 1.30
C VAL A 67 0.24 -12.15 1.39
N LYS A 68 1.06 -12.31 0.35
CA LYS A 68 2.39 -11.71 0.31
C LYS A 68 2.47 -10.50 -0.62
N HIS A 69 2.79 -9.35 -0.05
CA HIS A 69 2.97 -8.12 -0.82
C HIS A 69 4.45 -7.93 -1.09
N ARG A 70 4.86 -7.99 -2.35
CA ARG A 70 6.28 -7.83 -2.70
C ARG A 70 6.58 -6.44 -3.22
N ILE A 71 7.34 -5.69 -2.45
CA ILE A 71 7.75 -4.34 -2.83
C ILE A 71 8.80 -4.43 -3.92
N ASP A 72 8.67 -3.63 -4.98
CA ASP A 72 9.63 -3.68 -6.07
C ASP A 72 10.68 -2.57 -5.97
N SER A 73 10.29 -1.31 -5.77
CA SER A 73 11.27 -0.24 -5.72
C SER A 73 10.72 1.06 -5.16
N ILE A 74 11.60 1.72 -4.42
CA ILE A 74 11.31 3.05 -3.90
C ILE A 74 12.43 3.97 -4.29
N ASP A 75 12.06 5.06 -4.93
CA ASP A 75 13.02 6.07 -5.31
C ASP A 75 12.72 7.32 -4.52
N GLU A 76 13.31 7.42 -3.34
CA GLU A 76 13.10 8.57 -2.47
C GLU A 76 13.41 9.84 -3.23
N ALA A 77 14.34 9.73 -4.17
CA ALA A 77 14.68 10.85 -5.01
C ALA A 77 13.42 11.39 -5.64
N SER A 78 12.53 10.49 -6.00
CA SER A 78 11.25 10.84 -6.60
C SER A 78 10.09 10.60 -5.64
N TYR A 79 10.33 9.92 -4.53
CA TYR A 79 9.29 9.60 -3.58
C TYR A 79 8.24 8.72 -4.24
N SER A 80 8.71 7.74 -4.99
CA SER A 80 7.83 6.82 -5.69
C SER A 80 7.84 5.47 -4.99
N TYR A 81 6.68 4.84 -4.90
CA TYR A 81 6.57 3.54 -4.26
C TYR A 81 5.78 2.58 -5.12
N SER A 82 6.43 1.48 -5.52
CA SER A 82 5.79 0.48 -6.35
C SER A 82 5.96 -0.90 -5.74
N TYR A 83 4.93 -1.73 -5.86
CA TYR A 83 4.97 -3.09 -5.34
C TYR A 83 4.13 -4.02 -6.21
N THR A 84 4.19 -5.31 -5.93
CA THR A 84 3.44 -6.28 -6.70
C THR A 84 2.97 -7.43 -5.83
N LEU A 85 1.71 -7.82 -5.99
CA LEU A 85 1.16 -8.92 -5.22
C LEU A 85 1.60 -10.23 -5.85
N ILE A 86 2.42 -10.99 -5.14
CA ILE A 86 2.94 -12.25 -5.66
C ILE A 86 1.88 -13.35 -5.57
N GLU A 87 1.14 -13.41 -4.47
CA GLU A 87 0.13 -14.43 -4.31
C GLU A 87 -0.92 -13.98 -3.29
N GLY A 88 -2.00 -14.73 -3.19
CA GLY A 88 -3.06 -14.44 -2.24
C GLY A 88 -4.35 -14.19 -2.98
N ASP A 89 -5.43 -13.95 -2.24
CA ASP A 89 -6.71 -13.67 -2.89
C ASP A 89 -6.57 -12.40 -3.71
N ALA A 90 -5.35 -11.85 -3.71
CA ALA A 90 -4.99 -10.69 -4.45
C ALA A 90 -5.07 -10.96 -5.95
N LEU A 91 -4.76 -12.19 -6.34
CA LEU A 91 -4.72 -12.60 -7.73
C LEU A 91 -5.87 -13.54 -8.05
N THR A 92 -6.89 -13.58 -7.20
CA THR A 92 -8.01 -14.49 -7.43
C THR A 92 -7.48 -15.85 -7.89
N ASP A 93 -7.96 -16.34 -9.01
CA ASP A 93 -7.52 -17.61 -9.57
C ASP A 93 -7.17 -17.48 -11.05
N THR A 94 -7.57 -16.37 -11.65
CA THR A 94 -7.33 -16.11 -13.07
C THR A 94 -6.23 -15.09 -13.28
N ILE A 95 -5.71 -14.50 -12.20
CA ILE A 95 -4.70 -13.48 -12.30
C ILE A 95 -3.30 -14.00 -12.06
N GLU A 96 -2.35 -13.31 -12.66
CA GLU A 96 -0.94 -13.63 -12.51
C GLU A 96 -0.29 -12.70 -11.50
N LYS A 97 -0.52 -11.38 -11.65
CA LYS A 97 0.04 -10.41 -10.72
C LYS A 97 -0.52 -9.02 -10.96
N ILE A 98 -0.65 -8.25 -9.88
CA ILE A 98 -1.16 -6.88 -9.95
C ILE A 98 -0.12 -5.91 -9.39
N SER A 99 0.29 -4.94 -10.20
CA SER A 99 1.29 -3.96 -9.79
C SER A 99 0.65 -2.61 -9.52
N TYR A 100 1.19 -1.90 -8.55
CA TYR A 100 0.69 -0.57 -8.19
C TYR A 100 1.85 0.37 -7.91
N GLU A 101 1.78 1.58 -8.47
CA GLU A 101 2.84 2.57 -8.29
C GLU A 101 2.24 3.89 -7.84
N THR A 102 2.82 4.51 -6.82
CA THR A 102 2.29 5.77 -6.30
C THR A 102 3.42 6.76 -6.06
N LYS A 103 3.25 7.97 -6.54
CA LYS A 103 4.25 9.02 -6.37
C LYS A 103 3.65 10.20 -5.60
N LEU A 104 4.38 10.69 -4.62
CA LEU A 104 3.91 11.79 -3.80
C LEU A 104 4.53 13.10 -4.27
N VAL A 105 3.68 14.11 -4.48
CA VAL A 105 4.14 15.41 -4.95
C VAL A 105 3.53 16.50 -4.10
N ALA A 106 4.32 17.50 -3.73
CA ALA A 106 3.79 18.60 -2.93
C ALA A 106 2.91 19.51 -3.78
N CYS A 107 1.75 19.88 -3.24
CA CYS A 107 0.82 20.76 -3.93
C CYS A 107 0.57 22.01 -3.11
N GLY A 108 -0.06 23.01 -3.72
CA GLY A 108 -0.36 24.27 -3.03
C GLY A 108 -1.11 24.02 -1.71
N SER A 109 -1.90 22.93 -1.58
CA SER A 109 -2.63 22.58 -0.35
C SER A 109 -1.80 21.75 0.67
N GLY A 110 -0.72 21.11 0.22
CA GLY A 110 0.08 20.14 0.94
C GLY A 110 0.88 19.26 -0.02
N SER A 111 0.26 18.19 -0.54
CA SER A 111 0.85 17.25 -1.49
C SER A 111 -0.23 16.41 -2.15
N THR A 112 -0.16 16.34 -3.48
CA THR A 112 -1.09 15.54 -4.25
C THR A 112 -0.41 14.24 -4.61
N ILE A 113 -0.97 13.16 -4.14
CA ILE A 113 -0.40 11.84 -4.39
C ILE A 113 -1.01 11.24 -5.62
N LYS A 114 -0.15 10.70 -6.49
CA LYS A 114 -0.60 10.07 -7.72
C LYS A 114 -0.49 8.57 -7.58
N SER A 115 -1.61 7.87 -7.65
CA SER A 115 -1.63 6.42 -7.51
C SER A 115 -1.97 5.75 -8.83
N ILE A 116 -1.05 4.96 -9.33
CA ILE A 116 -1.18 4.29 -10.61
C ILE A 116 -1.58 2.84 -10.39
N SER A 117 -2.54 2.38 -11.18
CA SER A 117 -2.99 1.00 -11.11
C SER A 117 -2.42 0.24 -12.30
N HIS A 118 -1.89 -0.95 -12.06
CA HIS A 118 -1.33 -1.75 -13.14
C HIS A 118 -1.75 -3.19 -13.00
N TYR A 119 -2.83 -3.56 -13.65
CA TYR A 119 -3.34 -4.92 -13.58
C TYR A 119 -2.67 -5.80 -14.63
N HIS A 120 -1.69 -6.61 -14.22
CA HIS A 120 -1.01 -7.49 -15.15
C HIS A 120 -1.73 -8.83 -15.15
N THR A 121 -2.57 -9.04 -16.16
CA THR A 121 -3.35 -10.27 -16.25
C THR A 121 -2.75 -11.25 -17.23
N LYS A 122 -3.40 -12.39 -17.38
CA LYS A 122 -2.96 -13.45 -18.27
C LYS A 122 -3.90 -13.56 -19.47
N GLY A 123 -3.39 -14.09 -20.57
CA GLY A 123 -4.20 -14.23 -21.78
C GLY A 123 -5.07 -12.99 -22.00
N ASN A 124 -6.38 -13.16 -21.82
CA ASN A 124 -7.33 -12.05 -21.97
C ASN A 124 -8.03 -11.74 -20.66
N ILE A 125 -7.60 -12.38 -19.58
CA ILE A 125 -8.18 -12.17 -18.26
C ILE A 125 -8.33 -10.68 -17.99
N GLU A 126 -9.20 -10.35 -17.04
CA GLU A 126 -9.44 -8.96 -16.66
C GLU A 126 -9.85 -8.87 -15.19
N ILE A 127 -9.46 -7.78 -14.55
CA ILE A 127 -9.81 -7.55 -13.15
C ILE A 127 -11.14 -6.81 -13.07
N LYS A 128 -12.09 -7.38 -12.34
CA LYS A 128 -13.41 -6.77 -12.23
C LYS A 128 -13.39 -5.57 -11.29
N GLU A 129 -14.42 -4.75 -11.39
CA GLU A 129 -14.56 -3.56 -10.57
C GLU A 129 -14.85 -3.94 -9.12
N GLU A 130 -15.57 -5.04 -8.94
CA GLU A 130 -15.91 -5.51 -7.60
C GLU A 130 -14.66 -5.93 -6.85
N HIS A 131 -13.70 -6.52 -7.56
CA HIS A 131 -12.46 -6.97 -6.95
C HIS A 131 -11.63 -5.79 -6.48
N VAL A 132 -11.37 -4.87 -7.40
CA VAL A 132 -10.57 -3.69 -7.06
C VAL A 132 -11.33 -2.78 -6.13
N LYS A 133 -12.66 -2.92 -6.10
CA LYS A 133 -13.50 -2.09 -5.24
C LYS A 133 -13.22 -2.39 -3.77
N VAL A 134 -13.18 -3.67 -3.42
CA VAL A 134 -12.92 -4.06 -2.03
C VAL A 134 -11.46 -3.79 -1.67
N GLY A 135 -10.54 -4.23 -2.52
CA GLY A 135 -9.12 -4.03 -2.26
C GLY A 135 -8.75 -2.55 -2.24
N LYS A 136 -9.20 -1.80 -3.23
CA LYS A 136 -8.91 -0.37 -3.29
C LYS A 136 -9.60 0.37 -2.16
N GLU A 137 -10.88 0.09 -1.94
CA GLU A 137 -11.62 0.73 -0.87
C GLU A 137 -10.91 0.54 0.46
N LYS A 138 -10.50 -0.70 0.72
CA LYS A 138 -9.78 -1.01 1.96
C LYS A 138 -8.45 -0.27 1.97
N ALA A 139 -7.67 -0.46 0.92
CA ALA A 139 -6.38 0.22 0.78
C ALA A 139 -6.54 1.70 1.04
N HIS A 140 -7.61 2.27 0.51
CA HIS A 140 -7.90 3.66 0.71
C HIS A 140 -8.15 3.92 2.18
N GLY A 141 -8.78 2.96 2.84
CA GLY A 141 -9.07 3.06 4.26
C GLY A 141 -7.80 3.23 5.06
N LEU A 142 -6.81 2.41 4.77
CA LEU A 142 -5.53 2.47 5.46
C LEU A 142 -4.87 3.80 5.16
N PHE A 143 -4.89 4.19 3.88
CA PHE A 143 -4.32 5.47 3.50
C PHE A 143 -5.05 6.57 4.25
N LYS A 144 -6.28 6.27 4.66
CA LYS A 144 -7.09 7.20 5.43
C LYS A 144 -6.62 7.25 6.86
N LEU A 145 -6.21 6.11 7.39
CA LEU A 145 -5.72 6.02 8.75
C LEU A 145 -4.40 6.77 8.84
N ILE A 146 -3.47 6.36 7.99
CA ILE A 146 -2.15 6.95 7.98
C ILE A 146 -2.25 8.46 7.82
N GLU A 147 -3.00 8.91 6.83
CA GLU A 147 -3.14 10.35 6.63
C GLU A 147 -3.44 11.05 7.94
N SER A 148 -4.53 10.64 8.61
CA SER A 148 -4.90 11.22 9.90
C SER A 148 -3.75 11.20 10.88
N TYR A 149 -3.01 10.09 10.91
CA TYR A 149 -1.90 9.94 11.83
C TYR A 149 -0.80 10.98 11.64
N LEU A 150 -0.37 11.28 10.41
CA LEU A 150 0.71 12.25 10.24
C LEU A 150 0.27 13.64 10.63
N LYS A 151 -0.93 14.03 10.24
CA LYS A 151 -1.42 15.35 10.60
C LYS A 151 -1.53 15.46 12.11
N ASP A 152 -1.67 14.31 12.77
CA ASP A 152 -1.74 14.28 14.22
C ASP A 152 -0.43 13.76 14.80
N HIS A 153 0.40 13.19 13.96
CA HIS A 153 1.68 12.61 14.32
C HIS A 153 2.62 12.62 13.12
N PRO A 154 3.02 13.79 12.68
CA PRO A 154 3.90 13.94 11.49
C PRO A 154 5.32 13.48 11.79
N ASP A 155 5.56 13.12 13.03
CA ASP A 155 6.87 12.67 13.49
C ASP A 155 7.10 11.19 13.22
N ALA A 156 6.18 10.50 12.56
CA ALA A 156 6.38 9.07 12.32
C ALA A 156 7.77 8.79 11.75
N TYR A 157 8.48 7.84 12.35
CA TYR A 157 9.82 7.45 11.89
C TYR A 157 10.78 8.63 11.81
N ASN A 158 10.35 9.79 12.28
CA ASN A 158 11.18 10.99 12.24
C ASN A 158 12.32 10.86 13.24
N GLY A 1 0.68 -7.80 -21.72
CA GLY A 1 -0.70 -7.29 -21.78
C GLY A 1 -1.16 -6.87 -20.38
N VAL A 2 -1.00 -5.59 -20.08
CA VAL A 2 -1.37 -5.05 -18.77
C VAL A 2 -2.13 -3.75 -18.91
N TYR A 3 -3.05 -3.49 -17.98
CA TYR A 3 -3.82 -2.25 -17.96
C TYR A 3 -3.20 -1.25 -16.99
N THR A 4 -2.60 -0.19 -17.50
CA THR A 4 -2.00 0.83 -16.65
C THR A 4 -2.95 2.01 -16.44
N PHE A 5 -3.01 2.52 -15.22
CA PHE A 5 -3.86 3.65 -14.89
C PHE A 5 -3.13 4.59 -13.94
N GLU A 6 -3.11 5.88 -14.29
CA GLU A 6 -2.45 6.88 -13.46
C GLU A 6 -3.45 7.69 -12.66
N ASN A 7 -3.26 7.76 -11.34
CA ASN A 7 -4.16 8.49 -10.46
C ASN A 7 -3.36 9.48 -9.61
N GLU A 8 -4.05 10.42 -8.97
CA GLU A 8 -3.38 11.42 -8.15
C GLU A 8 -4.30 12.00 -7.08
N PHE A 9 -3.75 12.22 -5.88
CA PHE A 9 -4.51 12.79 -4.77
C PHE A 9 -3.67 13.80 -4.02
N THR A 10 -4.27 14.91 -3.60
CA THR A 10 -3.56 15.96 -2.89
C THR A 10 -3.74 15.83 -1.38
N SER A 11 -2.70 16.17 -0.62
CA SER A 11 -2.76 16.11 0.84
C SER A 11 -1.93 17.22 1.45
N GLU A 12 -2.27 17.62 2.68
CA GLU A 12 -1.55 18.68 3.37
C GLU A 12 -0.44 18.11 4.24
N ILE A 13 0.10 16.96 3.83
CA ILE A 13 1.15 16.29 4.59
C ILE A 13 2.47 16.30 3.82
N PRO A 14 3.56 16.79 4.40
CA PRO A 14 4.86 16.80 3.73
C PRO A 14 5.21 15.44 3.13
N PRO A 15 5.90 15.39 1.99
CA PRO A 15 6.27 14.10 1.36
C PRO A 15 7.08 13.20 2.29
N SER A 16 7.75 13.82 3.25
CA SER A 16 8.60 13.08 4.18
C SER A 16 7.79 12.19 5.11
N ARG A 17 6.60 12.62 5.53
CA ARG A 17 5.81 11.81 6.44
C ARG A 17 5.20 10.67 5.67
N LEU A 18 4.44 11.04 4.64
CA LEU A 18 3.80 10.06 3.79
C LEU A 18 4.84 9.02 3.36
N PHE A 19 6.00 9.50 2.92
CA PHE A 19 7.10 8.64 2.49
C PHE A 19 7.39 7.52 3.48
N LYS A 20 7.67 7.85 4.74
CA LYS A 20 7.95 6.79 5.70
C LYS A 20 6.68 6.04 5.98
N ALA A 21 5.60 6.79 6.05
CA ALA A 21 4.29 6.26 6.30
C ALA A 21 3.81 5.38 5.14
N PHE A 22 4.59 5.28 4.07
CA PHE A 22 4.22 4.47 2.91
C PHE A 22 5.22 3.36 2.61
N VAL A 23 6.38 3.36 3.28
CA VAL A 23 7.38 2.31 3.02
C VAL A 23 7.89 1.61 4.26
N LEU A 24 8.28 2.38 5.28
CA LEU A 24 8.85 1.80 6.49
C LEU A 24 7.85 1.75 7.65
N ASP A 25 6.92 2.68 7.71
CA ASP A 25 5.95 2.74 8.80
C ASP A 25 4.56 2.39 8.30
N ALA A 26 4.40 2.19 7.00
CA ALA A 26 3.10 1.88 6.41
C ALA A 26 2.59 0.51 6.85
N ASP A 27 3.51 -0.44 6.94
CA ASP A 27 3.17 -1.81 7.32
C ASP A 27 3.11 -1.95 8.83
N ASN A 28 3.05 -0.82 9.50
CA ASN A 28 2.93 -0.72 10.95
C ASN A 28 1.95 0.38 11.26
N LEU A 29 1.61 1.10 10.20
CA LEU A 29 0.70 2.23 10.23
C LEU A 29 -0.71 1.77 9.94
N ILE A 30 -0.90 1.02 8.87
CA ILE A 30 -2.23 0.54 8.49
C ILE A 30 -2.91 -0.24 9.62
N PRO A 31 -2.26 -1.19 10.26
CA PRO A 31 -2.87 -1.98 11.35
C PRO A 31 -3.28 -1.12 12.56
N LYS A 32 -2.60 0.00 12.75
CA LYS A 32 -2.86 0.87 13.90
C LYS A 32 -4.12 1.69 13.71
N ILE A 33 -4.24 2.30 12.55
CA ILE A 33 -5.34 3.17 12.21
C ILE A 33 -6.41 2.39 11.46
N ALA A 34 -5.99 1.45 10.63
CA ALA A 34 -6.90 0.66 9.82
C ALA A 34 -7.04 -0.76 10.33
N PRO A 35 -7.56 -0.93 11.53
CA PRO A 35 -7.82 -2.27 12.07
C PRO A 35 -9.07 -2.79 11.40
N GLN A 36 -9.90 -1.83 10.96
CA GLN A 36 -11.13 -2.13 10.26
C GLN A 36 -10.82 -2.56 8.84
N ALA A 37 -9.90 -1.84 8.21
CA ALA A 37 -9.51 -2.14 6.84
C ALA A 37 -8.67 -3.42 6.78
N ILE A 38 -7.41 -3.32 7.20
CA ILE A 38 -6.50 -4.47 7.18
C ILE A 38 -6.40 -5.08 8.57
N LYS A 39 -6.23 -6.39 8.64
CA LYS A 39 -6.11 -7.08 9.91
C LYS A 39 -4.72 -6.88 10.49
N GLN A 40 -3.69 -7.19 9.70
CA GLN A 40 -2.32 -7.02 10.15
C GLN A 40 -1.34 -7.34 9.03
N ALA A 41 -0.09 -6.92 9.17
CA ALA A 41 0.92 -7.17 8.19
C ALA A 41 2.30 -6.87 8.75
N GLU A 42 3.29 -7.67 8.37
CA GLU A 42 4.67 -7.47 8.81
C GLU A 42 5.66 -7.94 7.76
N ILE A 43 6.88 -7.41 7.80
CA ILE A 43 7.88 -7.79 6.81
C ILE A 43 8.58 -9.06 7.23
N LEU A 44 8.82 -9.92 6.25
CA LEU A 44 9.53 -11.17 6.47
C LEU A 44 11.01 -10.94 6.27
N GLU A 45 11.34 -10.14 5.27
CA GLU A 45 12.72 -9.82 4.99
C GLU A 45 12.82 -8.38 4.55
N GLY A 46 13.84 -7.68 5.05
CA GLY A 46 14.07 -6.29 4.71
C GLY A 46 13.32 -5.37 5.68
N ASN A 47 13.04 -4.16 5.24
CA ASN A 47 12.34 -3.17 6.07
C ASN A 47 11.24 -2.46 5.27
N GLY A 48 11.27 -2.61 3.95
CA GLY A 48 10.29 -1.98 3.08
C GLY A 48 10.92 -1.53 1.76
N GLY A 49 12.15 -1.95 1.49
CA GLY A 49 12.83 -1.57 0.25
C GLY A 49 13.01 -2.76 -0.68
N PRO A 50 13.73 -2.58 -1.77
CA PRO A 50 13.97 -3.66 -2.76
C PRO A 50 14.69 -4.87 -2.16
N GLY A 51 14.10 -6.05 -2.35
CA GLY A 51 14.68 -7.29 -1.83
C GLY A 51 13.94 -7.69 -0.58
N THR A 52 12.94 -6.88 -0.25
CA THR A 52 12.13 -7.08 0.90
C THR A 52 10.88 -7.87 0.56
N ILE A 53 10.55 -8.84 1.41
CA ILE A 53 9.35 -9.64 1.23
C ILE A 53 8.35 -9.27 2.30
N LYS A 54 7.19 -8.78 1.89
CA LYS A 54 6.16 -8.42 2.85
C LYS A 54 5.01 -9.42 2.77
N LYS A 55 4.53 -9.84 3.93
CA LYS A 55 3.40 -10.78 4.02
C LYS A 55 2.24 -10.15 4.79
N ILE A 56 1.03 -10.20 4.24
CA ILE A 56 -0.13 -9.66 4.95
C ILE A 56 -0.83 -10.79 5.70
N THR A 57 -1.21 -10.52 6.94
CA THR A 57 -1.90 -11.52 7.75
C THR A 57 -3.37 -11.15 7.91
N PHE A 58 -4.26 -12.02 7.42
CA PHE A 58 -5.69 -11.78 7.53
C PHE A 58 -6.28 -12.56 8.71
N GLY A 59 -7.51 -12.23 9.07
CA GLY A 59 -8.17 -12.92 10.19
C GLY A 59 -8.17 -14.42 9.97
N GLU A 60 -8.03 -15.17 11.04
CA GLU A 60 -8.01 -16.63 10.98
C GLU A 60 -9.31 -17.16 10.35
N GLY A 61 -10.44 -16.82 10.97
CA GLY A 61 -11.74 -17.26 10.48
C GLY A 61 -12.33 -16.25 9.51
N SER A 62 -11.64 -16.02 8.39
CA SER A 62 -12.09 -15.06 7.39
C SER A 62 -11.89 -15.63 5.99
N GLN A 63 -12.35 -14.88 4.99
CA GLN A 63 -12.22 -15.31 3.60
C GLN A 63 -10.74 -15.48 3.23
N TYR A 64 -9.96 -14.45 3.47
CA TYR A 64 -8.53 -14.47 3.16
C TYR A 64 -7.74 -14.96 4.37
N GLY A 65 -6.55 -15.50 4.13
CA GLY A 65 -5.71 -16.00 5.20
C GLY A 65 -4.32 -15.40 5.15
N TYR A 66 -3.60 -15.66 4.06
CA TYR A 66 -2.24 -15.16 3.89
C TYR A 66 -1.94 -14.84 2.43
N VAL A 67 -1.01 -13.94 2.21
CA VAL A 67 -0.62 -13.55 0.85
C VAL A 67 0.80 -12.99 0.85
N LYS A 68 1.54 -13.25 -0.23
CA LYS A 68 2.92 -12.78 -0.35
C LYS A 68 3.02 -11.53 -1.23
N HIS A 69 3.33 -10.41 -0.61
CA HIS A 69 3.50 -9.14 -1.31
C HIS A 69 4.97 -8.75 -1.29
N ARG A 70 5.59 -8.71 -2.46
CA ARG A 70 7.02 -8.36 -2.57
C ARG A 70 7.21 -6.92 -3.04
N ILE A 71 8.09 -6.22 -2.35
CA ILE A 71 8.45 -4.86 -2.72
C ILE A 71 9.44 -4.91 -3.87
N ASP A 72 9.28 -4.04 -4.86
CA ASP A 72 10.16 -4.05 -6.02
C ASP A 72 11.29 -3.05 -5.91
N SER A 73 11.00 -1.77 -5.66
CA SER A 73 12.07 -0.77 -5.58
C SER A 73 11.63 0.54 -4.94
N ILE A 74 12.53 1.12 -4.15
CA ILE A 74 12.27 2.42 -3.52
C ILE A 74 13.40 3.37 -3.79
N ASP A 75 13.04 4.56 -4.24
CA ASP A 75 14.01 5.61 -4.47
C ASP A 75 13.72 6.75 -3.52
N GLU A 76 14.31 6.69 -2.33
CA GLU A 76 14.09 7.72 -1.32
C GLU A 76 14.40 9.07 -1.93
N ALA A 77 15.33 9.08 -2.88
CA ALA A 77 15.68 10.29 -3.58
C ALA A 77 14.43 10.88 -4.21
N SER A 78 13.59 10.01 -4.72
CA SER A 78 12.35 10.40 -5.38
C SER A 78 11.13 10.09 -4.52
N TYR A 79 11.29 9.31 -3.46
CA TYR A 79 10.18 8.94 -2.61
C TYR A 79 9.15 8.14 -3.39
N SER A 80 9.62 7.25 -4.25
CA SER A 80 8.75 6.41 -5.06
C SER A 80 8.91 4.96 -4.66
N TYR A 81 7.80 4.26 -4.47
CA TYR A 81 7.85 2.86 -4.07
C TYR A 81 6.91 2.02 -4.93
N SER A 82 7.43 0.91 -5.43
CA SER A 82 6.64 0.00 -6.26
C SER A 82 6.72 -1.41 -5.72
N TYR A 83 5.63 -2.15 -5.84
CA TYR A 83 5.57 -3.52 -5.35
C TYR A 83 4.60 -4.33 -6.18
N THR A 84 4.68 -5.65 -6.08
CA THR A 84 3.80 -6.52 -6.84
C THR A 84 3.46 -7.78 -6.06
N LEU A 85 2.21 -8.23 -6.19
CA LEU A 85 1.76 -9.44 -5.53
C LEU A 85 2.21 -10.65 -6.35
N ILE A 86 2.99 -11.52 -5.74
CA ILE A 86 3.50 -12.69 -6.45
C ILE A 86 2.47 -13.81 -6.51
N GLU A 87 1.81 -14.07 -5.39
CA GLU A 87 0.83 -15.14 -5.32
C GLU A 87 -0.20 -14.84 -4.24
N GLY A 88 -1.25 -15.65 -4.18
CA GLY A 88 -2.30 -15.47 -3.19
C GLY A 88 -3.61 -15.14 -3.87
N ASP A 89 -4.67 -14.99 -3.09
CA ASP A 89 -5.96 -14.64 -3.66
C ASP A 89 -5.84 -13.29 -4.34
N ALA A 90 -4.62 -12.74 -4.33
CA ALA A 90 -4.29 -11.50 -4.95
C ALA A 90 -4.35 -11.65 -6.48
N LEU A 91 -3.97 -12.83 -6.96
CA LEU A 91 -3.93 -13.13 -8.38
C LEU A 91 -5.01 -14.13 -8.73
N THR A 92 -5.98 -14.31 -7.84
CA THR A 92 -7.03 -15.29 -8.08
C THR A 92 -6.38 -16.59 -8.54
N ASP A 93 -6.81 -17.12 -9.68
CA ASP A 93 -6.22 -18.33 -10.24
C ASP A 93 -5.89 -18.15 -11.71
N THR A 94 -6.40 -17.07 -12.30
CA THR A 94 -6.20 -16.77 -13.71
C THR A 94 -5.20 -15.64 -13.94
N ILE A 95 -4.73 -14.99 -12.87
CA ILE A 95 -3.84 -13.86 -13.01
C ILE A 95 -2.38 -14.22 -12.85
N GLU A 96 -1.56 -13.42 -13.51
CA GLU A 96 -0.12 -13.57 -13.46
C GLU A 96 0.44 -12.76 -12.30
N LYS A 97 0.20 -11.44 -12.33
CA LYS A 97 0.68 -10.57 -11.27
C LYS A 97 0.11 -9.16 -11.42
N ILE A 98 -0.06 -8.49 -10.29
CA ILE A 98 -0.59 -7.13 -10.26
C ILE A 98 0.44 -6.22 -9.59
N SER A 99 0.86 -5.18 -10.30
CA SER A 99 1.87 -4.25 -9.79
C SER A 99 1.29 -2.88 -9.50
N TYR A 100 1.82 -2.24 -8.47
CA TYR A 100 1.38 -0.90 -8.08
C TYR A 100 2.58 -0.01 -7.80
N GLU A 101 2.57 1.20 -8.39
CA GLU A 101 3.67 2.15 -8.20
C GLU A 101 3.12 3.50 -7.76
N THR A 102 3.71 4.10 -6.74
CA THR A 102 3.22 5.37 -6.23
C THR A 102 4.39 6.29 -5.88
N LYS A 103 4.31 7.53 -6.33
CA LYS A 103 5.34 8.51 -6.06
C LYS A 103 4.74 9.71 -5.33
N LEU A 104 5.39 10.16 -4.27
CA LEU A 104 4.89 11.30 -3.50
C LEU A 104 5.63 12.55 -3.89
N VAL A 105 4.86 13.58 -4.26
CA VAL A 105 5.45 14.85 -4.69
C VAL A 105 4.85 15.99 -3.91
N ALA A 106 5.67 16.94 -3.49
CA ALA A 106 5.17 18.09 -2.75
C ALA A 106 4.42 19.03 -3.68
N CYS A 107 3.25 19.49 -3.26
CA CYS A 107 2.44 20.42 -4.05
C CYS A 107 2.19 21.69 -3.27
N GLY A 108 1.60 22.68 -3.93
CA GLY A 108 1.31 23.97 -3.29
C GLY A 108 0.51 23.79 -2.00
N SER A 109 -0.44 22.86 -1.98
CA SER A 109 -1.32 22.59 -0.82
C SER A 109 -0.68 21.66 0.22
N GLY A 110 0.40 20.96 -0.16
CA GLY A 110 1.20 20.04 0.65
C GLY A 110 2.05 19.08 -0.19
N SER A 111 1.49 17.95 -0.65
CA SER A 111 2.06 16.95 -1.54
C SER A 111 0.98 16.15 -2.24
N THR A 112 1.10 16.03 -3.55
CA THR A 112 0.17 15.27 -4.35
C THR A 112 0.77 13.91 -4.64
N ILE A 113 0.11 12.87 -4.18
CA ILE A 113 0.58 11.51 -4.38
C ILE A 113 0.00 10.93 -5.65
N LYS A 114 0.87 10.39 -6.49
CA LYS A 114 0.45 9.77 -7.74
C LYS A 114 0.53 8.25 -7.61
N SER A 115 -0.60 7.58 -7.72
CA SER A 115 -0.66 6.13 -7.59
C SER A 115 -1.00 5.48 -8.92
N ILE A 116 -0.14 4.56 -9.35
CA ILE A 116 -0.29 3.87 -10.63
C ILE A 116 -0.72 2.44 -10.39
N SER A 117 -1.69 2.01 -11.18
CA SER A 117 -2.18 0.64 -11.13
C SER A 117 -1.69 -0.12 -12.34
N HIS A 118 -1.25 -1.36 -12.17
CA HIS A 118 -0.75 -2.15 -13.28
C HIS A 118 -1.30 -3.57 -13.23
N TYR A 119 -2.41 -3.78 -13.92
CA TYR A 119 -3.03 -5.10 -13.96
C TYR A 119 -2.40 -5.95 -15.05
N HIS A 120 -1.50 -6.86 -14.69
CA HIS A 120 -0.84 -7.71 -15.67
C HIS A 120 -1.50 -9.07 -15.74
N THR A 121 -2.23 -9.32 -16.82
CA THR A 121 -2.92 -10.58 -17.01
C THR A 121 -2.15 -11.50 -17.93
N LYS A 122 -2.64 -12.73 -18.05
CA LYS A 122 -2.00 -13.73 -18.91
C LYS A 122 -2.88 -14.00 -20.12
N GLY A 123 -2.28 -14.46 -21.22
CA GLY A 123 -3.03 -14.74 -22.43
C GLY A 123 -4.09 -13.68 -22.69
N ASN A 124 -5.35 -14.05 -22.51
CA ASN A 124 -6.47 -13.12 -22.70
C ASN A 124 -7.11 -12.76 -21.37
N ILE A 125 -6.62 -13.34 -20.28
CA ILE A 125 -7.14 -13.08 -18.95
C ILE A 125 -7.27 -11.58 -18.72
N GLU A 126 -8.21 -11.19 -17.88
CA GLU A 126 -8.45 -9.79 -17.56
C GLU A 126 -8.93 -9.64 -16.13
N ILE A 127 -8.59 -8.53 -15.49
CA ILE A 127 -9.00 -8.25 -14.12
C ILE A 127 -10.35 -7.56 -14.13
N LYS A 128 -11.32 -8.12 -13.42
CA LYS A 128 -12.67 -7.55 -13.39
C LYS A 128 -12.73 -6.28 -12.55
N GLU A 129 -13.79 -5.51 -12.76
CA GLU A 129 -13.99 -4.26 -12.03
C GLU A 129 -14.31 -4.54 -10.56
N GLU A 130 -15.03 -5.62 -10.30
CA GLU A 130 -15.40 -5.97 -8.93
C GLU A 130 -14.18 -6.40 -8.15
N HIS A 131 -13.19 -6.95 -8.84
CA HIS A 131 -11.95 -7.39 -8.19
C HIS A 131 -11.10 -6.21 -7.76
N VAL A 132 -10.93 -5.25 -8.66
CA VAL A 132 -10.13 -4.07 -8.36
C VAL A 132 -10.92 -3.07 -7.54
N LYS A 133 -12.25 -3.05 -7.70
CA LYS A 133 -13.10 -2.12 -6.98
C LYS A 133 -13.08 -2.43 -5.49
N VAL A 134 -13.21 -3.70 -5.14
CA VAL A 134 -13.21 -4.11 -3.73
C VAL A 134 -11.82 -3.95 -3.14
N GLY A 135 -10.80 -4.41 -3.86
CA GLY A 135 -9.42 -4.31 -3.38
C GLY A 135 -8.98 -2.86 -3.31
N LYS A 136 -9.29 -2.09 -4.35
CA LYS A 136 -8.92 -0.68 -4.41
C LYS A 136 -9.64 0.10 -3.32
N GLU A 137 -10.95 -0.13 -3.18
CA GLU A 137 -11.72 0.58 -2.16
C GLU A 137 -11.08 0.40 -0.79
N LYS A 138 -10.73 -0.83 -0.45
CA LYS A 138 -10.08 -1.11 0.83
C LYS A 138 -8.71 -0.47 0.86
N ALA A 139 -7.90 -0.75 -0.15
CA ALA A 139 -6.56 -0.20 -0.26
C ALA A 139 -6.59 1.31 -0.07
N HIS A 140 -7.55 1.95 -0.70
CA HIS A 140 -7.73 3.39 -0.58
C HIS A 140 -7.95 3.73 0.88
N GLY A 141 -8.67 2.86 1.58
CA GLY A 141 -8.96 3.06 2.98
C GLY A 141 -7.68 3.09 3.79
N LEU A 142 -6.75 2.22 3.49
CA LEU A 142 -5.49 2.16 4.20
C LEU A 142 -4.75 3.46 3.95
N PHE A 143 -4.70 3.87 2.69
CA PHE A 143 -4.05 5.13 2.33
C PHE A 143 -4.76 6.28 3.03
N LYS A 144 -6.03 6.04 3.39
CA LYS A 144 -6.84 7.03 4.07
C LYS A 144 -6.47 7.10 5.54
N LEU A 145 -6.17 5.95 6.14
CA LEU A 145 -5.80 5.89 7.54
C LEU A 145 -4.48 6.59 7.76
N ILE A 146 -3.47 6.10 7.04
CA ILE A 146 -2.12 6.62 7.17
C ILE A 146 -2.11 8.13 6.94
N GLU A 147 -2.70 8.59 5.85
CA GLU A 147 -2.74 10.02 5.61
C GLU A 147 -3.16 10.76 6.88
N SER A 148 -4.30 10.35 7.44
CA SER A 148 -4.78 10.95 8.67
C SER A 148 -3.73 10.88 9.78
N TYR A 149 -3.05 9.74 9.86
CA TYR A 149 -2.04 9.52 10.89
C TYR A 149 -0.87 10.50 10.80
N LEU A 150 -0.31 10.79 9.64
CA LEU A 150 0.83 11.71 9.57
C LEU A 150 0.43 13.11 9.93
N LYS A 151 -0.70 13.57 9.44
CA LYS A 151 -1.16 14.92 9.76
C LYS A 151 -1.44 15.02 11.24
N ASP A 152 -1.73 13.88 11.88
CA ASP A 152 -1.98 13.86 13.31
C ASP A 152 -0.79 13.24 14.04
N HIS A 153 0.09 12.62 13.32
CA HIS A 153 1.26 11.93 13.82
C HIS A 153 2.33 11.85 12.75
N PRO A 154 2.89 12.99 12.35
CA PRO A 154 3.92 13.06 11.29
C PRO A 154 5.26 12.55 11.81
N ASP A 155 5.28 12.18 13.08
CA ASP A 155 6.47 11.70 13.74
C ASP A 155 6.90 10.33 13.23
N ALA A 156 6.22 9.75 12.25
CA ALA A 156 6.63 8.43 11.77
C ALA A 156 8.12 8.40 11.46
N TYR A 157 8.83 7.39 11.97
CA TYR A 157 10.26 7.22 11.76
C TYR A 157 11.05 8.48 12.08
N ASN A 158 10.38 9.49 12.61
CA ASN A 158 11.03 10.75 12.95
C ASN A 158 11.93 10.55 14.16
N GLY A 1 -0.62 -8.21 -21.04
CA GLY A 1 0.38 -8.31 -19.95
C GLY A 1 -0.20 -7.75 -18.67
N VAL A 2 0.00 -6.46 -18.44
CA VAL A 2 -0.50 -5.82 -17.23
C VAL A 2 -1.16 -4.49 -17.55
N TYR A 3 -2.17 -4.12 -16.77
CA TYR A 3 -2.86 -2.86 -16.93
C TYR A 3 -2.33 -1.82 -15.94
N THR A 4 -1.62 -0.81 -16.44
CA THR A 4 -1.08 0.24 -15.56
C THR A 4 -2.01 1.44 -15.52
N PHE A 5 -2.17 2.01 -14.34
CA PHE A 5 -3.02 3.18 -14.15
C PHE A 5 -2.38 4.14 -13.17
N GLU A 6 -2.32 5.42 -13.51
CA GLU A 6 -1.71 6.42 -12.64
C GLU A 6 -2.78 7.25 -11.92
N ASN A 7 -2.54 7.49 -10.63
CA ASN A 7 -3.46 8.28 -9.80
C ASN A 7 -2.67 9.25 -8.94
N GLU A 8 -3.35 10.24 -8.36
CA GLU A 8 -2.66 11.23 -7.52
C GLU A 8 -3.60 11.87 -6.51
N PHE A 9 -3.05 12.25 -5.35
CA PHE A 9 -3.82 12.90 -4.29
C PHE A 9 -2.94 13.86 -3.50
N THR A 10 -3.49 15.01 -3.13
CA THR A 10 -2.73 16.02 -2.38
C THR A 10 -2.97 15.91 -0.88
N SER A 11 -1.95 16.23 -0.09
CA SER A 11 -2.04 16.17 1.36
C SER A 11 -1.33 17.37 1.98
N GLU A 12 -1.72 17.73 3.21
CA GLU A 12 -1.10 18.86 3.91
C GLU A 12 -0.01 18.38 4.86
N ILE A 13 0.53 17.19 4.58
CA ILE A 13 1.57 16.61 5.42
C ILE A 13 2.83 16.40 4.62
N PRO A 14 3.98 16.87 5.08
CA PRO A 14 5.25 16.67 4.36
C PRO A 14 5.39 15.22 3.88
N PRO A 15 5.98 14.98 2.73
CA PRO A 15 6.14 13.61 2.19
C PRO A 15 6.97 12.72 3.09
N SER A 16 7.81 13.33 3.92
CA SER A 16 8.68 12.58 4.82
C SER A 16 7.93 11.89 5.94
N ARG A 17 6.81 12.45 6.39
CA ARG A 17 6.07 11.82 7.48
C ARG A 17 5.28 10.69 6.89
N LEU A 18 4.53 11.04 5.87
CA LEU A 18 3.73 10.07 5.15
C LEU A 18 4.63 8.92 4.74
N PHE A 19 5.81 9.26 4.21
CA PHE A 19 6.77 8.27 3.79
C PHE A 19 7.03 7.23 4.87
N LYS A 20 7.46 7.65 6.05
CA LYS A 20 7.73 6.68 7.11
C LYS A 20 6.44 6.06 7.58
N ALA A 21 5.37 6.80 7.44
CA ALA A 21 4.04 6.36 7.82
C ALA A 21 3.43 5.51 6.72
N PHE A 22 4.14 5.34 5.61
CA PHE A 22 3.64 4.59 4.47
C PHE A 22 4.53 3.39 4.13
N VAL A 23 5.69 3.27 4.77
CA VAL A 23 6.60 2.14 4.49
C VAL A 23 7.06 1.41 5.75
N LEU A 24 7.26 2.11 6.86
CA LEU A 24 7.78 1.45 8.06
C LEU A 24 6.66 0.92 8.93
N ASP A 25 5.71 1.76 9.30
CA ASP A 25 4.62 1.33 10.17
C ASP A 25 3.27 1.40 9.49
N ALA A 26 3.19 1.80 8.23
CA ALA A 26 1.89 1.91 7.55
C ALA A 26 1.01 0.70 7.82
N ASP A 27 1.63 -0.48 7.77
CA ASP A 27 0.91 -1.73 8.00
C ASP A 27 0.81 -2.02 9.50
N ASN A 28 1.03 -1.01 10.29
CA ASN A 28 0.95 -1.04 11.75
C ASN A 28 0.29 0.23 12.24
N LEU A 29 0.14 1.17 11.31
CA LEU A 29 -0.46 2.45 11.54
C LEU A 29 -1.93 2.38 11.15
N ILE A 30 -2.20 1.72 10.03
CA ILE A 30 -3.55 1.53 9.56
C ILE A 30 -4.40 0.89 10.64
N PRO A 31 -3.96 -0.21 11.22
CA PRO A 31 -4.70 -0.89 12.31
C PRO A 31 -4.84 0.02 13.54
N LYS A 32 -3.95 1.00 13.66
CA LYS A 32 -3.93 1.91 14.78
C LYS A 32 -5.13 2.85 14.77
N ILE A 33 -5.29 3.53 13.67
CA ILE A 33 -6.36 4.51 13.50
C ILE A 33 -7.54 3.85 12.82
N ALA A 34 -7.24 3.03 11.82
CA ALA A 34 -8.23 2.31 11.06
C ALA A 34 -8.21 0.82 11.33
N PRO A 35 -8.64 0.43 12.50
CA PRO A 35 -8.73 -1.00 12.84
C PRO A 35 -9.79 -1.63 11.96
N GLN A 36 -10.47 -0.75 11.22
CA GLN A 36 -11.51 -1.16 10.30
C GLN A 36 -10.94 -1.85 9.09
N ALA A 37 -9.76 -1.40 8.67
CA ALA A 37 -9.11 -1.96 7.51
C ALA A 37 -8.41 -3.27 7.83
N ILE A 38 -7.20 -3.17 8.39
CA ILE A 38 -6.41 -4.35 8.74
C ILE A 38 -6.48 -4.61 10.23
N LYS A 39 -6.50 -5.89 10.60
CA LYS A 39 -6.53 -6.27 12.01
C LYS A 39 -5.14 -6.17 12.60
N GLN A 40 -4.15 -6.66 11.87
CA GLN A 40 -2.76 -6.60 12.30
C GLN A 40 -1.86 -7.18 11.23
N ALA A 41 -0.56 -6.92 11.34
CA ALA A 41 0.40 -7.44 10.39
C ALA A 41 1.82 -7.32 10.92
N GLU A 42 2.67 -8.29 10.59
CA GLU A 42 4.06 -8.29 11.03
C GLU A 42 4.97 -8.69 9.89
N ILE A 43 6.14 -8.06 9.80
CA ILE A 43 7.08 -8.37 8.74
C ILE A 43 7.84 -9.64 9.05
N LEU A 44 8.04 -10.45 8.01
CA LEU A 44 8.77 -11.70 8.15
C LEU A 44 10.24 -11.44 7.94
N GLU A 45 10.54 -10.57 6.98
CA GLU A 45 11.93 -10.23 6.68
C GLU A 45 12.03 -8.76 6.33
N GLY A 46 13.01 -8.07 6.90
CA GLY A 46 13.20 -6.65 6.63
C GLY A 46 12.26 -5.81 7.48
N ASN A 47 11.97 -4.60 7.03
CA ASN A 47 11.09 -3.68 7.74
C ASN A 47 10.12 -2.97 6.80
N GLY A 48 10.22 -3.28 5.51
CA GLY A 48 9.36 -2.67 4.51
C GLY A 48 10.14 -2.22 3.28
N GLY A 49 11.36 -2.71 3.11
CA GLY A 49 12.19 -2.34 1.96
C GLY A 49 12.37 -3.51 1.01
N PRO A 50 13.21 -3.37 -0.01
CA PRO A 50 13.45 -4.44 -0.99
C PRO A 50 14.02 -5.72 -0.36
N GLY A 51 13.35 -6.85 -0.61
CA GLY A 51 13.79 -8.14 -0.07
C GLY A 51 13.01 -8.46 1.18
N THR A 52 12.08 -7.56 1.49
CA THR A 52 11.23 -7.68 2.64
C THR A 52 9.92 -8.36 2.30
N ILE A 53 9.46 -9.23 3.19
CA ILE A 53 8.18 -9.91 3.03
C ILE A 53 7.29 -9.57 4.20
N LYS A 54 6.05 -9.18 3.92
CA LYS A 54 5.10 -8.84 4.97
C LYS A 54 3.89 -9.74 4.91
N LYS A 55 3.40 -10.15 6.08
CA LYS A 55 2.21 -10.98 6.18
C LYS A 55 1.12 -10.25 6.95
N ILE A 56 -0.07 -10.11 6.36
CA ILE A 56 -1.17 -9.44 7.05
C ILE A 56 -2.16 -10.48 7.56
N THR A 57 -2.51 -10.37 8.84
CA THR A 57 -3.45 -11.30 9.47
C THR A 57 -4.75 -10.59 9.82
N PHE A 58 -5.85 -11.05 9.25
CA PHE A 58 -7.16 -10.45 9.51
C PHE A 58 -7.86 -11.17 10.66
N GLY A 59 -9.11 -10.78 10.92
CA GLY A 59 -9.88 -11.39 11.98
C GLY A 59 -10.15 -12.86 11.70
N GLU A 60 -10.20 -13.67 12.75
CA GLU A 60 -10.46 -15.10 12.62
C GLU A 60 -11.80 -15.35 11.94
N GLY A 61 -12.84 -14.68 12.42
CA GLY A 61 -14.18 -14.81 11.86
C GLY A 61 -14.41 -13.81 10.74
N SER A 62 -13.61 -13.90 9.69
CA SER A 62 -13.72 -12.99 8.55
C SER A 62 -13.56 -13.74 7.24
N GLN A 63 -13.72 -13.05 6.13
CA GLN A 63 -13.62 -13.64 4.81
C GLN A 63 -12.17 -14.06 4.56
N TYR A 64 -11.24 -13.13 4.72
CA TYR A 64 -9.82 -13.41 4.51
C TYR A 64 -9.18 -13.85 5.81
N GLY A 65 -8.07 -14.58 5.70
CA GLY A 65 -7.35 -15.07 6.87
C GLY A 65 -5.91 -14.57 6.90
N TYR A 66 -5.16 -14.89 5.85
CA TYR A 66 -3.76 -14.48 5.75
C TYR A 66 -3.41 -14.16 4.31
N VAL A 67 -2.39 -13.31 4.14
CA VAL A 67 -1.95 -12.91 2.81
C VAL A 67 -0.48 -12.49 2.85
N LYS A 68 0.24 -12.77 1.76
CA LYS A 68 1.67 -12.43 1.69
C LYS A 68 1.95 -11.24 0.75
N HIS A 69 2.38 -10.13 1.34
CA HIS A 69 2.73 -8.92 0.60
C HIS A 69 4.24 -8.78 0.53
N ARG A 70 4.80 -8.88 -0.67
CA ARG A 70 6.26 -8.77 -0.83
C ARG A 70 6.64 -7.39 -1.35
N ILE A 71 7.47 -6.69 -0.58
CA ILE A 71 7.94 -5.36 -0.99
C ILE A 71 8.90 -5.51 -2.16
N ASP A 72 8.90 -4.57 -3.09
CA ASP A 72 9.78 -4.63 -4.24
C ASP A 72 10.98 -3.71 -4.08
N SER A 73 10.74 -2.42 -3.85
CA SER A 73 11.85 -1.47 -3.70
C SER A 73 11.42 -0.14 -3.11
N ILE A 74 12.28 0.41 -2.24
CA ILE A 74 12.02 1.73 -1.65
C ILE A 74 13.18 2.65 -1.91
N ASP A 75 12.87 3.84 -2.39
CA ASP A 75 13.90 4.84 -2.63
C ASP A 75 13.65 6.00 -1.69
N GLU A 76 14.21 5.92 -0.49
CA GLU A 76 14.03 6.97 0.51
C GLU A 76 14.44 8.29 -0.08
N ALA A 77 15.43 8.24 -0.97
CA ALA A 77 15.89 9.44 -1.65
C ALA A 77 14.70 10.11 -2.31
N SER A 78 13.83 9.27 -2.86
CA SER A 78 12.62 9.75 -3.54
C SER A 78 11.36 9.48 -2.73
N TYR A 79 11.46 8.69 -1.67
CA TYR A 79 10.32 8.33 -0.86
C TYR A 79 9.30 7.56 -1.68
N SER A 80 9.79 6.57 -2.41
CA SER A 80 8.93 5.75 -3.26
C SER A 80 8.73 4.38 -2.65
N TYR A 81 7.52 3.83 -2.80
CA TYR A 81 7.22 2.52 -2.26
C TYR A 81 6.55 1.64 -3.31
N SER A 82 7.20 0.54 -3.63
CA SER A 82 6.68 -0.40 -4.61
C SER A 82 6.65 -1.80 -4.03
N TYR A 83 5.52 -2.46 -4.15
CA TYR A 83 5.35 -3.81 -3.62
C TYR A 83 4.46 -4.62 -4.53
N THR A 84 4.48 -5.94 -4.37
CA THR A 84 3.68 -6.81 -5.20
C THR A 84 3.06 -7.93 -4.39
N LEU A 85 1.79 -8.21 -4.66
CA LEU A 85 1.08 -9.28 -3.98
C LEU A 85 1.45 -10.61 -4.60
N ILE A 86 2.05 -11.51 -3.83
CA ILE A 86 2.48 -12.79 -4.36
C ILE A 86 1.38 -13.84 -4.32
N GLU A 87 0.66 -13.93 -3.20
CA GLU A 87 -0.39 -14.92 -3.07
C GLU A 87 -1.45 -14.45 -2.09
N GLY A 88 -2.54 -15.20 -2.01
CA GLY A 88 -3.64 -14.87 -1.12
C GLY A 88 -4.89 -14.58 -1.92
N ASP A 89 -6.00 -14.31 -1.22
CA ASP A 89 -7.23 -13.98 -1.92
C ASP A 89 -7.00 -12.69 -2.71
N ALA A 90 -5.77 -12.21 -2.64
CA ALA A 90 -5.30 -11.04 -3.33
C ALA A 90 -5.30 -11.27 -4.83
N LEU A 91 -5.03 -12.51 -5.23
CA LEU A 91 -4.95 -12.90 -6.63
C LEU A 91 -6.12 -13.78 -6.98
N THR A 92 -7.16 -13.78 -6.16
CA THR A 92 -8.31 -14.63 -6.41
C THR A 92 -7.82 -16.03 -6.78
N ASP A 93 -8.27 -16.55 -7.92
CA ASP A 93 -7.85 -17.84 -8.42
C ASP A 93 -7.42 -17.77 -9.87
N THR A 94 -7.74 -16.66 -10.51
CA THR A 94 -7.42 -16.46 -11.94
C THR A 94 -6.25 -15.50 -12.14
N ILE A 95 -5.76 -14.87 -11.07
CA ILE A 95 -4.70 -13.89 -11.20
C ILE A 95 -3.33 -14.45 -10.89
N GLU A 96 -2.34 -13.83 -11.50
CA GLU A 96 -0.96 -14.21 -11.31
C GLU A 96 -0.29 -13.25 -10.32
N LYS A 97 -0.49 -11.94 -10.50
CA LYS A 97 0.12 -10.97 -9.60
C LYS A 97 -0.37 -9.55 -9.86
N ILE A 98 -0.46 -8.75 -8.80
CA ILE A 98 -0.89 -7.36 -8.89
C ILE A 98 0.21 -6.46 -8.34
N SER A 99 0.69 -5.53 -9.13
CA SER A 99 1.76 -4.62 -8.74
C SER A 99 1.21 -3.23 -8.38
N TYR A 100 1.83 -2.59 -7.41
CA TYR A 100 1.41 -1.26 -6.98
C TYR A 100 2.63 -0.40 -6.62
N GLU A 101 2.69 0.81 -7.18
CA GLU A 101 3.80 1.72 -6.93
C GLU A 101 3.28 3.08 -6.49
N THR A 102 3.84 3.67 -5.46
CA THR A 102 3.40 4.95 -4.96
C THR A 102 4.59 5.81 -4.54
N LYS A 103 4.61 7.05 -4.99
CA LYS A 103 5.70 7.96 -4.66
C LYS A 103 5.14 9.23 -4.04
N LEU A 104 5.74 9.67 -2.94
CA LEU A 104 5.28 10.87 -2.27
C LEU A 104 6.16 12.05 -2.66
N VAL A 105 5.54 13.11 -3.14
CA VAL A 105 6.26 14.30 -3.59
C VAL A 105 5.72 15.53 -2.87
N ALA A 106 6.59 16.41 -2.42
CA ALA A 106 6.14 17.62 -1.76
C ALA A 106 5.53 18.59 -2.77
N CYS A 107 4.37 19.13 -2.45
CA CYS A 107 3.68 20.09 -3.31
C CYS A 107 3.46 21.40 -2.58
N GLY A 108 3.00 22.42 -3.31
CA GLY A 108 2.76 23.73 -2.72
C GLY A 108 1.82 23.62 -1.49
N SER A 109 0.89 22.67 -1.44
CA SER A 109 -0.02 22.47 -0.27
C SER A 109 0.57 21.61 0.84
N GLY A 110 1.63 20.85 0.56
CA GLY A 110 2.23 19.83 1.43
C GLY A 110 2.99 18.81 0.58
N SER A 111 2.30 17.78 0.08
CA SER A 111 2.85 16.70 -0.73
C SER A 111 1.77 16.00 -1.53
N THR A 112 1.99 15.86 -2.82
CA THR A 112 1.06 15.19 -3.71
C THR A 112 1.56 13.78 -3.93
N ILE A 113 0.76 12.81 -3.51
CA ILE A 113 1.12 11.42 -3.64
C ILE A 113 0.60 10.84 -4.94
N LYS A 114 1.49 10.19 -5.68
CA LYS A 114 1.12 9.57 -6.95
C LYS A 114 1.07 8.06 -6.76
N SER A 115 -0.11 7.47 -6.94
CA SER A 115 -0.29 6.03 -6.75
C SER A 115 -0.57 5.32 -8.07
N ILE A 116 0.31 4.42 -8.44
CA ILE A 116 0.22 3.66 -9.68
C ILE A 116 -0.36 2.29 -9.41
N SER A 117 -1.29 1.89 -10.24
CA SER A 117 -1.93 0.58 -10.16
C SER A 117 -1.41 -0.28 -11.30
N HIS A 118 -1.08 -1.54 -11.03
CA HIS A 118 -0.58 -2.42 -12.08
C HIS A 118 -1.23 -3.78 -12.00
N TYR A 119 -2.26 -4.00 -12.80
CA TYR A 119 -2.95 -5.28 -12.81
C TYR A 119 -2.22 -6.26 -13.72
N HIS A 120 -1.46 -7.17 -13.14
CA HIS A 120 -0.73 -8.16 -13.93
C HIS A 120 -1.54 -9.43 -14.03
N THR A 121 -2.17 -9.62 -15.18
CA THR A 121 -3.00 -10.79 -15.41
C THR A 121 -2.27 -11.85 -16.22
N LYS A 122 -2.88 -13.02 -16.33
CA LYS A 122 -2.31 -14.12 -17.11
C LYS A 122 -3.16 -14.41 -18.33
N GLY A 123 -2.52 -14.75 -19.43
CA GLY A 123 -3.24 -15.05 -20.66
C GLY A 123 -4.24 -13.94 -21.00
N ASN A 124 -5.52 -14.24 -20.87
CA ASN A 124 -6.58 -13.26 -21.15
C ASN A 124 -7.24 -12.76 -19.86
N ILE A 125 -6.86 -13.35 -18.74
CA ILE A 125 -7.42 -12.95 -17.45
C ILE A 125 -7.38 -11.43 -17.32
N GLU A 126 -8.32 -10.90 -16.55
CA GLU A 126 -8.42 -9.46 -16.35
C GLU A 126 -8.97 -9.14 -14.95
N ILE A 127 -8.52 -8.02 -14.39
CA ILE A 127 -8.97 -7.60 -13.07
C ILE A 127 -10.21 -6.75 -13.22
N LYS A 128 -11.27 -7.11 -12.48
CA LYS A 128 -12.53 -6.38 -12.58
C LYS A 128 -12.46 -5.02 -11.90
N GLU A 129 -13.38 -4.13 -12.28
CA GLU A 129 -13.45 -2.80 -11.71
C GLU A 129 -13.93 -2.86 -10.27
N GLU A 130 -14.87 -3.76 -9.99
CA GLU A 130 -15.39 -3.91 -8.64
C GLU A 130 -14.30 -4.38 -7.70
N HIS A 131 -13.30 -5.08 -8.25
CA HIS A 131 -12.19 -5.58 -7.45
C HIS A 131 -11.26 -4.45 -7.03
N VAL A 132 -10.86 -3.63 -8.00
CA VAL A 132 -9.96 -2.51 -7.73
C VAL A 132 -10.71 -1.35 -7.09
N LYS A 133 -12.00 -1.20 -7.39
CA LYS A 133 -12.79 -0.10 -6.83
C LYS A 133 -12.96 -0.28 -5.33
N VAL A 134 -13.29 -1.48 -4.90
CA VAL A 134 -13.50 -1.73 -3.47
C VAL A 134 -12.16 -1.70 -2.73
N GLY A 135 -11.13 -2.30 -3.32
CA GLY A 135 -9.81 -2.33 -2.70
C GLY A 135 -9.18 -0.94 -2.70
N LYS A 136 -9.24 -0.26 -3.84
CA LYS A 136 -8.68 1.08 -3.96
C LYS A 136 -9.42 2.07 -3.09
N GLU A 137 -10.75 2.07 -3.18
CA GLU A 137 -11.56 2.99 -2.38
C GLU A 137 -11.24 2.83 -0.90
N LYS A 138 -11.20 1.58 -0.45
CA LYS A 138 -10.88 1.29 0.95
C LYS A 138 -9.44 1.71 1.22
N ALA A 139 -8.52 1.20 0.42
CA ALA A 139 -7.11 1.51 0.55
C ALA A 139 -6.91 3.02 0.68
N HIS A 140 -7.57 3.78 -0.19
CA HIS A 140 -7.49 5.23 -0.15
C HIS A 140 -7.88 5.70 1.24
N GLY A 141 -8.87 5.04 1.82
CA GLY A 141 -9.34 5.37 3.16
C GLY A 141 -8.23 5.24 4.18
N LEU A 142 -7.45 4.18 4.06
CA LEU A 142 -6.35 3.92 4.98
C LEU A 142 -5.28 4.99 4.83
N PHE A 143 -5.12 5.49 3.61
CA PHE A 143 -4.17 6.56 3.37
C PHE A 143 -4.71 7.84 3.99
N LYS A 144 -6.03 7.84 4.22
CA LYS A 144 -6.73 8.95 4.81
C LYS A 144 -6.43 9.08 6.30
N LEU A 145 -6.51 7.96 7.00
CA LEU A 145 -6.26 7.97 8.44
C LEU A 145 -4.78 8.12 8.73
N ILE A 146 -3.94 7.37 8.00
CA ILE A 146 -2.51 7.48 8.20
C ILE A 146 -2.14 8.94 8.12
N GLU A 147 -2.59 9.60 7.05
CA GLU A 147 -2.34 11.02 6.89
C GLU A 147 -2.69 11.71 8.20
N SER A 148 -3.88 11.42 8.70
CA SER A 148 -4.35 11.98 9.97
C SER A 148 -3.32 11.77 11.07
N TYR A 149 -2.81 10.56 11.17
CA TYR A 149 -1.83 10.24 12.20
C TYR A 149 -0.58 11.11 12.13
N LEU A 150 -0.02 11.36 10.96
CA LEU A 150 1.21 12.17 10.88
C LEU A 150 0.95 13.61 11.26
N LYS A 151 -0.12 14.19 10.79
CA LYS A 151 -0.42 15.58 11.13
C LYS A 151 -0.57 15.69 12.64
N ASP A 152 -0.92 14.58 13.28
CA ASP A 152 -1.05 14.55 14.73
C ASP A 152 0.13 13.81 15.36
N HIS A 153 0.89 13.10 14.55
CA HIS A 153 2.03 12.31 14.97
C HIS A 153 2.99 12.12 13.81
N PRO A 154 3.62 13.19 13.35
CA PRO A 154 4.55 13.14 12.20
C PRO A 154 5.91 12.57 12.60
N ASP A 155 6.09 12.39 13.89
CA ASP A 155 7.33 11.87 14.45
C ASP A 155 7.29 10.35 14.55
N ALA A 156 6.25 9.70 14.03
CA ALA A 156 6.17 8.26 14.13
C ALA A 156 7.19 7.61 13.23
N TYR A 157 7.93 6.66 13.78
CA TYR A 157 8.89 5.93 12.97
C TYR A 157 10.01 6.83 12.46
N ASN A 158 10.06 8.06 12.96
CA ASN A 158 11.09 9.00 12.56
C ASN A 158 12.39 8.74 13.30
N GLY A 1 0.57 -5.11 -21.18
CA GLY A 1 -0.45 -6.11 -20.77
C GLY A 1 -1.02 -5.73 -19.41
N VAL A 2 -0.91 -4.46 -19.05
CA VAL A 2 -1.41 -3.98 -17.77
C VAL A 2 -2.19 -2.68 -17.94
N TYR A 3 -3.18 -2.47 -17.09
CA TYR A 3 -3.99 -1.26 -17.12
C TYR A 3 -3.48 -0.25 -16.08
N THR A 4 -2.88 0.83 -16.55
CA THR A 4 -2.37 1.86 -15.64
C THR A 4 -3.36 3.00 -15.49
N PHE A 5 -3.49 3.51 -14.26
CA PHE A 5 -4.39 4.61 -13.96
C PHE A 5 -3.76 5.54 -12.94
N GLU A 6 -3.67 6.82 -13.27
CA GLU A 6 -3.06 7.80 -12.39
C GLU A 6 -4.11 8.65 -11.68
N ASN A 7 -4.00 8.76 -10.36
CA ASN A 7 -4.94 9.55 -9.56
C ASN A 7 -4.19 10.48 -8.62
N GLU A 8 -4.89 11.38 -7.95
CA GLU A 8 -4.23 12.32 -7.04
C GLU A 8 -5.18 12.85 -5.97
N PHE A 9 -4.60 13.27 -4.84
CA PHE A 9 -5.37 13.82 -3.73
C PHE A 9 -4.50 14.76 -2.90
N THR A 10 -5.08 15.88 -2.45
CA THR A 10 -4.34 16.86 -1.66
C THR A 10 -4.50 16.62 -0.16
N SER A 11 -3.44 16.91 0.61
CA SER A 11 -3.46 16.74 2.05
C SER A 11 -2.86 17.95 2.73
N GLU A 12 -3.26 18.20 3.98
CA GLU A 12 -2.73 19.34 4.75
C GLU A 12 -1.62 18.88 5.67
N ILE A 13 -0.94 17.81 5.28
CA ILE A 13 0.14 17.24 6.07
C ILE A 13 1.45 17.26 5.29
N PRO A 14 2.51 17.85 5.84
CA PRO A 14 3.81 17.90 5.15
C PRO A 14 4.19 16.53 4.56
N PRO A 15 4.89 16.49 3.44
CA PRO A 15 5.29 15.21 2.80
C PRO A 15 6.14 14.35 3.72
N SER A 16 6.81 15.00 4.67
CA SER A 16 7.70 14.31 5.59
C SER A 16 6.95 13.40 6.55
N ARG A 17 5.75 13.77 6.98
CA ARG A 17 5.02 12.94 7.93
C ARG A 17 4.42 11.76 7.20
N LEU A 18 3.63 12.08 6.19
CA LEU A 18 2.98 11.08 5.39
C LEU A 18 4.02 10.08 4.90
N PHE A 19 5.15 10.61 4.45
CA PHE A 19 6.24 9.78 3.93
C PHE A 19 6.68 8.71 4.93
N LYS A 20 7.04 9.09 6.16
CA LYS A 20 7.47 8.07 7.12
C LYS A 20 6.28 7.25 7.54
N ALA A 21 5.12 7.87 7.43
CA ALA A 21 3.87 7.24 7.77
C ALA A 21 3.36 6.40 6.60
N PHE A 22 4.10 6.40 5.49
CA PHE A 22 3.72 5.64 4.30
C PHE A 22 4.74 4.56 3.94
N VAL A 23 5.89 4.54 4.63
CA VAL A 23 6.91 3.54 4.30
C VAL A 23 7.54 2.85 5.51
N LEU A 24 7.74 3.53 6.63
CA LEU A 24 8.43 2.90 7.77
C LEU A 24 7.44 2.17 8.67
N ASP A 25 6.43 2.87 9.15
CA ASP A 25 5.45 2.25 10.04
C ASP A 25 4.08 2.19 9.42
N ALA A 26 3.92 2.71 8.21
CA ALA A 26 2.63 2.69 7.53
C ALA A 26 1.95 1.34 7.64
N ASP A 27 2.75 0.29 7.50
CA ASP A 27 2.25 -1.08 7.58
C ASP A 27 2.20 -1.53 9.03
N ASN A 28 2.23 -0.57 9.92
CA ASN A 28 2.18 -0.76 11.37
C ASN A 28 1.29 0.32 11.96
N LEU A 29 0.93 1.28 11.10
CA LEU A 29 0.11 2.41 11.43
C LEU A 29 -1.35 2.11 11.10
N ILE A 30 -1.58 1.48 9.95
CA ILE A 30 -2.94 1.15 9.52
C ILE A 30 -3.68 0.36 10.59
N PRO A 31 -3.04 -0.60 11.24
CA PRO A 31 -3.70 -1.39 12.31
C PRO A 31 -4.06 -0.52 13.51
N LYS A 32 -3.31 0.57 13.69
CA LYS A 32 -3.52 1.49 14.80
C LYS A 32 -4.79 2.29 14.66
N ILE A 33 -4.93 2.89 13.50
CA ILE A 33 -6.04 3.76 13.18
C ILE A 33 -7.13 3.00 12.47
N ALA A 34 -6.75 2.04 11.65
CA ALA A 34 -7.68 1.26 10.86
C ALA A 34 -7.87 -0.15 11.40
N PRO A 35 -8.41 -0.27 12.59
CA PRO A 35 -8.72 -1.60 13.15
C PRO A 35 -9.95 -2.12 12.43
N GLN A 36 -10.72 -1.18 11.88
CA GLN A 36 -11.91 -1.49 11.12
C GLN A 36 -11.50 -2.04 9.76
N ALA A 37 -10.50 -1.40 9.15
CA ALA A 37 -10.02 -1.82 7.86
C ALA A 37 -9.19 -3.10 7.97
N ILE A 38 -7.92 -2.97 8.32
CA ILE A 38 -7.03 -4.12 8.45
C ILE A 38 -6.86 -4.50 9.91
N LYS A 39 -6.71 -5.80 10.16
CA LYS A 39 -6.53 -6.30 11.52
C LYS A 39 -5.10 -6.07 12.00
N GLN A 40 -4.13 -6.56 11.24
CA GLN A 40 -2.74 -6.39 11.60
C GLN A 40 -1.83 -6.91 10.51
N ALA A 41 -0.55 -6.57 10.58
CA ALA A 41 0.40 -7.01 9.59
C ALA A 41 1.83 -6.77 10.09
N GLU A 42 2.73 -7.68 9.75
CA GLU A 42 4.14 -7.56 10.16
C GLU A 42 5.05 -7.89 8.99
N ILE A 43 6.20 -7.23 8.92
CA ILE A 43 7.14 -7.47 7.82
C ILE A 43 7.92 -8.75 8.06
N LEU A 44 8.12 -9.50 6.99
CA LEU A 44 8.87 -10.74 7.04
C LEU A 44 10.34 -10.44 6.81
N GLU A 45 10.60 -9.53 5.89
CA GLU A 45 11.97 -9.14 5.59
C GLU A 45 12.05 -7.66 5.31
N GLY A 46 13.02 -6.98 5.90
CA GLY A 46 13.18 -5.55 5.72
C GLY A 46 12.34 -4.77 6.73
N ASN A 47 12.00 -3.54 6.40
CA ASN A 47 11.21 -2.69 7.29
C ASN A 47 10.22 -1.84 6.50
N GLY A 48 10.32 -1.90 5.17
CA GLY A 48 9.45 -1.13 4.30
C GLY A 48 10.19 -0.62 3.07
N GLY A 49 11.38 -1.17 2.80
CA GLY A 49 12.17 -0.74 1.66
C GLY A 49 12.25 -1.83 0.58
N PRO A 50 13.06 -1.61 -0.44
CA PRO A 50 13.23 -2.57 -1.55
C PRO A 50 13.79 -3.93 -1.10
N GLY A 51 13.10 -5.01 -1.46
CA GLY A 51 13.54 -6.35 -1.08
C GLY A 51 12.81 -6.80 0.16
N THR A 52 11.87 -5.97 0.56
CA THR A 52 11.07 -6.21 1.72
C THR A 52 9.78 -6.92 1.37
N ILE A 53 9.41 -7.90 2.19
CA ILE A 53 8.17 -8.64 2.00
C ILE A 53 7.28 -8.42 3.20
N LYS A 54 6.04 -8.04 2.96
CA LYS A 54 5.09 -7.81 4.04
C LYS A 54 3.94 -8.79 3.98
N LYS A 55 3.53 -9.30 5.14
CA LYS A 55 2.41 -10.23 5.23
C LYS A 55 1.30 -9.65 6.09
N ILE A 56 0.07 -9.61 5.57
CA ILE A 56 -1.05 -9.07 6.34
C ILE A 56 -1.84 -10.20 6.97
N THR A 57 -2.13 -10.08 8.25
CA THR A 57 -2.88 -11.10 8.97
C THR A 57 -4.31 -10.63 9.22
N PHE A 58 -5.29 -11.35 8.69
CA PHE A 58 -6.69 -11.01 8.87
C PHE A 58 -7.32 -11.86 9.97
N GLY A 59 -8.58 -11.57 10.29
CA GLY A 59 -9.28 -12.32 11.33
C GLY A 59 -9.44 -13.78 10.93
N GLU A 60 -9.38 -14.67 11.90
CA GLU A 60 -9.52 -16.10 11.65
C GLU A 60 -10.86 -16.40 11.00
N GLY A 61 -11.94 -15.94 11.63
CA GLY A 61 -13.29 -16.16 11.12
C GLY A 61 -13.71 -15.04 10.19
N SER A 62 -12.99 -14.87 9.09
CA SER A 62 -13.30 -13.82 8.12
C SER A 62 -13.11 -14.32 6.70
N GLN A 63 -13.46 -13.48 5.72
CA GLN A 63 -13.31 -13.85 4.33
C GLN A 63 -11.85 -14.15 3.99
N TYR A 64 -10.98 -13.19 4.25
CA TYR A 64 -9.55 -13.33 3.99
C TYR A 64 -8.84 -13.82 5.24
N GLY A 65 -7.68 -14.45 5.05
CA GLY A 65 -6.90 -14.96 6.17
C GLY A 65 -5.47 -14.44 6.14
N TYR A 66 -4.76 -14.72 5.06
CA TYR A 66 -3.37 -14.28 4.90
C TYR A 66 -3.10 -13.86 3.47
N VAL A 67 -2.12 -12.98 3.30
CA VAL A 67 -1.75 -12.49 1.97
C VAL A 67 -0.31 -11.99 1.97
N LYS A 68 0.37 -12.13 0.84
CA LYS A 68 1.76 -11.70 0.72
C LYS A 68 1.91 -10.45 -0.14
N HIS A 69 2.28 -9.33 0.49
CA HIS A 69 2.49 -8.07 -0.19
C HIS A 69 3.98 -7.85 -0.39
N ARG A 70 4.42 -7.72 -1.64
CA ARG A 70 5.83 -7.52 -1.93
C ARG A 70 6.13 -6.05 -2.27
N ILE A 71 6.92 -5.42 -1.43
CA ILE A 71 7.32 -4.03 -1.66
C ILE A 71 8.26 -3.98 -2.85
N ASP A 72 8.07 -3.03 -3.76
CA ASP A 72 8.89 -2.97 -4.96
C ASP A 72 10.05 -2.00 -4.84
N SER A 73 9.78 -0.72 -4.53
CA SER A 73 10.88 0.24 -4.45
C SER A 73 10.50 1.56 -3.78
N ILE A 74 11.43 2.10 -3.00
CA ILE A 74 11.27 3.40 -2.36
C ILE A 74 12.39 4.32 -2.77
N ASP A 75 12.04 5.53 -3.17
CA ASP A 75 13.04 6.51 -3.56
C ASP A 75 12.97 7.65 -2.58
N GLU A 76 13.71 7.54 -1.48
CA GLU A 76 13.72 8.58 -0.46
C GLU A 76 14.08 9.90 -1.10
N ALA A 77 14.89 9.82 -2.16
CA ALA A 77 15.26 11.00 -2.90
C ALA A 77 14.00 11.71 -3.39
N SER A 78 13.02 10.91 -3.79
CA SER A 78 11.75 11.42 -4.27
C SER A 78 10.62 11.19 -3.28
N TYR A 79 10.85 10.39 -2.25
CA TYR A 79 9.82 10.08 -1.27
C TYR A 79 8.67 9.35 -1.94
N SER A 80 9.01 8.37 -2.77
CA SER A 80 8.01 7.59 -3.48
C SER A 80 7.91 6.19 -2.88
N TYR A 81 6.72 5.61 -2.92
CA TYR A 81 6.48 4.28 -2.38
C TYR A 81 5.72 3.41 -3.38
N SER A 82 6.29 2.25 -3.69
CA SER A 82 5.65 1.33 -4.62
C SER A 82 5.66 -0.09 -4.06
N TYR A 83 4.56 -0.79 -4.22
CA TYR A 83 4.43 -2.15 -3.75
C TYR A 83 3.59 -2.96 -4.72
N THR A 84 3.70 -4.28 -4.66
CA THR A 84 2.97 -5.15 -5.57
C THR A 84 2.45 -6.37 -4.84
N LEU A 85 1.16 -6.64 -5.02
CA LEU A 85 0.55 -7.81 -4.41
C LEU A 85 0.93 -9.00 -5.27
N ILE A 86 1.62 -9.97 -4.69
CA ILE A 86 2.08 -11.11 -5.46
C ILE A 86 1.04 -12.24 -5.50
N GLU A 87 0.43 -12.55 -4.38
CA GLU A 87 -0.55 -13.62 -4.34
C GLU A 87 -1.49 -13.47 -3.16
N GLY A 88 -2.50 -14.32 -3.11
CA GLY A 88 -3.47 -14.32 -2.03
C GLY A 88 -4.82 -13.96 -2.57
N ASP A 89 -5.83 -13.94 -1.71
CA ASP A 89 -7.17 -13.57 -2.15
C ASP A 89 -7.13 -12.15 -2.66
N ALA A 90 -5.93 -11.55 -2.68
CA ALA A 90 -5.70 -10.23 -3.17
C ALA A 90 -5.84 -10.20 -4.68
N LEU A 91 -5.39 -11.27 -5.36
CA LEU A 91 -5.45 -11.36 -6.82
C LEU A 91 -6.45 -12.41 -7.23
N THR A 92 -7.31 -12.82 -6.32
CA THR A 92 -8.24 -13.90 -6.63
C THR A 92 -7.47 -15.09 -7.18
N ASP A 93 -7.94 -15.67 -8.29
CA ASP A 93 -7.25 -16.80 -8.92
C ASP A 93 -7.07 -16.60 -10.41
N THR A 94 -7.54 -15.48 -10.93
CA THR A 94 -7.47 -15.19 -12.37
C THR A 94 -6.40 -14.16 -12.71
N ILE A 95 -5.78 -13.55 -11.70
CA ILE A 95 -4.80 -12.50 -11.95
C ILE A 95 -3.36 -12.98 -11.86
N GLU A 96 -2.51 -12.29 -12.63
CA GLU A 96 -1.08 -12.54 -12.61
C GLU A 96 -0.43 -11.70 -11.53
N LYS A 97 -0.71 -10.38 -11.52
CA LYS A 97 -0.12 -9.49 -10.53
C LYS A 97 -0.72 -8.09 -10.59
N ILE A 98 -0.79 -7.43 -9.44
CA ILE A 98 -1.28 -6.04 -9.34
C ILE A 98 -0.19 -5.17 -8.72
N SER A 99 0.11 -4.04 -9.34
CA SER A 99 1.15 -3.12 -8.87
C SER A 99 0.58 -1.75 -8.55
N TYR A 100 1.15 -1.08 -7.55
CA TYR A 100 0.68 0.25 -7.15
C TYR A 100 1.86 1.18 -6.89
N GLU A 101 1.73 2.44 -7.29
CA GLU A 101 2.79 3.43 -7.09
C GLU A 101 2.24 4.68 -6.41
N THR A 102 2.94 5.19 -5.42
CA THR A 102 2.51 6.39 -4.70
C THR A 102 3.67 7.35 -4.59
N LYS A 103 3.43 8.60 -4.92
CA LYS A 103 4.48 9.62 -4.86
C LYS A 103 4.06 10.73 -3.91
N LEU A 104 4.97 11.13 -3.04
CA LEU A 104 4.68 12.20 -2.08
C LEU A 104 5.20 13.53 -2.61
N VAL A 105 4.31 14.51 -2.71
CA VAL A 105 4.68 15.82 -3.21
C VAL A 105 4.02 16.90 -2.39
N ALA A 106 4.74 17.96 -2.05
CA ALA A 106 4.15 19.04 -1.30
C ALA A 106 3.22 19.86 -2.21
N CYS A 107 2.08 20.28 -1.68
CA CYS A 107 1.12 21.07 -2.42
C CYS A 107 0.87 22.40 -1.74
N GLY A 108 0.16 23.30 -2.42
CA GLY A 108 -0.14 24.60 -1.88
C GLY A 108 -0.82 24.51 -0.51
N SER A 109 -1.71 23.52 -0.32
CA SER A 109 -2.45 23.29 0.93
C SER A 109 -1.68 22.39 1.94
N GLY A 110 -0.58 21.77 1.50
CA GLY A 110 0.22 20.82 2.27
C GLY A 110 1.07 19.90 1.38
N SER A 111 0.52 18.77 0.90
CA SER A 111 1.15 17.77 0.04
C SER A 111 0.11 16.96 -0.71
N THR A 112 0.28 16.86 -2.02
CA THR A 112 -0.60 16.09 -2.86
C THR A 112 0.03 14.74 -3.15
N ILE A 113 -0.77 13.70 -3.03
CA ILE A 113 -0.29 12.36 -3.24
C ILE A 113 -0.85 11.79 -4.53
N LYS A 114 0.03 11.25 -5.37
CA LYS A 114 -0.37 10.66 -6.63
C LYS A 114 -0.29 9.15 -6.51
N SER A 115 -1.43 8.48 -6.64
CA SER A 115 -1.49 7.03 -6.52
C SER A 115 -1.79 6.39 -7.86
N ILE A 116 -0.91 5.52 -8.30
CA ILE A 116 -1.03 4.86 -9.59
C ILE A 116 -1.45 3.43 -9.41
N SER A 117 -2.40 3.02 -10.22
CA SER A 117 -2.87 1.64 -10.20
C SER A 117 -2.25 0.90 -11.36
N HIS A 118 -1.87 -0.36 -11.15
CA HIS A 118 -1.24 -1.15 -12.19
C HIS A 118 -1.84 -2.54 -12.20
N TYR A 119 -2.86 -2.75 -13.02
CA TYR A 119 -3.50 -4.05 -13.12
C TYR A 119 -2.83 -4.88 -14.19
N HIS A 120 -1.98 -5.81 -13.79
CA HIS A 120 -1.29 -6.67 -14.73
C HIS A 120 -2.10 -7.93 -14.95
N THR A 121 -2.78 -8.00 -16.08
CA THR A 121 -3.64 -9.13 -16.41
C THR A 121 -2.86 -10.21 -17.14
N LYS A 122 -3.41 -11.42 -17.13
CA LYS A 122 -2.79 -12.56 -17.82
C LYS A 122 -3.65 -13.00 -18.99
N GLY A 123 -3.01 -13.40 -20.08
CA GLY A 123 -3.73 -13.84 -21.26
C GLY A 123 -4.76 -12.80 -21.67
N ASN A 124 -6.04 -13.12 -21.50
CA ASN A 124 -7.12 -12.21 -21.84
C ASN A 124 -7.91 -11.83 -20.60
N ILE A 125 -7.54 -12.41 -19.46
CA ILE A 125 -8.22 -12.14 -18.20
C ILE A 125 -8.36 -10.64 -17.97
N GLU A 126 -9.26 -10.27 -17.06
CA GLU A 126 -9.50 -8.87 -16.75
C GLU A 126 -9.90 -8.69 -15.30
N ILE A 127 -9.58 -7.54 -14.73
CA ILE A 127 -9.92 -7.24 -13.33
C ILE A 127 -11.31 -6.64 -13.29
N LYS A 128 -12.19 -7.25 -12.50
CA LYS A 128 -13.57 -6.77 -12.40
C LYS A 128 -13.64 -5.49 -11.58
N GLU A 129 -14.76 -4.78 -11.70
CA GLU A 129 -14.97 -3.55 -10.97
C GLU A 129 -15.14 -3.83 -9.48
N GLU A 130 -15.95 -4.83 -9.16
CA GLU A 130 -16.18 -5.20 -7.76
C GLU A 130 -14.88 -5.61 -7.10
N HIS A 131 -13.91 -6.07 -7.89
CA HIS A 131 -12.63 -6.50 -7.37
C HIS A 131 -11.79 -5.31 -6.94
N VAL A 132 -11.63 -4.35 -7.84
CA VAL A 132 -10.84 -3.16 -7.56
C VAL A 132 -11.60 -2.19 -6.68
N LYS A 133 -12.92 -2.19 -6.77
CA LYS A 133 -13.75 -1.28 -5.99
C LYS A 133 -13.68 -1.63 -4.51
N VAL A 134 -13.81 -2.91 -4.18
CA VAL A 134 -13.76 -3.34 -2.78
C VAL A 134 -12.36 -3.19 -2.22
N GLY A 135 -11.35 -3.57 -3.01
CA GLY A 135 -9.96 -3.47 -2.57
C GLY A 135 -9.52 -2.01 -2.49
N LYS A 136 -9.88 -1.23 -3.51
CA LYS A 136 -9.52 0.18 -3.55
C LYS A 136 -10.24 0.96 -2.47
N GLU A 137 -11.54 0.74 -2.31
CA GLU A 137 -12.30 1.44 -1.30
C GLU A 137 -11.65 1.24 0.07
N LYS A 138 -11.26 0.01 0.35
CA LYS A 138 -10.60 -0.31 1.62
C LYS A 138 -9.22 0.30 1.66
N ALA A 139 -8.41 -0.03 0.66
CA ALA A 139 -7.05 0.50 0.55
C ALA A 139 -7.04 2.01 0.71
N HIS A 140 -8.01 2.67 0.09
CA HIS A 140 -8.15 4.10 0.19
C HIS A 140 -8.45 4.48 1.62
N GLY A 141 -9.24 3.63 2.27
CA GLY A 141 -9.62 3.84 3.66
C GLY A 141 -8.39 3.88 4.56
N LEU A 142 -7.41 3.05 4.25
CA LEU A 142 -6.18 2.99 5.04
C LEU A 142 -5.42 4.29 4.87
N PHE A 143 -5.26 4.72 3.63
CA PHE A 143 -4.58 5.99 3.35
C PHE A 143 -5.32 7.10 4.06
N LYS A 144 -6.59 6.85 4.37
CA LYS A 144 -7.43 7.80 5.06
C LYS A 144 -7.09 7.81 6.55
N LEU A 145 -6.80 6.63 7.08
CA LEU A 145 -6.46 6.50 8.48
C LEU A 145 -5.14 7.20 8.74
N ILE A 146 -4.13 6.78 8.01
CA ILE A 146 -2.78 7.31 8.17
C ILE A 146 -2.80 8.82 8.05
N GLU A 147 -3.41 9.35 6.99
CA GLU A 147 -3.47 10.80 6.83
C GLU A 147 -3.91 11.45 8.14
N SER A 148 -5.05 11.01 8.67
CA SER A 148 -5.56 11.54 9.92
C SER A 148 -4.52 11.46 11.03
N TYR A 149 -3.83 10.33 11.11
CA TYR A 149 -2.84 10.11 12.15
C TYR A 149 -1.72 11.13 12.13
N LEU A 150 -1.14 11.47 10.99
CA LEU A 150 -0.03 12.43 10.99
C LEU A 150 -0.49 13.81 11.37
N LYS A 151 -1.63 14.24 10.88
CA LYS A 151 -2.12 15.57 11.24
C LYS A 151 -2.34 15.62 12.74
N ASP A 152 -2.55 14.46 13.35
CA ASP A 152 -2.74 14.37 14.80
C ASP A 152 -1.50 13.78 15.46
N HIS A 153 -0.62 13.19 14.70
CA HIS A 153 0.60 12.56 15.14
C HIS A 153 1.61 12.50 14.01
N PRO A 154 2.11 13.65 13.59
CA PRO A 154 3.06 13.74 12.46
C PRO A 154 4.49 13.42 12.89
N ASP A 155 4.66 13.23 14.19
CA ASP A 155 5.95 12.93 14.78
C ASP A 155 6.21 11.43 14.85
N ALA A 156 5.32 10.61 14.29
CA ALA A 156 5.53 9.18 14.36
C ALA A 156 6.64 8.76 13.43
N TYR A 157 7.56 7.97 13.94
CA TYR A 157 8.64 7.48 13.11
C TYR A 157 9.54 8.61 12.61
N ASN A 158 9.33 9.81 13.15
CA ASN A 158 10.13 10.96 12.75
C ASN A 158 11.48 10.94 13.44
N GLY A 1 0.99 -6.70 -20.93
CA GLY A 1 0.21 -7.79 -20.29
C GLY A 1 -0.40 -7.31 -18.99
N VAL A 2 -0.23 -6.03 -18.70
CA VAL A 2 -0.77 -5.45 -17.47
C VAL A 2 -1.45 -4.12 -17.75
N TYR A 3 -2.47 -3.81 -16.97
CA TYR A 3 -3.20 -2.55 -17.09
C TYR A 3 -2.68 -1.54 -16.07
N THR A 4 -1.99 -0.50 -16.54
CA THR A 4 -1.47 0.52 -15.63
C THR A 4 -2.41 1.72 -15.57
N PHE A 5 -2.59 2.25 -14.37
CA PHE A 5 -3.44 3.41 -14.16
C PHE A 5 -2.84 4.32 -13.10
N GLU A 6 -2.77 5.62 -13.38
CA GLU A 6 -2.20 6.58 -12.44
C GLU A 6 -3.30 7.36 -11.72
N ASN A 7 -3.13 7.54 -10.42
CA ASN A 7 -4.09 8.26 -9.59
C ASN A 7 -3.40 9.36 -8.81
N GLU A 8 -4.16 10.26 -8.20
CA GLU A 8 -3.59 11.39 -7.45
C GLU A 8 -4.50 11.80 -6.28
N PHE A 9 -3.87 12.26 -5.20
CA PHE A 9 -4.59 12.71 -4.01
C PHE A 9 -3.74 13.70 -3.23
N THR A 10 -4.34 14.80 -2.77
CA THR A 10 -3.59 15.83 -2.02
C THR A 10 -3.83 15.73 -0.52
N SER A 11 -2.79 16.04 0.26
CA SER A 11 -2.87 16.01 1.72
C SER A 11 -2.12 17.19 2.31
N GLU A 12 -2.51 17.60 3.52
CA GLU A 12 -1.88 18.73 4.19
C GLU A 12 -0.79 18.24 5.14
N ILE A 13 -0.21 17.09 4.83
CA ILE A 13 0.83 16.49 5.64
C ILE A 13 2.17 16.49 4.89
N PRO A 14 3.23 17.05 5.48
CA PRO A 14 4.55 17.05 4.83
C PRO A 14 4.91 15.68 4.25
N PRO A 15 5.57 15.62 3.10
CA PRO A 15 5.94 14.33 2.46
C PRO A 15 6.77 13.43 3.38
N SER A 16 7.48 14.03 4.32
CA SER A 16 8.34 13.28 5.24
C SER A 16 7.55 12.46 6.24
N ARG A 17 6.36 12.90 6.65
CA ARG A 17 5.58 12.14 7.62
C ARG A 17 4.96 10.96 6.93
N LEU A 18 4.22 11.26 5.88
CA LEU A 18 3.57 10.24 5.10
C LEU A 18 4.62 9.23 4.65
N PHE A 19 5.80 9.73 4.32
CA PHE A 19 6.90 8.89 3.88
C PHE A 19 7.20 7.76 4.86
N LYS A 20 7.52 8.09 6.11
CA LYS A 20 7.80 7.02 7.07
C LYS A 20 6.52 6.27 7.33
N ALA A 21 5.46 7.04 7.48
CA ALA A 21 4.14 6.52 7.71
C ALA A 21 3.66 5.69 6.51
N PHE A 22 4.47 5.61 5.44
CA PHE A 22 4.12 4.87 4.24
C PHE A 22 5.07 3.72 3.97
N VAL A 23 6.20 3.63 4.69
CA VAL A 23 7.15 2.54 4.44
C VAL A 23 7.64 1.84 5.71
N LEU A 24 8.11 2.60 6.69
CA LEU A 24 8.67 1.99 7.90
C LEU A 24 7.66 1.90 9.04
N ASP A 25 6.73 2.83 9.14
CA ASP A 25 5.76 2.81 10.23
C ASP A 25 4.35 2.58 9.71
N ALA A 26 4.17 2.53 8.39
CA ALA A 26 2.85 2.34 7.81
C ALA A 26 2.28 0.97 8.12
N ASP A 27 3.14 -0.04 8.01
CA ASP A 27 2.72 -1.42 8.26
C ASP A 27 2.80 -1.72 9.75
N ASN A 28 2.96 -0.67 10.54
CA ASN A 28 2.98 -0.75 11.98
C ASN A 28 2.01 0.29 12.51
N LEU A 29 1.55 1.11 11.59
CA LEU A 29 0.63 2.19 11.84
C LEU A 29 -0.79 1.74 11.54
N ILE A 30 -0.93 0.89 10.52
CA ILE A 30 -2.22 0.38 10.11
C ILE A 30 -2.98 -0.25 11.28
N PRO A 31 -2.40 -1.22 11.97
CA PRO A 31 -3.06 -1.86 13.13
C PRO A 31 -3.35 -0.87 14.26
N LYS A 32 -2.56 0.20 14.32
CA LYS A 32 -2.68 1.21 15.36
C LYS A 32 -3.99 1.98 15.24
N ILE A 33 -4.17 2.60 14.10
CA ILE A 33 -5.30 3.44 13.81
C ILE A 33 -6.40 2.67 13.11
N ALA A 34 -6.01 1.72 12.26
CA ALA A 34 -6.97 0.93 11.50
C ALA A 34 -7.12 -0.48 12.03
N PRO A 35 -7.63 -0.62 13.25
CA PRO A 35 -7.91 -1.95 13.82
C PRO A 35 -9.18 -2.48 13.18
N GLN A 36 -10.03 -1.53 12.76
CA GLN A 36 -11.27 -1.85 12.09
C GLN A 36 -10.98 -2.33 10.68
N ALA A 37 -10.06 -1.64 10.02
CA ALA A 37 -9.69 -1.98 8.66
C ALA A 37 -8.92 -3.30 8.62
N ILE A 38 -7.62 -3.24 8.93
CA ILE A 38 -6.76 -4.43 8.93
C ILE A 38 -6.58 -4.96 10.33
N LYS A 39 -6.44 -6.29 10.44
CA LYS A 39 -6.27 -6.92 11.75
C LYS A 39 -4.85 -6.74 12.26
N GLN A 40 -3.85 -7.11 11.46
CA GLN A 40 -2.46 -6.96 11.90
C GLN A 40 -1.51 -7.38 10.79
N ALA A 41 -0.24 -7.04 10.95
CA ALA A 41 0.76 -7.39 9.97
C ALA A 41 2.16 -7.20 10.55
N GLU A 42 3.07 -8.07 10.16
CA GLU A 42 4.45 -8.00 10.65
C GLU A 42 5.43 -8.36 9.52
N ILE A 43 6.58 -7.71 9.51
CA ILE A 43 7.56 -7.96 8.47
C ILE A 43 8.30 -9.25 8.74
N LEU A 44 8.54 -10.00 7.67
CA LEU A 44 9.28 -11.24 7.76
C LEU A 44 10.76 -10.95 7.59
N GLU A 45 11.08 -10.03 6.68
CA GLU A 45 12.46 -9.67 6.43
C GLU A 45 12.55 -8.21 6.02
N GLY A 46 13.50 -7.48 6.60
CA GLY A 46 13.69 -6.08 6.28
C GLY A 46 12.91 -5.16 7.21
N ASN A 47 12.62 -3.95 6.75
CA ASN A 47 11.89 -2.96 7.52
C ASN A 47 10.85 -2.24 6.66
N GLY A 48 10.74 -2.66 5.41
CA GLY A 48 9.83 -2.05 4.45
C GLY A 48 10.58 -1.54 3.23
N GLY A 49 11.81 -2.01 3.05
CA GLY A 49 12.65 -1.60 1.93
C GLY A 49 12.84 -2.71 0.93
N PRO A 50 13.71 -2.51 -0.04
CA PRO A 50 13.99 -3.52 -1.10
C PRO A 50 14.55 -4.82 -0.53
N GLY A 51 13.90 -5.94 -0.85
CA GLY A 51 14.35 -7.26 -0.38
C GLY A 51 13.59 -7.64 0.86
N THR A 52 12.62 -6.80 1.19
CA THR A 52 11.80 -6.98 2.35
C THR A 52 10.53 -7.73 1.98
N ILE A 53 10.11 -8.65 2.86
CA ILE A 53 8.89 -9.41 2.67
C ILE A 53 7.93 -9.10 3.80
N LYS A 54 6.69 -8.82 3.45
CA LYS A 54 5.66 -8.52 4.44
C LYS A 54 4.58 -9.58 4.45
N LYS A 55 4.15 -9.95 5.64
CA LYS A 55 3.07 -10.93 5.83
C LYS A 55 1.89 -10.31 6.57
N ILE A 56 0.70 -10.32 5.97
CA ILE A 56 -0.48 -9.78 6.66
C ILE A 56 -1.37 -10.90 7.14
N THR A 57 -1.85 -10.78 8.37
CA THR A 57 -2.72 -11.79 8.96
C THR A 57 -4.12 -11.21 9.20
N PHE A 58 -5.11 -11.80 8.56
CA PHE A 58 -6.50 -11.35 8.71
C PHE A 58 -7.22 -12.18 9.76
N GLY A 59 -8.52 -11.90 9.94
CA GLY A 59 -9.32 -12.63 10.91
C GLY A 59 -9.37 -14.12 10.57
N GLU A 60 -9.40 -14.95 11.59
CA GLU A 60 -9.44 -16.40 11.40
C GLU A 60 -10.69 -16.79 10.63
N GLY A 61 -11.85 -16.36 11.11
CA GLY A 61 -13.12 -16.67 10.46
C GLY A 61 -13.48 -15.60 9.44
N SER A 62 -12.63 -15.43 8.43
CA SER A 62 -12.86 -14.43 7.39
C SER A 62 -12.51 -14.98 6.02
N GLN A 63 -12.77 -14.20 4.97
CA GLN A 63 -12.44 -14.63 3.62
C GLN A 63 -10.95 -14.85 3.45
N TYR A 64 -10.17 -13.85 3.83
CA TYR A 64 -8.71 -13.92 3.72
C TYR A 64 -8.10 -14.31 5.07
N GLY A 65 -7.06 -15.12 5.03
CA GLY A 65 -6.37 -15.56 6.25
C GLY A 65 -4.92 -15.11 6.25
N TYR A 66 -4.19 -15.47 5.21
CA TYR A 66 -2.79 -15.11 5.07
C TYR A 66 -2.49 -14.62 3.66
N VAL A 67 -1.50 -13.74 3.53
CA VAL A 67 -1.13 -13.20 2.23
C VAL A 67 0.31 -12.71 2.24
N LYS A 68 0.99 -12.83 1.10
CA LYS A 68 2.39 -12.42 0.98
C LYS A 68 2.53 -11.11 0.19
N HIS A 69 2.87 -10.03 0.89
CA HIS A 69 3.08 -8.73 0.29
C HIS A 69 4.57 -8.39 0.36
N ARG A 70 5.24 -8.33 -0.79
CA ARG A 70 6.67 -8.05 -0.83
C ARG A 70 6.96 -6.65 -1.36
N ILE A 71 7.83 -5.93 -0.66
CA ILE A 71 8.24 -4.59 -1.08
C ILE A 71 9.10 -4.71 -2.33
N ASP A 72 8.92 -3.81 -3.28
CA ASP A 72 9.70 -3.87 -4.51
C ASP A 72 10.89 -2.92 -4.46
N SER A 73 10.64 -1.64 -4.19
CA SER A 73 11.74 -0.67 -4.14
C SER A 73 11.34 0.64 -3.47
N ILE A 74 12.25 1.21 -2.69
CA ILE A 74 12.02 2.49 -2.03
C ILE A 74 13.16 3.43 -2.34
N ASP A 75 12.82 4.64 -2.76
CA ASP A 75 13.82 5.65 -3.04
C ASP A 75 13.63 6.78 -2.07
N GLU A 76 14.29 6.68 -0.92
CA GLU A 76 14.16 7.71 0.11
C GLU A 76 14.53 9.06 -0.49
N ALA A 77 15.41 9.02 -1.48
CA ALA A 77 15.80 10.22 -2.18
C ALA A 77 14.56 10.87 -2.77
N SER A 78 13.66 10.02 -3.26
CA SER A 78 12.41 10.48 -3.86
C SER A 78 11.22 10.20 -2.97
N TYR A 79 11.39 9.42 -1.92
CA TYR A 79 10.32 9.05 -1.03
C TYR A 79 9.24 8.31 -1.78
N SER A 80 9.66 7.33 -2.58
CA SER A 80 8.73 6.52 -3.37
C SER A 80 8.61 5.13 -2.75
N TYR A 81 7.41 4.56 -2.84
CA TYR A 81 7.17 3.23 -2.29
C TYR A 81 6.45 2.35 -3.31
N SER A 82 7.07 1.22 -3.62
CA SER A 82 6.50 0.27 -4.58
C SER A 82 6.53 -1.14 -4.01
N TYR A 83 5.46 -1.89 -4.22
CA TYR A 83 5.36 -3.25 -3.73
C TYR A 83 4.53 -4.09 -4.68
N THR A 84 4.64 -5.41 -4.57
CA THR A 84 3.90 -6.30 -5.44
C THR A 84 3.36 -7.50 -4.68
N LEU A 85 2.14 -7.90 -5.01
CA LEU A 85 1.49 -9.04 -4.39
C LEU A 85 1.98 -10.31 -5.06
N ILE A 86 2.71 -11.14 -4.33
CA ILE A 86 3.24 -12.38 -4.90
C ILE A 86 2.23 -13.52 -4.82
N GLU A 87 1.55 -13.65 -3.70
CA GLU A 87 0.59 -14.73 -3.52
C GLU A 87 -0.49 -14.35 -2.52
N GLY A 88 -1.50 -15.20 -2.40
CA GLY A 88 -2.59 -14.96 -1.48
C GLY A 88 -3.89 -14.82 -2.23
N ASP A 89 -5.00 -14.66 -1.51
CA ASP A 89 -6.29 -14.47 -2.17
C ASP A 89 -6.22 -13.19 -2.99
N ALA A 90 -5.04 -12.58 -2.97
CA ALA A 90 -4.73 -11.37 -3.69
C ALA A 90 -4.76 -11.63 -5.19
N LEU A 91 -4.37 -12.83 -5.60
CA LEU A 91 -4.30 -13.23 -7.00
C LEU A 91 -5.37 -14.23 -7.30
N THR A 92 -6.34 -14.39 -6.40
CA THR A 92 -7.38 -15.37 -6.62
C THR A 92 -6.75 -16.68 -7.10
N ASP A 93 -7.20 -17.21 -8.22
CA ASP A 93 -6.64 -18.42 -8.80
C ASP A 93 -6.35 -18.23 -10.28
N THR A 94 -6.86 -17.15 -10.85
CA THR A 94 -6.70 -16.85 -12.27
C THR A 94 -5.69 -15.73 -12.53
N ILE A 95 -5.18 -15.11 -11.47
CA ILE A 95 -4.26 -13.98 -11.65
C ILE A 95 -2.81 -14.35 -11.54
N GLU A 96 -2.00 -13.57 -12.23
CA GLU A 96 -0.56 -13.74 -12.23
C GLU A 96 0.05 -12.93 -11.09
N LYS A 97 -0.14 -11.60 -11.12
CA LYS A 97 0.42 -10.75 -10.11
C LYS A 97 -0.18 -9.35 -10.18
N ILE A 98 -0.27 -8.68 -9.03
CA ILE A 98 -0.80 -7.32 -8.97
C ILE A 98 0.25 -6.41 -8.33
N SER A 99 0.59 -5.33 -9.01
CA SER A 99 1.60 -4.38 -8.53
C SER A 99 0.99 -3.01 -8.24
N TYR A 100 1.49 -2.36 -7.20
CA TYR A 100 1.02 -1.04 -6.82
C TYR A 100 2.19 -0.12 -6.48
N GLU A 101 2.17 1.11 -7.01
CA GLU A 101 3.26 2.05 -6.77
C GLU A 101 2.72 3.40 -6.30
N THR A 102 3.34 3.97 -5.28
CA THR A 102 2.90 5.24 -4.72
C THR A 102 4.12 6.14 -4.54
N LYS A 103 4.01 7.38 -5.00
CA LYS A 103 5.12 8.33 -4.88
C LYS A 103 4.70 9.54 -4.06
N LEU A 104 5.60 10.00 -3.20
CA LEU A 104 5.31 11.15 -2.34
C LEU A 104 5.87 12.42 -2.95
N VAL A 105 5.03 13.43 -3.14
CA VAL A 105 5.46 14.69 -3.72
C VAL A 105 4.84 15.84 -2.96
N ALA A 106 5.65 16.81 -2.57
CA ALA A 106 5.13 17.97 -1.86
C ALA A 106 4.39 18.91 -2.82
N CYS A 107 3.22 19.39 -2.40
CA CYS A 107 2.42 20.30 -3.21
C CYS A 107 2.19 21.60 -2.45
N GLY A 108 1.63 22.60 -3.13
CA GLY A 108 1.37 23.89 -2.51
C GLY A 108 0.53 23.75 -1.23
N SER A 109 -0.39 22.77 -1.16
CA SER A 109 -1.25 22.49 -0.01
C SER A 109 -0.60 21.62 1.08
N GLY A 110 0.55 21.00 0.79
CA GLY A 110 1.22 19.97 1.59
C GLY A 110 2.02 18.99 0.70
N SER A 111 1.41 17.91 0.23
CA SER A 111 2.01 16.90 -0.63
C SER A 111 0.95 16.08 -1.32
N THR A 112 1.10 15.91 -2.63
CA THR A 112 0.18 15.13 -3.43
C THR A 112 0.78 13.75 -3.64
N ILE A 113 -0.04 12.74 -3.44
CA ILE A 113 0.38 11.36 -3.59
C ILE A 113 -0.18 10.78 -4.86
N LYS A 114 0.70 10.18 -5.65
CA LYS A 114 0.30 9.55 -6.90
C LYS A 114 0.31 8.05 -6.70
N SER A 115 -0.85 7.43 -6.84
CA SER A 115 -0.95 5.98 -6.64
C SER A 115 -1.22 5.27 -7.96
N ILE A 116 -0.29 4.42 -8.35
CA ILE A 116 -0.35 3.69 -9.60
C ILE A 116 -0.87 2.30 -9.36
N SER A 117 -1.77 1.88 -10.24
CA SER A 117 -2.35 0.55 -10.18
C SER A 117 -1.69 -0.31 -11.25
N HIS A 118 -1.41 -1.58 -10.96
CA HIS A 118 -0.77 -2.46 -11.92
C HIS A 118 -1.43 -3.82 -11.94
N TYR A 119 -2.39 -4.02 -12.83
CA TYR A 119 -3.07 -5.30 -12.93
C TYR A 119 -2.38 -6.18 -13.95
N HIS A 120 -1.55 -7.12 -13.49
CA HIS A 120 -0.85 -8.01 -14.39
C HIS A 120 -1.67 -9.28 -14.56
N THR A 121 -2.37 -9.36 -15.69
CA THR A 121 -3.24 -10.48 -15.97
C THR A 121 -2.58 -11.51 -16.86
N LYS A 122 -3.21 -12.66 -16.96
CA LYS A 122 -2.71 -13.77 -17.79
C LYS A 122 -3.63 -13.98 -18.98
N GLY A 123 -3.09 -14.52 -20.07
CA GLY A 123 -3.88 -14.77 -21.27
C GLY A 123 -4.97 -13.73 -21.45
N ASN A 124 -6.22 -14.12 -21.24
CA ASN A 124 -7.35 -13.20 -21.36
C ASN A 124 -7.91 -12.82 -19.99
N ILE A 125 -7.37 -13.42 -18.94
CA ILE A 125 -7.82 -13.14 -17.58
C ILE A 125 -7.89 -11.63 -17.36
N GLU A 126 -8.76 -11.22 -16.45
CA GLU A 126 -8.93 -9.81 -16.13
C GLU A 126 -9.34 -9.60 -14.67
N ILE A 127 -8.92 -8.48 -14.09
CA ILE A 127 -9.27 -8.17 -12.71
C ILE A 127 -10.61 -7.44 -12.69
N LYS A 128 -11.57 -7.95 -11.93
CA LYS A 128 -12.90 -7.35 -11.89
C LYS A 128 -12.90 -6.08 -11.05
N GLU A 129 -13.92 -5.24 -11.29
CA GLU A 129 -14.08 -3.99 -10.56
C GLU A 129 -14.50 -4.25 -9.12
N GLU A 130 -15.31 -5.28 -8.92
CA GLU A 130 -15.79 -5.61 -7.59
C GLU A 130 -14.65 -6.10 -6.71
N HIS A 131 -13.69 -6.81 -7.31
CA HIS A 131 -12.56 -7.33 -6.57
C HIS A 131 -11.66 -6.21 -6.10
N VAL A 132 -11.31 -5.30 -7.00
CA VAL A 132 -10.44 -4.18 -6.66
C VAL A 132 -11.20 -3.15 -5.82
N LYS A 133 -12.53 -3.15 -5.90
CA LYS A 133 -13.32 -2.20 -5.14
C LYS A 133 -13.21 -2.49 -3.65
N VAL A 134 -13.35 -3.75 -3.26
CA VAL A 134 -13.25 -4.12 -1.84
C VAL A 134 -11.83 -3.98 -1.36
N GLY A 135 -10.87 -4.47 -2.14
CA GLY A 135 -9.46 -4.38 -1.76
C GLY A 135 -8.97 -2.94 -1.73
N LYS A 136 -9.29 -2.19 -2.78
CA LYS A 136 -8.89 -0.79 -2.86
C LYS A 136 -9.62 0.03 -1.81
N GLU A 137 -10.92 -0.16 -1.70
CA GLU A 137 -11.71 0.58 -0.70
C GLU A 137 -11.09 0.40 0.68
N LYS A 138 -10.63 -0.82 0.97
CA LYS A 138 -9.99 -1.09 2.25
C LYS A 138 -8.65 -0.38 2.30
N ALA A 139 -7.82 -0.63 1.30
CA ALA A 139 -6.50 0.01 1.22
C ALA A 139 -6.63 1.51 1.42
N HIS A 140 -7.65 2.09 0.82
CA HIS A 140 -7.92 3.50 0.96
C HIS A 140 -8.27 3.81 2.41
N GLY A 141 -8.97 2.88 3.03
CA GLY A 141 -9.37 3.01 4.42
C GLY A 141 -8.17 3.12 5.33
N LEU A 142 -7.15 2.32 5.07
CA LEU A 142 -5.94 2.34 5.88
C LEU A 142 -5.18 3.63 5.61
N PHE A 143 -5.15 4.04 4.35
CA PHE A 143 -4.49 5.28 3.98
C PHE A 143 -5.20 6.43 4.69
N LYS A 144 -6.48 6.24 4.97
CA LYS A 144 -7.28 7.23 5.67
C LYS A 144 -6.82 7.33 7.12
N LEU A 145 -6.54 6.18 7.72
CA LEU A 145 -6.09 6.15 9.10
C LEU A 145 -4.74 6.83 9.21
N ILE A 146 -3.79 6.34 8.43
CA ILE A 146 -2.43 6.86 8.45
C ILE A 146 -2.41 8.35 8.22
N GLU A 147 -3.07 8.82 7.16
CA GLU A 147 -3.09 10.24 6.88
C GLU A 147 -3.43 11.02 8.15
N SER A 148 -4.57 10.71 8.75
CA SER A 148 -5.00 11.36 9.99
C SER A 148 -3.91 11.29 11.05
N TYR A 149 -3.30 10.12 11.18
CA TYR A 149 -2.26 9.90 12.18
C TYR A 149 -1.10 10.89 12.09
N LEU A 150 -0.54 11.14 10.91
CA LEU A 150 0.60 12.06 10.81
C LEU A 150 0.21 13.49 11.10
N LYS A 151 -0.92 13.93 10.58
CA LYS A 151 -1.35 15.30 10.82
C LYS A 151 -1.59 15.49 12.31
N ASP A 152 -1.86 14.39 13.01
CA ASP A 152 -2.08 14.44 14.44
C ASP A 152 -0.89 13.84 15.19
N HIS A 153 -0.03 13.16 14.46
CA HIS A 153 1.14 12.49 14.98
C HIS A 153 2.18 12.36 13.89
N PRO A 154 2.73 13.47 13.43
CA PRO A 154 3.72 13.49 12.33
C PRO A 154 5.07 13.00 12.81
N ASP A 155 5.19 12.73 14.09
CA ASP A 155 6.42 12.28 14.69
C ASP A 155 6.64 10.77 14.49
N ALA A 156 5.78 10.09 13.74
CA ALA A 156 5.95 8.65 13.57
C ALA A 156 7.38 8.30 13.15
N TYR A 157 7.98 7.35 13.86
CA TYR A 157 9.33 6.89 13.57
C TYR A 157 10.34 8.02 13.56
N ASN A 158 9.91 9.22 13.93
CA ASN A 158 10.78 10.38 13.95
C ASN A 158 11.79 10.25 15.08
N GLY A 1 1.91 -7.07 -21.35
CA GLY A 1 0.70 -7.86 -20.99
C GLY A 1 0.12 -7.37 -19.68
N VAL A 2 0.33 -6.09 -19.38
CA VAL A 2 -0.17 -5.50 -18.14
C VAL A 2 -0.80 -4.15 -18.41
N TYR A 3 -1.81 -3.81 -17.62
CA TYR A 3 -2.48 -2.52 -17.71
C TYR A 3 -1.96 -1.56 -16.65
N THR A 4 -1.24 -0.52 -17.05
CA THR A 4 -0.72 0.45 -16.10
C THR A 4 -1.65 1.66 -16.00
N PHE A 5 -1.84 2.16 -14.78
CA PHE A 5 -2.68 3.31 -14.54
C PHE A 5 -2.02 4.27 -13.56
N GLU A 6 -2.04 5.55 -13.88
CA GLU A 6 -1.43 6.58 -13.02
C GLU A 6 -2.50 7.34 -12.24
N ASN A 7 -2.32 7.44 -10.93
CA ASN A 7 -3.27 8.13 -10.06
C ASN A 7 -2.49 8.94 -9.03
N GLU A 8 -3.17 9.89 -8.38
CA GLU A 8 -2.50 10.74 -7.39
C GLU A 8 -3.46 11.32 -6.37
N PHE A 9 -2.92 11.74 -5.22
CA PHE A 9 -3.70 12.35 -4.15
C PHE A 9 -2.87 13.40 -3.41
N THR A 10 -3.50 14.49 -3.03
CA THR A 10 -2.79 15.58 -2.32
C THR A 10 -2.90 15.42 -0.81
N SER A 11 -1.88 15.86 -0.09
CA SER A 11 -1.88 15.77 1.37
C SER A 11 -1.20 16.99 1.99
N GLU A 12 -1.56 17.30 3.22
CA GLU A 12 -0.99 18.44 3.93
C GLU A 12 0.10 17.99 4.90
N ILE A 13 0.72 16.86 4.59
CA ILE A 13 1.77 16.29 5.41
C ILE A 13 3.11 16.33 4.69
N PRO A 14 4.16 16.80 5.33
CA PRO A 14 5.48 16.83 4.69
C PRO A 14 5.81 15.47 4.05
N PRO A 15 6.44 15.46 2.89
CA PRO A 15 6.78 14.20 2.19
C PRO A 15 7.71 13.29 3.01
N SER A 16 8.44 13.88 3.94
CA SER A 16 9.37 13.12 4.77
C SER A 16 8.66 12.21 5.77
N ARG A 17 7.47 12.59 6.23
CA ARG A 17 6.76 11.75 7.19
C ARG A 17 6.09 10.63 6.45
N LEU A 18 5.30 11.01 5.46
CA LEU A 18 4.61 10.06 4.63
C LEU A 18 5.62 9.01 4.18
N PHE A 19 6.78 9.50 3.73
CA PHE A 19 7.87 8.64 3.29
C PHE A 19 8.18 7.54 4.30
N LYS A 20 8.50 7.90 5.54
CA LYS A 20 8.81 6.87 6.54
C LYS A 20 7.56 6.09 6.84
N ALA A 21 6.44 6.73 6.64
CA ALA A 21 5.14 6.15 6.89
C ALA A 21 4.67 5.31 5.72
N PHE A 22 5.44 5.26 4.63
CA PHE A 22 5.06 4.48 3.45
C PHE A 22 6.05 3.36 3.16
N VAL A 23 7.20 3.36 3.84
CA VAL A 23 8.20 2.32 3.63
C VAL A 23 8.84 1.80 4.91
N LEU A 24 9.03 2.65 5.93
CA LEU A 24 9.70 2.21 7.15
C LEU A 24 8.72 1.66 8.18
N ASP A 25 7.69 2.45 8.51
CA ASP A 25 6.71 2.01 9.50
C ASP A 25 5.35 1.77 8.90
N ALA A 26 5.18 2.04 7.61
CA ALA A 26 3.88 1.85 6.95
C ALA A 26 3.34 0.45 7.13
N ASP A 27 4.20 -0.54 6.99
CA ASP A 27 3.81 -1.94 7.11
C ASP A 27 3.80 -2.37 8.57
N ASN A 28 3.75 -1.38 9.44
CA ASN A 28 3.66 -1.55 10.89
C ASN A 28 2.69 -0.53 11.42
N LEU A 29 2.29 0.37 10.53
CA LEU A 29 1.39 1.45 10.80
C LEU A 29 -0.04 1.03 10.49
N ILE A 30 -0.23 0.14 9.53
CA ILE A 30 -1.55 -0.32 9.14
C ILE A 30 -2.33 -0.87 10.35
N PRO A 31 -1.78 -1.82 11.09
CA PRO A 31 -2.48 -2.38 12.27
C PRO A 31 -2.72 -1.35 13.36
N LYS A 32 -1.88 -0.32 13.39
CA LYS A 32 -1.98 0.73 14.39
C LYS A 32 -3.24 1.57 14.22
N ILE A 33 -3.34 2.18 13.06
CA ILE A 33 -4.42 3.07 12.73
C ILE A 33 -5.51 2.35 11.96
N ALA A 34 -5.13 1.40 11.12
CA ALA A 34 -6.07 0.69 10.27
C ALA A 34 -6.34 -0.72 10.75
N PRO A 35 -6.95 -0.88 11.92
CA PRO A 35 -7.33 -2.20 12.42
C PRO A 35 -8.58 -2.65 11.68
N GLN A 36 -9.35 -1.65 11.23
CA GLN A 36 -10.56 -1.90 10.47
C GLN A 36 -10.21 -2.34 9.07
N ALA A 37 -9.24 -1.66 8.48
CA ALA A 37 -8.80 -1.97 7.13
C ALA A 37 -7.98 -3.26 7.11
N ILE A 38 -6.71 -3.16 7.50
CA ILE A 38 -5.81 -4.31 7.52
C ILE A 38 -5.70 -4.86 8.94
N LYS A 39 -5.58 -6.18 9.06
CA LYS A 39 -5.46 -6.81 10.36
C LYS A 39 -4.04 -6.65 10.90
N GLN A 40 -3.04 -7.07 10.13
CA GLN A 40 -1.66 -6.95 10.57
C GLN A 40 -0.71 -7.43 9.50
N ALA A 41 0.56 -7.15 9.68
CA ALA A 41 1.58 -7.55 8.73
C ALA A 41 2.96 -7.39 9.36
N GLU A 42 3.86 -8.31 9.03
CA GLU A 42 5.21 -8.27 9.57
C GLU A 42 6.20 -8.67 8.50
N ILE A 43 7.36 -8.04 8.50
CA ILE A 43 8.38 -8.35 7.51
C ILE A 43 9.15 -9.60 7.86
N LEU A 44 9.36 -10.42 6.85
CA LEU A 44 10.11 -11.66 7.02
C LEU A 44 11.59 -11.37 6.85
N GLU A 45 11.91 -10.50 5.90
CA GLU A 45 13.30 -10.14 5.64
C GLU A 45 13.37 -8.70 5.17
N GLY A 46 14.34 -7.94 5.68
CA GLY A 46 14.52 -6.56 5.30
C GLY A 46 13.80 -5.61 6.26
N ASN A 47 13.46 -4.43 5.79
CA ASN A 47 12.81 -3.41 6.60
C ASN A 47 11.75 -2.67 5.79
N GLY A 48 11.67 -2.97 4.50
CA GLY A 48 10.72 -2.33 3.60
C GLY A 48 11.41 -1.87 2.32
N GLY A 49 12.66 -2.28 2.10
CA GLY A 49 13.40 -1.89 0.91
C GLY A 49 13.66 -3.08 -0.01
N PRO A 50 14.45 -2.88 -1.06
CA PRO A 50 14.77 -3.96 -2.03
C PRO A 50 15.46 -5.15 -1.40
N GLY A 51 14.92 -6.34 -1.63
CA GLY A 51 15.47 -7.58 -1.09
C GLY A 51 14.66 -8.00 0.12
N THR A 52 13.63 -7.22 0.37
CA THR A 52 12.75 -7.45 1.48
C THR A 52 11.54 -8.26 1.08
N ILE A 53 11.20 -9.25 1.90
CA ILE A 53 10.02 -10.07 1.69
C ILE A 53 9.17 -9.97 2.90
N LYS A 54 7.93 -9.54 2.75
CA LYS A 54 7.05 -9.46 3.89
C LYS A 54 5.72 -10.07 3.58
N LYS A 55 5.10 -10.57 4.63
CA LYS A 55 3.83 -11.27 4.58
C LYS A 55 2.73 -10.56 5.35
N ILE A 56 1.53 -10.51 4.77
CA ILE A 56 0.38 -9.89 5.44
C ILE A 56 -0.36 -10.93 6.25
N THR A 57 -0.82 -10.57 7.44
CA THR A 57 -1.57 -11.49 8.27
C THR A 57 -3.02 -11.04 8.34
N PHE A 58 -3.92 -11.88 7.85
CA PHE A 58 -5.35 -11.56 7.86
C PHE A 58 -6.09 -12.43 8.86
N GLY A 59 -7.33 -12.05 9.17
CA GLY A 59 -8.14 -12.80 10.11
C GLY A 59 -8.42 -14.21 9.61
N GLU A 60 -8.46 -15.16 10.54
CA GLU A 60 -8.70 -16.55 10.19
C GLU A 60 -10.07 -16.71 9.50
N GLY A 61 -11.09 -16.10 10.09
CA GLY A 61 -12.44 -16.17 9.55
C GLY A 61 -12.70 -15.03 8.57
N SER A 62 -11.92 -14.99 7.49
CA SER A 62 -12.06 -13.94 6.48
C SER A 62 -11.83 -14.51 5.09
N GLN A 63 -11.97 -13.65 4.08
CA GLN A 63 -11.77 -14.07 2.70
C GLN A 63 -10.32 -14.51 2.47
N TYR A 64 -9.39 -13.66 2.87
CA TYR A 64 -7.96 -13.95 2.71
C TYR A 64 -7.37 -14.44 4.02
N GLY A 65 -6.26 -15.17 3.93
CA GLY A 65 -5.59 -15.69 5.12
C GLY A 65 -4.16 -15.18 5.21
N TYR A 66 -3.35 -15.50 4.21
CA TYR A 66 -1.96 -15.06 4.17
C TYR A 66 -1.52 -14.78 2.74
N VAL A 67 -0.52 -13.93 2.58
CA VAL A 67 -0.02 -13.58 1.26
C VAL A 67 1.43 -13.10 1.33
N LYS A 68 2.16 -13.26 0.24
CA LYS A 68 3.56 -12.84 0.18
C LYS A 68 3.73 -11.56 -0.63
N HIS A 69 4.07 -10.48 0.06
CA HIS A 69 4.28 -9.17 -0.55
C HIS A 69 5.78 -8.89 -0.65
N ARG A 70 6.29 -8.82 -1.89
CA ARG A 70 7.71 -8.57 -2.10
C ARG A 70 7.97 -7.15 -2.59
N ILE A 71 8.93 -6.49 -1.96
CA ILE A 71 9.31 -5.13 -2.33
C ILE A 71 10.34 -5.19 -3.47
N ASP A 72 10.29 -4.24 -4.38
CA ASP A 72 11.21 -4.24 -5.51
C ASP A 72 12.35 -3.23 -5.34
N SER A 73 12.04 -1.95 -5.10
CA SER A 73 13.10 -0.96 -4.95
C SER A 73 12.61 0.36 -4.35
N ILE A 74 13.46 0.96 -3.51
CA ILE A 74 13.15 2.26 -2.91
C ILE A 74 14.25 3.25 -3.24
N ASP A 75 13.85 4.42 -3.71
CA ASP A 75 14.80 5.48 -3.99
C ASP A 75 14.51 6.63 -3.05
N GLU A 76 15.13 6.60 -1.87
CA GLU A 76 14.91 7.64 -0.87
C GLU A 76 15.22 8.99 -1.48
N ALA A 77 16.14 8.99 -2.44
CA ALA A 77 16.50 10.20 -3.15
C ALA A 77 15.25 10.81 -3.75
N SER A 78 14.38 9.94 -4.26
CA SER A 78 13.14 10.36 -4.88
C SER A 78 11.93 10.02 -4.02
N TYR A 79 12.11 9.23 -2.99
CA TYR A 79 11.01 8.82 -2.13
C TYR A 79 10.01 8.00 -2.93
N SER A 80 10.54 7.13 -3.79
CA SER A 80 9.71 6.28 -4.63
C SER A 80 9.80 4.84 -4.15
N TYR A 81 8.68 4.14 -4.13
CA TYR A 81 8.65 2.75 -3.67
C TYR A 81 7.89 1.88 -4.65
N SER A 82 8.46 0.74 -4.98
CA SER A 82 7.84 -0.20 -5.91
C SER A 82 7.77 -1.58 -5.28
N TYR A 83 6.59 -2.18 -5.31
CA TYR A 83 6.39 -3.51 -4.74
C TYR A 83 5.40 -4.30 -5.59
N THR A 84 5.45 -5.62 -5.46
CA THR A 84 4.55 -6.48 -6.25
C THR A 84 4.19 -7.73 -5.47
N LEU A 85 2.94 -8.17 -5.61
CA LEU A 85 2.48 -9.38 -4.95
C LEU A 85 2.92 -10.58 -5.78
N ILE A 86 3.70 -11.47 -5.18
CA ILE A 86 4.22 -12.63 -5.90
C ILE A 86 3.19 -13.74 -5.99
N GLU A 87 2.51 -14.03 -4.88
CA GLU A 87 1.53 -15.09 -4.83
C GLU A 87 0.55 -14.85 -3.71
N GLY A 88 -0.50 -15.65 -3.64
CA GLY A 88 -1.52 -15.51 -2.60
C GLY A 88 -2.85 -15.17 -3.21
N ASP A 89 -3.88 -15.05 -2.38
CA ASP A 89 -5.19 -14.67 -2.88
C ASP A 89 -5.10 -13.30 -3.52
N ALA A 90 -3.90 -12.75 -3.52
CA ALA A 90 -3.59 -11.47 -4.12
C ALA A 90 -3.72 -11.57 -5.63
N LEU A 91 -3.37 -12.73 -6.17
CA LEU A 91 -3.38 -12.99 -7.61
C LEU A 91 -4.49 -13.97 -7.93
N THR A 92 -5.43 -14.15 -7.01
CA THR A 92 -6.49 -15.11 -7.25
C THR A 92 -5.89 -16.44 -7.70
N ASP A 93 -6.34 -16.97 -8.83
CA ASP A 93 -5.81 -18.21 -9.38
C ASP A 93 -5.46 -18.05 -10.86
N THR A 94 -5.92 -16.96 -11.46
CA THR A 94 -5.71 -16.70 -12.88
C THR A 94 -4.65 -15.62 -13.11
N ILE A 95 -4.17 -14.98 -12.05
CA ILE A 95 -3.22 -13.89 -12.20
C ILE A 95 -1.79 -14.31 -11.95
N GLU A 96 -0.88 -13.59 -12.60
CA GLU A 96 0.53 -13.82 -12.45
C GLU A 96 1.07 -12.97 -11.32
N LYS A 97 0.86 -11.65 -11.41
CA LYS A 97 1.33 -10.74 -10.38
C LYS A 97 0.79 -9.33 -10.62
N ILE A 98 0.61 -8.57 -9.54
CA ILE A 98 0.11 -7.20 -9.62
C ILE A 98 1.15 -6.27 -9.01
N SER A 99 1.58 -5.26 -9.75
CA SER A 99 2.60 -4.33 -9.29
C SER A 99 2.01 -2.97 -8.92
N TYR A 100 2.58 -2.35 -7.90
CA TYR A 100 2.14 -1.04 -7.43
C TYR A 100 3.34 -0.18 -7.06
N GLU A 101 3.40 1.04 -7.60
CA GLU A 101 4.50 1.96 -7.31
C GLU A 101 3.96 3.32 -6.90
N THR A 102 4.48 3.90 -5.83
CA THR A 102 4.01 5.19 -5.36
C THR A 102 5.18 6.09 -5.01
N LYS A 103 5.14 7.33 -5.50
CA LYS A 103 6.19 8.31 -5.23
C LYS A 103 5.59 9.55 -4.60
N LEU A 104 6.22 10.04 -3.55
CA LEU A 104 5.71 11.22 -2.85
C LEU A 104 6.45 12.46 -3.32
N VAL A 105 5.70 13.46 -3.74
CA VAL A 105 6.27 14.71 -4.23
C VAL A 105 5.68 15.87 -3.47
N ALA A 106 6.50 16.83 -3.08
CA ALA A 106 5.99 18.00 -2.37
C ALA A 106 5.21 18.92 -3.30
N CYS A 107 4.05 19.35 -2.85
CA CYS A 107 3.20 20.25 -3.62
C CYS A 107 2.95 21.54 -2.85
N GLY A 108 2.27 22.50 -3.47
CA GLY A 108 1.98 23.77 -2.83
C GLY A 108 1.25 23.60 -1.51
N SER A 109 0.34 22.63 -1.39
CA SER A 109 -0.41 22.36 -0.14
C SER A 109 0.31 21.39 0.83
N GLY A 110 1.44 20.80 0.43
CA GLY A 110 2.16 19.78 1.20
C GLY A 110 2.96 18.84 0.30
N SER A 111 2.36 17.76 -0.19
CA SER A 111 2.94 16.79 -1.11
C SER A 111 1.85 15.96 -1.77
N THR A 112 1.94 15.84 -3.08
CA THR A 112 0.99 15.06 -3.85
C THR A 112 1.60 13.70 -4.13
N ILE A 113 0.94 12.67 -3.65
CA ILE A 113 1.42 11.32 -3.82
C ILE A 113 0.86 10.70 -5.09
N LYS A 114 1.74 10.16 -5.91
CA LYS A 114 1.34 9.53 -7.17
C LYS A 114 1.41 8.02 -7.02
N SER A 115 0.28 7.33 -7.13
CA SER A 115 0.23 5.88 -6.99
C SER A 115 -0.08 5.21 -8.31
N ILE A 116 0.82 4.34 -8.74
CA ILE A 116 0.71 3.64 -10.01
C ILE A 116 0.24 2.23 -9.77
N SER A 117 -0.69 1.80 -10.61
CA SER A 117 -1.23 0.45 -10.53
C SER A 117 -0.92 -0.30 -11.82
N HIS A 118 -0.42 -1.52 -11.71
CA HIS A 118 -0.08 -2.32 -12.88
C HIS A 118 -0.53 -3.75 -12.68
N TYR A 119 -1.50 -4.19 -13.47
CA TYR A 119 -2.02 -5.54 -13.36
C TYR A 119 -1.45 -6.41 -14.46
N HIS A 120 -0.47 -7.24 -14.12
CA HIS A 120 0.16 -8.13 -15.09
C HIS A 120 -0.53 -9.48 -15.09
N THR A 121 -1.25 -9.74 -16.17
CA THR A 121 -1.99 -10.99 -16.31
C THR A 121 -1.25 -12.00 -17.16
N LYS A 122 -1.77 -13.22 -17.21
CA LYS A 122 -1.17 -14.29 -18.00
C LYS A 122 -2.07 -14.67 -19.17
N GLY A 123 -1.46 -15.00 -20.30
CA GLY A 123 -2.22 -15.38 -21.48
C GLY A 123 -3.22 -14.31 -21.86
N ASN A 124 -4.50 -14.61 -21.74
CA ASN A 124 -5.57 -13.68 -22.07
C ASN A 124 -6.34 -13.25 -20.82
N ILE A 125 -5.96 -13.80 -19.67
CA ILE A 125 -6.61 -13.48 -18.41
C ILE A 125 -6.84 -11.98 -18.29
N GLU A 126 -7.75 -11.58 -17.41
CA GLU A 126 -8.05 -10.18 -17.21
C GLU A 126 -8.46 -9.92 -15.76
N ILE A 127 -8.07 -8.76 -15.24
CA ILE A 127 -8.40 -8.36 -13.87
C ILE A 127 -9.73 -7.63 -13.86
N LYS A 128 -10.67 -8.10 -13.05
CA LYS A 128 -11.99 -7.48 -13.00
C LYS A 128 -11.97 -6.16 -12.24
N GLU A 129 -13.00 -5.38 -12.48
CA GLU A 129 -13.16 -4.10 -11.81
C GLU A 129 -13.49 -4.32 -10.35
N GLU A 130 -14.19 -5.41 -10.08
CA GLU A 130 -14.58 -5.75 -8.73
C GLU A 130 -13.38 -6.18 -7.90
N HIS A 131 -12.42 -6.83 -8.56
CA HIS A 131 -11.21 -7.28 -7.87
C HIS A 131 -10.37 -6.09 -7.42
N VAL A 132 -10.11 -5.19 -8.35
CA VAL A 132 -9.31 -4.01 -8.05
C VAL A 132 -10.10 -3.03 -7.19
N LYS A 133 -11.43 -3.13 -7.22
CA LYS A 133 -12.28 -2.23 -6.45
C LYS A 133 -12.09 -2.47 -4.96
N VAL A 134 -12.10 -3.73 -4.53
CA VAL A 134 -11.92 -4.06 -3.12
C VAL A 134 -10.48 -3.79 -2.69
N GLY A 135 -9.52 -4.32 -3.43
CA GLY A 135 -8.12 -4.13 -3.10
C GLY A 135 -7.74 -2.65 -3.11
N LYS A 136 -8.14 -1.94 -4.16
CA LYS A 136 -7.83 -0.51 -4.27
C LYS A 136 -8.58 0.29 -3.21
N GLU A 137 -9.87 0.03 -3.06
CA GLU A 137 -10.69 0.75 -2.09
C GLU A 137 -10.08 0.64 -0.70
N LYS A 138 -9.72 -0.59 -0.32
CA LYS A 138 -9.11 -0.82 0.99
C LYS A 138 -7.72 -0.21 1.03
N ALA A 139 -6.91 -0.51 0.03
CA ALA A 139 -5.55 0.01 -0.07
C ALA A 139 -5.56 1.52 0.13
N HIS A 140 -6.53 2.19 -0.48
CA HIS A 140 -6.67 3.63 -0.33
C HIS A 140 -6.99 3.95 1.11
N GLY A 141 -7.78 3.08 1.74
CA GLY A 141 -8.18 3.24 3.12
C GLY A 141 -6.98 3.23 4.05
N LEU A 142 -5.94 2.49 3.69
CA LEU A 142 -4.75 2.39 4.50
C LEU A 142 -3.96 3.68 4.41
N PHE A 143 -3.77 4.15 3.17
CA PHE A 143 -3.05 5.41 2.97
C PHE A 143 -3.81 6.52 3.69
N LYS A 144 -5.09 6.27 3.93
CA LYS A 144 -5.93 7.21 4.65
C LYS A 144 -5.55 7.22 6.12
N LEU A 145 -5.31 6.03 6.66
CA LEU A 145 -4.93 5.90 8.05
C LEU A 145 -3.59 6.54 8.28
N ILE A 146 -2.61 6.08 7.52
CA ILE A 146 -1.24 6.55 7.63
C ILE A 146 -1.20 8.07 7.54
N GLU A 147 -1.83 8.63 6.51
CA GLU A 147 -1.82 10.08 6.38
C GLU A 147 -2.18 10.71 7.73
N SER A 148 -3.34 10.35 8.26
CA SER A 148 -3.79 10.86 9.55
C SER A 148 -2.71 10.72 10.62
N TYR A 149 -2.07 9.56 10.66
CA TYR A 149 -1.05 9.29 11.66
C TYR A 149 0.11 10.29 11.63
N LEU A 150 0.70 10.58 10.48
CA LEU A 150 1.84 11.50 10.46
C LEU A 150 1.46 12.89 10.89
N LYS A 151 0.32 13.38 10.43
CA LYS A 151 -0.10 14.72 10.83
C LYS A 151 -0.31 14.77 12.33
N ASP A 152 -0.60 13.62 12.93
CA ASP A 152 -0.79 13.54 14.37
C ASP A 152 0.39 12.83 15.03
N HIS A 153 1.23 12.21 14.25
CA HIS A 153 2.39 11.45 14.69
C HIS A 153 3.43 11.39 13.59
N PRO A 154 4.02 12.52 13.24
CA PRO A 154 5.04 12.59 12.16
C PRO A 154 6.36 11.96 12.58
N ASP A 155 6.41 11.52 13.83
CA ASP A 155 7.60 10.92 14.40
C ASP A 155 7.79 9.47 13.94
N ALA A 156 6.94 8.94 13.06
CA ALA A 156 7.10 7.56 12.64
C ALA A 156 8.53 7.28 12.20
N TYR A 157 9.12 6.23 12.74
CA TYR A 157 10.48 5.80 12.41
C TYR A 157 11.49 6.93 12.60
N ASN A 158 11.05 8.05 13.16
CA ASN A 158 11.94 9.18 13.39
C ASN A 158 12.93 8.87 14.49
N GLY A 1 -1.11 -6.45 -22.10
CA GLY A 1 -0.74 -7.45 -21.06
C GLY A 1 -1.21 -6.98 -19.69
N VAL A 2 -1.04 -5.69 -19.42
CA VAL A 2 -1.45 -5.12 -18.14
C VAL A 2 -2.17 -3.80 -18.34
N TYR A 3 -3.12 -3.51 -17.45
CA TYR A 3 -3.86 -2.26 -17.49
C TYR A 3 -3.27 -1.24 -16.52
N THR A 4 -2.64 -0.19 -17.05
CA THR A 4 -2.06 0.85 -16.19
C THR A 4 -3.01 2.02 -16.04
N PHE A 5 -3.09 2.57 -14.84
CA PHE A 5 -3.95 3.71 -14.56
C PHE A 5 -3.28 4.65 -13.58
N GLU A 6 -3.32 5.95 -13.87
CA GLU A 6 -2.72 6.96 -13.01
C GLU A 6 -3.78 7.66 -12.18
N ASN A 7 -3.54 7.73 -10.88
CA ASN A 7 -4.46 8.38 -9.94
C ASN A 7 -3.73 9.43 -9.12
N GLU A 8 -4.47 10.27 -8.40
CA GLU A 8 -3.84 11.31 -7.59
C GLU A 8 -4.74 11.76 -6.43
N PHE A 9 -4.12 12.13 -5.32
CA PHE A 9 -4.83 12.60 -4.14
C PHE A 9 -4.02 13.68 -3.41
N THR A 10 -4.70 14.70 -2.91
CA THR A 10 -4.02 15.81 -2.22
C THR A 10 -4.27 15.77 -0.72
N SER A 11 -3.28 16.22 0.05
CA SER A 11 -3.38 16.24 1.51
C SER A 11 -2.64 17.45 2.08
N GLU A 12 -2.94 17.80 3.33
CA GLU A 12 -2.29 18.93 3.98
C GLU A 12 -1.17 18.45 4.89
N ILE A 13 -0.63 17.28 4.58
CA ILE A 13 0.45 16.69 5.37
C ILE A 13 1.76 16.74 4.60
N PRO A 14 2.83 17.28 5.19
CA PRO A 14 4.12 17.34 4.49
C PRO A 14 4.46 16.00 3.85
N PRO A 15 5.09 15.99 2.69
CA PRO A 15 5.44 14.74 1.97
C PRO A 15 6.35 13.82 2.78
N SER A 16 7.11 14.40 3.71
CA SER A 16 8.04 13.63 4.52
C SER A 16 7.33 12.74 5.54
N ARG A 17 6.15 13.15 6.01
CA ARG A 17 5.44 12.34 6.99
C ARG A 17 4.82 11.18 6.28
N LEU A 18 4.02 11.50 5.28
CA LEU A 18 3.36 10.48 4.48
C LEU A 18 4.41 9.49 4.01
N PHE A 19 5.55 10.01 3.54
CA PHE A 19 6.65 9.18 3.08
C PHE A 19 6.97 8.05 4.05
N LYS A 20 7.31 8.38 5.29
CA LYS A 20 7.63 7.32 6.25
C LYS A 20 6.35 6.56 6.54
N ALA A 21 5.28 7.31 6.70
CA ALA A 21 3.98 6.75 6.97
C ALA A 21 3.49 5.90 5.81
N PHE A 22 4.25 5.82 4.72
CA PHE A 22 3.86 5.07 3.54
C PHE A 22 4.85 3.95 3.21
N VAL A 23 6.00 3.91 3.90
CA VAL A 23 6.99 2.86 3.62
C VAL A 23 7.53 2.16 4.86
N LEU A 24 8.00 2.92 5.85
CA LEU A 24 8.60 2.31 7.04
C LEU A 24 7.64 2.16 8.21
N ASP A 25 6.68 3.06 8.34
CA ASP A 25 5.72 3.00 9.45
C ASP A 25 4.32 2.73 8.97
N ALA A 26 4.11 2.68 7.66
CA ALA A 26 2.79 2.45 7.08
C ALA A 26 2.30 1.02 7.33
N ASP A 27 3.19 0.07 7.14
CA ASP A 27 2.87 -1.34 7.32
C ASP A 27 3.00 -1.72 8.78
N ASN A 28 3.01 -0.71 9.61
CA ASN A 28 3.08 -0.83 11.06
C ASN A 28 2.12 0.19 11.66
N LEU A 29 1.60 1.05 10.78
CA LEU A 29 0.69 2.10 11.13
C LEU A 29 -0.75 1.68 10.92
N ILE A 30 -1.03 1.10 9.76
CA ILE A 30 -2.39 0.68 9.45
C ILE A 30 -2.91 -0.26 10.53
N PRO A 31 -2.10 -1.19 11.00
CA PRO A 31 -2.50 -2.08 12.10
C PRO A 31 -2.73 -1.30 13.38
N LYS A 32 -2.06 -0.15 13.48
CA LYS A 32 -2.12 0.71 14.65
C LYS A 32 -3.48 1.39 14.77
N ILE A 33 -3.83 2.11 13.73
CA ILE A 33 -5.05 2.90 13.68
C ILE A 33 -6.16 2.15 12.98
N ALA A 34 -5.81 1.33 12.00
CA ALA A 34 -6.80 0.59 11.22
C ALA A 34 -6.85 -0.89 11.63
N PRO A 35 -7.22 -1.16 12.87
CA PRO A 35 -7.42 -2.55 13.31
C PRO A 35 -8.73 -3.02 12.72
N GLN A 36 -9.57 -2.03 12.37
CA GLN A 36 -10.84 -2.27 11.75
C GLN A 36 -10.61 -2.71 10.32
N ALA A 37 -9.71 -2.00 9.64
CA ALA A 37 -9.39 -2.32 8.26
C ALA A 37 -8.55 -3.59 8.17
N ILE A 38 -7.27 -3.49 8.51
CA ILE A 38 -6.36 -4.64 8.46
C ILE A 38 -6.20 -5.25 9.84
N LYS A 39 -6.05 -6.58 9.89
CA LYS A 39 -5.89 -7.27 11.16
C LYS A 39 -4.46 -7.11 11.67
N GLN A 40 -3.47 -7.40 10.84
CA GLN A 40 -2.08 -7.27 11.25
C GLN A 40 -1.15 -7.61 10.10
N ALA A 41 0.11 -7.23 10.22
CA ALA A 41 1.09 -7.51 9.20
C ALA A 41 2.50 -7.28 9.73
N GLU A 42 3.45 -8.09 9.27
CA GLU A 42 4.84 -7.97 9.70
C GLU A 42 5.77 -8.31 8.54
N ILE A 43 6.91 -7.64 8.47
CA ILE A 43 7.86 -7.89 7.39
C ILE A 43 8.63 -9.17 7.62
N LEU A 44 8.83 -9.91 6.54
CA LEU A 44 9.59 -11.16 6.59
C LEU A 44 11.04 -10.85 6.35
N GLU A 45 11.31 -9.92 5.43
CA GLU A 45 12.68 -9.55 5.13
C GLU A 45 12.75 -8.07 4.75
N GLY A 46 13.75 -7.38 5.25
CA GLY A 46 13.93 -5.95 4.97
C GLY A 46 13.27 -5.08 6.02
N ASN A 47 12.94 -3.85 5.64
CA ASN A 47 12.31 -2.89 6.55
C ASN A 47 11.26 -2.05 5.84
N GLY A 48 11.05 -2.33 4.55
CA GLY A 48 10.10 -1.59 3.74
C GLY A 48 10.74 -1.07 2.47
N GLY A 49 11.95 -1.54 2.16
CA GLY A 49 12.67 -1.11 0.97
C GLY A 49 12.75 -2.21 -0.08
N PRO A 50 13.53 -1.98 -1.13
CA PRO A 50 13.69 -2.96 -2.22
C PRO A 50 14.32 -4.28 -1.75
N GLY A 51 13.64 -5.39 -2.05
CA GLY A 51 14.13 -6.71 -1.66
C GLY A 51 13.44 -7.16 -0.40
N THR A 52 12.48 -6.35 0.02
CA THR A 52 11.72 -6.60 1.20
C THR A 52 10.42 -7.34 0.86
N ILE A 53 10.09 -8.32 1.69
CA ILE A 53 8.86 -9.09 1.52
C ILE A 53 7.98 -8.87 2.74
N LYS A 54 6.72 -8.53 2.51
CA LYS A 54 5.78 -8.32 3.59
C LYS A 54 4.68 -9.36 3.55
N LYS A 55 4.30 -9.82 4.73
CA LYS A 55 3.22 -10.80 4.87
C LYS A 55 2.07 -10.22 5.69
N ILE A 56 0.87 -10.21 5.13
CA ILE A 56 -0.29 -9.67 5.86
C ILE A 56 -1.16 -10.82 6.35
N THR A 57 -1.41 -10.86 7.65
CA THR A 57 -2.24 -11.90 8.24
C THR A 57 -3.64 -11.36 8.52
N PHE A 58 -4.64 -11.94 7.87
CA PHE A 58 -6.03 -11.51 8.07
C PHE A 58 -6.70 -12.34 9.16
N GLY A 59 -7.98 -12.09 9.38
CA GLY A 59 -8.73 -12.83 10.39
C GLY A 59 -8.98 -14.26 9.95
N GLU A 60 -8.96 -15.17 10.92
CA GLU A 60 -9.18 -16.59 10.63
C GLU A 60 -10.58 -16.81 10.04
N GLY A 61 -11.59 -16.23 10.67
CA GLY A 61 -12.96 -16.37 10.22
C GLY A 61 -13.34 -15.27 9.23
N SER A 62 -12.66 -15.23 8.10
CA SER A 62 -12.94 -14.23 7.06
C SER A 62 -12.58 -14.77 5.69
N GLN A 63 -12.87 -14.00 4.66
CA GLN A 63 -12.57 -14.39 3.29
C GLN A 63 -11.05 -14.47 3.08
N TYR A 64 -10.32 -13.56 3.70
CA TYR A 64 -8.86 -13.53 3.58
C TYR A 64 -8.23 -14.19 4.79
N GLY A 65 -7.16 -14.95 4.55
CA GLY A 65 -6.44 -15.64 5.63
C GLY A 65 -4.98 -15.24 5.64
N TYR A 66 -4.30 -15.43 4.52
CA TYR A 66 -2.88 -15.10 4.40
C TYR A 66 -2.57 -14.61 2.99
N VAL A 67 -1.57 -13.76 2.86
CA VAL A 67 -1.19 -13.22 1.57
C VAL A 67 0.27 -12.75 1.57
N LYS A 68 0.93 -12.88 0.43
CA LYS A 68 2.32 -12.46 0.29
C LYS A 68 2.42 -11.15 -0.50
N HIS A 69 2.74 -10.07 0.21
CA HIS A 69 2.90 -8.75 -0.40
C HIS A 69 4.37 -8.42 -0.54
N ARG A 70 4.86 -8.34 -1.78
CA ARG A 70 6.28 -8.07 -2.02
C ARG A 70 6.50 -6.62 -2.42
N ILE A 71 7.47 -5.99 -1.77
CA ILE A 71 7.84 -4.61 -2.07
C ILE A 71 8.78 -4.61 -3.26
N ASP A 72 8.60 -3.69 -4.20
CA ASP A 72 9.45 -3.66 -5.39
C ASP A 72 10.59 -2.67 -5.29
N SER A 73 10.32 -1.39 -5.02
CA SER A 73 11.40 -0.41 -4.95
C SER A 73 10.99 0.91 -4.32
N ILE A 74 11.91 1.49 -3.54
CA ILE A 74 11.69 2.80 -2.93
C ILE A 74 12.80 3.74 -3.32
N ASP A 75 12.42 4.92 -3.77
CA ASP A 75 13.40 5.94 -4.12
C ASP A 75 13.23 7.09 -3.18
N GLU A 76 13.92 7.05 -2.04
CA GLU A 76 13.81 8.11 -1.05
C GLU A 76 14.14 9.43 -1.70
N ALA A 77 15.00 9.37 -2.72
CA ALA A 77 15.35 10.56 -3.47
C ALA A 77 14.10 11.19 -4.03
N SER A 78 13.19 10.32 -4.47
CA SER A 78 11.92 10.76 -5.05
C SER A 78 10.75 10.47 -4.11
N TYR A 79 10.95 9.72 -3.04
CA TYR A 79 9.90 9.37 -2.13
C TYR A 79 8.84 8.54 -2.84
N SER A 80 9.29 7.53 -3.56
CA SER A 80 8.38 6.65 -4.30
C SER A 80 8.28 5.30 -3.62
N TYR A 81 7.09 4.71 -3.63
CA TYR A 81 6.87 3.41 -3.02
C TYR A 81 6.12 2.50 -3.98
N SER A 82 6.76 1.39 -4.37
CA SER A 82 6.15 0.44 -5.29
C SER A 82 6.18 -0.96 -4.73
N TYR A 83 5.08 -1.68 -4.88
CA TYR A 83 4.95 -3.05 -4.39
C TYR A 83 4.09 -3.86 -5.32
N THR A 84 4.16 -5.18 -5.21
CA THR A 84 3.38 -6.06 -6.05
C THR A 84 2.96 -7.31 -5.29
N LEU A 85 1.70 -7.71 -5.45
CA LEU A 85 1.20 -8.90 -4.79
C LEU A 85 1.64 -10.11 -5.60
N ILE A 86 2.46 -10.96 -4.99
CA ILE A 86 2.99 -12.13 -5.68
C ILE A 86 1.98 -13.28 -5.63
N GLU A 87 1.33 -13.49 -4.50
CA GLU A 87 0.35 -14.58 -4.38
C GLU A 87 -0.68 -14.25 -3.31
N GLY A 88 -1.71 -15.07 -3.22
CA GLY A 88 -2.77 -14.87 -2.26
C GLY A 88 -4.07 -14.58 -2.96
N ASP A 89 -5.14 -14.43 -2.19
CA ASP A 89 -6.44 -14.09 -2.79
C ASP A 89 -6.33 -12.75 -3.49
N ALA A 90 -5.13 -12.19 -3.46
CA ALA A 90 -4.80 -10.94 -4.10
C ALA A 90 -4.90 -11.08 -5.62
N LEU A 91 -4.55 -12.26 -6.11
CA LEU A 91 -4.53 -12.56 -7.53
C LEU A 91 -5.64 -13.54 -7.86
N THR A 92 -6.58 -13.71 -6.94
CA THR A 92 -7.66 -14.67 -7.17
C THR A 92 -7.06 -15.98 -7.67
N ASP A 93 -7.55 -16.47 -8.81
CA ASP A 93 -7.03 -17.69 -9.41
C ASP A 93 -6.71 -17.47 -10.88
N THR A 94 -7.17 -16.35 -11.42
CA THR A 94 -6.98 -16.02 -12.83
C THR A 94 -5.91 -14.96 -13.06
N ILE A 95 -5.40 -14.35 -11.99
CA ILE A 95 -4.42 -13.29 -12.13
C ILE A 95 -3.00 -13.76 -11.94
N GLU A 96 -2.09 -13.04 -12.58
CA GLU A 96 -0.67 -13.31 -12.48
C GLU A 96 -0.07 -12.49 -11.34
N LYS A 97 -0.27 -11.17 -11.39
CA LYS A 97 0.24 -10.29 -10.35
C LYS A 97 -0.28 -8.86 -10.55
N ILE A 98 -0.43 -8.13 -9.45
CA ILE A 98 -0.91 -6.75 -9.50
C ILE A 98 0.16 -5.84 -8.89
N SER A 99 0.59 -4.84 -9.64
CA SER A 99 1.64 -3.92 -9.20
C SER A 99 1.11 -2.50 -9.01
N TYR A 100 1.63 -1.81 -8.01
CA TYR A 100 1.22 -0.44 -7.71
C TYR A 100 2.43 0.43 -7.41
N GLU A 101 2.44 1.64 -7.97
CA GLU A 101 3.55 2.58 -7.75
C GLU A 101 3.00 3.95 -7.37
N THR A 102 3.53 4.56 -6.32
CA THR A 102 3.04 5.86 -5.88
C THR A 102 4.19 6.77 -5.49
N LYS A 103 4.14 8.01 -5.95
CA LYS A 103 5.17 9.00 -5.63
C LYS A 103 4.53 10.19 -4.95
N LEU A 104 5.14 10.66 -3.87
CA LEU A 104 4.60 11.80 -3.14
C LEU A 104 5.31 13.07 -3.56
N VAL A 105 4.53 14.06 -3.97
CA VAL A 105 5.06 15.33 -4.42
C VAL A 105 4.46 16.45 -3.60
N ALA A 106 5.26 17.41 -3.19
CA ALA A 106 4.74 18.53 -2.42
C ALA A 106 3.94 19.47 -3.31
N CYS A 107 2.78 19.90 -2.83
CA CYS A 107 1.92 20.81 -3.56
C CYS A 107 1.70 22.08 -2.74
N GLY A 108 1.08 23.09 -3.35
CA GLY A 108 0.80 24.34 -2.67
C GLY A 108 0.04 24.13 -1.36
N SER A 109 -0.88 23.15 -1.28
CA SER A 109 -1.64 22.85 -0.05
C SER A 109 -0.98 21.82 0.88
N GLY A 110 0.10 21.17 0.44
CA GLY A 110 0.84 20.15 1.20
C GLY A 110 1.68 19.26 0.28
N SER A 111 1.07 18.20 -0.27
CA SER A 111 1.66 17.27 -1.21
C SER A 111 0.59 16.46 -1.93
N THR A 112 0.71 16.37 -3.24
CA THR A 112 -0.21 15.61 -4.06
C THR A 112 0.42 14.27 -4.37
N ILE A 113 -0.22 13.21 -3.92
CA ILE A 113 0.29 11.86 -4.11
C ILE A 113 -0.29 11.26 -5.37
N LYS A 114 0.60 10.74 -6.23
CA LYS A 114 0.17 10.10 -7.47
C LYS A 114 0.31 8.60 -7.33
N SER A 115 -0.80 7.88 -7.41
CA SER A 115 -0.81 6.42 -7.25
C SER A 115 -1.15 5.74 -8.57
N ILE A 116 -0.27 4.85 -9.00
CA ILE A 116 -0.42 4.14 -10.26
C ILE A 116 -0.83 2.70 -10.00
N SER A 117 -1.78 2.22 -10.78
CA SER A 117 -2.27 0.85 -10.66
C SER A 117 -1.89 0.06 -11.90
N HIS A 118 -1.35 -1.14 -11.74
CA HIS A 118 -0.96 -1.98 -12.86
C HIS A 118 -1.37 -3.42 -12.64
N TYR A 119 -2.41 -3.85 -13.31
CA TYR A 119 -2.87 -5.24 -13.17
C TYR A 119 -2.39 -6.07 -14.34
N HIS A 120 -1.37 -6.88 -14.12
CA HIS A 120 -0.82 -7.72 -15.18
C HIS A 120 -1.52 -9.07 -15.16
N THR A 121 -2.37 -9.29 -16.15
CA THR A 121 -3.13 -10.53 -16.26
C THR A 121 -2.48 -11.49 -17.24
N LYS A 122 -3.05 -12.68 -17.33
CA LYS A 122 -2.56 -13.72 -18.23
C LYS A 122 -3.56 -13.98 -19.35
N GLY A 123 -3.06 -14.31 -20.53
CA GLY A 123 -3.93 -14.57 -21.67
C GLY A 123 -4.88 -13.41 -21.92
N ASN A 124 -6.16 -13.64 -21.69
CA ASN A 124 -7.19 -12.61 -21.89
C ASN A 124 -7.89 -12.28 -20.59
N ILE A 125 -7.43 -12.88 -19.49
CA ILE A 125 -8.02 -12.63 -18.18
C ILE A 125 -8.22 -11.14 -17.97
N GLU A 126 -9.10 -10.80 -17.01
CA GLU A 126 -9.39 -9.40 -16.70
C GLU A 126 -9.76 -9.24 -15.23
N ILE A 127 -9.42 -8.08 -14.67
CA ILE A 127 -9.73 -7.78 -13.27
C ILE A 127 -11.10 -7.12 -13.20
N LYS A 128 -11.99 -7.68 -12.40
CA LYS A 128 -13.35 -7.13 -12.29
C LYS A 128 -13.37 -5.84 -11.48
N GLU A 129 -14.44 -5.07 -11.65
CA GLU A 129 -14.61 -3.83 -10.92
C GLU A 129 -14.88 -4.09 -9.46
N GLU A 130 -15.58 -5.18 -9.17
CA GLU A 130 -15.93 -5.54 -7.80
C GLU A 130 -14.68 -5.98 -7.06
N HIS A 131 -13.69 -6.51 -7.79
CA HIS A 131 -12.45 -6.95 -7.18
C HIS A 131 -11.60 -5.77 -6.75
N VAL A 132 -11.43 -4.81 -7.64
CA VAL A 132 -10.63 -3.62 -7.35
C VAL A 132 -11.41 -2.62 -6.52
N LYS A 133 -12.72 -2.57 -6.72
CA LYS A 133 -13.57 -1.63 -5.99
C LYS A 133 -13.57 -1.94 -4.51
N VAL A 134 -13.71 -3.21 -4.16
CA VAL A 134 -13.72 -3.61 -2.76
C VAL A 134 -12.32 -3.47 -2.16
N GLY A 135 -11.32 -3.98 -2.86
CA GLY A 135 -9.95 -3.91 -2.38
C GLY A 135 -9.49 -2.46 -2.26
N LYS A 136 -9.86 -1.65 -3.25
CA LYS A 136 -9.51 -0.23 -3.26
C LYS A 136 -10.21 0.50 -2.13
N GLU A 137 -11.51 0.27 -1.96
CA GLU A 137 -12.27 0.93 -0.92
C GLU A 137 -11.59 0.71 0.43
N LYS A 138 -11.23 -0.53 0.71
CA LYS A 138 -10.56 -0.85 1.97
C LYS A 138 -9.21 -0.16 2.01
N ALA A 139 -8.39 -0.41 0.99
CA ALA A 139 -7.07 0.20 0.88
C ALA A 139 -7.16 1.70 1.13
N HIS A 140 -8.20 2.31 0.59
CA HIS A 140 -8.42 3.73 0.76
C HIS A 140 -8.62 4.03 2.24
N GLY A 141 -9.27 3.11 2.92
CA GLY A 141 -9.53 3.23 4.35
C GLY A 141 -8.23 3.27 5.14
N LEU A 142 -7.24 2.51 4.70
CA LEU A 142 -5.96 2.46 5.37
C LEU A 142 -5.28 3.81 5.25
N PHE A 143 -5.30 4.36 4.03
CA PHE A 143 -4.71 5.67 3.81
C PHE A 143 -5.40 6.69 4.69
N LYS A 144 -6.68 6.43 4.99
CA LYS A 144 -7.45 7.31 5.85
C LYS A 144 -6.88 7.32 7.26
N LEU A 145 -6.46 6.15 7.72
CA LEU A 145 -5.90 6.03 9.05
C LEU A 145 -4.56 6.74 9.11
N ILE A 146 -3.64 6.34 8.24
CA ILE A 146 -2.30 6.91 8.22
C ILE A 146 -2.35 8.41 8.02
N GLU A 147 -3.05 8.88 6.99
CA GLU A 147 -3.13 10.31 6.76
C GLU A 147 -3.48 11.03 8.07
N SER A 148 -4.60 10.65 8.67
CA SER A 148 -5.01 11.23 9.95
C SER A 148 -3.87 11.16 10.94
N TYR A 149 -3.20 10.02 10.98
CA TYR A 149 -2.08 9.80 11.89
C TYR A 149 -0.98 10.83 11.78
N LEU A 150 -0.44 11.12 10.60
CA LEU A 150 0.67 12.07 10.49
C LEU A 150 0.25 13.47 10.90
N LYS A 151 -0.91 13.90 10.47
CA LYS A 151 -1.37 15.24 10.84
C LYS A 151 -1.54 15.32 12.35
N ASP A 152 -1.75 14.17 12.99
CA ASP A 152 -1.90 14.12 14.45
C ASP A 152 -0.66 13.51 15.09
N HIS A 153 0.18 12.90 14.30
CA HIS A 153 1.38 12.20 14.71
C HIS A 153 2.38 12.15 13.56
N PRO A 154 2.90 13.30 13.15
CA PRO A 154 3.87 13.39 12.03
C PRO A 154 5.24 12.87 12.43
N ASP A 155 5.36 12.50 13.69
CA ASP A 155 6.60 12.01 14.26
C ASP A 155 6.87 10.55 13.89
N ALA A 156 6.06 9.91 13.05
CA ALA A 156 6.32 8.52 12.74
C ALA A 156 7.77 8.30 12.32
N TYR A 157 8.44 7.33 12.94
CA TYR A 157 9.83 7.00 12.65
C TYR A 157 10.73 8.22 12.73
N ASN A 158 10.21 9.35 13.17
CA ASN A 158 11.00 10.57 13.27
C ASN A 158 11.99 10.45 14.42
N GLY A 1 -2.35 -5.89 -21.67
CA GLY A 1 -1.98 -6.91 -20.65
C GLY A 1 -2.39 -6.44 -19.27
N VAL A 2 -2.26 -5.13 -19.02
CA VAL A 2 -2.62 -4.56 -17.73
C VAL A 2 -3.43 -3.29 -17.91
N TYR A 3 -4.35 -3.04 -16.97
CA TYR A 3 -5.16 -1.83 -16.99
C TYR A 3 -4.58 -0.78 -16.04
N THR A 4 -4.03 0.30 -16.58
CA THR A 4 -3.45 1.34 -15.75
C THR A 4 -4.46 2.47 -15.52
N PHE A 5 -4.57 2.91 -14.28
CA PHE A 5 -5.47 3.99 -13.92
C PHE A 5 -4.76 4.99 -13.03
N GLU A 6 -4.87 6.27 -13.36
CA GLU A 6 -4.21 7.32 -12.59
C GLU A 6 -5.22 8.05 -11.71
N ASN A 7 -4.91 8.13 -10.41
CA ASN A 7 -5.77 8.81 -9.44
C ASN A 7 -4.93 9.68 -8.52
N GLU A 8 -5.59 10.55 -7.76
CA GLU A 8 -4.86 11.44 -6.86
C GLU A 8 -5.73 11.93 -5.69
N PHE A 9 -5.06 12.36 -4.62
CA PHE A 9 -5.73 12.87 -3.44
C PHE A 9 -4.91 13.98 -2.79
N THR A 10 -5.58 15.04 -2.31
CA THR A 10 -4.89 16.17 -1.70
C THR A 10 -5.10 16.22 -0.19
N SER A 11 -4.10 16.70 0.54
CA SER A 11 -4.17 16.81 1.98
C SER A 11 -3.41 18.05 2.46
N GLU A 12 -3.79 18.58 3.61
CA GLU A 12 -3.13 19.75 4.17
C GLU A 12 -1.94 19.35 5.03
N ILE A 13 -1.37 18.19 4.73
CA ILE A 13 -0.23 17.67 5.46
C ILE A 13 1.01 17.73 4.58
N PRO A 14 2.10 18.33 5.05
CA PRO A 14 3.33 18.41 4.25
C PRO A 14 3.66 17.05 3.63
N PRO A 15 4.27 17.02 2.46
CA PRO A 15 4.61 15.76 1.75
C PRO A 15 5.63 14.92 2.52
N SER A 16 6.42 15.57 3.35
CA SER A 16 7.46 14.87 4.12
C SER A 16 6.87 13.99 5.20
N ARG A 17 5.71 14.36 5.75
CA ARG A 17 5.10 13.55 6.80
C ARG A 17 4.48 12.33 6.18
N LEU A 18 3.59 12.56 5.23
CA LEU A 18 2.94 11.47 4.52
C LEU A 18 4.00 10.48 4.08
N PHE A 19 5.05 11.01 3.46
CA PHE A 19 6.16 10.21 2.99
C PHE A 19 6.60 9.20 4.05
N LYS A 20 7.01 9.65 5.22
CA LYS A 20 7.45 8.71 6.26
C LYS A 20 6.28 7.93 6.81
N ALA A 21 5.11 8.52 6.71
CA ALA A 21 3.90 7.94 7.24
C ALA A 21 3.33 6.84 6.34
N PHE A 22 3.78 6.76 5.09
CA PHE A 22 3.24 5.76 4.16
C PHE A 22 4.31 4.75 3.72
N VAL A 23 5.57 4.96 4.10
CA VAL A 23 6.63 4.00 3.75
C VAL A 23 7.49 3.59 4.97
N LEU A 24 7.77 4.51 5.90
CA LEU A 24 8.64 4.19 7.03
C LEU A 24 7.84 3.71 8.25
N ASP A 25 6.87 4.49 8.68
CA ASP A 25 6.08 4.15 9.86
C ASP A 25 4.64 3.81 9.51
N ALA A 26 4.37 3.54 8.24
CA ALA A 26 3.02 3.23 7.80
C ALA A 26 2.55 1.91 8.38
N ASP A 27 3.44 0.92 8.37
CA ASP A 27 3.13 -0.41 8.89
C ASP A 27 3.31 -0.46 10.40
N ASN A 28 3.26 0.71 11.00
CA ASN A 28 3.35 0.92 12.43
C ASN A 28 2.34 1.98 12.78
N LEU A 29 1.80 2.58 11.72
CA LEU A 29 0.82 3.63 11.76
C LEU A 29 -0.59 3.07 11.66
N ILE A 30 -0.77 2.04 10.84
CA ILE A 30 -2.10 1.44 10.64
C ILE A 30 -2.73 1.01 11.95
N PRO A 31 -1.99 0.37 12.82
CA PRO A 31 -2.51 -0.11 14.12
C PRO A 31 -2.99 1.01 15.03
N LYS A 32 -2.43 2.20 14.86
CA LYS A 32 -2.79 3.34 15.71
C LYS A 32 -4.06 4.03 15.25
N ILE A 33 -4.05 4.45 13.99
CA ILE A 33 -5.15 5.18 13.43
C ILE A 33 -6.10 4.24 12.70
N ALA A 34 -5.56 3.24 12.02
CA ALA A 34 -6.37 2.27 11.28
C ALA A 34 -6.41 0.90 11.92
N PRO A 35 -6.91 0.81 13.14
CA PRO A 35 -7.07 -0.49 13.81
C PRO A 35 -8.33 -1.16 13.28
N GLN A 36 -9.28 -0.33 12.87
CA GLN A 36 -10.55 -0.79 12.33
C GLN A 36 -10.35 -1.30 10.91
N ALA A 37 -9.56 -0.57 10.14
CA ALA A 37 -9.31 -0.94 8.76
C ALA A 37 -8.46 -2.21 8.67
N ILE A 38 -7.17 -2.09 8.95
CA ILE A 38 -6.25 -3.22 8.90
C ILE A 38 -6.00 -3.75 10.30
N LYS A 39 -5.81 -5.06 10.42
CA LYS A 39 -5.56 -5.68 11.72
C LYS A 39 -4.11 -5.46 12.16
N GLN A 40 -3.15 -5.77 11.30
CA GLN A 40 -1.75 -5.60 11.64
C GLN A 40 -0.86 -5.93 10.46
N ALA A 41 0.40 -5.54 10.53
CA ALA A 41 1.35 -5.81 9.47
C ALA A 41 2.77 -5.58 9.97
N GLU A 42 3.71 -6.34 9.43
CA GLU A 42 5.12 -6.22 9.80
C GLU A 42 6.03 -6.55 8.62
N ILE A 43 7.12 -5.81 8.46
CA ILE A 43 8.03 -6.04 7.36
C ILE A 43 8.90 -7.25 7.64
N LEU A 44 9.13 -8.04 6.59
CA LEU A 44 9.96 -9.23 6.69
C LEU A 44 11.40 -8.84 6.43
N GLU A 45 11.59 -7.96 5.45
CA GLU A 45 12.94 -7.51 5.10
C GLU A 45 12.90 -6.03 4.78
N GLY A 46 13.85 -5.28 5.32
CA GLY A 46 13.90 -3.84 5.08
C GLY A 46 12.95 -3.10 6.01
N ASN A 47 12.53 -1.90 5.61
CA ASN A 47 11.61 -1.09 6.41
C ASN A 47 10.53 -0.46 5.54
N GLY A 48 10.68 -0.62 4.22
CA GLY A 48 9.73 -0.05 3.27
C GLY A 48 10.44 0.46 2.03
N GLY A 49 11.70 0.06 1.83
CA GLY A 49 12.47 0.50 0.68
C GLY A 49 12.72 -0.63 -0.31
N PRO A 50 13.57 -0.42 -1.29
CA PRO A 50 13.87 -1.43 -2.32
C PRO A 50 14.51 -2.70 -1.75
N GLY A 51 13.93 -3.86 -2.05
CA GLY A 51 14.44 -5.13 -1.57
C GLY A 51 13.71 -5.53 -0.32
N THR A 52 12.69 -4.75 -0.01
CA THR A 52 11.88 -4.95 1.16
C THR A 52 10.64 -5.77 0.83
N ILE A 53 10.28 -6.66 1.75
CA ILE A 53 9.08 -7.49 1.60
C ILE A 53 8.19 -7.23 2.79
N LYS A 54 6.92 -6.95 2.53
CA LYS A 54 5.97 -6.69 3.61
C LYS A 54 4.90 -7.77 3.64
N LYS A 55 4.55 -8.21 4.85
CA LYS A 55 3.51 -9.22 5.04
C LYS A 55 2.38 -8.68 5.92
N ILE A 56 1.14 -8.75 5.43
CA ILE A 56 0.00 -8.28 6.23
C ILE A 56 -0.76 -9.46 6.82
N THR A 57 -1.20 -9.31 8.06
CA THR A 57 -1.94 -10.36 8.75
C THR A 57 -3.34 -9.87 9.12
N PHE A 58 -4.36 -10.53 8.59
CA PHE A 58 -5.74 -10.18 8.88
C PHE A 58 -6.28 -10.97 10.07
N GLY A 59 -7.54 -10.75 10.41
CA GLY A 59 -8.16 -11.45 11.53
C GLY A 59 -8.02 -12.96 11.38
N GLU A 60 -7.82 -13.65 12.49
CA GLU A 60 -7.68 -15.10 12.48
C GLU A 60 -8.92 -15.76 11.89
N GLY A 61 -10.10 -15.33 12.34
CA GLY A 61 -11.36 -15.88 11.88
C GLY A 61 -12.00 -14.97 10.84
N SER A 62 -11.32 -14.77 9.72
CA SER A 62 -11.84 -13.92 8.65
C SER A 62 -11.58 -14.54 7.29
N GLN A 63 -12.06 -13.89 6.22
CA GLN A 63 -11.87 -14.38 4.88
C GLN A 63 -10.39 -14.47 4.53
N TYR A 64 -9.69 -13.35 4.70
CA TYR A 64 -8.26 -13.29 4.41
C TYR A 64 -7.46 -13.63 5.66
N GLY A 65 -6.25 -14.17 5.47
CA GLY A 65 -5.39 -14.53 6.58
C GLY A 65 -4.05 -13.80 6.49
N TYR A 66 -3.31 -14.06 5.42
CA TYR A 66 -2.01 -13.44 5.22
C TYR A 66 -1.75 -13.18 3.75
N VAL A 67 -0.95 -12.15 3.47
CA VAL A 67 -0.62 -11.79 2.09
C VAL A 67 0.77 -11.17 2.01
N LYS A 68 1.53 -11.56 0.98
CA LYS A 68 2.88 -11.04 0.80
C LYS A 68 2.97 -10.05 -0.36
N HIS A 69 3.30 -8.82 -0.08
CA HIS A 69 3.46 -7.76 -1.08
C HIS A 69 4.92 -7.37 -1.11
N ARG A 70 5.54 -7.45 -2.28
CA ARG A 70 6.96 -7.14 -2.42
C ARG A 70 7.17 -5.73 -2.94
N ILE A 71 7.97 -4.98 -2.20
CA ILE A 71 8.31 -3.61 -2.56
C ILE A 71 9.39 -3.62 -3.63
N ASP A 72 9.24 -2.78 -4.65
CA ASP A 72 10.22 -2.75 -5.73
C ASP A 72 11.24 -1.65 -5.55
N SER A 73 10.80 -0.39 -5.41
CA SER A 73 11.76 0.70 -5.27
C SER A 73 11.15 2.00 -4.76
N ILE A 74 11.90 2.71 -3.90
CA ILE A 74 11.49 4.02 -3.40
C ILE A 74 12.53 5.05 -3.77
N ASP A 75 12.08 6.15 -4.33
CA ASP A 75 12.97 7.24 -4.69
C ASP A 75 12.64 8.43 -3.82
N GLU A 76 13.25 8.51 -2.65
CA GLU A 76 13.00 9.61 -1.72
C GLU A 76 13.22 10.92 -2.44
N ALA A 77 14.14 10.91 -3.39
CA ALA A 77 14.42 12.08 -4.19
C ALA A 77 13.13 12.56 -4.83
N SER A 78 12.33 11.60 -5.28
CA SER A 78 11.05 11.88 -5.92
C SER A 78 9.87 11.52 -5.03
N TYR A 79 10.11 10.83 -3.93
CA TYR A 79 9.05 10.39 -3.05
C TYR A 79 8.12 9.44 -3.77
N SER A 80 8.70 8.48 -4.48
CA SER A 80 7.92 7.51 -5.24
C SER A 80 7.94 6.16 -4.53
N TYR A 81 6.87 5.40 -4.68
CA TYR A 81 6.77 4.09 -4.04
C TYR A 81 6.07 3.11 -4.97
N SER A 82 6.77 2.05 -5.35
CA SER A 82 6.23 1.03 -6.24
C SER A 82 6.41 -0.35 -5.64
N TYR A 83 5.32 -1.11 -5.58
CA TYR A 83 5.33 -2.46 -5.04
C TYR A 83 4.34 -3.33 -5.80
N THR A 84 4.49 -4.64 -5.69
CA THR A 84 3.61 -5.56 -6.39
C THR A 84 3.25 -6.76 -5.52
N LEU A 85 2.00 -7.22 -5.64
CA LEU A 85 1.54 -8.36 -4.87
C LEU A 85 1.93 -9.65 -5.57
N ILE A 86 2.68 -10.50 -4.88
CA ILE A 86 3.14 -11.75 -5.46
C ILE A 86 2.09 -12.85 -5.31
N GLU A 87 1.44 -12.92 -4.15
CA GLU A 87 0.42 -13.94 -3.91
C GLU A 87 -0.54 -13.49 -2.82
N GLY A 88 -1.60 -14.26 -2.62
CA GLY A 88 -2.59 -13.96 -1.61
C GLY A 88 -3.93 -13.72 -2.26
N ASP A 89 -4.95 -13.47 -1.44
CA ASP A 89 -6.28 -13.19 -1.99
C ASP A 89 -6.19 -11.92 -2.82
N ALA A 90 -4.98 -11.39 -2.92
CA ALA A 90 -4.67 -10.22 -3.70
C ALA A 90 -4.82 -10.52 -5.20
N LEU A 91 -4.47 -11.75 -5.58
CA LEU A 91 -4.49 -12.18 -6.96
C LEU A 91 -5.61 -13.19 -7.17
N THR A 92 -6.54 -13.29 -6.24
CA THR A 92 -7.63 -14.27 -6.37
C THR A 92 -7.05 -15.60 -6.85
N ASP A 93 -7.59 -16.14 -7.93
CA ASP A 93 -7.10 -17.39 -8.50
C ASP A 93 -6.89 -17.25 -10.01
N THR A 94 -7.40 -16.18 -10.58
CA THR A 94 -7.31 -15.92 -12.02
C THR A 94 -6.27 -14.85 -12.33
N ILE A 95 -5.70 -14.21 -11.31
CA ILE A 95 -4.76 -13.13 -11.53
C ILE A 95 -3.32 -13.57 -11.42
N GLU A 96 -2.48 -12.84 -12.13
CA GLU A 96 -1.05 -13.08 -12.13
C GLU A 96 -0.34 -12.11 -11.21
N LYS A 97 -0.70 -10.81 -11.29
CA LYS A 97 -0.07 -9.81 -10.45
C LYS A 97 -0.74 -8.45 -10.59
N ILE A 98 -0.77 -7.69 -9.48
CA ILE A 98 -1.36 -6.35 -9.46
C ILE A 98 -0.29 -5.37 -9.00
N SER A 99 -0.04 -4.35 -9.81
CA SER A 99 1.00 -3.34 -9.50
C SER A 99 0.38 -2.03 -9.02
N TYR A 100 1.06 -1.37 -8.08
CA TYR A 100 0.60 -0.10 -7.54
C TYR A 100 1.76 0.87 -7.37
N GLU A 101 1.63 2.08 -7.91
CA GLU A 101 2.66 3.10 -7.81
C GLU A 101 2.07 4.40 -7.30
N THR A 102 2.72 5.06 -6.35
CA THR A 102 2.20 6.30 -5.79
C THR A 102 3.32 7.29 -5.56
N LYS A 103 3.14 8.51 -6.02
CA LYS A 103 4.13 9.57 -5.85
C LYS A 103 3.52 10.74 -5.12
N LEU A 104 4.23 11.26 -4.13
CA LEU A 104 3.73 12.38 -3.34
C LEU A 104 4.33 13.69 -3.85
N VAL A 105 3.49 14.69 -4.03
CA VAL A 105 3.93 15.99 -4.54
C VAL A 105 3.32 17.11 -3.72
N ALA A 106 4.11 18.12 -3.39
CA ALA A 106 3.58 19.24 -2.63
C ALA A 106 2.67 20.11 -3.51
N CYS A 107 1.53 20.51 -2.98
CA CYS A 107 0.58 21.35 -3.70
C CYS A 107 0.34 22.64 -2.94
N GLY A 108 -0.34 23.58 -3.57
CA GLY A 108 -0.64 24.87 -2.95
C GLY A 108 -1.32 24.71 -1.59
N SER A 109 -2.13 23.67 -1.36
CA SER A 109 -2.76 23.39 -0.05
C SER A 109 -1.93 22.55 0.93
N GLY A 110 -0.85 21.92 0.45
CA GLY A 110 -0.08 20.91 1.19
C GLY A 110 0.68 20.00 0.22
N SER A 111 0.07 18.91 -0.24
CA SER A 111 0.66 17.95 -1.16
C SER A 111 -0.40 17.07 -1.78
N THR A 112 -0.37 16.94 -3.09
CA THR A 112 -1.30 16.10 -3.82
C THR A 112 -0.61 14.80 -4.15
N ILE A 113 -1.16 13.72 -3.64
CA ILE A 113 -0.59 12.40 -3.86
C ILE A 113 -1.22 11.76 -5.07
N LYS A 114 -0.38 11.22 -5.94
CA LYS A 114 -0.86 10.56 -7.16
C LYS A 114 -0.71 9.06 -6.98
N SER A 115 -1.83 8.34 -7.00
CA SER A 115 -1.82 6.90 -6.83
C SER A 115 -2.22 6.20 -8.12
N ILE A 116 -1.32 5.40 -8.65
CA ILE A 116 -1.52 4.70 -9.91
C ILE A 116 -1.90 3.26 -9.63
N SER A 117 -2.89 2.78 -10.35
CA SER A 117 -3.35 1.40 -10.24
C SER A 117 -2.94 0.65 -11.50
N HIS A 118 -2.41 -0.56 -11.34
CA HIS A 118 -1.99 -1.35 -12.49
C HIS A 118 -2.45 -2.79 -12.36
N TYR A 119 -3.60 -3.09 -12.93
CA TYR A 119 -4.14 -4.44 -12.88
C TYR A 119 -3.51 -5.30 -13.96
N HIS A 120 -2.54 -6.14 -13.60
CA HIS A 120 -1.89 -7.00 -14.57
C HIS A 120 -2.53 -8.38 -14.55
N THR A 121 -3.34 -8.66 -15.56
CA THR A 121 -4.05 -9.94 -15.64
C THR A 121 -3.37 -10.87 -16.62
N LYS A 122 -3.90 -12.09 -16.69
CA LYS A 122 -3.38 -13.11 -17.60
C LYS A 122 -4.39 -13.41 -18.70
N GLY A 123 -3.91 -13.95 -19.82
CA GLY A 123 -4.78 -14.28 -20.94
C GLY A 123 -5.81 -13.17 -21.18
N ASN A 124 -7.07 -13.46 -20.88
CA ASN A 124 -8.16 -12.50 -21.05
C ASN A 124 -8.79 -12.15 -19.70
N ILE A 125 -8.21 -12.66 -18.62
CA ILE A 125 -8.71 -12.40 -17.28
C ILE A 125 -8.96 -10.92 -17.07
N GLU A 126 -9.79 -10.60 -16.08
CA GLU A 126 -10.10 -9.21 -15.77
C GLU A 126 -10.37 -9.04 -14.28
N ILE A 127 -9.99 -7.90 -13.73
CA ILE A 127 -10.21 -7.60 -12.32
C ILE A 127 -11.57 -6.96 -12.14
N LYS A 128 -12.40 -7.55 -11.28
CA LYS A 128 -13.75 -7.03 -11.06
C LYS A 128 -13.73 -5.77 -10.20
N GLU A 129 -14.84 -5.03 -10.27
CA GLU A 129 -14.99 -3.80 -9.50
C GLU A 129 -15.13 -4.11 -8.02
N GLU A 130 -15.77 -5.23 -7.71
CA GLU A 130 -15.97 -5.62 -6.31
C GLU A 130 -14.65 -6.02 -5.67
N HIS A 131 -13.73 -6.56 -6.48
CA HIS A 131 -12.42 -6.97 -5.97
C HIS A 131 -11.62 -5.76 -5.57
N VAL A 132 -11.47 -4.82 -6.49
CA VAL A 132 -10.72 -3.60 -6.24
C VAL A 132 -11.47 -2.72 -5.25
N LYS A 133 -12.78 -2.94 -5.11
CA LYS A 133 -13.58 -2.15 -4.19
C LYS A 133 -13.18 -2.42 -2.75
N VAL A 134 -13.04 -3.68 -2.40
CA VAL A 134 -12.65 -4.06 -1.04
C VAL A 134 -11.22 -3.65 -0.76
N GLY A 135 -10.31 -3.95 -1.69
CA GLY A 135 -8.90 -3.62 -1.52
C GLY A 135 -8.70 -2.11 -1.53
N LYS A 136 -9.30 -1.42 -2.50
CA LYS A 136 -9.18 0.02 -2.61
C LYS A 136 -9.89 0.71 -1.45
N GLU A 137 -11.11 0.30 -1.15
CA GLU A 137 -11.88 0.90 -0.08
C GLU A 137 -11.08 0.89 1.22
N LYS A 138 -10.48 -0.26 1.53
CA LYS A 138 -9.68 -0.39 2.74
C LYS A 138 -8.40 0.42 2.59
N ALA A 139 -7.68 0.18 1.50
CA ALA A 139 -6.43 0.89 1.23
C ALA A 139 -6.63 2.40 1.40
N HIS A 140 -7.70 2.90 0.82
CA HIS A 140 -8.04 4.31 0.93
C HIS A 140 -8.27 4.67 2.39
N GLY A 141 -8.89 3.73 3.12
CA GLY A 141 -9.18 3.93 4.53
C GLY A 141 -7.91 4.14 5.33
N LEU A 142 -6.96 3.24 5.19
CA LEU A 142 -5.69 3.34 5.92
C LEU A 142 -5.00 4.64 5.53
N PHE A 143 -5.02 4.96 4.24
CA PHE A 143 -4.42 6.20 3.76
C PHE A 143 -5.07 7.39 4.45
N LYS A 144 -6.34 7.23 4.79
CA LYS A 144 -7.10 8.26 5.47
C LYS A 144 -6.71 8.31 6.94
N LEU A 145 -6.41 7.15 7.51
CA LEU A 145 -6.04 7.05 8.90
C LEU A 145 -4.66 7.66 9.11
N ILE A 146 -3.69 7.18 8.34
CA ILE A 146 -2.33 7.67 8.46
C ILE A 146 -2.33 9.19 8.30
N GLU A 147 -3.00 9.67 7.27
CA GLU A 147 -3.07 11.11 7.04
C GLU A 147 -3.41 11.82 8.34
N SER A 148 -4.50 11.39 8.98
CA SER A 148 -4.91 11.96 10.25
C SER A 148 -3.78 11.94 11.26
N TYR A 149 -3.05 10.83 11.29
CA TYR A 149 -1.94 10.69 12.23
C TYR A 149 -0.88 11.78 12.07
N LEU A 150 -0.48 12.11 10.85
CA LEU A 150 0.56 13.14 10.67
C LEU A 150 0.09 14.50 11.10
N LYS A 151 -1.12 14.88 10.73
CA LYS A 151 -1.63 16.19 11.12
C LYS A 151 -1.68 16.29 12.64
N ASP A 152 -1.78 15.14 13.30
CA ASP A 152 -1.79 15.10 14.75
C ASP A 152 -0.45 14.58 15.28
N HIS A 153 0.36 14.03 14.41
CA HIS A 153 1.64 13.46 14.75
C HIS A 153 2.59 13.49 13.55
N PRO A 154 2.99 14.68 13.12
CA PRO A 154 3.89 14.83 11.95
C PRO A 154 5.29 14.32 12.26
N ASP A 155 5.48 13.89 13.49
CA ASP A 155 6.76 13.39 13.97
C ASP A 155 6.99 11.93 13.56
N ALA A 156 6.09 11.32 12.81
CA ALA A 156 6.29 9.92 12.43
C ALA A 156 7.69 9.68 11.89
N TYR A 157 8.36 8.66 12.43
CA TYR A 157 9.71 8.30 12.02
C TYR A 157 10.67 9.48 12.09
N ASN A 158 10.23 10.59 12.64
CA ASN A 158 11.06 11.78 12.75
C ASN A 158 12.06 11.61 13.89
N GLY A 1 -1.91 -6.43 -21.59
CA GLY A 1 -1.12 -7.07 -20.52
C GLY A 1 -1.62 -6.61 -19.16
N VAL A 2 -1.46 -5.32 -18.88
CA VAL A 2 -1.91 -4.75 -17.61
C VAL A 2 -2.64 -3.44 -17.82
N TYR A 3 -3.60 -3.15 -16.95
CA TYR A 3 -4.35 -1.90 -17.01
C TYR A 3 -3.79 -0.91 -16.00
N THR A 4 -3.15 0.16 -16.49
CA THR A 4 -2.59 1.17 -15.60
C THR A 4 -3.55 2.33 -15.42
N PHE A 5 -3.65 2.83 -14.20
CA PHE A 5 -4.51 3.96 -13.88
C PHE A 5 -3.83 4.88 -12.89
N GLU A 6 -3.87 6.19 -13.16
CA GLU A 6 -3.24 7.17 -12.29
C GLU A 6 -4.26 7.88 -11.41
N ASN A 7 -4.02 7.91 -10.11
CA ASN A 7 -4.92 8.53 -9.15
C ASN A 7 -4.14 9.51 -8.29
N GLU A 8 -4.84 10.38 -7.56
CA GLU A 8 -4.17 11.36 -6.72
C GLU A 8 -5.04 11.86 -5.58
N PHE A 9 -4.41 12.25 -4.48
CA PHE A 9 -5.11 12.76 -3.31
C PHE A 9 -4.30 13.90 -2.68
N THR A 10 -4.98 14.93 -2.21
CA THR A 10 -4.31 16.09 -1.60
C THR A 10 -4.49 16.12 -0.09
N SER A 11 -3.48 16.59 0.62
CA SER A 11 -3.52 16.69 2.07
C SER A 11 -2.75 17.91 2.56
N GLU A 12 -3.11 18.41 3.74
CA GLU A 12 -2.44 19.57 4.32
C GLU A 12 -1.29 19.13 5.22
N ILE A 13 -0.76 17.95 4.95
CA ILE A 13 0.32 17.38 5.73
C ILE A 13 1.63 17.41 4.93
N PRO A 14 2.70 17.95 5.48
CA PRO A 14 3.99 17.98 4.76
C PRO A 14 4.30 16.62 4.14
N PRO A 15 4.90 16.59 2.97
CA PRO A 15 5.23 15.32 2.27
C PRO A 15 6.17 14.42 3.07
N SER A 16 6.94 15.00 3.97
CA SER A 16 7.90 14.26 4.77
C SER A 16 7.22 13.36 5.80
N ARG A 17 6.07 13.76 6.32
CA ARG A 17 5.39 12.93 7.32
C ARG A 17 4.74 11.77 6.63
N LEU A 18 3.88 12.11 5.68
CA LEU A 18 3.20 11.09 4.90
C LEU A 18 4.23 10.10 4.38
N PHE A 19 5.35 10.64 3.91
CA PHE A 19 6.44 9.84 3.40
C PHE A 19 6.79 8.70 4.35
N LYS A 20 7.15 9.01 5.59
CA LYS A 20 7.49 7.94 6.51
C LYS A 20 6.25 7.17 6.86
N ALA A 21 5.18 7.91 7.06
CA ALA A 21 3.91 7.34 7.38
C ALA A 21 3.40 6.48 6.23
N PHE A 22 4.15 6.43 5.12
CA PHE A 22 3.76 5.66 3.95
C PHE A 22 4.78 4.57 3.59
N VAL A 23 5.95 4.54 4.23
CA VAL A 23 6.94 3.49 3.92
C VAL A 23 7.60 2.83 5.14
N LEU A 24 8.06 3.58 6.14
CA LEU A 24 8.72 2.93 7.30
C LEU A 24 7.77 2.78 8.48
N ASP A 25 6.84 3.70 8.67
CA ASP A 25 5.92 3.62 9.82
C ASP A 25 4.50 3.33 9.37
N ALA A 26 4.26 3.30 8.06
CA ALA A 26 2.93 3.04 7.52
C ALA A 26 2.47 1.63 7.81
N ASP A 27 3.37 0.69 7.64
CA ASP A 27 3.09 -0.73 7.85
C ASP A 27 3.22 -1.07 9.33
N ASN A 28 3.15 -0.03 10.14
CA ASN A 28 3.19 -0.11 11.58
C ASN A 28 2.18 0.88 12.12
N LEU A 29 1.66 1.70 11.21
CA LEU A 29 0.70 2.73 11.51
C LEU A 29 -0.73 2.22 11.30
N ILE A 30 -0.92 1.31 10.35
CA ILE A 30 -2.24 0.76 10.05
C ILE A 30 -2.90 0.18 11.31
N PRO A 31 -2.23 -0.72 12.02
CA PRO A 31 -2.81 -1.31 13.25
C PRO A 31 -3.03 -0.28 14.35
N LYS A 32 -2.27 0.81 14.29
CA LYS A 32 -2.36 1.87 15.29
C LYS A 32 -3.67 2.63 15.20
N ILE A 33 -3.88 3.23 14.05
CA ILE A 33 -5.01 4.07 13.77
C ILE A 33 -6.11 3.30 13.08
N ALA A 34 -5.74 2.37 12.22
CA ALA A 34 -6.69 1.59 11.43
C ALA A 34 -6.83 0.16 11.94
N PRO A 35 -7.33 -0.02 13.15
CA PRO A 35 -7.59 -1.36 13.68
C PRO A 35 -8.87 -1.89 13.04
N GLN A 36 -9.73 -0.93 12.67
CA GLN A 36 -10.98 -1.24 12.00
C GLN A 36 -10.70 -1.65 10.57
N ALA A 37 -9.82 -0.88 9.92
CA ALA A 37 -9.44 -1.16 8.55
C ALA A 37 -8.59 -2.42 8.45
N ILE A 38 -7.33 -2.31 8.87
CA ILE A 38 -6.40 -3.43 8.85
C ILE A 38 -6.26 -4.02 10.24
N LYS A 39 -6.11 -5.34 10.30
CA LYS A 39 -5.95 -6.01 11.59
C LYS A 39 -4.53 -5.86 12.10
N GLN A 40 -3.56 -6.39 11.36
CA GLN A 40 -2.17 -6.30 11.76
C GLN A 40 -1.26 -6.62 10.59
N ALA A 41 0.01 -6.30 10.72
CA ALA A 41 0.96 -6.56 9.66
C ALA A 41 2.39 -6.42 10.17
N GLU A 42 3.30 -7.19 9.59
CA GLU A 42 4.70 -7.15 9.99
C GLU A 42 5.60 -7.50 8.81
N ILE A 43 6.75 -6.85 8.70
CA ILE A 43 7.69 -7.11 7.63
C ILE A 43 8.46 -8.39 7.89
N LEU A 44 8.70 -9.13 6.84
CA LEU A 44 9.46 -10.37 6.93
C LEU A 44 10.92 -10.06 6.76
N GLU A 45 11.24 -9.15 5.84
CA GLU A 45 12.63 -8.76 5.60
C GLU A 45 12.70 -7.33 5.13
N GLY A 46 13.61 -6.55 5.70
CA GLY A 46 13.79 -5.16 5.33
C GLY A 46 12.98 -4.23 6.22
N ASN A 47 12.67 -3.05 5.71
CA ASN A 47 11.92 -2.03 6.46
C ASN A 47 10.82 -1.42 5.60
N GLY A 48 10.72 -1.84 4.35
CA GLY A 48 9.72 -1.31 3.42
C GLY A 48 10.37 -0.77 2.16
N GLY A 49 11.61 -1.18 1.89
CA GLY A 49 12.33 -0.72 0.71
C GLY A 49 12.54 -1.87 -0.29
N PRO A 50 13.29 -1.65 -1.34
CA PRO A 50 13.56 -2.69 -2.35
C PRO A 50 14.27 -3.92 -1.76
N GLY A 51 13.67 -5.09 -1.97
CA GLY A 51 14.25 -6.34 -1.47
C GLY A 51 13.54 -6.74 -0.19
N THR A 52 12.59 -5.89 0.19
CA THR A 52 11.81 -6.10 1.39
C THR A 52 10.51 -6.83 1.07
N ILE A 53 10.18 -7.79 1.92
CA ILE A 53 8.94 -8.53 1.80
C ILE A 53 8.06 -8.21 2.98
N LYS A 54 6.79 -7.89 2.75
CA LYS A 54 5.87 -7.58 3.82
C LYS A 54 4.67 -8.51 3.79
N LYS A 55 4.24 -8.99 4.95
CA LYS A 55 3.06 -9.87 5.05
C LYS A 55 1.97 -9.24 5.91
N ILE A 56 0.74 -9.21 5.41
CA ILE A 56 -0.37 -8.65 6.19
C ILE A 56 -1.10 -9.78 6.91
N THR A 57 -1.51 -9.54 8.14
CA THR A 57 -2.25 -10.52 8.91
C THR A 57 -3.69 -10.07 9.05
N PHE A 58 -4.62 -10.85 8.51
CA PHE A 58 -6.04 -10.51 8.57
C PHE A 58 -6.76 -11.37 9.61
N GLY A 59 -8.02 -11.06 9.87
CA GLY A 59 -8.82 -11.80 10.83
C GLY A 59 -8.90 -13.28 10.44
N GLU A 60 -8.91 -14.14 11.44
CA GLU A 60 -8.97 -15.59 11.21
C GLU A 60 -10.24 -15.97 10.46
N GLY A 61 -11.39 -15.80 11.11
CA GLY A 61 -12.68 -16.15 10.51
C GLY A 61 -13.29 -14.96 9.79
N SER A 62 -12.60 -14.47 8.76
CA SER A 62 -13.08 -13.34 7.97
C SER A 62 -12.87 -13.58 6.49
N GLN A 63 -13.12 -12.56 5.68
CA GLN A 63 -12.94 -12.67 4.23
C GLN A 63 -11.50 -13.03 3.90
N TYR A 64 -10.56 -12.22 4.38
CA TYR A 64 -9.14 -12.46 4.13
C TYR A 64 -8.49 -13.13 5.34
N GLY A 65 -7.39 -13.85 5.10
CA GLY A 65 -6.67 -14.53 6.17
C GLY A 65 -5.20 -14.15 6.16
N TYR A 66 -4.53 -14.43 5.05
CA TYR A 66 -3.11 -14.11 4.93
C TYR A 66 -2.77 -13.70 3.50
N VAL A 67 -1.78 -12.83 3.36
CA VAL A 67 -1.36 -12.35 2.03
C VAL A 67 0.07 -11.86 2.07
N LYS A 68 0.82 -12.10 0.99
CA LYS A 68 2.22 -11.67 0.90
C LYS A 68 2.40 -10.48 -0.03
N HIS A 69 2.76 -9.34 0.54
CA HIS A 69 3.00 -8.11 -0.23
C HIS A 69 4.50 -7.91 -0.40
N ARG A 70 4.98 -7.80 -1.63
CA ARG A 70 6.40 -7.63 -1.89
C ARG A 70 6.71 -6.20 -2.34
N ILE A 71 7.53 -5.50 -1.56
CA ILE A 71 7.94 -4.15 -1.91
C ILE A 71 8.87 -4.20 -3.12
N ASP A 72 8.79 -3.20 -3.99
CA ASP A 72 9.62 -3.18 -5.19
C ASP A 72 10.76 -2.17 -5.08
N SER A 73 10.44 -0.91 -4.80
CA SER A 73 11.49 0.11 -4.71
C SER A 73 11.02 1.39 -4.07
N ILE A 74 11.93 1.99 -3.31
CA ILE A 74 11.69 3.30 -2.74
C ILE A 74 12.82 4.21 -3.10
N ASP A 75 12.46 5.33 -3.67
CA ASP A 75 13.44 6.35 -4.03
C ASP A 75 13.18 7.56 -3.18
N GLU A 76 13.80 7.61 -2.00
CA GLU A 76 13.62 8.72 -1.08
C GLU A 76 13.93 10.01 -1.80
N ALA A 77 14.84 9.92 -2.77
CA ALA A 77 15.18 11.06 -3.58
C ALA A 77 13.92 11.60 -4.23
N SER A 78 13.06 10.68 -4.63
CA SER A 78 11.80 11.02 -5.28
C SER A 78 10.60 10.79 -4.36
N TYR A 79 10.79 10.13 -3.23
CA TYR A 79 9.70 9.84 -2.32
C TYR A 79 8.66 8.97 -2.99
N SER A 80 9.12 7.96 -3.73
CA SER A 80 8.23 7.06 -4.42
C SER A 80 8.20 5.71 -3.72
N TYR A 81 7.03 5.08 -3.67
CA TYR A 81 6.89 3.79 -3.04
C TYR A 81 6.10 2.85 -3.93
N SER A 82 6.72 1.76 -4.34
CA SER A 82 6.08 0.79 -5.21
C SER A 82 6.18 -0.62 -4.64
N TYR A 83 5.08 -1.34 -4.67
CA TYR A 83 5.02 -2.71 -4.17
C TYR A 83 4.08 -3.52 -5.03
N THR A 84 4.22 -4.84 -4.99
CA THR A 84 3.37 -5.72 -5.79
C THR A 84 2.95 -6.94 -4.98
N LEU A 85 1.69 -7.33 -5.14
CA LEU A 85 1.16 -8.49 -4.44
C LEU A 85 1.60 -9.75 -5.17
N ILE A 86 2.41 -10.56 -4.51
CA ILE A 86 2.92 -11.78 -5.12
C ILE A 86 1.91 -12.91 -5.07
N GLU A 87 1.26 -13.09 -3.92
CA GLU A 87 0.28 -14.16 -3.76
C GLU A 87 -0.77 -13.77 -2.73
N GLY A 88 -1.80 -14.59 -2.62
CA GLY A 88 -2.87 -14.36 -1.67
C GLY A 88 -4.18 -14.10 -2.39
N ASP A 89 -5.26 -13.92 -1.66
CA ASP A 89 -6.54 -13.63 -2.29
C ASP A 89 -6.42 -12.32 -3.04
N ALA A 90 -5.22 -11.73 -2.96
CA ALA A 90 -4.88 -10.52 -3.65
C ALA A 90 -4.97 -10.73 -5.15
N LEU A 91 -4.63 -11.93 -5.60
CA LEU A 91 -4.61 -12.31 -7.00
C LEU A 91 -5.72 -13.28 -7.29
N THR A 92 -6.69 -13.41 -6.40
CA THR A 92 -7.76 -14.37 -6.61
C THR A 92 -7.15 -15.70 -7.06
N ASP A 93 -7.62 -16.23 -8.18
CA ASP A 93 -7.08 -17.46 -8.73
C ASP A 93 -6.76 -17.31 -10.21
N THR A 94 -7.23 -16.23 -10.80
CA THR A 94 -7.05 -15.95 -12.23
C THR A 94 -6.00 -14.86 -12.47
N ILE A 95 -5.51 -14.23 -11.42
CA ILE A 95 -4.56 -13.14 -11.57
C ILE A 95 -3.13 -13.56 -11.38
N GLU A 96 -2.26 -12.81 -12.04
CA GLU A 96 -0.83 -13.04 -11.95
C GLU A 96 -0.25 -12.18 -10.82
N LYS A 97 -0.47 -10.88 -10.90
CA LYS A 97 0.02 -9.96 -9.89
C LYS A 97 -0.52 -8.55 -10.12
N ILE A 98 -0.66 -7.80 -9.04
CA ILE A 98 -1.17 -6.42 -9.11
C ILE A 98 -0.12 -5.48 -8.55
N SER A 99 0.29 -4.50 -9.34
CA SER A 99 1.33 -3.54 -8.95
C SER A 99 0.73 -2.20 -8.54
N TYR A 100 1.36 -1.56 -7.56
CA TYR A 100 0.92 -0.26 -7.08
C TYR A 100 2.11 0.65 -6.80
N GLU A 101 2.10 1.86 -7.37
CA GLU A 101 3.19 2.81 -7.18
C GLU A 101 2.64 4.18 -6.85
N THR A 102 3.17 4.84 -5.83
CA THR A 102 2.69 6.15 -5.43
C THR A 102 3.85 7.10 -5.22
N LYS A 103 3.71 8.32 -5.71
CA LYS A 103 4.73 9.34 -5.55
C LYS A 103 4.15 10.53 -4.82
N LEU A 104 4.87 11.04 -3.84
CA LEU A 104 4.39 12.17 -3.05
C LEU A 104 5.01 13.46 -3.56
N VAL A 105 4.17 14.46 -3.78
CA VAL A 105 4.62 15.76 -4.29
C VAL A 105 4.02 16.88 -3.48
N ALA A 106 4.82 17.89 -3.14
CA ALA A 106 4.30 19.02 -2.38
C ALA A 106 3.41 19.89 -3.26
N CYS A 107 2.27 20.31 -2.73
CA CYS A 107 1.34 21.17 -3.45
C CYS A 107 1.11 22.46 -2.68
N GLY A 108 0.46 23.43 -3.32
CA GLY A 108 0.20 24.71 -2.69
C GLY A 108 -0.52 24.56 -1.34
N SER A 109 -1.34 23.52 -1.14
CA SER A 109 -2.05 23.26 0.12
C SER A 109 -1.28 22.35 1.12
N GLY A 110 -0.21 21.69 0.65
CA GLY A 110 0.57 20.70 1.40
C GLY A 110 1.38 19.79 0.48
N SER A 111 0.77 18.70 0.00
CA SER A 111 1.36 17.73 -0.92
C SER A 111 0.29 16.86 -1.54
N THR A 112 0.32 16.73 -2.86
CA THR A 112 -0.62 15.90 -3.57
C THR A 112 0.05 14.59 -3.88
N ILE A 113 -0.51 13.51 -3.35
CA ILE A 113 0.05 12.19 -3.56
C ILE A 113 -0.57 11.54 -4.77
N LYS A 114 0.26 11.00 -5.65
CA LYS A 114 -0.21 10.35 -6.85
C LYS A 114 -0.08 8.84 -6.70
N SER A 115 -1.19 8.13 -6.72
CA SER A 115 -1.20 6.68 -6.56
C SER A 115 -1.57 5.99 -7.86
N ILE A 116 -0.66 5.18 -8.36
CA ILE A 116 -0.82 4.48 -9.62
C ILE A 116 -1.23 3.05 -9.36
N SER A 117 -2.20 2.57 -10.13
CA SER A 117 -2.67 1.20 -10.01
C SER A 117 -2.41 0.45 -11.32
N HIS A 118 -1.84 -0.74 -11.24
CA HIS A 118 -1.54 -1.54 -12.43
C HIS A 118 -1.88 -2.99 -12.19
N TYR A 119 -2.89 -3.49 -12.88
CA TYR A 119 -3.32 -4.88 -12.71
C TYR A 119 -2.82 -5.72 -13.86
N HIS A 120 -1.78 -6.50 -13.61
CA HIS A 120 -1.22 -7.36 -14.64
C HIS A 120 -1.89 -8.73 -14.61
N THR A 121 -2.73 -8.97 -15.60
CA THR A 121 -3.47 -10.23 -15.68
C THR A 121 -2.80 -11.20 -16.63
N LYS A 122 -3.37 -12.40 -16.71
CA LYS A 122 -2.87 -13.45 -17.60
C LYS A 122 -3.82 -13.67 -18.76
N GLY A 123 -3.31 -14.26 -19.84
CA GLY A 123 -4.12 -14.55 -21.02
C GLY A 123 -5.09 -13.39 -21.31
N ASN A 124 -6.38 -13.63 -21.09
CA ASN A 124 -7.41 -12.62 -21.33
C ASN A 124 -8.10 -12.23 -20.03
N ILE A 125 -7.63 -12.79 -18.92
CA ILE A 125 -8.21 -12.51 -17.60
C ILE A 125 -8.42 -11.02 -17.44
N GLU A 126 -9.29 -10.66 -16.49
CA GLU A 126 -9.58 -9.26 -16.21
C GLU A 126 -9.94 -9.05 -14.74
N ILE A 127 -9.54 -7.91 -14.19
CA ILE A 127 -9.83 -7.58 -12.80
C ILE A 127 -11.18 -6.87 -12.73
N LYS A 128 -12.08 -7.37 -11.90
CA LYS A 128 -13.42 -6.79 -11.78
C LYS A 128 -13.37 -5.49 -10.99
N GLU A 129 -14.42 -4.69 -11.13
CA GLU A 129 -14.54 -3.41 -10.42
C GLU A 129 -14.76 -3.66 -8.94
N GLU A 130 -15.68 -4.55 -8.61
CA GLU A 130 -15.99 -4.85 -7.22
C GLU A 130 -14.75 -5.36 -6.51
N HIS A 131 -13.82 -5.92 -7.28
CA HIS A 131 -12.58 -6.45 -6.71
C HIS A 131 -11.64 -5.32 -6.30
N VAL A 132 -11.40 -4.39 -7.20
CA VAL A 132 -10.52 -3.27 -6.91
C VAL A 132 -11.22 -2.22 -6.06
N LYS A 133 -12.54 -2.15 -6.16
CA LYS A 133 -13.31 -1.18 -5.39
C LYS A 133 -13.26 -1.50 -3.90
N VAL A 134 -13.45 -2.76 -3.55
CA VAL A 134 -13.42 -3.18 -2.15
C VAL A 134 -12.00 -3.06 -1.60
N GLY A 135 -11.02 -3.55 -2.37
CA GLY A 135 -9.63 -3.49 -1.95
C GLY A 135 -9.17 -2.04 -1.86
N LYS A 136 -9.57 -1.24 -2.85
CA LYS A 136 -9.21 0.17 -2.89
C LYS A 136 -9.89 0.93 -1.76
N GLU A 137 -11.17 0.67 -1.54
CA GLU A 137 -11.92 1.35 -0.49
C GLU A 137 -11.20 1.18 0.85
N LYS A 138 -10.72 -0.04 1.11
CA LYS A 138 -10.00 -0.30 2.35
C LYS A 138 -8.66 0.41 2.32
N ALA A 139 -7.89 0.17 1.26
CA ALA A 139 -6.60 0.80 1.10
C ALA A 139 -6.69 2.31 1.31
N HIS A 140 -7.75 2.90 0.78
CA HIS A 140 -7.99 4.33 0.94
C HIS A 140 -8.29 4.62 2.39
N GLY A 141 -8.99 3.70 3.04
CA GLY A 141 -9.35 3.82 4.44
C GLY A 141 -8.11 3.93 5.31
N LEU A 142 -7.06 3.21 4.96
CA LEU A 142 -5.83 3.24 5.72
C LEU A 142 -5.12 4.56 5.46
N PHE A 143 -5.13 4.99 4.20
CA PHE A 143 -4.53 6.27 3.84
C PHE A 143 -5.24 7.37 4.61
N LYS A 144 -6.48 7.08 5.03
CA LYS A 144 -7.27 8.02 5.80
C LYS A 144 -6.79 8.07 7.23
N LEU A 145 -6.45 6.91 7.78
CA LEU A 145 -5.96 6.83 9.15
C LEU A 145 -4.62 7.52 9.25
N ILE A 146 -3.69 7.07 8.42
CA ILE A 146 -2.34 7.60 8.43
C ILE A 146 -2.36 9.11 8.28
N GLU A 147 -3.08 9.62 7.28
CA GLU A 147 -3.15 11.06 7.11
C GLU A 147 -3.46 11.73 8.44
N SER A 148 -4.55 11.29 9.08
CA SER A 148 -4.94 11.85 10.37
C SER A 148 -3.79 11.78 11.38
N TYR A 149 -3.08 10.66 11.40
CA TYR A 149 -1.99 10.47 12.34
C TYR A 149 -0.87 11.49 12.19
N LEU A 150 -0.43 11.81 10.99
CA LEU A 150 0.68 12.77 10.85
C LEU A 150 0.26 14.16 11.24
N LYS A 151 -0.92 14.59 10.83
CA LYS A 151 -1.37 15.93 11.18
C LYS A 151 -1.50 16.03 12.69
N ASP A 152 -1.70 14.90 13.35
CA ASP A 152 -1.79 14.86 14.80
C ASP A 152 -0.52 14.27 15.41
N HIS A 153 0.30 13.66 14.58
CA HIS A 153 1.53 13.01 14.98
C HIS A 153 2.49 12.97 13.79
N PRO A 154 2.97 14.12 13.35
CA PRO A 154 3.88 14.21 12.19
C PRO A 154 5.28 13.70 12.52
N ASP A 155 5.48 13.36 13.76
CA ASP A 155 6.74 12.86 14.27
C ASP A 155 6.92 11.37 14.01
N ALA A 156 6.00 10.72 13.32
CA ALA A 156 6.14 9.28 13.07
C ALA A 156 7.53 8.95 12.55
N TYR A 157 8.17 7.95 13.15
CA TYR A 157 9.50 7.51 12.74
C TYR A 157 10.52 8.65 12.77
N ASN A 158 10.11 9.82 13.26
CA ASN A 158 11.01 10.95 13.32
C ASN A 158 12.08 10.73 14.38
N GLY A 1 -0.91 -8.20 -21.73
CA GLY A 1 0.17 -7.84 -20.78
C GLY A 1 -0.42 -7.37 -19.46
N VAL A 2 -0.23 -6.10 -19.15
CA VAL A 2 -0.74 -5.54 -17.90
C VAL A 2 -1.41 -4.19 -18.15
N TYR A 3 -2.43 -3.88 -17.36
CA TYR A 3 -3.12 -2.60 -17.45
C TYR A 3 -2.59 -1.64 -16.40
N THR A 4 -1.88 -0.60 -16.83
CA THR A 4 -1.34 0.38 -15.89
C THR A 4 -2.26 1.58 -15.77
N PHE A 5 -2.54 1.98 -14.54
CA PHE A 5 -3.39 3.12 -14.27
C PHE A 5 -2.74 4.04 -13.25
N GLU A 6 -2.65 5.32 -13.57
CA GLU A 6 -2.02 6.29 -12.68
C GLU A 6 -3.09 7.12 -11.96
N ASN A 7 -2.93 7.28 -10.64
CA ASN A 7 -3.87 8.05 -9.84
C ASN A 7 -3.14 9.12 -9.03
N GLU A 8 -3.89 10.02 -8.40
CA GLU A 8 -3.28 11.10 -7.63
C GLU A 8 -4.21 11.59 -6.51
N PHE A 9 -3.62 12.06 -5.42
CA PHE A 9 -4.36 12.58 -4.28
C PHE A 9 -3.49 13.55 -3.49
N THR A 10 -4.09 14.63 -3.01
CA THR A 10 -3.34 15.65 -2.25
C THR A 10 -3.64 15.59 -0.76
N SER A 11 -2.63 15.85 0.06
CA SER A 11 -2.77 15.84 1.51
C SER A 11 -2.09 17.07 2.11
N GLU A 12 -2.56 17.50 3.28
CA GLU A 12 -1.98 18.66 3.96
C GLU A 12 -0.90 18.25 4.94
N ILE A 13 -0.38 17.04 4.77
CA ILE A 13 0.66 16.50 5.64
C ILE A 13 1.99 16.48 4.90
N PRO A 14 3.05 17.05 5.48
CA PRO A 14 4.36 17.04 4.83
C PRO A 14 4.67 15.65 4.25
N PRO A 15 5.35 15.58 3.12
CA PRO A 15 5.68 14.29 2.47
C PRO A 15 6.58 13.42 3.34
N SER A 16 7.31 14.05 4.25
CA SER A 16 8.23 13.34 5.13
C SER A 16 7.52 12.46 6.14
N ARG A 17 6.35 12.86 6.62
CA ARG A 17 5.64 12.04 7.62
C ARG A 17 4.99 10.88 6.93
N LEU A 18 4.16 11.18 5.96
CA LEU A 18 3.49 10.16 5.19
C LEU A 18 4.50 9.13 4.75
N PHE A 19 5.61 9.61 4.19
CA PHE A 19 6.68 8.74 3.73
C PHE A 19 7.08 7.70 4.78
N LYS A 20 7.43 8.14 5.99
CA LYS A 20 7.82 7.16 7.02
C LYS A 20 6.60 6.38 7.46
N ALA A 21 5.45 7.02 7.33
CA ALA A 21 4.18 6.44 7.70
C ALA A 21 3.67 5.50 6.60
N PHE A 22 4.38 5.41 5.47
CA PHE A 22 3.97 4.58 4.36
C PHE A 22 4.98 3.47 4.05
N VAL A 23 6.16 3.51 4.68
CA VAL A 23 7.17 2.47 4.41
C VAL A 23 7.84 1.89 5.66
N LEU A 24 8.08 2.68 6.70
CA LEU A 24 8.80 2.16 7.86
C LEU A 24 7.86 1.57 8.90
N ASP A 25 6.89 2.35 9.34
CA ASP A 25 5.95 1.87 10.35
C ASP A 25 4.55 1.74 9.79
N ALA A 26 4.35 2.10 8.54
CA ALA A 26 3.04 2.01 7.92
C ALA A 26 2.39 0.67 8.20
N ASP A 27 3.19 -0.38 8.17
CA ASP A 27 2.71 -1.74 8.40
C ASP A 27 2.67 -2.05 9.90
N ASN A 28 2.80 -1.02 10.70
CA ASN A 28 2.75 -1.09 12.16
C ASN A 28 1.87 0.04 12.67
N LEU A 29 1.54 0.93 11.74
CA LEU A 29 0.73 2.09 11.98
C LEU A 29 -0.71 1.77 11.62
N ILE A 30 -0.89 1.10 10.49
CA ILE A 30 -2.21 0.75 10.01
C ILE A 30 -3.02 -0.06 11.04
N PRO A 31 -2.48 -1.06 11.70
CA PRO A 31 -3.24 -1.82 12.73
C PRO A 31 -3.64 -0.92 13.89
N LYS A 32 -2.85 0.15 14.07
CA LYS A 32 -3.04 1.10 15.15
C LYS A 32 -4.32 1.90 14.98
N ILE A 33 -4.43 2.51 13.82
CA ILE A 33 -5.53 3.37 13.48
C ILE A 33 -6.58 2.63 12.70
N ALA A 34 -6.18 1.70 11.85
CA ALA A 34 -7.09 0.93 11.00
C ALA A 34 -7.29 -0.49 11.49
N PRO A 35 -7.85 -0.67 12.68
CA PRO A 35 -8.18 -2.01 13.18
C PRO A 35 -9.44 -2.48 12.48
N GLN A 36 -10.25 -1.49 12.08
CA GLN A 36 -11.49 -1.74 11.38
C GLN A 36 -11.20 -2.11 9.93
N ALA A 37 -10.28 -1.38 9.32
CA ALA A 37 -9.91 -1.61 7.94
C ALA A 37 -9.14 -2.93 7.76
N ILE A 38 -7.87 -2.92 8.16
CA ILE A 38 -7.01 -4.10 8.03
C ILE A 38 -6.90 -4.84 9.34
N LYS A 39 -6.77 -6.15 9.25
CA LYS A 39 -6.63 -7.03 10.41
C LYS A 39 -5.25 -6.88 11.02
N GLN A 40 -4.21 -7.25 10.26
CA GLN A 40 -2.85 -7.14 10.76
C GLN A 40 -1.86 -7.59 9.68
N ALA A 41 -0.60 -7.29 9.90
CA ALA A 41 0.45 -7.67 8.97
C ALA A 41 1.81 -7.51 9.62
N GLU A 42 2.73 -8.40 9.31
CA GLU A 42 4.08 -8.35 9.87
C GLU A 42 5.11 -8.74 8.82
N ILE A 43 6.28 -8.14 8.88
CA ILE A 43 7.32 -8.44 7.91
C ILE A 43 8.12 -9.66 8.34
N LEU A 44 8.43 -10.50 7.36
CA LEU A 44 9.20 -11.70 7.58
C LEU A 44 10.68 -11.36 7.42
N GLU A 45 10.98 -10.51 6.44
CA GLU A 45 12.36 -10.10 6.21
C GLU A 45 12.39 -8.63 5.83
N GLY A 46 13.29 -7.88 6.45
CA GLY A 46 13.41 -6.46 6.17
C GLY A 46 12.45 -5.65 7.04
N ASN A 47 12.11 -4.46 6.59
CA ASN A 47 11.20 -3.57 7.33
C ASN A 47 10.15 -2.98 6.40
N GLY A 48 10.37 -3.11 5.10
CA GLY A 48 9.44 -2.57 4.10
C GLY A 48 10.18 -2.02 2.89
N GLY A 49 11.44 -2.41 2.71
CA GLY A 49 12.23 -1.95 1.58
C GLY A 49 12.50 -3.08 0.59
N PRO A 50 13.32 -2.84 -0.42
CA PRO A 50 13.66 -3.88 -1.43
C PRO A 50 14.35 -5.10 -0.82
N GLY A 51 13.79 -6.28 -1.08
CA GLY A 51 14.35 -7.53 -0.58
C GLY A 51 13.57 -7.98 0.63
N THR A 52 12.56 -7.19 0.95
CA THR A 52 11.71 -7.44 2.08
C THR A 52 10.47 -8.23 1.67
N ILE A 53 10.07 -9.17 2.52
CA ILE A 53 8.87 -9.96 2.29
C ILE A 53 7.89 -9.69 3.41
N LYS A 54 6.64 -9.45 3.07
CA LYS A 54 5.61 -9.17 4.05
C LYS A 54 4.46 -10.14 3.91
N LYS A 55 3.91 -10.57 5.05
CA LYS A 55 2.75 -11.48 5.06
C LYS A 55 1.56 -10.83 5.77
N ILE A 56 0.39 -10.89 5.16
CA ILE A 56 -0.81 -10.32 5.78
C ILE A 56 -1.56 -11.39 6.56
N THR A 57 -2.11 -11.00 7.71
CA THR A 57 -2.90 -11.91 8.52
C THR A 57 -4.34 -11.48 8.43
N PHE A 58 -5.20 -12.34 7.90
CA PHE A 58 -6.61 -12.00 7.75
C PHE A 58 -7.41 -12.43 8.97
N GLY A 59 -8.60 -11.87 9.13
CA GLY A 59 -9.46 -12.22 10.24
C GLY A 59 -9.67 -13.73 10.29
N GLU A 60 -9.76 -14.27 11.49
CA GLU A 60 -9.96 -15.71 11.69
C GLU A 60 -11.23 -16.16 10.97
N GLY A 61 -12.31 -15.43 11.16
CA GLY A 61 -13.59 -15.76 10.53
C GLY A 61 -13.77 -15.01 9.21
N SER A 62 -12.90 -15.27 8.24
CA SER A 62 -12.98 -14.60 6.94
C SER A 62 -12.75 -15.59 5.81
N GLN A 63 -12.92 -15.12 4.58
CA GLN A 63 -12.74 -15.95 3.40
C GLN A 63 -11.27 -16.32 3.21
N TYR A 64 -10.39 -15.33 3.26
CA TYR A 64 -8.97 -15.56 3.07
C TYR A 64 -8.28 -15.81 4.40
N GLY A 65 -7.13 -16.47 4.36
CA GLY A 65 -6.37 -16.78 5.56
C GLY A 65 -5.08 -15.97 5.61
N TYR A 66 -4.22 -16.19 4.61
CA TYR A 66 -2.93 -15.48 4.55
C TYR A 66 -2.53 -15.22 3.11
N VAL A 67 -1.72 -14.19 2.91
CA VAL A 67 -1.24 -13.82 1.58
C VAL A 67 0.19 -13.27 1.68
N LYS A 68 0.93 -13.33 0.58
CA LYS A 68 2.30 -12.85 0.55
C LYS A 68 2.45 -11.52 -0.20
N HIS A 69 2.79 -10.48 0.56
CA HIS A 69 3.01 -9.13 0.03
C HIS A 69 4.51 -8.83 0.01
N ARG A 70 5.13 -8.85 -1.16
CA ARG A 70 6.56 -8.58 -1.27
C ARG A 70 6.83 -7.16 -1.74
N ILE A 71 7.72 -6.46 -1.03
CA ILE A 71 8.10 -5.12 -1.40
C ILE A 71 9.01 -5.18 -2.63
N ASP A 72 8.92 -4.20 -3.51
CA ASP A 72 9.74 -4.19 -4.72
C ASP A 72 10.90 -3.23 -4.61
N SER A 73 10.64 -1.95 -4.33
CA SER A 73 11.74 -0.98 -4.24
C SER A 73 11.33 0.32 -3.57
N ILE A 74 12.24 0.88 -2.77
CA ILE A 74 12.02 2.16 -2.11
C ILE A 74 13.14 3.11 -2.45
N ASP A 75 12.78 4.31 -2.86
CA ASP A 75 13.77 5.33 -3.16
C ASP A 75 13.61 6.45 -2.17
N GLU A 76 14.28 6.34 -1.03
CA GLU A 76 14.20 7.36 0.02
C GLU A 76 14.53 8.71 -0.57
N ALA A 77 15.40 8.71 -1.58
CA ALA A 77 15.76 9.92 -2.26
C ALA A 77 14.51 10.56 -2.83
N SER A 78 13.62 9.71 -3.33
CA SER A 78 12.36 10.16 -3.91
C SER A 78 11.17 9.84 -3.01
N TYR A 79 11.37 9.07 -1.97
CA TYR A 79 10.31 8.66 -1.07
C TYR A 79 9.23 7.92 -1.83
N SER A 80 9.64 6.95 -2.64
CA SER A 80 8.71 6.16 -3.44
C SER A 80 8.57 4.77 -2.84
N TYR A 81 7.40 4.18 -2.96
CA TYR A 81 7.15 2.84 -2.43
C TYR A 81 6.46 1.96 -3.46
N SER A 82 7.05 0.81 -3.74
CA SER A 82 6.50 -0.13 -4.71
C SER A 82 6.50 -1.53 -4.14
N TYR A 83 5.40 -2.25 -4.34
CA TYR A 83 5.27 -3.62 -3.84
C TYR A 83 4.40 -4.42 -4.80
N THR A 84 4.50 -5.74 -4.72
CA THR A 84 3.73 -6.61 -5.61
C THR A 84 3.29 -7.87 -4.90
N LEU A 85 2.05 -8.28 -5.14
CA LEU A 85 1.52 -9.50 -4.55
C LEU A 85 2.02 -10.68 -5.37
N ILE A 86 2.75 -11.57 -4.73
CA ILE A 86 3.30 -12.72 -5.43
C ILE A 86 2.31 -13.87 -5.52
N GLU A 87 1.59 -14.13 -4.44
CA GLU A 87 0.63 -15.23 -4.43
C GLU A 87 -0.41 -15.01 -3.35
N GLY A 88 -1.42 -15.87 -3.31
CA GLY A 88 -2.48 -15.77 -2.32
C GLY A 88 -3.81 -15.52 -2.99
N ASP A 89 -4.88 -15.46 -2.20
CA ASP A 89 -6.20 -15.17 -2.77
C ASP A 89 -6.15 -13.80 -3.41
N ALA A 90 -4.98 -13.18 -3.36
CA ALA A 90 -4.71 -11.89 -3.94
C ALA A 90 -4.84 -11.98 -5.45
N LEU A 91 -4.45 -13.11 -6.00
CA LEU A 91 -4.46 -13.36 -7.44
C LEU A 91 -5.54 -14.36 -7.74
N THR A 92 -6.46 -14.57 -6.81
CA THR A 92 -7.50 -15.56 -6.99
C THR A 92 -6.89 -16.84 -7.56
N ASP A 93 -7.43 -17.32 -8.66
CA ASP A 93 -6.91 -18.51 -9.33
C ASP A 93 -6.74 -18.25 -10.82
N THR A 94 -7.25 -17.11 -11.27
CA THR A 94 -7.20 -16.73 -12.68
C THR A 94 -6.17 -15.63 -12.95
N ILE A 95 -5.57 -15.07 -11.89
CA ILE A 95 -4.62 -13.98 -12.07
C ILE A 95 -3.19 -14.42 -12.00
N GLU A 96 -2.35 -13.66 -12.68
CA GLU A 96 -0.92 -13.89 -12.70
C GLU A 96 -0.26 -13.11 -11.57
N LYS A 97 -0.46 -11.79 -11.55
CA LYS A 97 0.13 -10.95 -10.53
C LYS A 97 -0.40 -9.51 -10.60
N ILE A 98 -0.48 -8.86 -9.45
CA ILE A 98 -0.95 -7.46 -9.38
C ILE A 98 0.14 -6.61 -8.73
N SER A 99 0.47 -5.49 -9.36
CA SER A 99 1.52 -4.59 -8.87
C SER A 99 0.97 -3.20 -8.58
N TYR A 100 1.51 -2.56 -7.54
CA TYR A 100 1.07 -1.21 -7.15
C TYR A 100 2.28 -0.37 -6.75
N GLU A 101 2.35 0.86 -7.26
CA GLU A 101 3.45 1.76 -6.95
C GLU A 101 2.94 3.12 -6.47
N THR A 102 3.51 3.64 -5.40
CA THR A 102 3.10 4.91 -4.84
C THR A 102 4.30 5.84 -4.74
N LYS A 103 4.15 7.08 -5.18
CA LYS A 103 5.23 8.05 -5.12
C LYS A 103 4.80 9.24 -4.28
N LEU A 104 5.68 9.67 -3.37
CA LEU A 104 5.38 10.81 -2.51
C LEU A 104 6.03 12.07 -3.07
N VAL A 105 5.23 13.11 -3.27
CA VAL A 105 5.74 14.37 -3.81
C VAL A 105 5.12 15.53 -3.06
N ALA A 106 5.91 16.53 -2.71
CA ALA A 106 5.37 17.68 -2.02
C ALA A 106 4.55 18.54 -3.00
N CYS A 107 3.42 19.05 -2.53
CA CYS A 107 2.56 19.90 -3.34
C CYS A 107 2.39 21.25 -2.68
N GLY A 108 1.83 22.21 -3.41
CA GLY A 108 1.62 23.55 -2.88
C GLY A 108 0.86 23.54 -1.56
N SER A 109 0.01 22.54 -1.26
CA SER A 109 -0.70 22.36 0.03
C SER A 109 0.01 21.51 1.10
N GLY A 110 1.04 20.76 0.73
CA GLY A 110 1.57 19.62 1.50
C GLY A 110 2.30 18.63 0.59
N SER A 111 1.61 17.62 0.04
CA SER A 111 2.21 16.60 -0.80
C SER A 111 1.16 15.84 -1.57
N THR A 112 1.38 15.65 -2.86
CA THR A 112 0.50 14.90 -3.72
C THR A 112 1.05 13.51 -3.90
N ILE A 113 0.22 12.52 -3.61
CA ILE A 113 0.62 11.13 -3.73
C ILE A 113 0.10 10.54 -5.03
N LYS A 114 1.00 9.94 -5.79
CA LYS A 114 0.63 9.30 -7.05
C LYS A 114 0.62 7.80 -6.86
N SER A 115 -0.53 7.18 -7.04
CA SER A 115 -0.67 5.74 -6.87
C SER A 115 -0.92 5.06 -8.21
N ILE A 116 -0.04 4.13 -8.56
CA ILE A 116 -0.10 3.43 -9.82
C ILE A 116 -0.62 2.03 -9.61
N SER A 117 -1.52 1.63 -10.49
CA SER A 117 -2.09 0.29 -10.45
C SER A 117 -1.53 -0.50 -11.63
N HIS A 118 -1.19 -1.77 -11.40
CA HIS A 118 -0.64 -2.60 -12.46
C HIS A 118 -1.26 -3.98 -12.43
N TYR A 119 -2.32 -4.16 -13.21
CA TYR A 119 -2.98 -5.45 -13.27
C TYR A 119 -2.34 -6.33 -14.33
N HIS A 120 -1.51 -7.27 -13.89
CA HIS A 120 -0.86 -8.18 -14.83
C HIS A 120 -1.74 -9.39 -15.03
N THR A 121 -2.42 -9.41 -16.16
CA THR A 121 -3.36 -10.49 -16.49
C THR A 121 -2.68 -11.61 -17.27
N LYS A 122 -3.32 -12.78 -17.26
CA LYS A 122 -2.80 -13.93 -18.00
C LYS A 122 -3.73 -14.28 -19.15
N GLY A 123 -3.16 -14.68 -20.28
CA GLY A 123 -3.96 -15.03 -21.45
C GLY A 123 -4.94 -13.90 -21.79
N ASN A 124 -6.22 -14.14 -21.57
CA ASN A 124 -7.26 -13.14 -21.83
C ASN A 124 -7.95 -12.74 -20.55
N ILE A 125 -7.57 -13.37 -19.44
CA ILE A 125 -8.16 -13.07 -18.14
C ILE A 125 -8.18 -11.56 -17.89
N GLU A 126 -9.02 -11.14 -16.95
CA GLU A 126 -9.15 -9.71 -16.63
C GLU A 126 -9.53 -9.50 -15.17
N ILE A 127 -9.09 -8.38 -14.60
CA ILE A 127 -9.41 -8.05 -13.22
C ILE A 127 -10.73 -7.31 -13.17
N LYS A 128 -11.68 -7.81 -12.38
CA LYS A 128 -13.00 -7.19 -12.29
C LYS A 128 -12.98 -5.90 -11.48
N GLU A 129 -14.03 -5.11 -11.65
CA GLU A 129 -14.17 -3.85 -10.92
C GLU A 129 -14.42 -4.09 -9.44
N GLU A 130 -15.26 -5.07 -9.14
CA GLU A 130 -15.56 -5.39 -7.75
C GLU A 130 -14.30 -5.84 -7.02
N HIS A 131 -13.34 -6.36 -7.78
CA HIS A 131 -12.08 -6.82 -7.21
C HIS A 131 -11.22 -5.64 -6.79
N VAL A 132 -11.03 -4.70 -7.69
CA VAL A 132 -10.20 -3.53 -7.40
C VAL A 132 -10.97 -2.53 -6.55
N LYS A 133 -12.28 -2.55 -6.62
CA LYS A 133 -13.13 -1.63 -5.86
C LYS A 133 -13.04 -1.94 -4.37
N VAL A 134 -13.14 -3.21 -4.01
CA VAL A 134 -13.06 -3.61 -2.61
C VAL A 134 -11.65 -3.43 -2.07
N GLY A 135 -10.66 -3.86 -2.86
CA GLY A 135 -9.26 -3.75 -2.45
C GLY A 135 -8.84 -2.28 -2.37
N LYS A 136 -9.19 -1.52 -3.41
CA LYS A 136 -8.87 -0.09 -3.45
C LYS A 136 -9.62 0.67 -2.38
N GLU A 137 -10.92 0.42 -2.26
CA GLU A 137 -11.73 1.10 -1.28
C GLU A 137 -11.14 0.91 0.11
N LYS A 138 -10.79 -0.34 0.44
CA LYS A 138 -10.18 -0.64 1.72
C LYS A 138 -8.81 0.00 1.81
N ALA A 139 -7.97 -0.27 0.82
CA ALA A 139 -6.63 0.29 0.76
C ALA A 139 -6.67 1.80 0.99
N HIS A 140 -7.64 2.46 0.37
CA HIS A 140 -7.82 3.88 0.54
C HIS A 140 -8.10 4.18 2.00
N GLY A 141 -8.84 3.29 2.64
CA GLY A 141 -9.19 3.43 4.04
C GLY A 141 -7.95 3.46 4.91
N LEU A 142 -6.97 2.65 4.57
CA LEU A 142 -5.72 2.58 5.33
C LEU A 142 -4.98 3.90 5.18
N PHE A 143 -4.89 4.39 3.95
CA PHE A 143 -4.24 5.66 3.70
C PHE A 143 -4.95 6.76 4.45
N LYS A 144 -6.23 6.51 4.76
CA LYS A 144 -7.04 7.46 5.50
C LYS A 144 -6.64 7.47 6.96
N LEU A 145 -6.29 6.30 7.49
CA LEU A 145 -5.89 6.19 8.88
C LEU A 145 -4.53 6.82 9.07
N ILE A 146 -3.56 6.33 8.33
CA ILE A 146 -2.20 6.82 8.44
C ILE A 146 -2.17 8.32 8.26
N GLU A 147 -2.77 8.82 7.18
CA GLU A 147 -2.79 10.25 6.97
C GLU A 147 -3.19 10.97 8.26
N SER A 148 -4.37 10.62 8.78
CA SER A 148 -4.85 11.21 10.03
C SER A 148 -3.79 11.14 11.12
N TYR A 149 -3.13 9.98 11.25
CA TYR A 149 -2.14 9.79 12.28
C TYR A 149 -0.97 10.76 12.19
N LEU A 150 -0.39 11.01 11.03
CA LEU A 150 0.77 11.93 10.96
C LEU A 150 0.38 13.33 11.32
N LYS A 151 -0.76 13.80 10.83
CA LYS A 151 -1.19 15.15 11.15
C LYS A 151 -1.42 15.26 12.65
N ASP A 152 -1.69 14.13 13.30
CA ASP A 152 -1.90 14.10 14.74
C ASP A 152 -0.69 13.49 15.44
N HIS A 153 0.18 12.86 14.69
CA HIS A 153 1.37 12.19 15.17
C HIS A 153 2.40 12.09 14.06
N PRO A 154 2.95 13.23 13.65
CA PRO A 154 3.95 13.27 12.56
C PRO A 154 5.30 12.71 13.00
N ASP A 155 5.37 12.35 14.28
CA ASP A 155 6.58 11.81 14.87
C ASP A 155 6.86 10.39 14.41
N ALA A 156 6.05 9.82 13.53
CA ALA A 156 6.27 8.44 13.11
C ALA A 156 7.73 8.23 12.68
N TYR A 157 8.35 7.18 13.21
CA TYR A 157 9.74 6.84 12.90
C TYR A 157 10.69 8.02 13.13
N ASN A 158 10.17 9.11 13.69
CA ASN A 158 10.99 10.29 13.94
C ASN A 158 11.96 10.01 15.08
N GLY A 1 2.25 -7.08 -21.13
CA GLY A 1 1.04 -7.85 -20.73
C GLY A 1 0.49 -7.32 -19.42
N VAL A 2 0.65 -6.02 -19.19
CA VAL A 2 0.18 -5.39 -17.96
C VAL A 2 -0.53 -4.09 -18.27
N TYR A 3 -1.52 -3.74 -17.44
CA TYR A 3 -2.25 -2.49 -17.59
C TYR A 3 -1.71 -1.44 -16.64
N THR A 4 -1.05 -0.41 -17.17
CA THR A 4 -0.51 0.65 -16.34
C THR A 4 -1.46 1.83 -16.26
N PHE A 5 -1.57 2.42 -15.07
CA PHE A 5 -2.44 3.56 -14.85
C PHE A 5 -1.79 4.53 -13.87
N GLU A 6 -1.69 5.80 -14.24
CA GLU A 6 -1.08 6.81 -13.39
C GLU A 6 -2.12 7.68 -12.70
N ASN A 7 -1.97 7.87 -11.39
CA ASN A 7 -2.89 8.68 -10.61
C ASN A 7 -2.12 9.59 -9.66
N GLU A 8 -2.82 10.51 -8.99
CA GLU A 8 -2.17 11.44 -8.08
C GLU A 8 -3.11 11.96 -7.00
N PHE A 9 -2.55 12.33 -5.85
CA PHE A 9 -3.31 12.87 -4.74
C PHE A 9 -2.48 13.87 -3.95
N THR A 10 -3.09 14.98 -3.54
CA THR A 10 -2.37 16.02 -2.79
C THR A 10 -2.64 15.93 -1.30
N SER A 11 -1.64 16.28 -0.50
CA SER A 11 -1.77 16.26 0.96
C SER A 11 -0.98 17.40 1.59
N GLU A 12 -1.30 17.73 2.84
CA GLU A 12 -0.60 18.80 3.55
C GLU A 12 0.50 18.23 4.43
N ILE A 13 1.02 17.07 4.05
CA ILE A 13 2.06 16.40 4.82
C ILE A 13 3.35 16.29 4.00
N PRO A 14 4.48 16.78 4.51
CA PRO A 14 5.77 16.70 3.79
C PRO A 14 6.02 15.29 3.24
N PRO A 15 6.75 15.16 2.14
CA PRO A 15 7.03 13.83 1.53
C PRO A 15 7.82 12.92 2.47
N SER A 16 8.55 13.52 3.40
CA SER A 16 9.38 12.78 4.34
C SER A 16 8.54 11.98 5.33
N ARG A 17 7.39 12.51 5.74
CA ARG A 17 6.56 11.79 6.71
C ARG A 17 5.86 10.66 6.01
N LEU A 18 5.14 11.02 4.97
CA LEU A 18 4.42 10.04 4.18
C LEU A 18 5.38 8.93 3.79
N PHE A 19 6.60 9.31 3.41
CA PHE A 19 7.64 8.37 3.02
C PHE A 19 7.83 7.27 4.05
N LYS A 20 8.14 7.63 5.29
CA LYS A 20 8.34 6.59 6.30
C LYS A 20 7.02 5.93 6.57
N ALA A 21 5.99 6.76 6.61
CA ALA A 21 4.63 6.31 6.84
C ALA A 21 4.13 5.46 5.67
N PHE A 22 4.95 5.28 4.63
CA PHE A 22 4.55 4.49 3.46
C PHE A 22 5.46 3.29 3.23
N VAL A 23 6.57 3.20 3.96
CA VAL A 23 7.50 2.07 3.76
C VAL A 23 7.92 1.39 5.06
N LEU A 24 8.39 2.17 6.03
CA LEU A 24 8.89 1.61 7.28
C LEU A 24 7.88 1.67 8.42
N ASP A 25 7.00 2.67 8.44
CA ASP A 25 6.03 2.81 9.51
C ASP A 25 4.61 2.59 9.01
N ALA A 26 4.44 2.42 7.71
CA ALA A 26 3.11 2.21 7.14
C ALA A 26 2.54 0.86 7.55
N ASP A 27 3.40 -0.15 7.56
CA ASP A 27 3.00 -1.51 7.92
C ASP A 27 3.03 -1.70 9.43
N ASN A 28 3.04 -0.59 10.14
CA ASN A 28 3.01 -0.52 11.59
C ASN A 28 2.07 0.60 11.98
N LEU A 29 1.68 1.34 10.95
CA LEU A 29 0.79 2.48 11.05
C LEU A 29 -0.66 2.04 10.90
N ILE A 30 -0.94 1.22 9.90
CA ILE A 30 -2.30 0.74 9.69
C ILE A 30 -2.82 -0.06 10.89
N PRO A 31 -2.05 -0.95 11.49
CA PRO A 31 -2.54 -1.71 12.66
C PRO A 31 -2.89 -0.80 13.84
N LYS A 32 -2.24 0.36 13.90
CA LYS A 32 -2.45 1.30 14.99
C LYS A 32 -3.76 2.07 14.85
N ILE A 33 -3.86 2.82 13.77
CA ILE A 33 -5.01 3.66 13.49
C ILE A 33 -6.00 2.93 12.61
N ALA A 34 -5.49 2.10 11.70
CA ALA A 34 -6.32 1.37 10.74
C ALA A 34 -6.50 -0.09 11.12
N PRO A 35 -7.21 -0.38 12.19
CA PRO A 35 -7.51 -1.76 12.58
C PRO A 35 -8.53 -2.34 11.61
N GLN A 36 -9.25 -1.42 10.95
CA GLN A 36 -10.25 -1.80 9.97
C GLN A 36 -9.56 -2.30 8.72
N ALA A 37 -8.46 -1.65 8.36
CA ALA A 37 -7.70 -2.02 7.18
C ALA A 37 -6.99 -3.36 7.35
N ILE A 38 -5.84 -3.33 8.01
CA ILE A 38 -5.05 -4.55 8.23
C ILE A 38 -5.09 -4.94 9.71
N LYS A 39 -5.11 -6.24 9.96
CA LYS A 39 -5.12 -6.74 11.33
C LYS A 39 -3.72 -6.68 11.92
N GLN A 40 -2.73 -7.06 11.13
CA GLN A 40 -1.35 -7.02 11.57
C GLN A 40 -0.43 -7.35 10.41
N ALA A 41 0.86 -7.08 10.55
CA ALA A 41 1.82 -7.36 9.51
C ALA A 41 3.24 -7.27 10.05
N GLU A 42 4.12 -8.12 9.54
CA GLU A 42 5.52 -8.14 9.96
C GLU A 42 6.41 -8.55 8.80
N ILE A 43 7.58 -7.95 8.71
CA ILE A 43 8.51 -8.26 7.63
C ILE A 43 9.20 -9.59 7.88
N LEU A 44 9.37 -10.35 6.81
CA LEU A 44 10.05 -11.63 6.89
C LEU A 44 11.53 -11.41 6.65
N GLU A 45 11.85 -10.52 5.70
CA GLU A 45 13.26 -10.24 5.40
C GLU A 45 13.43 -8.77 5.05
N GLY A 46 14.44 -8.14 5.63
CA GLY A 46 14.72 -6.73 5.36
C GLY A 46 14.05 -5.82 6.38
N ASN A 47 13.80 -4.60 5.99
CA ASN A 47 13.20 -3.58 6.86
C ASN A 47 12.06 -2.84 6.15
N GLY A 48 11.98 -3.01 4.84
CA GLY A 48 10.98 -2.32 4.03
C GLY A 48 11.61 -1.79 2.76
N GLY A 49 12.83 -2.22 2.45
CA GLY A 49 13.54 -1.77 1.27
C GLY A 49 13.59 -2.85 0.19
N PRO A 50 14.36 -2.62 -0.85
CA PRO A 50 14.51 -3.58 -1.97
C PRO A 50 15.06 -4.95 -1.53
N GLY A 51 14.34 -6.02 -1.86
CA GLY A 51 14.78 -7.37 -1.51
C GLY A 51 14.07 -7.83 -0.26
N THR A 52 13.14 -7.00 0.19
CA THR A 52 12.38 -7.28 1.39
C THR A 52 11.08 -7.99 1.06
N ILE A 53 10.71 -8.94 1.91
CA ILE A 53 9.45 -9.66 1.77
C ILE A 53 8.59 -9.35 2.98
N LYS A 54 7.32 -9.04 2.74
CA LYS A 54 6.39 -8.74 3.82
C LYS A 54 5.23 -9.72 3.84
N LYS A 55 4.83 -10.09 5.04
CA LYS A 55 3.70 -11.00 5.24
C LYS A 55 2.61 -10.33 6.06
N ILE A 56 1.41 -10.21 5.51
CA ILE A 56 0.30 -9.59 6.24
C ILE A 56 -0.68 -10.66 6.71
N THR A 57 -0.98 -10.66 8.00
CA THR A 57 -1.91 -11.63 8.57
C THR A 57 -3.27 -10.98 8.80
N PHE A 58 -4.29 -11.50 8.13
CA PHE A 58 -5.65 -10.98 8.28
C PHE A 58 -6.40 -11.73 9.37
N GLY A 59 -7.64 -11.31 9.64
CA GLY A 59 -8.46 -11.96 10.65
C GLY A 59 -8.88 -13.35 10.22
N GLU A 60 -8.95 -14.27 11.17
CA GLU A 60 -9.35 -15.65 10.88
C GLU A 60 -10.74 -15.69 10.29
N GLY A 61 -11.69 -15.00 10.92
CA GLY A 61 -13.07 -14.96 10.45
C GLY A 61 -13.28 -13.81 9.47
N SER A 62 -12.57 -13.85 8.35
CA SER A 62 -12.69 -12.82 7.34
C SER A 62 -12.43 -13.39 5.95
N GLN A 63 -12.61 -12.56 4.92
CA GLN A 63 -12.38 -12.99 3.55
C GLN A 63 -10.90 -13.28 3.31
N TYR A 64 -10.04 -12.43 3.85
CA TYR A 64 -8.60 -12.59 3.70
C TYR A 64 -8.04 -13.40 4.86
N GLY A 65 -6.97 -14.14 4.60
CA GLY A 65 -6.33 -14.95 5.63
C GLY A 65 -4.84 -14.67 5.70
N TYR A 66 -4.14 -14.95 4.60
CA TYR A 66 -2.69 -14.71 4.54
C TYR A 66 -2.28 -14.30 3.13
N VAL A 67 -1.27 -13.45 3.03
CA VAL A 67 -0.80 -12.99 1.73
C VAL A 67 0.65 -12.52 1.81
N LYS A 68 1.39 -12.70 0.71
CA LYS A 68 2.79 -12.29 0.64
C LYS A 68 2.95 -11.03 -0.20
N HIS A 69 3.33 -9.93 0.45
CA HIS A 69 3.56 -8.66 -0.23
C HIS A 69 5.05 -8.36 -0.22
N ARG A 70 5.68 -8.41 -1.39
CA ARG A 70 7.11 -8.18 -1.51
C ARG A 70 7.43 -6.79 -2.04
N ILE A 71 8.30 -6.09 -1.33
CA ILE A 71 8.75 -4.76 -1.75
C ILE A 71 9.63 -4.90 -2.97
N ASP A 72 9.45 -4.03 -3.97
CA ASP A 72 10.24 -4.10 -5.19
C ASP A 72 11.42 -3.16 -5.14
N SER A 73 11.19 -1.88 -4.86
CA SER A 73 12.28 -0.91 -4.82
C SER A 73 11.89 0.39 -4.14
N ILE A 74 12.81 0.94 -3.35
CA ILE A 74 12.60 2.21 -2.68
C ILE A 74 13.76 3.14 -2.94
N ASP A 75 13.46 4.35 -3.35
CA ASP A 75 14.48 5.35 -3.59
C ASP A 75 14.26 6.46 -2.58
N GLU A 76 14.84 6.33 -1.41
CA GLU A 76 14.71 7.33 -0.36
C GLU A 76 15.14 8.67 -0.89
N ALA A 77 16.19 8.66 -1.70
CA ALA A 77 16.67 9.87 -2.31
C ALA A 77 15.52 10.57 -3.01
N SER A 78 14.64 9.75 -3.59
CA SER A 78 13.48 10.26 -4.30
C SER A 78 12.18 10.00 -3.54
N TYR A 79 12.21 9.21 -2.48
CA TYR A 79 11.04 8.87 -1.72
C TYR A 79 10.07 8.10 -2.60
N SER A 80 10.56 7.06 -3.24
CA SER A 80 9.74 6.24 -4.12
C SER A 80 9.44 4.90 -3.46
N TYR A 81 8.24 4.38 -3.68
CA TYR A 81 7.83 3.12 -3.09
C TYR A 81 7.15 2.23 -4.13
N SER A 82 7.72 1.05 -4.35
CA SER A 82 7.17 0.10 -5.31
C SER A 82 7.18 -1.31 -4.73
N TYR A 83 6.19 -2.11 -5.10
CA TYR A 83 6.09 -3.47 -4.60
C TYR A 83 5.17 -4.30 -5.48
N THR A 84 5.16 -5.61 -5.26
CA THR A 84 4.29 -6.49 -6.04
C THR A 84 3.82 -7.65 -5.19
N LEU A 85 2.54 -8.01 -5.36
CA LEU A 85 1.97 -9.13 -4.63
C LEU A 85 2.39 -10.42 -5.31
N ILE A 86 3.24 -11.19 -4.65
CA ILE A 86 3.73 -12.43 -5.23
C ILE A 86 2.65 -13.51 -5.18
N GLU A 87 1.92 -13.59 -4.08
CA GLU A 87 0.87 -14.59 -3.94
C GLU A 87 -0.19 -14.12 -2.96
N GLY A 88 -1.27 -14.87 -2.86
CA GLY A 88 -2.36 -14.54 -1.94
C GLY A 88 -3.61 -14.25 -2.72
N ASP A 89 -4.71 -13.98 -2.01
CA ASP A 89 -5.96 -13.65 -2.68
C ASP A 89 -5.77 -12.40 -3.51
N ALA A 90 -4.53 -11.88 -3.48
CA ALA A 90 -4.12 -10.72 -4.22
C ALA A 90 -4.18 -11.00 -5.73
N LEU A 91 -3.86 -12.24 -6.10
CA LEU A 91 -3.79 -12.65 -7.49
C LEU A 91 -4.94 -13.60 -7.81
N THR A 92 -5.94 -13.67 -6.94
CA THR A 92 -7.05 -14.58 -7.19
C THR A 92 -6.49 -15.95 -7.60
N ASP A 93 -6.96 -16.47 -8.73
CA ASP A 93 -6.47 -17.74 -9.26
C ASP A 93 -6.09 -17.62 -10.72
N THR A 94 -6.48 -16.53 -11.35
CA THR A 94 -6.21 -16.30 -12.78
C THR A 94 -5.09 -15.29 -12.99
N ILE A 95 -4.59 -14.67 -11.92
CA ILE A 95 -3.58 -13.64 -12.05
C ILE A 95 -2.18 -14.14 -11.79
N GLU A 96 -1.24 -13.45 -12.42
CA GLU A 96 0.18 -13.75 -12.26
C GLU A 96 0.77 -12.88 -11.16
N LYS A 97 0.59 -11.57 -11.27
CA LYS A 97 1.13 -10.63 -10.29
C LYS A 97 0.61 -9.22 -10.53
N ILE A 98 0.45 -8.47 -9.45
CA ILE A 98 -0.01 -7.08 -9.52
C ILE A 98 1.04 -6.18 -8.90
N SER A 99 1.54 -5.23 -9.67
CA SER A 99 2.57 -4.31 -9.20
C SER A 99 2.02 -2.92 -8.96
N TYR A 100 2.55 -2.24 -7.95
CA TYR A 100 2.12 -0.89 -7.62
C TYR A 100 3.32 -0.01 -7.33
N GLU A 101 3.36 1.17 -7.93
CA GLU A 101 4.47 2.11 -7.73
C GLU A 101 3.93 3.47 -7.34
N THR A 102 4.50 4.09 -6.32
CA THR A 102 4.04 5.38 -5.87
C THR A 102 5.23 6.26 -5.51
N LYS A 103 5.21 7.49 -5.98
CA LYS A 103 6.28 8.44 -5.69
C LYS A 103 5.72 9.63 -4.96
N LEU A 104 6.39 10.04 -3.90
CA LEU A 104 5.92 11.17 -3.09
C LEU A 104 6.75 12.40 -3.43
N VAL A 105 6.07 13.50 -3.75
CA VAL A 105 6.74 14.74 -4.12
C VAL A 105 6.14 15.91 -3.36
N ALA A 106 6.98 16.80 -2.86
CA ALA A 106 6.48 17.97 -2.14
C ALA A 106 5.85 18.95 -3.12
N CYS A 107 4.68 19.48 -2.75
CA CYS A 107 3.97 20.45 -3.58
C CYS A 107 3.75 21.73 -2.80
N GLY A 108 3.26 22.76 -3.46
CA GLY A 108 2.99 24.04 -2.83
C GLY A 108 2.12 23.90 -1.59
N SER A 109 1.15 22.98 -1.59
CA SER A 109 0.23 22.72 -0.47
C SER A 109 0.77 21.73 0.56
N GLY A 110 1.80 20.95 0.22
CA GLY A 110 2.47 19.97 1.07
C GLY A 110 3.29 18.97 0.27
N SER A 111 2.64 17.98 -0.35
CA SER A 111 3.24 16.98 -1.22
C SER A 111 2.17 16.26 -2.03
N THR A 112 2.39 16.16 -3.33
CA THR A 112 1.49 15.47 -4.22
C THR A 112 2.05 14.09 -4.49
N ILE A 113 1.31 13.08 -4.09
CA ILE A 113 1.74 11.71 -4.26
C ILE A 113 1.21 11.15 -5.57
N LYS A 114 2.10 10.53 -6.34
CA LYS A 114 1.73 9.92 -7.61
C LYS A 114 1.67 8.42 -7.43
N SER A 115 0.49 7.84 -7.62
CA SER A 115 0.30 6.40 -7.45
C SER A 115 0.02 5.72 -8.78
N ILE A 116 0.84 4.74 -9.11
CA ILE A 116 0.74 4.01 -10.36
C ILE A 116 0.21 2.62 -10.11
N SER A 117 -0.71 2.20 -10.96
CA SER A 117 -1.29 0.87 -10.89
C SER A 117 -0.71 0.02 -12.01
N HIS A 118 -0.31 -1.21 -11.70
CA HIS A 118 0.28 -2.07 -12.72
C HIS A 118 -0.29 -3.47 -12.61
N TYR A 119 -1.33 -3.74 -13.39
CA TYR A 119 -1.96 -5.05 -13.38
C TYR A 119 -1.27 -5.98 -14.35
N HIS A 120 -0.41 -6.87 -13.86
CA HIS A 120 0.30 -7.80 -14.72
C HIS A 120 -0.43 -9.12 -14.78
N THR A 121 -1.14 -9.34 -15.87
CA THR A 121 -1.91 -10.56 -16.05
C THR A 121 -1.18 -11.55 -16.94
N LYS A 122 -1.72 -12.75 -17.03
CA LYS A 122 -1.13 -13.81 -17.86
C LYS A 122 -2.00 -14.07 -19.08
N GLY A 123 -1.40 -14.63 -20.13
CA GLY A 123 -2.13 -14.94 -21.36
C GLY A 123 -3.06 -13.78 -21.73
N ASN A 124 -4.36 -14.05 -21.71
CA ASN A 124 -5.37 -13.04 -22.04
C ASN A 124 -6.15 -12.63 -20.80
N ILE A 125 -5.76 -13.13 -19.65
CA ILE A 125 -6.43 -12.82 -18.39
C ILE A 125 -6.60 -11.31 -18.25
N GLU A 126 -7.52 -10.91 -17.38
CA GLU A 126 -7.79 -9.50 -17.14
C GLU A 126 -8.28 -9.27 -15.72
N ILE A 127 -7.91 -8.14 -15.15
CA ILE A 127 -8.33 -7.78 -13.79
C ILE A 127 -9.66 -7.05 -13.86
N LYS A 128 -10.65 -7.56 -13.15
CA LYS A 128 -11.98 -6.95 -13.18
C LYS A 128 -12.04 -5.65 -12.37
N GLU A 129 -13.07 -4.86 -12.63
CA GLU A 129 -13.26 -3.59 -11.94
C GLU A 129 -13.64 -3.82 -10.49
N GLU A 130 -14.42 -4.87 -10.23
CA GLU A 130 -14.85 -5.17 -8.87
C GLU A 130 -13.66 -5.56 -8.01
N HIS A 131 -12.64 -6.15 -8.62
CA HIS A 131 -11.45 -6.57 -7.89
C HIS A 131 -10.61 -5.36 -7.49
N VAL A 132 -10.37 -4.46 -8.44
CA VAL A 132 -9.57 -3.27 -8.17
C VAL A 132 -10.38 -2.23 -7.41
N LYS A 133 -11.70 -2.25 -7.58
CA LYS A 133 -12.57 -1.29 -6.91
C LYS A 133 -12.58 -1.52 -5.40
N VAL A 134 -12.70 -2.77 -4.99
CA VAL A 134 -12.73 -3.10 -3.56
C VAL A 134 -11.35 -2.91 -2.95
N GLY A 135 -10.31 -3.36 -3.65
CA GLY A 135 -8.94 -3.24 -3.16
C GLY A 135 -8.48 -1.78 -3.17
N LYS A 136 -8.72 -1.09 -4.28
CA LYS A 136 -8.33 0.31 -4.41
C LYS A 136 -9.14 1.18 -3.47
N GLU A 137 -10.46 1.02 -3.47
CA GLU A 137 -11.32 1.82 -2.62
C GLU A 137 -10.88 1.67 -1.16
N LYS A 138 -10.68 0.42 -0.74
CA LYS A 138 -10.23 0.16 0.61
C LYS A 138 -8.84 0.73 0.82
N ALA A 139 -7.92 0.37 -0.06
CA ALA A 139 -6.56 0.86 0.00
C ALA A 139 -6.54 2.37 0.17
N HIS A 140 -7.36 3.05 -0.62
CA HIS A 140 -7.47 4.51 -0.53
C HIS A 140 -7.81 4.91 0.89
N GLY A 141 -8.65 4.11 1.53
CA GLY A 141 -9.07 4.36 2.90
C GLY A 141 -7.89 4.28 3.84
N LEU A 142 -7.00 3.32 3.60
CA LEU A 142 -5.83 3.16 4.45
C LEU A 142 -4.90 4.34 4.27
N PHE A 143 -4.79 4.82 3.03
CA PHE A 143 -3.97 5.98 2.75
C PHE A 143 -4.50 7.14 3.59
N LYS A 144 -5.81 7.13 3.81
CA LYS A 144 -6.47 8.13 4.62
C LYS A 144 -6.08 7.94 6.08
N LEU A 145 -5.90 6.68 6.45
CA LEU A 145 -5.53 6.31 7.80
C LEU A 145 -4.13 6.79 8.15
N ILE A 146 -3.16 6.38 7.35
CA ILE A 146 -1.77 6.74 7.58
C ILE A 146 -1.57 8.24 7.40
N GLU A 147 -2.06 8.80 6.29
CA GLU A 147 -1.90 10.22 6.07
C GLU A 147 -2.30 10.98 7.34
N SER A 148 -3.42 10.57 7.92
CA SER A 148 -3.90 11.18 9.16
C SER A 148 -2.87 11.05 10.26
N TYR A 149 -2.18 9.91 10.31
CA TYR A 149 -1.18 9.65 11.31
C TYR A 149 -0.04 10.65 11.29
N LEU A 150 0.50 11.00 10.14
CA LEU A 150 1.62 11.93 10.10
C LEU A 150 1.19 13.33 10.46
N LYS A 151 0.05 13.77 9.95
CA LYS A 151 -0.43 15.12 10.27
C LYS A 151 -0.80 15.19 11.74
N ASP A 152 -1.10 14.05 12.34
CA ASP A 152 -1.45 13.98 13.75
C ASP A 152 -0.31 13.38 14.56
N HIS A 153 0.62 12.78 13.87
CA HIS A 153 1.79 12.12 14.44
C HIS A 153 2.90 12.08 13.41
N PRO A 154 3.43 13.24 13.05
CA PRO A 154 4.50 13.35 12.02
C PRO A 154 5.81 12.74 12.51
N ASP A 155 5.79 12.30 13.76
CA ASP A 155 6.94 11.72 14.40
C ASP A 155 7.29 10.33 13.88
N ALA A 156 6.59 9.80 12.88
CA ALA A 156 6.93 8.47 12.40
C ALA A 156 8.42 8.36 12.08
N TYR A 157 9.08 7.34 12.63
CA TYR A 157 10.50 7.10 12.40
C TYR A 157 11.35 8.33 12.66
N ASN A 158 10.74 9.40 13.14
CA ASN A 158 11.46 10.63 13.41
C ASN A 158 12.36 10.45 14.61
N GLY A 1 -1.12 -8.61 -20.73
CA GLY A 1 -0.08 -7.80 -20.06
C GLY A 1 -0.62 -7.24 -18.75
N VAL A 2 -0.36 -5.96 -18.49
CA VAL A 2 -0.82 -5.32 -17.27
C VAL A 2 -1.42 -3.95 -17.57
N TYR A 3 -2.41 -3.56 -16.76
CA TYR A 3 -3.04 -2.26 -16.89
C TYR A 3 -2.47 -1.29 -15.88
N THR A 4 -1.71 -0.30 -16.34
CA THR A 4 -1.13 0.70 -15.44
C THR A 4 -2.00 1.95 -15.39
N PHE A 5 -2.27 2.42 -14.18
CA PHE A 5 -3.07 3.62 -13.98
C PHE A 5 -2.39 4.56 -13.00
N GLU A 6 -2.23 5.82 -13.38
CA GLU A 6 -1.59 6.81 -12.53
C GLU A 6 -2.62 7.73 -11.87
N ASN A 7 -2.48 7.94 -10.57
CA ASN A 7 -3.41 8.79 -9.82
C ASN A 7 -2.63 9.76 -8.93
N GLU A 8 -3.34 10.67 -8.27
CA GLU A 8 -2.69 11.64 -7.40
C GLU A 8 -3.65 12.17 -6.33
N PHE A 9 -3.11 12.45 -5.14
CA PHE A 9 -3.90 12.98 -4.03
C PHE A 9 -3.08 14.00 -3.26
N THR A 10 -3.69 15.14 -2.92
CA THR A 10 -3.00 16.20 -2.20
C THR A 10 -3.23 16.07 -0.69
N SER A 11 -2.23 16.47 0.09
CA SER A 11 -2.31 16.40 1.55
C SER A 11 -1.56 17.57 2.18
N GLU A 12 -1.96 17.96 3.39
CA GLU A 12 -1.32 19.06 4.10
C GLU A 12 -0.23 18.52 5.01
N ILE A 13 0.37 17.40 4.62
CA ILE A 13 1.41 16.76 5.42
C ILE A 13 2.72 16.67 4.65
N PRO A 14 3.83 17.16 5.19
CA PRO A 14 5.13 17.09 4.50
C PRO A 14 5.43 15.66 4.03
N PRO A 15 6.16 15.49 2.92
CA PRO A 15 6.49 14.15 2.40
C PRO A 15 7.23 13.27 3.41
N SER A 16 7.97 13.91 4.30
CA SER A 16 8.76 13.21 5.31
C SER A 16 7.89 12.43 6.29
N ARG A 17 6.72 12.96 6.64
CA ARG A 17 5.85 12.29 7.60
C ARG A 17 5.22 11.12 6.91
N LEU A 18 4.55 11.44 5.82
CA LEU A 18 3.90 10.45 5.01
C LEU A 18 4.90 9.35 4.65
N PHE A 19 6.13 9.76 4.34
CA PHE A 19 7.20 8.83 3.98
C PHE A 19 7.33 7.71 5.00
N LYS A 20 7.57 8.04 6.27
CA LYS A 20 7.70 6.96 7.25
C LYS A 20 6.35 6.31 7.45
N ALA A 21 5.36 7.16 7.51
CA ALA A 21 4.00 6.73 7.70
C ALA A 21 3.50 5.87 6.52
N PHE A 22 4.32 5.72 5.48
CA PHE A 22 3.93 4.94 4.31
C PHE A 22 4.86 3.76 4.05
N VAL A 23 5.98 3.67 4.77
CA VAL A 23 6.92 2.57 4.55
C VAL A 23 7.31 1.81 5.81
N LEU A 24 7.73 2.52 6.85
CA LEU A 24 8.20 1.86 8.07
C LEU A 24 7.13 1.79 9.17
N ASP A 25 6.22 2.75 9.25
CA ASP A 25 5.21 2.74 10.29
C ASP A 25 3.81 2.58 9.73
N ALA A 26 3.65 2.59 8.41
CA ALA A 26 2.32 2.47 7.80
C ALA A 26 1.67 1.14 8.14
N ASP A 27 2.46 0.08 8.09
CA ASP A 27 1.97 -1.26 8.40
C ASP A 27 1.98 -1.49 9.89
N ASN A 28 2.03 -0.39 10.63
CA ASN A 28 2.03 -0.39 12.08
C ASN A 28 1.15 0.75 12.56
N LEU A 29 0.73 1.57 11.60
CA LEU A 29 -0.10 2.73 11.83
C LEU A 29 -1.58 2.42 11.59
N ILE A 30 -1.89 1.83 10.44
CA ILE A 30 -3.27 1.49 10.13
C ILE A 30 -3.85 0.64 11.24
N PRO A 31 -3.10 -0.35 11.71
CA PRO A 31 -3.52 -1.19 12.84
C PRO A 31 -3.68 -0.38 14.11
N LYS A 32 -3.00 0.77 14.15
CA LYS A 32 -3.00 1.65 15.30
C LYS A 32 -4.31 2.41 15.42
N ILE A 33 -4.67 3.11 14.36
CA ILE A 33 -5.87 3.92 14.35
C ILE A 33 -7.05 3.17 13.76
N ALA A 34 -6.80 2.34 12.76
CA ALA A 34 -7.85 1.59 12.09
C ALA A 34 -7.84 0.13 12.47
N PRO A 35 -8.41 -0.20 13.59
CA PRO A 35 -8.56 -1.60 13.97
C PRO A 35 -9.64 -2.20 13.09
N GLN A 36 -10.31 -1.31 12.37
CA GLN A 36 -11.37 -1.70 11.45
C GLN A 36 -10.78 -2.31 10.19
N ALA A 37 -9.71 -1.70 9.71
CA ALA A 37 -9.06 -2.14 8.49
C ALA A 37 -8.17 -3.37 8.72
N ILE A 38 -6.98 -3.13 9.25
CA ILE A 38 -6.02 -4.21 9.48
C ILE A 38 -6.04 -4.65 10.93
N LYS A 39 -5.94 -5.96 11.14
CA LYS A 39 -5.90 -6.51 12.49
C LYS A 39 -4.50 -6.40 13.07
N GLN A 40 -3.50 -6.70 12.25
CA GLN A 40 -2.12 -6.63 12.67
C GLN A 40 -1.21 -7.00 11.51
N ALA A 41 0.08 -6.70 11.63
CA ALA A 41 1.03 -7.02 10.59
C ALA A 41 2.45 -6.92 11.11
N GLU A 42 3.33 -7.80 10.63
CA GLU A 42 4.73 -7.80 11.02
C GLU A 42 5.63 -8.22 9.87
N ILE A 43 6.79 -7.60 9.77
CA ILE A 43 7.73 -7.90 8.70
C ILE A 43 8.50 -9.17 8.98
N LEU A 44 8.74 -9.92 7.93
CA LEU A 44 9.48 -11.17 8.03
C LEU A 44 10.96 -10.87 7.91
N GLU A 45 11.31 -9.94 7.02
CA GLU A 45 12.70 -9.56 6.82
C GLU A 45 12.81 -8.11 6.43
N GLY A 46 13.72 -7.38 7.06
CA GLY A 46 13.94 -5.98 6.77
C GLY A 46 13.12 -5.07 7.68
N ASN A 47 12.85 -3.87 7.21
CA ASN A 47 12.08 -2.88 7.99
C ASN A 47 10.99 -2.24 7.12
N GLY A 48 11.06 -2.49 5.81
CA GLY A 48 10.12 -1.92 4.87
C GLY A 48 10.85 -1.38 3.65
N GLY A 49 12.07 -1.87 3.42
CA GLY A 49 12.88 -1.43 2.30
C GLY A 49 13.02 -2.52 1.25
N PRO A 50 13.87 -2.30 0.26
CA PRO A 50 14.10 -3.28 -0.82
C PRO A 50 14.66 -4.62 -0.31
N GLY A 51 13.99 -5.71 -0.63
CA GLY A 51 14.43 -7.04 -0.21
C GLY A 51 13.70 -7.46 1.05
N THR A 52 12.78 -6.60 1.46
CA THR A 52 12.00 -6.82 2.64
C THR A 52 10.68 -7.49 2.31
N ILE A 53 10.27 -8.42 3.17
CA ILE A 53 9.00 -9.11 3.01
C ILE A 53 8.11 -8.81 4.20
N LYS A 54 6.91 -8.31 3.93
CA LYS A 54 5.95 -8.02 4.98
C LYS A 54 4.73 -8.91 4.85
N LYS A 55 4.24 -9.41 5.98
CA LYS A 55 3.04 -10.27 6.00
C LYS A 55 1.93 -9.67 6.86
N ILE A 56 0.71 -9.63 6.33
CA ILE A 56 -0.42 -9.09 7.10
C ILE A 56 -1.28 -10.23 7.63
N THR A 57 -1.76 -10.08 8.87
CA THR A 57 -2.62 -11.09 9.49
C THR A 57 -4.01 -10.51 9.68
N PHE A 58 -5.01 -11.14 9.05
CA PHE A 58 -6.39 -10.69 9.16
C PHE A 58 -7.18 -11.56 10.13
N GLY A 59 -8.46 -11.27 10.28
CA GLY A 59 -9.32 -12.05 11.17
C GLY A 59 -9.66 -13.40 10.57
N GLU A 60 -9.78 -14.40 11.42
CA GLU A 60 -10.11 -15.76 10.97
C GLU A 60 -11.44 -15.78 10.24
N GLY A 61 -12.45 -15.13 10.82
CA GLY A 61 -13.78 -15.08 10.21
C GLY A 61 -13.92 -13.88 9.29
N SER A 62 -13.11 -13.83 8.24
CA SER A 62 -13.14 -12.73 7.28
C SER A 62 -12.89 -13.24 5.87
N GLN A 63 -13.01 -12.35 4.89
CA GLN A 63 -12.78 -12.72 3.50
C GLN A 63 -11.37 -13.24 3.31
N TYR A 64 -10.38 -12.48 3.76
CA TYR A 64 -8.98 -12.86 3.66
C TYR A 64 -8.44 -13.28 5.02
N GLY A 65 -7.56 -14.28 5.02
CA GLY A 65 -6.96 -14.78 6.26
C GLY A 65 -5.51 -14.35 6.37
N TYR A 66 -4.74 -14.58 5.31
CA TYR A 66 -3.33 -14.22 5.30
C TYR A 66 -2.90 -13.77 3.91
N VAL A 67 -1.87 -12.93 3.85
CA VAL A 67 -1.37 -12.42 2.57
C VAL A 67 0.10 -12.06 2.70
N LYS A 68 0.85 -12.24 1.61
CA LYS A 68 2.28 -11.94 1.59
C LYS A 68 2.57 -10.66 0.81
N HIS A 69 2.87 -9.59 1.53
CA HIS A 69 3.21 -8.30 0.94
C HIS A 69 4.72 -8.20 0.76
N ARG A 70 5.18 -7.95 -0.47
CA ARG A 70 6.60 -7.84 -0.74
C ARG A 70 6.97 -6.43 -1.15
N ILE A 71 7.84 -5.79 -0.38
CA ILE A 71 8.31 -4.45 -0.71
C ILE A 71 9.19 -4.52 -1.94
N ASP A 72 9.03 -3.60 -2.88
CA ASP A 72 9.82 -3.63 -4.10
C ASP A 72 10.99 -2.65 -4.05
N SER A 73 10.73 -1.38 -3.78
CA SER A 73 11.81 -0.39 -3.73
C SER A 73 11.41 0.92 -3.06
N ILE A 74 12.35 1.48 -2.30
CA ILE A 74 12.13 2.77 -1.65
C ILE A 74 13.27 3.71 -1.91
N ASP A 75 12.94 4.92 -2.32
CA ASP A 75 13.95 5.94 -2.57
C ASP A 75 13.72 7.05 -1.58
N GLU A 76 14.31 6.95 -0.42
CA GLU A 76 14.15 7.95 0.63
C GLU A 76 14.52 9.31 0.09
N ALA A 77 15.59 9.34 -0.70
CA ALA A 77 16.01 10.58 -1.33
C ALA A 77 14.81 11.22 -2.01
N SER A 78 13.96 10.37 -2.56
CA SER A 78 12.77 10.82 -3.27
C SER A 78 11.49 10.53 -2.49
N TYR A 79 11.56 9.77 -1.42
CA TYR A 79 10.39 9.41 -0.64
C TYR A 79 9.43 8.59 -1.50
N SER A 80 9.97 7.56 -2.15
CA SER A 80 9.17 6.70 -3.00
C SER A 80 8.92 5.35 -2.33
N TYR A 81 7.74 4.79 -2.54
CA TYR A 81 7.37 3.51 -1.96
C TYR A 81 6.71 2.62 -3.00
N SER A 82 7.27 1.45 -3.20
CA SER A 82 6.73 0.49 -4.17
C SER A 82 6.64 -0.88 -3.54
N TYR A 83 5.51 -1.55 -3.75
CA TYR A 83 5.29 -2.88 -3.20
C TYR A 83 4.47 -3.71 -4.18
N THR A 84 4.55 -5.02 -4.03
CA THR A 84 3.82 -5.93 -4.91
C THR A 84 3.30 -7.13 -4.13
N LEU A 85 2.06 -7.50 -4.40
CA LEU A 85 1.46 -8.65 -3.74
C LEU A 85 1.97 -9.92 -4.42
N ILE A 86 2.80 -10.67 -3.72
CA ILE A 86 3.35 -11.90 -4.29
C ILE A 86 2.35 -13.03 -4.21
N GLU A 87 1.68 -13.17 -3.08
CA GLU A 87 0.72 -14.23 -2.88
C GLU A 87 -0.38 -13.78 -1.92
N GLY A 88 -1.42 -14.59 -1.79
CA GLY A 88 -2.52 -14.29 -0.90
C GLY A 88 -3.80 -14.11 -1.68
N ASP A 89 -4.90 -13.87 -0.99
CA ASP A 89 -6.17 -13.63 -1.67
C ASP A 89 -6.02 -12.40 -2.54
N ALA A 90 -4.83 -11.82 -2.53
CA ALA A 90 -4.48 -10.67 -3.32
C ALA A 90 -4.52 -11.02 -4.80
N LEU A 91 -4.13 -12.25 -5.13
CA LEU A 91 -4.07 -12.73 -6.49
C LEU A 91 -5.14 -13.77 -6.71
N THR A 92 -6.08 -13.89 -5.77
CA THR A 92 -7.11 -14.91 -5.90
C THR A 92 -6.45 -16.23 -6.28
N ASP A 93 -6.92 -16.86 -7.35
CA ASP A 93 -6.34 -18.09 -7.84
C ASP A 93 -6.08 -18.01 -9.34
N THR A 94 -6.61 -16.98 -9.97
CA THR A 94 -6.49 -16.78 -11.41
C THR A 94 -5.50 -15.67 -11.77
N ILE A 95 -4.96 -14.98 -10.77
CA ILE A 95 -4.06 -13.85 -11.04
C ILE A 95 -2.61 -14.22 -10.94
N GLU A 96 -1.81 -13.46 -11.69
CA GLU A 96 -0.37 -13.62 -11.71
C GLU A 96 0.24 -12.77 -10.61
N LYS A 97 0.04 -11.45 -10.69
CA LYS A 97 0.58 -10.55 -9.68
C LYS A 97 0.06 -9.12 -9.88
N ILE A 98 -0.05 -8.40 -8.78
CA ILE A 98 -0.53 -7.02 -8.82
C ILE A 98 0.53 -6.10 -8.20
N SER A 99 0.91 -5.07 -8.92
CA SER A 99 1.95 -4.13 -8.48
C SER A 99 1.37 -2.75 -8.18
N TYR A 100 1.94 -2.08 -7.19
CA TYR A 100 1.49 -0.73 -6.81
C TYR A 100 2.69 0.15 -6.50
N GLU A 101 2.66 1.38 -6.99
CA GLU A 101 3.75 2.33 -6.77
C GLU A 101 3.21 3.64 -6.21
N THR A 102 3.84 4.17 -5.19
CA THR A 102 3.39 5.41 -4.57
C THR A 102 4.57 6.30 -4.26
N LYS A 103 4.50 7.56 -4.65
CA LYS A 103 5.57 8.51 -4.39
C LYS A 103 5.02 9.74 -3.71
N LEU A 104 5.69 10.20 -2.66
CA LEU A 104 5.22 11.38 -1.92
C LEU A 104 6.06 12.57 -2.31
N VAL A 105 5.39 13.63 -2.75
CA VAL A 105 6.07 14.85 -3.18
C VAL A 105 5.46 16.06 -2.50
N ALA A 106 6.27 16.99 -2.05
CA ALA A 106 5.75 18.19 -1.41
C ALA A 106 5.10 19.11 -2.45
N CYS A 107 3.92 19.61 -2.16
CA CYS A 107 3.20 20.50 -3.04
C CYS A 107 2.91 21.82 -2.35
N GLY A 108 2.36 22.78 -3.09
CA GLY A 108 2.04 24.08 -2.54
C GLY A 108 1.14 23.97 -1.32
N SER A 109 0.21 23.01 -1.30
CA SER A 109 -0.74 22.76 -0.20
C SER A 109 -0.15 21.96 0.97
N GLY A 110 1.00 21.32 0.74
CA GLY A 110 1.63 20.32 1.62
C GLY A 110 2.46 19.34 0.79
N SER A 111 1.89 18.22 0.31
CA SER A 111 2.51 17.17 -0.49
C SER A 111 1.47 16.40 -1.29
N THR A 112 1.72 16.27 -2.58
CA THR A 112 0.85 15.54 -3.47
C THR A 112 1.42 14.15 -3.70
N ILE A 113 0.67 13.15 -3.31
CA ILE A 113 1.09 11.77 -3.45
C ILE A 113 0.61 11.19 -4.76
N LYS A 114 1.51 10.55 -5.49
CA LYS A 114 1.16 9.93 -6.77
C LYS A 114 1.10 8.43 -6.59
N SER A 115 -0.08 7.85 -6.80
CA SER A 115 -0.28 6.40 -6.62
C SER A 115 -0.55 5.73 -7.96
N ILE A 116 0.21 4.68 -8.23
CA ILE A 116 0.12 3.93 -9.48
C ILE A 116 -0.44 2.54 -9.21
N SER A 117 -1.35 2.13 -10.05
CA SER A 117 -1.95 0.80 -9.96
C SER A 117 -1.47 -0.04 -11.13
N HIS A 118 -1.12 -1.29 -10.89
CA HIS A 118 -0.63 -2.16 -11.96
C HIS A 118 -1.27 -3.54 -11.86
N TYR A 119 -2.34 -3.75 -12.62
CA TYR A 119 -3.02 -5.03 -12.62
C TYR A 119 -2.35 -5.96 -13.61
N HIS A 120 -1.52 -6.88 -13.12
CA HIS A 120 -0.82 -7.82 -13.99
C HIS A 120 -1.62 -9.11 -14.08
N THR A 121 -2.30 -9.29 -15.20
CA THR A 121 -3.12 -10.46 -15.41
C THR A 121 -2.40 -11.49 -16.28
N LYS A 122 -2.84 -12.74 -16.25
CA LYS A 122 -2.23 -13.81 -17.03
C LYS A 122 -3.16 -14.30 -18.13
N GLY A 123 -2.58 -14.90 -19.17
CA GLY A 123 -3.34 -15.43 -20.29
C GLY A 123 -4.46 -14.48 -20.69
N ASN A 124 -5.69 -14.99 -20.67
CA ASN A 124 -6.86 -14.18 -21.01
C ASN A 124 -7.49 -13.63 -19.73
N ILE A 125 -7.05 -14.15 -18.59
CA ILE A 125 -7.55 -13.72 -17.31
C ILE A 125 -7.50 -12.19 -17.23
N GLU A 126 -8.24 -11.61 -16.29
CA GLU A 126 -8.29 -10.16 -16.14
C GLU A 126 -8.77 -9.78 -14.74
N ILE A 127 -8.31 -8.64 -14.24
CA ILE A 127 -8.72 -8.17 -12.91
C ILE A 127 -10.01 -7.38 -13.04
N LYS A 128 -11.03 -7.77 -12.29
CA LYS A 128 -12.32 -7.11 -12.36
C LYS A 128 -12.31 -5.77 -11.62
N GLU A 129 -13.27 -4.93 -11.94
CA GLU A 129 -13.40 -3.62 -11.29
C GLU A 129 -13.86 -3.78 -9.86
N GLU A 130 -14.81 -4.70 -9.64
CA GLU A 130 -15.32 -4.94 -8.29
C GLU A 130 -14.22 -5.45 -7.38
N HIS A 131 -13.21 -6.10 -7.96
CA HIS A 131 -12.11 -6.63 -7.19
C HIS A 131 -11.19 -5.51 -6.69
N VAL A 132 -10.76 -4.65 -7.60
CA VAL A 132 -9.88 -3.55 -7.25
C VAL A 132 -10.65 -2.42 -6.58
N LYS A 133 -11.92 -2.27 -6.93
CA LYS A 133 -12.75 -1.21 -6.37
C LYS A 133 -13.00 -1.44 -4.88
N VAL A 134 -13.34 -2.66 -4.50
CA VAL A 134 -13.58 -2.97 -3.10
C VAL A 134 -12.29 -2.90 -2.29
N GLY A 135 -11.23 -3.50 -2.82
CA GLY A 135 -9.94 -3.49 -2.14
C GLY A 135 -9.38 -2.07 -2.07
N LYS A 136 -9.45 -1.37 -3.19
CA LYS A 136 -8.95 0.00 -3.27
C LYS A 136 -9.78 0.94 -2.40
N GLU A 137 -11.10 0.84 -2.48
CA GLU A 137 -11.97 1.71 -1.69
C GLU A 137 -11.62 1.59 -0.21
N LYS A 138 -11.48 0.36 0.27
CA LYS A 138 -11.11 0.14 1.67
C LYS A 138 -9.75 0.76 1.92
N ALA A 139 -8.78 0.40 1.09
CA ALA A 139 -7.43 0.94 1.20
C ALA A 139 -7.46 2.45 1.31
N HIS A 140 -8.16 3.11 0.39
CA HIS A 140 -8.29 4.55 0.40
C HIS A 140 -8.67 5.01 1.80
N GLY A 141 -9.53 4.24 2.44
CA GLY A 141 -9.95 4.54 3.79
C GLY A 141 -8.77 4.49 4.74
N LEU A 142 -7.83 3.60 4.46
CA LEU A 142 -6.64 3.45 5.27
C LEU A 142 -5.68 4.58 4.97
N PHE A 143 -5.67 5.05 3.73
CA PHE A 143 -4.83 6.19 3.38
C PHE A 143 -5.25 7.35 4.27
N LYS A 144 -6.54 7.34 4.63
CA LYS A 144 -7.11 8.34 5.52
C LYS A 144 -6.55 8.15 6.91
N LEU A 145 -6.46 6.90 7.30
CA LEU A 145 -5.97 6.50 8.60
C LEU A 145 -4.64 7.13 8.92
N ILE A 146 -3.68 6.87 8.07
CA ILE A 146 -2.33 7.35 8.27
C ILE A 146 -2.23 8.83 8.00
N GLU A 147 -2.73 9.30 6.87
CA GLU A 147 -2.68 10.73 6.58
C GLU A 147 -3.09 11.52 7.81
N SER A 148 -4.29 11.24 8.31
CA SER A 148 -4.80 11.91 9.50
C SER A 148 -3.77 11.83 10.63
N TYR A 149 -3.23 10.64 10.84
CA TYR A 149 -2.25 10.44 11.90
C TYR A 149 -1.08 11.42 11.86
N LEU A 150 -0.41 11.58 10.73
CA LEU A 150 0.75 12.48 10.68
C LEU A 150 0.38 13.92 10.97
N LYS A 151 -0.73 14.38 10.42
CA LYS A 151 -1.15 15.77 10.67
C LYS A 151 -1.42 15.94 12.15
N ASP A 152 -1.75 14.84 12.83
CA ASP A 152 -2.00 14.86 14.26
C ASP A 152 -0.83 14.24 15.02
N HIS A 153 0.05 13.57 14.32
CA HIS A 153 1.20 12.87 14.86
C HIS A 153 2.29 12.75 13.80
N PRO A 154 2.86 13.86 13.38
CA PRO A 154 3.91 13.87 12.33
C PRO A 154 5.21 13.27 12.84
N ASP A 155 5.23 12.92 14.10
CA ASP A 155 6.40 12.36 14.76
C ASP A 155 6.48 10.84 14.57
N ALA A 156 5.58 10.24 13.79
CA ALA A 156 5.60 8.80 13.64
C ALA A 156 7.01 8.31 13.28
N TYR A 157 7.48 7.31 14.02
CA TYR A 157 8.80 6.72 13.79
C TYR A 157 9.92 7.75 13.83
N ASN A 158 9.60 8.99 14.18
CA ASN A 158 10.60 10.04 14.23
C ASN A 158 11.54 9.81 15.40
N GLY A 1 1.26 -6.52 -21.57
CA GLY A 1 0.97 -7.62 -20.62
C GLY A 1 0.32 -7.07 -19.37
N VAL A 2 0.54 -5.78 -19.09
CA VAL A 2 -0.02 -5.14 -17.92
C VAL A 2 -0.61 -3.77 -18.27
N TYR A 3 -1.66 -3.39 -17.56
CA TYR A 3 -2.28 -2.09 -17.75
C TYR A 3 -1.80 -1.10 -16.70
N THR A 4 -1.04 -0.09 -17.09
CA THR A 4 -0.55 0.92 -16.15
C THR A 4 -1.45 2.14 -16.14
N PHE A 5 -1.70 2.69 -14.95
CA PHE A 5 -2.52 3.88 -14.79
C PHE A 5 -1.89 4.81 -13.76
N GLU A 6 -1.83 6.10 -14.08
CA GLU A 6 -1.25 7.10 -13.19
C GLU A 6 -2.33 7.91 -12.48
N ASN A 7 -2.23 8.00 -11.15
CA ASN A 7 -3.19 8.75 -10.35
C ASN A 7 -2.46 9.60 -9.33
N GLU A 8 -3.16 10.54 -8.69
CA GLU A 8 -2.53 11.40 -7.70
C GLU A 8 -3.54 11.97 -6.70
N PHE A 9 -3.04 12.42 -5.56
CA PHE A 9 -3.87 13.01 -4.51
C PHE A 9 -3.06 14.02 -3.70
N THR A 10 -3.69 15.14 -3.33
CA THR A 10 -3.01 16.17 -2.56
C THR A 10 -3.22 16.00 -1.06
N SER A 11 -2.23 16.38 -0.26
CA SER A 11 -2.32 16.27 1.19
C SER A 11 -1.61 17.44 1.86
N GLU A 12 -2.03 17.76 3.08
CA GLU A 12 -1.44 18.86 3.84
C GLU A 12 -0.38 18.34 4.80
N ILE A 13 0.20 17.18 4.47
CA ILE A 13 1.21 16.56 5.31
C ILE A 13 2.57 16.55 4.61
N PRO A 14 3.62 17.07 5.26
CA PRO A 14 4.97 17.08 4.65
C PRO A 14 5.34 15.71 4.09
N PRO A 15 6.09 15.65 3.00
CA PRO A 15 6.51 14.36 2.38
C PRO A 15 7.25 13.46 3.36
N SER A 16 7.87 14.08 4.37
CA SER A 16 8.64 13.35 5.35
C SER A 16 7.79 12.46 6.24
N ARG A 17 6.58 12.89 6.60
CA ARG A 17 5.73 12.10 7.46
C ARG A 17 5.13 10.96 6.66
N LEU A 18 4.46 11.34 5.60
CA LEU A 18 3.83 10.37 4.72
C LEU A 18 4.86 9.29 4.38
N PHE A 19 6.06 9.74 4.02
CA PHE A 19 7.15 8.84 3.67
C PHE A 19 7.36 7.74 4.71
N LYS A 20 7.60 8.10 5.97
CA LYS A 20 7.82 7.06 6.98
C LYS A 20 6.52 6.33 7.25
N ALA A 21 5.44 7.03 6.97
CA ALA A 21 4.10 6.51 7.15
C ALA A 21 3.67 5.66 5.96
N PHE A 22 4.51 5.56 4.94
CA PHE A 22 4.20 4.80 3.74
C PHE A 22 5.17 3.65 3.52
N VAL A 23 6.26 3.59 4.28
CA VAL A 23 7.25 2.52 4.10
C VAL A 23 7.71 1.83 5.38
N LEU A 24 7.83 2.55 6.50
CA LEU A 24 8.36 1.93 7.71
C LEU A 24 7.26 1.34 8.57
N ASP A 25 6.26 2.14 8.94
CA ASP A 25 5.19 1.65 9.80
C ASP A 25 3.85 1.62 9.07
N ALA A 26 3.81 2.10 7.84
CA ALA A 26 2.57 2.13 7.07
C ALA A 26 1.82 0.81 7.13
N ASP A 27 2.55 -0.29 7.03
CA ASP A 27 1.94 -1.62 7.05
C ASP A 27 1.76 -2.09 8.48
N ASN A 28 1.80 -1.15 9.40
CA ASN A 28 1.61 -1.36 10.82
C ASN A 28 0.78 -0.23 11.39
N LEU A 29 0.59 0.79 10.55
CA LEU A 29 -0.15 1.98 10.88
C LEU A 29 -1.62 1.78 10.54
N ILE A 30 -1.88 1.24 9.35
CA ILE A 30 -3.25 0.98 8.93
C ILE A 30 -3.96 0.14 9.98
N PRO A 31 -3.40 -1.00 10.35
CA PRO A 31 -3.98 -1.86 11.40
C PRO A 31 -4.06 -1.13 12.73
N LYS A 32 -3.25 -0.09 12.89
CA LYS A 32 -3.18 0.68 14.11
C LYS A 32 -4.46 1.48 14.30
N ILE A 33 -4.82 2.23 13.28
CA ILE A 33 -5.98 3.08 13.34
C ILE A 33 -7.19 2.40 12.72
N ALA A 34 -6.98 1.63 11.66
CA ALA A 34 -8.04 0.92 10.96
C ALA A 34 -8.00 -0.56 11.24
N PRO A 35 -8.56 -0.99 12.33
CA PRO A 35 -8.66 -2.42 12.62
C PRO A 35 -9.65 -3.00 11.62
N GLN A 36 -10.32 -2.10 10.90
CA GLN A 36 -11.28 -2.46 9.89
C GLN A 36 -10.57 -2.99 8.65
N ALA A 37 -9.49 -2.32 8.28
CA ALA A 37 -8.73 -2.68 7.10
C ALA A 37 -7.88 -3.92 7.34
N ILE A 38 -6.71 -3.74 7.95
CA ILE A 38 -5.79 -4.84 8.21
C ILE A 38 -5.78 -5.18 9.69
N LYS A 39 -5.66 -6.47 10.00
CA LYS A 39 -5.60 -6.91 11.38
C LYS A 39 -4.20 -6.72 11.95
N GLN A 40 -3.20 -7.12 11.18
CA GLN A 40 -1.81 -6.98 11.59
C GLN A 40 -0.89 -7.52 10.49
N ALA A 41 0.39 -7.20 10.59
CA ALA A 41 1.36 -7.69 9.63
C ALA A 41 2.78 -7.52 10.14
N GLU A 42 3.66 -8.44 9.75
CA GLU A 42 5.06 -8.39 10.16
C GLU A 42 5.96 -8.72 8.99
N ILE A 43 7.13 -8.09 8.94
CA ILE A 43 8.06 -8.33 7.85
C ILE A 43 8.80 -9.64 8.05
N LEU A 44 8.98 -10.36 6.96
CA LEU A 44 9.69 -11.62 6.97
C LEU A 44 11.16 -11.36 6.76
N GLU A 45 11.46 -10.42 5.87
CA GLU A 45 12.85 -10.08 5.59
C GLU A 45 12.97 -8.60 5.25
N GLY A 46 13.98 -7.94 5.79
CA GLY A 46 14.21 -6.53 5.54
C GLY A 46 13.55 -5.65 6.58
N ASN A 47 13.26 -4.41 6.21
CA ASN A 47 12.64 -3.43 7.11
C ASN A 47 11.58 -2.62 6.37
N GLY A 48 11.40 -2.91 5.09
CA GLY A 48 10.44 -2.21 4.26
C GLY A 48 11.09 -1.69 2.98
N GLY A 49 12.32 -2.12 2.70
CA GLY A 49 13.03 -1.68 1.50
C GLY A 49 13.19 -2.80 0.48
N PRO A 50 13.96 -2.57 -0.57
CA PRO A 50 14.19 -3.58 -1.62
C PRO A 50 14.82 -4.88 -1.10
N GLY A 51 14.19 -6.01 -1.40
CA GLY A 51 14.67 -7.31 -0.96
C GLY A 51 13.89 -7.74 0.26
N THR A 52 12.93 -6.90 0.61
CA THR A 52 12.08 -7.11 1.75
C THR A 52 10.80 -7.81 1.37
N ILE A 53 10.36 -8.75 2.20
CA ILE A 53 9.11 -9.45 2.00
C ILE A 53 8.22 -9.20 3.19
N LYS A 54 7.00 -8.73 2.94
CA LYS A 54 6.05 -8.46 4.01
C LYS A 54 4.87 -9.39 3.92
N LYS A 55 4.42 -9.88 5.08
CA LYS A 55 3.26 -10.77 5.15
C LYS A 55 2.15 -10.16 5.98
N ILE A 56 0.94 -10.08 5.42
CA ILE A 56 -0.19 -9.51 6.15
C ILE A 56 -1.12 -10.63 6.61
N THR A 57 -1.58 -10.55 7.86
CA THR A 57 -2.48 -11.54 8.40
C THR A 57 -3.85 -10.93 8.63
N PHE A 58 -4.87 -11.48 7.99
CA PHE A 58 -6.24 -10.99 8.12
C PHE A 58 -6.97 -11.72 9.25
N GLY A 59 -8.22 -11.35 9.48
CA GLY A 59 -9.01 -11.98 10.52
C GLY A 59 -9.06 -13.50 10.36
N GLU A 60 -9.06 -14.21 11.46
CA GLU A 60 -9.10 -15.67 11.44
C GLU A 60 -10.37 -16.17 10.76
N GLY A 61 -11.52 -15.80 11.30
CA GLY A 61 -12.80 -16.21 10.75
C GLY A 61 -13.30 -15.22 9.71
N SER A 62 -12.54 -15.05 8.63
CA SER A 62 -12.91 -14.13 7.56
C SER A 62 -12.64 -14.76 6.20
N GLN A 63 -13.03 -14.06 5.14
CA GLN A 63 -12.82 -14.56 3.78
C GLN A 63 -11.34 -14.73 3.50
N TYR A 64 -10.54 -13.75 3.88
CA TYR A 64 -9.09 -13.79 3.67
C TYR A 64 -8.40 -14.40 4.88
N GLY A 65 -7.22 -14.97 4.66
CA GLY A 65 -6.45 -15.57 5.74
C GLY A 65 -5.03 -15.02 5.77
N TYR A 66 -4.29 -15.24 4.69
CA TYR A 66 -2.90 -14.78 4.61
C TYR A 66 -2.56 -14.37 3.18
N VAL A 67 -1.59 -13.49 3.04
CA VAL A 67 -1.15 -13.02 1.73
C VAL A 67 0.28 -12.52 1.79
N LYS A 68 1.04 -12.70 0.70
CA LYS A 68 2.43 -12.29 0.66
C LYS A 68 2.64 -11.02 -0.18
N HIS A 69 3.06 -9.96 0.49
CA HIS A 69 3.35 -8.67 -0.16
C HIS A 69 4.86 -8.52 -0.35
N ARG A 70 5.30 -8.44 -1.61
CA ARG A 70 6.73 -8.29 -1.89
C ARG A 70 7.08 -6.85 -2.24
N ILE A 71 7.96 -6.25 -1.45
CA ILE A 71 8.41 -4.89 -1.71
C ILE A 71 9.44 -4.92 -2.82
N ASP A 72 9.48 -3.90 -3.67
CA ASP A 72 10.42 -3.87 -4.78
C ASP A 72 11.56 -2.89 -4.55
N SER A 73 11.27 -1.62 -4.28
CA SER A 73 12.34 -0.65 -4.10
C SER A 73 11.89 0.66 -3.47
N ILE A 74 12.74 1.21 -2.60
CA ILE A 74 12.47 2.50 -1.95
C ILE A 74 13.60 3.47 -2.23
N ASP A 75 13.24 4.66 -2.66
CA ASP A 75 14.22 5.71 -2.91
C ASP A 75 13.94 6.83 -1.95
N GLU A 76 14.53 6.75 -0.75
CA GLU A 76 14.33 7.76 0.27
C GLU A 76 14.67 9.13 -0.30
N ALA A 77 15.62 9.14 -1.23
CA ALA A 77 16.00 10.36 -1.89
C ALA A 77 14.77 11.00 -2.50
N SER A 78 13.91 10.16 -3.05
CA SER A 78 12.68 10.61 -3.69
C SER A 78 11.45 10.26 -2.86
N TYR A 79 11.60 9.46 -1.82
CA TYR A 79 10.49 9.05 -0.99
C TYR A 79 9.49 8.24 -1.81
N SER A 80 10.00 7.36 -2.65
CA SER A 80 9.17 6.52 -3.50
C SER A 80 9.20 5.09 -2.98
N TYR A 81 8.10 4.37 -3.19
CA TYR A 81 8.04 2.99 -2.73
C TYR A 81 7.09 2.17 -3.61
N SER A 82 7.60 1.09 -4.18
CA SER A 82 6.81 0.23 -5.03
C SER A 82 6.91 -1.21 -4.56
N TYR A 83 5.82 -1.95 -4.70
CA TYR A 83 5.77 -3.35 -4.30
C TYR A 83 4.88 -4.13 -5.25
N THR A 84 4.88 -5.44 -5.11
CA THR A 84 4.07 -6.29 -5.97
C THR A 84 3.54 -7.49 -5.20
N LEU A 85 2.27 -7.80 -5.41
CA LEU A 85 1.65 -8.93 -4.74
C LEU A 85 2.03 -10.21 -5.47
N ILE A 86 2.69 -11.11 -4.76
CA ILE A 86 3.14 -12.36 -5.38
C ILE A 86 2.03 -13.41 -5.38
N GLU A 87 1.33 -13.54 -4.27
CA GLU A 87 0.27 -14.53 -4.16
C GLU A 87 -0.77 -14.07 -3.14
N GLY A 88 -1.89 -14.78 -3.09
CA GLY A 88 -2.94 -14.48 -2.13
C GLY A 88 -4.20 -14.10 -2.88
N ASP A 89 -5.28 -13.83 -2.16
CA ASP A 89 -6.51 -13.43 -2.81
C ASP A 89 -6.27 -12.12 -3.57
N ALA A 90 -5.02 -11.67 -3.52
CA ALA A 90 -4.56 -10.49 -4.19
C ALA A 90 -4.60 -10.69 -5.70
N LEU A 91 -4.32 -11.92 -6.14
CA LEU A 91 -4.26 -12.27 -7.54
C LEU A 91 -5.42 -13.16 -7.91
N THR A 92 -6.45 -13.21 -7.08
CA THR A 92 -7.58 -14.08 -7.35
C THR A 92 -7.06 -15.46 -7.75
N ASP A 93 -7.49 -15.97 -8.90
CA ASP A 93 -7.05 -17.27 -9.39
C ASP A 93 -6.58 -17.18 -10.85
N THR A 94 -6.90 -16.07 -11.50
CA THR A 94 -6.54 -15.87 -12.91
C THR A 94 -5.37 -14.89 -13.07
N ILE A 95 -4.94 -14.27 -11.98
CA ILE A 95 -3.87 -13.28 -12.05
C ILE A 95 -2.53 -13.83 -11.64
N GLU A 96 -1.49 -13.21 -12.17
CA GLU A 96 -0.13 -13.59 -11.86
C GLU A 96 0.45 -12.63 -10.81
N LYS A 97 0.35 -11.32 -11.05
CA LYS A 97 0.89 -10.33 -10.13
C LYS A 97 0.35 -8.93 -10.42
N ILE A 98 0.17 -8.14 -9.36
CA ILE A 98 -0.30 -6.75 -9.49
C ILE A 98 0.75 -5.84 -8.86
N SER A 99 1.27 -4.90 -9.64
CA SER A 99 2.32 -3.99 -9.18
C SER A 99 1.76 -2.59 -8.87
N TYR A 100 2.33 -1.95 -7.85
CA TYR A 100 1.91 -0.61 -7.44
C TYR A 100 3.12 0.24 -7.08
N GLU A 101 3.17 1.45 -7.62
CA GLU A 101 4.26 2.38 -7.35
C GLU A 101 3.69 3.73 -6.92
N THR A 102 4.18 4.30 -5.84
CA THR A 102 3.71 5.58 -5.36
C THR A 102 4.86 6.44 -4.84
N LYS A 103 4.89 7.70 -5.25
CA LYS A 103 5.92 8.63 -4.81
C LYS A 103 5.30 9.85 -4.15
N LEU A 104 5.84 10.25 -3.02
CA LEU A 104 5.29 11.39 -2.29
C LEU A 104 6.13 12.63 -2.61
N VAL A 105 5.45 13.68 -3.07
CA VAL A 105 6.13 14.92 -3.44
C VAL A 105 5.50 16.10 -2.72
N ALA A 106 6.31 17.01 -2.21
CA ALA A 106 5.77 18.19 -1.55
C ALA A 106 5.15 19.15 -2.56
N CYS A 107 3.96 19.64 -2.26
CA CYS A 107 3.26 20.58 -3.14
C CYS A 107 2.97 21.86 -2.39
N GLY A 108 2.43 22.86 -3.10
CA GLY A 108 2.11 24.15 -2.50
C GLY A 108 1.19 23.99 -1.29
N SER A 109 0.27 23.01 -1.29
CA SER A 109 -0.65 22.73 -0.16
C SER A 109 -0.01 21.93 0.99
N GLY A 110 1.08 21.22 0.69
CA GLY A 110 1.67 20.20 1.53
C GLY A 110 2.49 19.24 0.67
N SER A 111 1.88 18.17 0.12
CA SER A 111 2.52 17.16 -0.71
C SER A 111 1.50 16.41 -1.55
N THR A 112 1.75 16.33 -2.84
CA THR A 112 0.89 15.62 -3.76
C THR A 112 1.48 14.25 -4.02
N ILE A 113 0.73 13.23 -3.67
CA ILE A 113 1.17 11.86 -3.83
C ILE A 113 0.72 11.31 -5.17
N LYS A 114 1.65 10.70 -5.88
CA LYS A 114 1.34 10.11 -7.18
C LYS A 114 1.29 8.59 -7.03
N SER A 115 0.12 8.00 -7.27
CA SER A 115 -0.05 6.56 -7.11
C SER A 115 -0.26 5.88 -8.46
N ILE A 116 0.65 5.00 -8.80
CA ILE A 116 0.62 4.28 -10.07
C ILE A 116 0.11 2.87 -9.83
N SER A 117 -0.78 2.43 -10.70
CA SER A 117 -1.35 1.09 -10.60
C SER A 117 -0.98 0.29 -11.84
N HIS A 118 -0.53 -0.95 -11.65
CA HIS A 118 -0.14 -1.80 -12.77
C HIS A 118 -0.65 -3.20 -12.55
N TYR A 119 -1.59 -3.64 -13.38
CA TYR A 119 -2.15 -4.97 -13.25
C TYR A 119 -1.55 -5.90 -14.29
N HIS A 120 -0.63 -6.75 -13.85
CA HIS A 120 0.02 -7.68 -14.75
C HIS A 120 -0.74 -8.99 -14.78
N THR A 121 -1.42 -9.24 -15.89
CA THR A 121 -2.20 -10.45 -16.07
C THR A 121 -1.46 -11.48 -16.90
N LYS A 122 -2.06 -12.66 -17.03
CA LYS A 122 -1.47 -13.74 -17.81
C LYS A 122 -2.26 -13.99 -19.08
N GLY A 123 -1.64 -14.61 -20.07
CA GLY A 123 -2.30 -14.91 -21.34
C GLY A 123 -3.19 -13.75 -21.77
N ASN A 124 -4.50 -13.97 -21.75
CA ASN A 124 -5.48 -12.95 -22.13
C ASN A 124 -6.30 -12.49 -20.93
N ILE A 125 -6.02 -13.05 -19.76
CA ILE A 125 -6.73 -12.70 -18.54
C ILE A 125 -6.89 -11.18 -18.43
N GLU A 126 -7.85 -10.77 -17.61
CA GLU A 126 -8.11 -9.36 -17.39
C GLU A 126 -8.59 -9.09 -15.98
N ILE A 127 -8.23 -7.93 -15.43
CA ILE A 127 -8.64 -7.54 -14.09
C ILE A 127 -9.97 -6.81 -14.16
N LYS A 128 -10.97 -7.34 -13.44
CA LYS A 128 -12.31 -6.75 -13.46
C LYS A 128 -12.38 -5.47 -12.64
N GLU A 129 -13.43 -4.69 -12.89
CA GLU A 129 -13.64 -3.42 -12.20
C GLU A 129 -14.01 -3.64 -10.74
N GLU A 130 -15.05 -4.42 -10.48
CA GLU A 130 -15.46 -4.69 -9.11
C GLU A 130 -14.29 -5.23 -8.27
N HIS A 131 -13.29 -5.82 -8.92
CA HIS A 131 -12.14 -6.37 -8.24
C HIS A 131 -11.24 -5.25 -7.74
N VAL A 132 -10.86 -4.37 -8.65
CA VAL A 132 -9.98 -3.26 -8.30
C VAL A 132 -10.74 -2.15 -7.58
N LYS A 133 -12.04 -2.03 -7.85
CA LYS A 133 -12.86 -1.00 -7.24
C LYS A 133 -13.03 -1.25 -5.74
N VAL A 134 -13.32 -2.50 -5.38
CA VAL A 134 -13.51 -2.85 -3.98
C VAL A 134 -12.18 -2.80 -3.24
N GLY A 135 -11.13 -3.33 -3.87
CA GLY A 135 -9.81 -3.34 -3.25
C GLY A 135 -9.23 -1.93 -3.19
N LYS A 136 -9.34 -1.19 -4.29
CA LYS A 136 -8.84 0.18 -4.36
C LYS A 136 -9.65 1.09 -3.45
N GLU A 137 -10.97 1.00 -3.54
CA GLU A 137 -11.84 1.84 -2.72
C GLU A 137 -11.48 1.67 -1.24
N LYS A 138 -11.36 0.42 -0.81
CA LYS A 138 -11.00 0.15 0.57
C LYS A 138 -9.62 0.71 0.85
N ALA A 139 -8.66 0.34 0.00
CA ALA A 139 -7.29 0.82 0.12
C ALA A 139 -7.25 2.33 0.28
N HIS A 140 -7.89 3.04 -0.64
CA HIS A 140 -7.94 4.49 -0.59
C HIS A 140 -8.33 4.93 0.82
N GLY A 141 -9.25 4.18 1.42
CA GLY A 141 -9.68 4.46 2.78
C GLY A 141 -8.51 4.32 3.74
N LEU A 142 -7.61 3.40 3.42
CA LEU A 142 -6.44 3.16 4.23
C LEU A 142 -5.43 4.28 3.98
N PHE A 143 -5.35 4.75 2.75
CA PHE A 143 -4.47 5.87 2.45
C PHE A 143 -4.91 7.02 3.34
N LYS A 144 -6.17 6.98 3.72
CA LYS A 144 -6.77 7.95 4.62
C LYS A 144 -6.34 7.65 6.05
N LEU A 145 -6.26 6.36 6.35
CA LEU A 145 -5.87 5.88 7.67
C LEU A 145 -4.56 6.51 8.11
N ILE A 146 -3.55 6.30 7.30
CA ILE A 146 -2.22 6.78 7.60
C ILE A 146 -2.14 8.28 7.42
N GLU A 147 -2.61 8.81 6.29
CA GLU A 147 -2.57 10.25 6.07
C GLU A 147 -3.06 10.97 7.33
N SER A 148 -4.24 10.58 7.80
CA SER A 148 -4.80 11.16 9.01
C SER A 148 -3.81 11.04 10.17
N TYR A 149 -3.20 9.88 10.32
CA TYR A 149 -2.25 9.64 11.39
C TYR A 149 -1.12 10.65 11.44
N LEU A 150 -0.50 11.00 10.33
CA LEU A 150 0.62 11.95 10.38
C LEU A 150 0.17 13.35 10.72
N LYS A 151 -0.94 13.79 10.14
CA LYS A 151 -1.43 15.13 10.44
C LYS A 151 -1.81 15.23 11.90
N ASP A 152 -2.14 14.10 12.52
CA ASP A 152 -2.48 14.06 13.93
C ASP A 152 -1.36 13.42 14.73
N HIS A 153 -0.44 12.79 14.05
CA HIS A 153 0.68 12.06 14.63
C HIS A 153 1.84 12.00 13.63
N PRO A 154 2.42 13.14 13.32
CA PRO A 154 3.54 13.22 12.35
C PRO A 154 4.81 12.58 12.90
N ASP A 155 4.73 12.14 14.13
CA ASP A 155 5.85 11.52 14.83
C ASP A 155 6.11 10.10 14.33
N ALA A 156 5.38 9.62 13.33
CA ALA A 156 5.61 8.26 12.87
C ALA A 156 7.08 8.01 12.59
N TYR A 157 7.62 6.92 13.14
CA TYR A 157 9.01 6.56 12.97
C TYR A 157 9.97 7.69 13.32
N ASN A 158 9.45 8.80 13.84
CA ASN A 158 10.27 9.93 14.20
C ASN A 158 11.09 9.61 15.43
N GLY A 1 1.96 -6.52 -20.41
CA GLY A 1 1.12 -7.57 -19.79
C GLY A 1 0.52 -7.06 -18.49
N VAL A 2 0.70 -5.77 -18.21
CA VAL A 2 0.19 -5.16 -16.99
C VAL A 2 -0.47 -3.83 -17.30
N TYR A 3 -1.47 -3.48 -16.50
CA TYR A 3 -2.16 -2.21 -16.65
C TYR A 3 -1.60 -1.18 -15.68
N THR A 4 -0.89 -0.17 -16.21
CA THR A 4 -0.32 0.86 -15.36
C THR A 4 -1.22 2.08 -15.29
N PHE A 5 -1.33 2.67 -14.12
CA PHE A 5 -2.15 3.86 -13.90
C PHE A 5 -1.44 4.82 -12.96
N GLU A 6 -1.36 6.08 -13.35
CA GLU A 6 -0.69 7.10 -12.54
C GLU A 6 -1.71 7.98 -11.82
N ASN A 7 -1.56 8.12 -10.51
CA ASN A 7 -2.48 8.93 -9.70
C ASN A 7 -1.71 9.95 -8.89
N GLU A 8 -2.43 10.90 -8.29
CA GLU A 8 -1.78 11.94 -7.49
C GLU A 8 -2.74 12.51 -6.44
N PHE A 9 -2.22 12.82 -5.25
CA PHE A 9 -3.03 13.40 -4.18
C PHE A 9 -2.19 14.35 -3.34
N THR A 10 -2.78 15.47 -2.94
CA THR A 10 -2.07 16.47 -2.14
C THR A 10 -2.40 16.33 -0.66
N SER A 11 -1.44 16.65 0.20
CA SER A 11 -1.63 16.56 1.64
C SER A 11 -0.89 17.69 2.35
N GLU A 12 -1.36 18.06 3.53
CA GLU A 12 -0.74 19.12 4.32
C GLU A 12 0.30 18.55 5.28
N ILE A 13 0.74 17.33 5.00
CA ILE A 13 1.73 16.65 5.84
C ILE A 13 3.08 16.59 5.12
N PRO A 14 4.15 17.06 5.75
CA PRO A 14 5.48 17.01 5.12
C PRO A 14 5.77 15.61 4.55
N PRO A 15 6.52 15.53 3.46
CA PRO A 15 6.86 14.23 2.82
C PRO A 15 7.69 13.33 3.71
N SER A 16 8.41 13.93 4.65
CA SER A 16 9.26 13.17 5.57
C SER A 16 8.46 12.26 6.48
N ARG A 17 7.25 12.66 6.87
CA ARG A 17 6.45 11.84 7.77
C ARG A 17 5.79 10.78 6.96
N LEU A 18 5.06 11.22 5.94
CA LEU A 18 4.38 10.30 5.04
C LEU A 18 5.35 9.22 4.64
N PHE A 19 6.58 9.62 4.32
CA PHE A 19 7.63 8.70 3.96
C PHE A 19 7.81 7.60 5.00
N LYS A 20 8.10 7.95 6.24
CA LYS A 20 8.27 6.91 7.27
C LYS A 20 6.94 6.28 7.57
N ALA A 21 5.89 7.02 7.30
CA ALA A 21 4.53 6.59 7.54
C ALA A 21 4.04 5.71 6.39
N PHE A 22 4.87 5.51 5.36
CA PHE A 22 4.52 4.69 4.22
C PHE A 22 5.47 3.52 4.03
N VAL A 23 6.58 3.49 4.78
CA VAL A 23 7.55 2.41 4.65
C VAL A 23 8.07 1.87 5.98
N LEU A 24 8.29 2.71 6.99
CA LEU A 24 8.87 2.23 8.25
C LEU A 24 7.80 1.80 9.25
N ASP A 25 6.82 2.67 9.51
CA ASP A 25 5.78 2.36 10.48
C ASP A 25 4.42 2.21 9.84
N ALA A 26 4.33 2.45 8.54
CA ALA A 26 3.05 2.34 7.84
C ALA A 26 2.41 0.98 8.03
N ASP A 27 3.21 -0.06 7.99
CA ASP A 27 2.73 -1.43 8.11
C ASP A 27 2.57 -1.81 9.58
N ASN A 28 2.55 -0.81 10.44
CA ASN A 28 2.35 -0.97 11.86
C ASN A 28 1.44 0.16 12.34
N LEU A 29 1.22 1.10 11.44
CA LEU A 29 0.41 2.27 11.69
C LEU A 29 -1.05 1.98 11.37
N ILE A 30 -1.29 1.26 10.28
CA ILE A 30 -2.65 0.91 9.89
C ILE A 30 -3.35 0.20 11.05
N PRO A 31 -2.73 -0.80 11.64
CA PRO A 31 -3.34 -1.50 12.79
C PRO A 31 -3.54 -0.58 13.99
N LYS A 32 -2.73 0.48 14.06
CA LYS A 32 -2.78 1.43 15.17
C LYS A 32 -4.08 2.23 15.17
N ILE A 33 -4.26 2.99 14.11
CA ILE A 33 -5.40 3.87 13.93
C ILE A 33 -6.50 3.18 13.13
N ALA A 34 -6.09 2.33 12.19
CA ALA A 34 -7.00 1.65 11.27
C ALA A 34 -7.29 0.21 11.68
N PRO A 35 -8.09 0.00 12.69
CA PRO A 35 -8.49 -1.35 13.08
C PRO A 35 -9.46 -1.91 12.05
N GLN A 36 -10.07 -0.98 11.29
CA GLN A 36 -10.99 -1.36 10.24
C GLN A 36 -10.24 -1.96 9.06
N ALA A 37 -9.11 -1.34 8.75
CA ALA A 37 -8.29 -1.77 7.62
C ALA A 37 -7.61 -3.11 7.88
N ILE A 38 -6.48 -3.07 8.59
CA ILE A 38 -5.70 -4.28 8.86
C ILE A 38 -5.75 -4.60 10.35
N LYS A 39 -5.75 -5.90 10.66
CA LYS A 39 -5.76 -6.34 12.05
C LYS A 39 -4.36 -6.25 12.65
N GLN A 40 -3.36 -6.72 11.92
CA GLN A 40 -1.99 -6.67 12.38
C GLN A 40 -1.04 -7.16 11.29
N ALA A 41 0.24 -6.86 11.45
CA ALA A 41 1.24 -7.30 10.50
C ALA A 41 2.64 -7.14 11.07
N GLU A 42 3.53 -8.06 10.72
CA GLU A 42 4.91 -8.01 11.20
C GLU A 42 5.87 -8.37 10.07
N ILE A 43 7.01 -7.70 10.02
CA ILE A 43 7.99 -7.97 8.97
C ILE A 43 8.76 -9.23 9.27
N LEU A 44 9.01 -10.00 8.23
CA LEU A 44 9.76 -11.25 8.34
C LEU A 44 11.22 -10.94 8.16
N GLU A 45 11.53 -10.06 7.21
CA GLU A 45 12.90 -9.68 6.94
C GLU A 45 12.97 -8.19 6.72
N GLY A 46 13.94 -7.52 7.35
CA GLY A 46 14.09 -6.09 7.20
C GLY A 46 13.05 -5.34 8.02
N ASN A 47 12.76 -4.10 7.63
CA ASN A 47 11.78 -3.28 8.33
C ASN A 47 10.86 -2.55 7.36
N GLY A 48 11.13 -2.70 6.07
CA GLY A 48 10.36 -2.05 5.03
C GLY A 48 11.24 -1.57 3.89
N GLY A 49 12.45 -2.12 3.78
CA GLY A 49 13.36 -1.72 2.72
C GLY A 49 13.55 -2.83 1.70
N PRO A 50 14.47 -2.65 0.76
CA PRO A 50 14.74 -3.65 -0.28
C PRO A 50 15.22 -4.99 0.28
N GLY A 51 14.54 -6.07 -0.07
CA GLY A 51 14.91 -7.41 0.41
C GLY A 51 14.09 -7.77 1.63
N THR A 52 13.16 -6.88 1.94
CA THR A 52 12.29 -7.02 3.06
C THR A 52 10.98 -7.70 2.67
N ILE A 53 10.50 -8.59 3.54
CA ILE A 53 9.24 -9.29 3.31
C ILE A 53 8.31 -9.01 4.47
N LYS A 54 7.09 -8.59 4.16
CA LYS A 54 6.09 -8.31 5.19
C LYS A 54 4.91 -9.25 5.06
N LYS A 55 4.42 -9.72 6.20
CA LYS A 55 3.25 -10.61 6.24
C LYS A 55 2.11 -9.97 7.02
N ILE A 56 0.94 -9.86 6.40
CA ILE A 56 -0.22 -9.28 7.07
C ILE A 56 -1.17 -10.38 7.51
N THR A 57 -1.59 -10.35 8.77
CA THR A 57 -2.51 -11.35 9.29
C THR A 57 -3.88 -10.74 9.53
N PHE A 58 -4.89 -11.25 8.83
CA PHE A 58 -6.26 -10.77 8.97
C PHE A 58 -7.01 -11.59 10.01
N GLY A 59 -8.29 -11.30 10.17
CA GLY A 59 -9.12 -12.02 11.12
C GLY A 59 -9.07 -13.52 10.87
N GLU A 60 -9.11 -14.30 11.94
CA GLU A 60 -9.07 -15.76 11.83
C GLU A 60 -10.24 -16.27 11.01
N GLY A 61 -11.46 -16.04 11.50
CA GLY A 61 -12.66 -16.48 10.82
C GLY A 61 -13.17 -15.41 9.86
N SER A 62 -12.36 -15.07 8.88
CA SER A 62 -12.72 -14.05 7.90
C SER A 62 -12.34 -14.49 6.49
N GLN A 63 -12.71 -13.70 5.50
CA GLN A 63 -12.40 -14.01 4.11
C GLN A 63 -10.90 -14.24 3.94
N TYR A 64 -10.11 -13.26 4.37
CA TYR A 64 -8.66 -13.35 4.26
C TYR A 64 -8.06 -13.95 5.53
N GLY A 65 -6.89 -14.56 5.40
CA GLY A 65 -6.21 -15.17 6.54
C GLY A 65 -4.78 -14.67 6.66
N TYR A 66 -3.98 -14.93 5.63
CA TYR A 66 -2.58 -14.50 5.62
C TYR A 66 -2.15 -14.14 4.21
N VAL A 67 -1.24 -13.17 4.10
CA VAL A 67 -0.75 -12.73 2.80
C VAL A 67 0.69 -12.27 2.89
N LYS A 68 1.47 -12.51 1.83
CA LYS A 68 2.87 -12.11 1.80
C LYS A 68 3.08 -10.90 0.89
N HIS A 69 3.39 -9.77 1.51
CA HIS A 69 3.67 -8.52 0.78
C HIS A 69 5.17 -8.25 0.85
N ARG A 70 5.83 -8.30 -0.30
CA ARG A 70 7.28 -8.07 -0.36
C ARG A 70 7.61 -6.68 -0.86
N ILE A 71 8.47 -5.98 -0.13
CA ILE A 71 8.93 -4.65 -0.52
C ILE A 71 9.84 -4.78 -1.73
N ASP A 72 9.74 -3.87 -2.69
CA ASP A 72 10.57 -3.94 -3.88
C ASP A 72 11.77 -3.02 -3.81
N SER A 73 11.56 -1.73 -3.58
CA SER A 73 12.68 -0.79 -3.52
C SER A 73 12.31 0.55 -2.92
N ILE A 74 13.21 1.12 -2.12
CA ILE A 74 13.00 2.43 -1.52
C ILE A 74 14.21 3.32 -1.75
N ASP A 75 13.93 4.52 -2.25
CA ASP A 75 14.97 5.50 -2.47
C ASP A 75 14.72 6.68 -1.56
N GLU A 76 15.25 6.62 -0.35
CA GLU A 76 15.05 7.69 0.62
C GLU A 76 15.46 9.01 -0.01
N ALA A 77 16.42 8.93 -0.92
CA ALA A 77 16.88 10.09 -1.65
C ALA A 77 15.70 10.73 -2.36
N SER A 78 14.82 9.87 -2.86
CA SER A 78 13.63 10.31 -3.57
C SER A 78 12.37 10.10 -2.75
N TYR A 79 12.45 9.38 -1.64
CA TYR A 79 11.31 9.10 -0.80
C TYR A 79 10.25 8.35 -1.59
N SER A 80 10.68 7.35 -2.34
CA SER A 80 9.77 6.53 -3.14
C SER A 80 9.74 5.13 -2.59
N TYR A 81 8.61 4.45 -2.72
CA TYR A 81 8.49 3.09 -2.20
C TYR A 81 7.55 2.26 -3.06
N SER A 82 8.04 1.10 -3.49
CA SER A 82 7.25 0.20 -4.33
C SER A 82 7.30 -1.21 -3.76
N TYR A 83 6.21 -1.95 -3.92
CA TYR A 83 6.15 -3.32 -3.44
C TYR A 83 5.16 -4.13 -4.26
N THR A 84 5.18 -5.44 -4.08
CA THR A 84 4.28 -6.30 -4.84
C THR A 84 3.83 -7.49 -4.01
N LEU A 85 2.55 -7.84 -4.13
CA LEU A 85 2.01 -8.98 -3.43
C LEU A 85 2.37 -10.25 -4.19
N ILE A 86 3.23 -11.06 -3.61
CA ILE A 86 3.69 -12.29 -4.26
C ILE A 86 2.58 -13.35 -4.30
N GLU A 87 1.83 -13.50 -3.23
CA GLU A 87 0.78 -14.50 -3.18
C GLU A 87 -0.26 -14.10 -2.14
N GLY A 88 -1.37 -14.83 -2.10
CA GLY A 88 -2.44 -14.55 -1.16
C GLY A 88 -3.70 -14.18 -1.89
N ASP A 89 -4.78 -13.93 -1.15
CA ASP A 89 -6.03 -13.52 -1.78
C ASP A 89 -5.80 -12.20 -2.50
N ALA A 90 -4.55 -11.73 -2.46
CA ALA A 90 -4.13 -10.53 -3.12
C ALA A 90 -4.19 -10.72 -4.63
N LEU A 91 -3.86 -11.92 -5.08
CA LEU A 91 -3.82 -12.28 -6.49
C LEU A 91 -4.93 -13.26 -6.79
N THR A 92 -5.87 -13.41 -5.85
CA THR A 92 -6.93 -14.39 -6.04
C THR A 92 -6.31 -15.71 -6.48
N ASP A 93 -6.78 -16.26 -7.58
CA ASP A 93 -6.24 -17.52 -8.11
C ASP A 93 -5.94 -17.37 -9.60
N THR A 94 -6.38 -16.26 -10.19
CA THR A 94 -6.20 -16.00 -11.61
C THR A 94 -5.11 -14.96 -11.88
N ILE A 95 -4.56 -14.33 -10.85
CA ILE A 95 -3.56 -13.29 -11.03
C ILE A 95 -2.14 -13.75 -10.81
N GLU A 96 -1.23 -13.07 -11.51
CA GLU A 96 0.19 -13.34 -11.40
C GLU A 96 0.78 -12.52 -10.24
N LYS A 97 0.64 -11.20 -10.33
CA LYS A 97 1.17 -10.32 -9.30
C LYS A 97 0.68 -8.89 -9.50
N ILE A 98 0.53 -8.16 -8.40
CA ILE A 98 0.10 -6.77 -8.45
C ILE A 98 1.15 -5.89 -7.78
N SER A 99 1.68 -4.94 -8.55
CA SER A 99 2.72 -4.05 -8.04
C SER A 99 2.19 -2.65 -7.86
N TYR A 100 2.68 -1.96 -6.85
CA TYR A 100 2.28 -0.59 -6.56
C TYR A 100 3.50 0.25 -6.23
N GLU A 101 3.62 1.40 -6.89
CA GLU A 101 4.75 2.31 -6.66
C GLU A 101 4.24 3.70 -6.38
N THR A 102 4.78 4.35 -5.36
CA THR A 102 4.34 5.68 -4.99
C THR A 102 5.53 6.55 -4.64
N LYS A 103 5.53 7.78 -5.12
CA LYS A 103 6.60 8.73 -4.84
C LYS A 103 6.03 9.94 -4.13
N LEU A 104 6.67 10.36 -3.05
CA LEU A 104 6.19 11.50 -2.29
C LEU A 104 7.03 12.73 -2.61
N VAL A 105 6.37 13.85 -2.83
CA VAL A 105 7.06 15.09 -3.19
C VAL A 105 6.47 16.25 -2.41
N ALA A 106 7.30 17.12 -1.89
CA ALA A 106 6.81 18.28 -1.16
C ALA A 106 6.21 19.31 -2.13
N CYS A 107 5.05 19.84 -1.78
CA CYS A 107 4.37 20.84 -2.60
C CYS A 107 4.16 22.12 -1.80
N GLY A 108 3.65 23.16 -2.46
CA GLY A 108 3.41 24.43 -1.80
C GLY A 108 2.52 24.30 -0.57
N SER A 109 1.59 23.34 -0.52
CA SER A 109 0.70 23.09 0.65
C SER A 109 1.23 22.08 1.67
N GLY A 110 2.27 21.31 1.31
CA GLY A 110 2.78 20.17 2.07
C GLY A 110 3.57 19.22 1.18
N SER A 111 2.91 18.28 0.49
CA SER A 111 3.52 17.31 -0.41
C SER A 111 2.46 16.65 -1.27
N THR A 112 2.75 16.54 -2.55
CA THR A 112 1.87 15.88 -3.50
C THR A 112 2.38 14.47 -3.70
N ILE A 113 1.58 13.50 -3.33
CA ILE A 113 1.95 12.11 -3.43
C ILE A 113 1.49 11.53 -4.75
N LYS A 114 2.41 10.92 -5.47
CA LYS A 114 2.09 10.30 -6.75
C LYS A 114 2.04 8.79 -6.57
N SER A 115 0.87 8.21 -6.77
CA SER A 115 0.68 6.77 -6.59
C SER A 115 0.43 6.07 -7.93
N ILE A 116 1.23 5.06 -8.22
CA ILE A 116 1.14 4.31 -9.47
C ILE A 116 0.53 2.95 -9.18
N SER A 117 -0.38 2.55 -10.03
CA SER A 117 -1.05 1.25 -9.91
C SER A 117 -0.59 0.35 -11.05
N HIS A 118 -0.22 -0.90 -10.74
CA HIS A 118 0.24 -1.83 -11.76
C HIS A 118 -0.35 -3.20 -11.55
N TYR A 119 -1.31 -3.58 -12.37
CA TYR A 119 -1.94 -4.90 -12.27
C TYR A 119 -1.36 -5.82 -13.31
N HIS A 120 -0.48 -6.74 -12.89
CA HIS A 120 0.14 -7.68 -13.81
C HIS A 120 -0.70 -8.94 -13.91
N THR A 121 -1.34 -9.12 -15.06
CA THR A 121 -2.21 -10.25 -15.29
C THR A 121 -1.47 -11.40 -15.99
N LYS A 122 -2.06 -12.59 -15.97
CA LYS A 122 -1.46 -13.77 -16.60
C LYS A 122 -1.94 -13.95 -18.03
N GLY A 123 -1.07 -14.48 -18.89
CA GLY A 123 -1.40 -14.74 -20.29
C GLY A 123 -2.36 -13.70 -20.86
N ASN A 124 -3.55 -14.15 -21.23
CA ASN A 124 -4.56 -13.26 -21.77
C ASN A 124 -5.51 -12.81 -20.67
N ILE A 125 -5.44 -13.49 -19.53
CA ILE A 125 -6.26 -13.15 -18.38
C ILE A 125 -6.15 -11.65 -18.13
N GLU A 126 -7.07 -11.09 -17.35
CA GLU A 126 -7.05 -9.65 -17.09
C GLU A 126 -7.61 -9.31 -15.70
N ILE A 127 -7.12 -8.23 -15.12
CA ILE A 127 -7.57 -7.76 -13.82
C ILE A 127 -8.79 -6.88 -14.00
N LYS A 128 -9.89 -7.22 -13.32
CA LYS A 128 -11.13 -6.46 -13.46
C LYS A 128 -11.07 -5.14 -12.71
N GLU A 129 -11.96 -4.23 -13.09
CA GLU A 129 -12.05 -2.92 -12.45
C GLU A 129 -12.60 -3.05 -11.04
N GLU A 130 -13.63 -3.87 -10.88
CA GLU A 130 -14.23 -4.09 -9.58
C GLU A 130 -13.21 -4.66 -8.61
N HIS A 131 -12.19 -5.33 -9.16
CA HIS A 131 -11.15 -5.93 -8.34
C HIS A 131 -10.24 -4.86 -7.76
N VAL A 132 -9.72 -4.01 -8.63
CA VAL A 132 -8.82 -2.94 -8.21
C VAL A 132 -9.61 -1.81 -7.54
N LYS A 133 -10.87 -1.65 -7.91
CA LYS A 133 -11.72 -0.60 -7.35
C LYS A 133 -11.99 -0.84 -5.87
N VAL A 134 -12.34 -2.06 -5.52
CA VAL A 134 -12.63 -2.38 -4.11
C VAL A 134 -11.35 -2.36 -3.30
N GLY A 135 -10.28 -2.93 -3.84
CA GLY A 135 -9.00 -2.95 -3.14
C GLY A 135 -8.45 -1.54 -3.02
N LYS A 136 -8.54 -0.77 -4.10
CA LYS A 136 -8.06 0.60 -4.12
C LYS A 136 -8.89 1.47 -3.21
N GLU A 137 -10.21 1.37 -3.30
CA GLU A 137 -11.10 2.18 -2.47
C GLU A 137 -10.75 1.99 -1.00
N LYS A 138 -10.60 0.73 -0.59
CA LYS A 138 -10.25 0.44 0.79
C LYS A 138 -8.86 0.98 1.08
N ALA A 139 -7.89 0.58 0.27
CA ALA A 139 -6.51 1.02 0.42
C ALA A 139 -6.46 2.54 0.59
N HIS A 140 -7.20 3.24 -0.25
CA HIS A 140 -7.26 4.69 -0.18
C HIS A 140 -7.71 5.11 1.22
N GLY A 141 -8.62 4.34 1.79
CA GLY A 141 -9.12 4.61 3.12
C GLY A 141 -8.02 4.53 4.15
N LEU A 142 -7.12 3.57 3.97
CA LEU A 142 -6.01 3.39 4.90
C LEU A 142 -5.06 4.56 4.78
N PHE A 143 -4.89 5.05 3.56
CA PHE A 143 -4.02 6.21 3.36
C PHE A 143 -4.57 7.36 4.19
N LYS A 144 -5.90 7.37 4.33
CA LYS A 144 -6.58 8.37 5.13
C LYS A 144 -6.23 8.18 6.60
N LEU A 145 -6.05 6.92 6.98
CA LEU A 145 -5.73 6.57 8.35
C LEU A 145 -4.34 7.04 8.71
N ILE A 146 -3.35 6.59 7.96
CA ILE A 146 -1.97 6.96 8.25
C ILE A 146 -1.77 8.46 8.14
N GLU A 147 -2.25 9.06 7.06
CA GLU A 147 -2.12 10.50 6.89
C GLU A 147 -2.51 11.22 8.18
N SER A 148 -3.70 10.91 8.69
CA SER A 148 -4.18 11.51 9.93
C SER A 148 -3.14 11.40 11.04
N TYR A 149 -2.54 10.22 11.17
CA TYR A 149 -1.56 9.98 12.20
C TYR A 149 -0.38 10.91 12.15
N LEU A 150 0.21 11.16 10.99
CA LEU A 150 1.38 12.05 10.93
C LEU A 150 1.05 13.48 11.31
N LYS A 151 -0.08 13.97 10.86
CA LYS A 151 -0.47 15.34 11.20
C LYS A 151 -0.70 15.43 12.70
N ASP A 152 -1.04 14.30 13.31
CA ASP A 152 -1.26 14.23 14.75
C ASP A 152 -0.11 13.53 15.45
N HIS A 153 0.74 12.89 14.70
CA HIS A 153 1.87 12.11 15.17
C HIS A 153 2.93 11.99 14.09
N PRO A 154 3.56 13.10 13.74
CA PRO A 154 4.61 13.12 12.68
C PRO A 154 5.88 12.42 13.16
N ASP A 155 5.86 11.99 14.40
CA ASP A 155 6.98 11.34 15.05
C ASP A 155 7.12 9.88 14.60
N ALA A 156 6.31 9.39 13.67
CA ALA A 156 6.41 7.99 13.28
C ALA A 156 7.86 7.62 12.98
N TYR A 157 8.31 6.52 13.59
CA TYR A 157 9.67 6.02 13.40
C TYR A 157 10.72 7.09 13.68
N ASN A 158 10.30 8.24 14.18
CA ASN A 158 11.22 9.32 14.47
C ASN A 158 11.99 9.03 15.76
N GLY A 1 -0.09 -8.52 -20.97
CA GLY A 1 0.61 -7.30 -20.53
C GLY A 1 0.09 -6.86 -19.17
N VAL A 2 0.27 -5.59 -18.84
CA VAL A 2 -0.18 -5.04 -17.56
C VAL A 2 -0.90 -3.71 -17.75
N TYR A 3 -1.86 -3.43 -16.90
CA TYR A 3 -2.60 -2.17 -16.94
C TYR A 3 -2.03 -1.19 -15.93
N THR A 4 -1.36 -0.14 -16.41
CA THR A 4 -0.81 0.87 -15.50
C THR A 4 -1.75 2.06 -15.37
N PHE A 5 -1.94 2.53 -14.14
CA PHE A 5 -2.80 3.67 -13.88
C PHE A 5 -2.12 4.63 -12.90
N GLU A 6 -2.08 5.91 -13.26
CA GLU A 6 -1.46 6.92 -12.42
C GLU A 6 -2.51 7.74 -11.68
N ASN A 7 -2.32 7.95 -10.39
CA ASN A 7 -3.26 8.71 -9.57
C ASN A 7 -2.56 9.84 -8.83
N GLU A 8 -3.33 10.74 -8.23
CA GLU A 8 -2.76 11.87 -7.50
C GLU A 8 -3.67 12.33 -6.36
N PHE A 9 -3.08 12.67 -5.22
CA PHE A 9 -3.83 13.14 -4.06
C PHE A 9 -3.05 14.21 -3.31
N THR A 10 -3.69 15.34 -3.04
CA THR A 10 -3.03 16.45 -2.34
C THR A 10 -3.39 16.48 -0.87
N SER A 11 -2.44 16.85 -0.02
CA SER A 11 -2.66 16.95 1.42
C SER A 11 -1.84 18.09 2.02
N GLU A 12 -2.17 18.50 3.23
CA GLU A 12 -1.46 19.58 3.91
C GLU A 12 -0.37 19.05 4.81
N ILE A 13 0.13 17.86 4.49
CA ILE A 13 1.18 17.22 5.29
C ILE A 13 2.50 17.18 4.52
N PRO A 14 3.59 17.69 5.09
CA PRO A 14 4.90 17.66 4.43
C PRO A 14 5.26 16.26 3.92
N PRO A 15 5.97 16.14 2.82
CA PRO A 15 6.36 14.81 2.26
C PRO A 15 7.16 13.97 3.25
N SER A 16 7.82 14.63 4.19
CA SER A 16 8.64 13.96 5.18
C SER A 16 7.82 13.14 6.14
N ARG A 17 6.63 13.59 6.50
CA ARG A 17 5.80 12.86 7.45
C ARG A 17 5.19 11.68 6.73
N LEU A 18 4.49 11.99 5.66
CA LEU A 18 3.87 10.97 4.85
C LEU A 18 4.90 9.90 4.49
N PHE A 19 6.09 10.35 4.11
CA PHE A 19 7.19 9.47 3.76
C PHE A 19 7.42 8.38 4.82
N LYS A 20 7.69 8.78 6.05
CA LYS A 20 7.91 7.77 7.08
C LYS A 20 6.60 7.06 7.33
N ALA A 21 5.54 7.83 7.34
CA ALA A 21 4.21 7.31 7.56
C ALA A 21 3.78 6.38 6.42
N PHE A 22 4.62 6.22 5.40
CA PHE A 22 4.30 5.37 4.27
C PHE A 22 5.28 4.21 4.12
N VAL A 23 6.39 4.21 4.87
CA VAL A 23 7.37 3.12 4.75
C VAL A 23 7.78 2.51 6.08
N LEU A 24 8.17 3.33 7.05
CA LEU A 24 8.65 2.81 8.34
C LEU A 24 7.58 2.81 9.43
N ASP A 25 6.64 3.76 9.41
CA ASP A 25 5.61 3.84 10.45
C ASP A 25 4.25 3.56 9.88
N ALA A 26 4.14 3.38 8.57
CA ALA A 26 2.86 3.11 7.93
C ALA A 26 2.30 1.76 8.35
N ASP A 27 3.19 0.79 8.45
CA ASP A 27 2.83 -0.58 8.81
C ASP A 27 2.78 -0.72 10.32
N ASN A 28 2.71 0.41 10.99
CA ASN A 28 2.59 0.51 12.44
C ASN A 28 1.59 1.60 12.73
N LEU A 29 1.23 2.30 11.67
CA LEU A 29 0.30 3.39 11.65
C LEU A 29 -1.09 2.86 11.38
N ILE A 30 -1.22 2.05 10.33
CA ILE A 30 -2.50 1.46 9.95
C ILE A 30 -3.11 0.69 11.12
N PRO A 31 -2.39 -0.22 11.75
CA PRO A 31 -2.93 -0.99 12.90
C PRO A 31 -3.30 -0.10 14.09
N LYS A 32 -2.65 1.05 14.21
CA LYS A 32 -2.88 1.97 15.31
C LYS A 32 -4.21 2.70 15.20
N ILE A 33 -4.34 3.46 14.13
CA ILE A 33 -5.51 4.26 13.87
C ILE A 33 -6.51 3.50 13.02
N ALA A 34 -6.01 2.64 12.14
CA ALA A 34 -6.85 1.89 11.21
C ALA A 34 -7.03 0.44 11.65
N PRO A 35 -7.73 0.20 12.74
CA PRO A 35 -8.02 -1.18 13.17
C PRO A 35 -9.06 -1.78 12.23
N GLN A 36 -9.76 -0.89 11.53
CA GLN A 36 -10.77 -1.30 10.57
C GLN A 36 -10.10 -1.86 9.33
N ALA A 37 -9.00 -1.22 8.93
CA ALA A 37 -8.25 -1.63 7.76
C ALA A 37 -7.53 -2.96 7.98
N ILE A 38 -6.36 -2.90 8.62
CA ILE A 38 -5.56 -4.08 8.88
C ILE A 38 -5.54 -4.40 10.36
N LYS A 39 -5.52 -5.69 10.69
CA LYS A 39 -5.47 -6.12 12.09
C LYS A 39 -4.07 -5.97 12.65
N GLN A 40 -3.07 -6.45 11.90
CA GLN A 40 -1.69 -6.34 12.33
C GLN A 40 -0.77 -6.84 11.23
N ALA A 41 0.51 -6.52 11.32
CA ALA A 41 1.48 -6.97 10.36
C ALA A 41 2.90 -6.80 10.89
N GLU A 42 3.79 -7.71 10.52
CA GLU A 42 5.18 -7.66 10.96
C GLU A 42 6.11 -7.99 9.81
N ILE A 43 7.28 -7.36 9.77
CA ILE A 43 8.22 -7.61 8.70
C ILE A 43 8.99 -8.89 8.95
N LEU A 44 9.19 -9.63 7.87
CA LEU A 44 9.94 -10.89 7.93
C LEU A 44 11.40 -10.60 7.71
N GLU A 45 11.68 -9.68 6.80
CA GLU A 45 13.06 -9.31 6.52
C GLU A 45 13.15 -7.82 6.27
N GLY A 46 14.13 -7.15 6.88
CA GLY A 46 14.29 -5.71 6.71
C GLY A 46 13.43 -4.96 7.71
N ASN A 47 13.11 -3.71 7.38
CA ASN A 47 12.29 -2.86 8.26
C ASN A 47 11.29 -2.04 7.45
N GLY A 48 11.43 -2.09 6.12
CA GLY A 48 10.57 -1.33 5.24
C GLY A 48 11.35 -0.81 4.03
N GLY A 49 12.54 -1.36 3.79
CA GLY A 49 13.37 -0.93 2.68
C GLY A 49 13.46 -1.99 1.58
N PRO A 50 14.32 -1.77 0.60
CA PRO A 50 14.50 -2.72 -0.53
C PRO A 50 15.02 -4.09 -0.09
N GLY A 51 14.32 -5.15 -0.47
CA GLY A 51 14.73 -6.51 -0.12
C GLY A 51 13.99 -6.95 1.12
N THR A 52 13.06 -6.11 1.53
CA THR A 52 12.27 -6.35 2.70
C THR A 52 10.96 -7.04 2.33
N ILE A 53 10.56 -8.01 3.14
CA ILE A 53 9.31 -8.73 2.93
C ILE A 53 8.41 -8.50 4.13
N LYS A 54 7.17 -8.08 3.87
CA LYS A 54 6.21 -7.85 4.92
C LYS A 54 5.03 -8.79 4.79
N LYS A 55 4.56 -9.29 5.93
CA LYS A 55 3.42 -10.19 5.99
C LYS A 55 2.29 -9.57 6.79
N ILE A 56 1.08 -9.52 6.23
CA ILE A 56 -0.07 -8.96 6.96
C ILE A 56 -0.97 -10.09 7.43
N THR A 57 -1.43 -9.98 8.67
CA THR A 57 -2.31 -11.00 9.24
C THR A 57 -3.67 -10.39 9.58
N PHE A 58 -4.72 -10.92 8.97
CA PHE A 58 -6.08 -10.43 9.22
C PHE A 58 -6.73 -11.24 10.34
N GLY A 59 -7.87 -10.76 10.82
CA GLY A 59 -8.58 -11.44 11.89
C GLY A 59 -8.84 -12.90 11.54
N GLU A 60 -8.78 -13.77 12.52
CA GLU A 60 -9.01 -15.20 12.33
C GLU A 60 -10.40 -15.44 11.79
N GLY A 61 -11.41 -14.85 12.44
CA GLY A 61 -12.80 -15.01 12.02
C GLY A 61 -13.19 -13.93 11.03
N SER A 62 -12.52 -13.90 9.88
CA SER A 62 -12.80 -12.91 8.84
C SER A 62 -12.60 -13.51 7.45
N GLN A 63 -12.85 -12.71 6.42
CA GLN A 63 -12.69 -13.16 5.05
C GLN A 63 -11.22 -13.45 4.75
N TYR A 64 -10.35 -12.53 5.14
CA TYR A 64 -8.92 -12.68 4.91
C TYR A 64 -8.25 -13.37 6.09
N GLY A 65 -7.12 -14.02 5.84
CA GLY A 65 -6.39 -14.72 6.89
C GLY A 65 -4.94 -14.29 6.91
N TYR A 66 -4.23 -14.54 5.81
CA TYR A 66 -2.81 -14.17 5.70
C TYR A 66 -2.49 -13.75 4.28
N VAL A 67 -1.44 -12.94 4.12
CA VAL A 67 -1.04 -12.47 2.80
C VAL A 67 0.42 -12.04 2.79
N LYS A 68 1.08 -12.19 1.64
CA LYS A 68 2.49 -11.83 1.49
C LYS A 68 2.67 -10.53 0.71
N HIS A 69 3.16 -9.51 1.39
CA HIS A 69 3.42 -8.20 0.80
C HIS A 69 4.92 -7.97 0.72
N ARG A 70 5.47 -7.93 -0.49
CA ARG A 70 6.91 -7.73 -0.68
C ARG A 70 7.23 -6.31 -1.10
N ILE A 71 8.20 -5.71 -0.42
CA ILE A 71 8.66 -4.37 -0.73
C ILE A 71 9.72 -4.45 -1.82
N ASP A 72 9.74 -3.49 -2.74
CA ASP A 72 10.70 -3.53 -3.83
C ASP A 72 11.82 -2.51 -3.67
N SER A 73 11.50 -1.23 -3.51
CA SER A 73 12.55 -0.22 -3.40
C SER A 73 12.05 1.12 -2.86
N ILE A 74 12.87 1.76 -2.03
CA ILE A 74 12.55 3.08 -1.48
C ILE A 74 13.68 4.03 -1.79
N ASP A 75 13.34 5.20 -2.30
CA ASP A 75 14.32 6.23 -2.59
C ASP A 75 14.05 7.40 -1.70
N GLU A 76 14.61 7.38 -0.50
CA GLU A 76 14.42 8.46 0.46
C GLU A 76 14.80 9.77 -0.17
N ALA A 77 15.76 9.71 -1.09
CA ALA A 77 16.17 10.89 -1.82
C ALA A 77 14.96 11.49 -2.49
N SER A 78 14.08 10.62 -2.97
CA SER A 78 12.86 11.04 -3.64
C SER A 78 11.62 10.78 -2.79
N TYR A 79 11.76 10.06 -1.68
CA TYR A 79 10.65 9.73 -0.82
C TYR A 79 9.65 8.89 -1.58
N SER A 80 10.15 7.90 -2.31
CA SER A 80 9.31 7.01 -3.10
C SER A 80 9.21 5.65 -2.43
N TYR A 81 8.04 5.03 -2.57
CA TYR A 81 7.80 3.72 -1.99
C TYR A 81 7.17 2.80 -3.01
N SER A 82 7.84 1.69 -3.30
CA SER A 82 7.35 0.72 -4.27
C SER A 82 7.32 -0.67 -3.66
N TYR A 83 6.20 -1.36 -3.86
CA TYR A 83 6.02 -2.71 -3.34
C TYR A 83 5.23 -3.54 -4.33
N THR A 84 5.14 -4.84 -4.08
CA THR A 84 4.40 -5.72 -4.97
C THR A 84 3.74 -6.83 -4.19
N LEU A 85 2.43 -6.97 -4.35
CA LEU A 85 1.70 -8.05 -3.69
C LEU A 85 1.95 -9.31 -4.49
N ILE A 86 2.56 -10.30 -3.87
CA ILE A 86 2.93 -11.53 -4.57
C ILE A 86 1.80 -12.55 -4.63
N GLU A 87 1.06 -12.75 -3.54
CA GLU A 87 0.00 -13.75 -3.54
C GLU A 87 -0.95 -13.52 -2.40
N GLY A 88 -2.02 -14.30 -2.35
CA GLY A 88 -3.02 -14.18 -1.31
C GLY A 88 -4.35 -13.85 -1.92
N ASP A 89 -5.37 -13.74 -1.08
CA ASP A 89 -6.70 -13.38 -1.59
C ASP A 89 -6.60 -11.99 -2.23
N ALA A 90 -5.39 -11.44 -2.25
CA ALA A 90 -5.10 -10.17 -2.83
C ALA A 90 -5.16 -10.22 -4.35
N LEU A 91 -4.71 -11.33 -4.94
CA LEU A 91 -4.71 -11.47 -6.41
C LEU A 91 -5.71 -12.51 -6.85
N THR A 92 -6.63 -12.87 -5.97
CA THR A 92 -7.58 -13.91 -6.31
C THR A 92 -6.82 -15.16 -6.73
N ASP A 93 -7.22 -15.79 -7.84
CA ASP A 93 -6.54 -16.97 -8.33
C ASP A 93 -6.25 -16.88 -9.83
N THR A 94 -6.64 -15.77 -10.45
CA THR A 94 -6.44 -15.59 -11.89
C THR A 94 -5.30 -14.63 -12.22
N ILE A 95 -4.72 -13.97 -11.22
CA ILE A 95 -3.66 -13.00 -11.47
C ILE A 95 -2.28 -13.55 -11.22
N GLU A 96 -1.31 -12.99 -11.95
CA GLU A 96 0.08 -13.34 -11.79
C GLU A 96 0.70 -12.47 -10.69
N LYS A 97 0.51 -11.14 -10.77
CA LYS A 97 1.04 -10.23 -9.77
C LYS A 97 0.55 -8.80 -9.97
N ILE A 98 0.43 -8.05 -8.88
CA ILE A 98 0.00 -6.64 -8.93
C ILE A 98 1.10 -5.76 -8.32
N SER A 99 1.48 -4.72 -9.03
CA SER A 99 2.54 -3.80 -8.58
C SER A 99 1.98 -2.43 -8.27
N TYR A 100 2.52 -1.77 -7.25
CA TYR A 100 2.08 -0.44 -6.85
C TYR A 100 3.26 0.45 -6.49
N GLU A 101 3.30 1.66 -7.04
CA GLU A 101 4.37 2.62 -6.76
C GLU A 101 3.79 3.95 -6.34
N THR A 102 4.30 4.54 -5.28
CA THR A 102 3.81 5.81 -4.78
C THR A 102 4.97 6.73 -4.42
N LYS A 103 4.91 7.96 -4.89
CA LYS A 103 5.94 8.94 -4.59
C LYS A 103 5.31 10.18 -3.98
N LEU A 104 5.91 10.68 -2.90
CA LEU A 104 5.38 11.84 -2.22
C LEU A 104 6.16 13.08 -2.63
N VAL A 105 5.45 14.09 -3.10
CA VAL A 105 6.08 15.33 -3.56
C VAL A 105 5.43 16.52 -2.88
N ALA A 106 6.22 17.47 -2.44
CA ALA A 106 5.67 18.66 -1.80
C ALA A 106 5.02 19.57 -2.84
N CYS A 107 3.82 20.04 -2.54
CA CYS A 107 3.08 20.93 -3.43
C CYS A 107 2.75 22.24 -2.71
N GLY A 108 2.21 23.19 -3.45
CA GLY A 108 1.86 24.49 -2.88
C GLY A 108 0.95 24.35 -1.66
N SER A 109 0.03 23.37 -1.69
CA SER A 109 -0.93 23.08 -0.61
C SER A 109 -0.43 21.99 0.37
N GLY A 110 0.87 21.67 0.36
CA GLY A 110 1.53 20.70 1.24
C GLY A 110 2.40 19.69 0.48
N SER A 111 1.82 18.61 -0.04
CA SER A 111 2.45 17.58 -0.85
C SER A 111 1.43 16.78 -1.63
N THR A 112 1.68 16.60 -2.91
CA THR A 112 0.82 15.84 -3.79
C THR A 112 1.40 14.45 -3.95
N ILE A 113 0.66 13.46 -3.52
CA ILE A 113 1.10 12.08 -3.59
C ILE A 113 0.61 11.43 -4.87
N LYS A 114 1.55 10.85 -5.63
CA LYS A 114 1.21 10.19 -6.87
C LYS A 114 1.28 8.68 -6.67
N SER A 115 0.14 8.00 -6.82
CA SER A 115 0.07 6.55 -6.62
C SER A 115 -0.18 5.84 -7.94
N ILE A 116 0.69 4.90 -8.28
CA ILE A 116 0.62 4.16 -9.52
C ILE A 116 0.17 2.75 -9.26
N SER A 117 -0.74 2.28 -10.09
CA SER A 117 -1.26 0.92 -10.00
C SER A 117 -0.89 0.14 -11.24
N HIS A 118 -0.39 -1.08 -11.08
CA HIS A 118 0.01 -1.91 -12.22
C HIS A 118 -0.46 -3.34 -12.02
N TYR A 119 -1.44 -3.76 -12.81
CA TYR A 119 -1.95 -5.12 -12.70
C TYR A 119 -1.41 -5.97 -13.84
N HIS A 120 -0.44 -6.83 -13.53
CA HIS A 120 0.16 -7.69 -14.55
C HIS A 120 -0.61 -9.00 -14.60
N THR A 121 -1.33 -9.20 -15.69
CA THR A 121 -2.14 -10.40 -15.88
C THR A 121 -1.40 -11.48 -16.64
N LYS A 122 -2.00 -12.65 -16.69
CA LYS A 122 -1.45 -13.80 -17.40
C LYS A 122 -2.34 -14.13 -18.59
N GLY A 123 -1.73 -14.53 -19.71
CA GLY A 123 -2.50 -14.87 -20.90
C GLY A 123 -3.44 -13.73 -21.29
N ASN A 124 -4.73 -13.94 -21.11
CA ASN A 124 -5.75 -12.94 -21.45
C ASN A 124 -6.52 -12.50 -20.21
N ILE A 125 -6.14 -13.03 -19.04
CA ILE A 125 -6.80 -12.69 -17.78
C ILE A 125 -7.05 -11.18 -17.70
N GLU A 126 -7.96 -10.79 -16.81
CA GLU A 126 -8.31 -9.39 -16.62
C GLU A 126 -8.69 -9.11 -15.17
N ILE A 127 -8.44 -7.88 -14.73
CA ILE A 127 -8.78 -7.47 -13.35
C ILE A 127 -10.21 -6.96 -13.32
N LYS A 128 -11.02 -7.51 -12.44
CA LYS A 128 -12.42 -7.09 -12.34
C LYS A 128 -12.53 -5.74 -11.65
N GLU A 129 -13.66 -5.08 -11.85
CA GLU A 129 -13.91 -3.78 -11.23
C GLU A 129 -14.11 -3.93 -9.73
N GLU A 130 -14.81 -4.99 -9.33
CA GLU A 130 -15.07 -5.24 -7.92
C GLU A 130 -13.78 -5.58 -7.20
N HIS A 131 -12.79 -6.08 -7.93
CA HIS A 131 -11.50 -6.43 -7.36
C HIS A 131 -10.71 -5.17 -7.00
N VAL A 132 -10.58 -4.28 -7.97
CA VAL A 132 -9.84 -3.04 -7.76
C VAL A 132 -10.66 -2.02 -6.98
N LYS A 133 -11.98 -2.07 -7.13
CA LYS A 133 -12.86 -1.12 -6.45
C LYS A 133 -12.84 -1.35 -4.95
N VAL A 134 -12.95 -2.61 -4.53
CA VAL A 134 -12.94 -2.93 -3.10
C VAL A 134 -11.55 -2.71 -2.50
N GLY A 135 -10.52 -3.16 -3.20
CA GLY A 135 -9.16 -3.01 -2.71
C GLY A 135 -8.72 -1.55 -2.73
N LYS A 136 -8.98 -0.87 -3.85
CA LYS A 136 -8.61 0.53 -3.98
C LYS A 136 -9.43 1.41 -3.05
N GLU A 137 -10.75 1.25 -3.07
CA GLU A 137 -11.62 2.05 -2.21
C GLU A 137 -11.18 1.89 -0.75
N LYS A 138 -10.97 0.64 -0.33
CA LYS A 138 -10.53 0.39 1.03
C LYS A 138 -9.16 1.01 1.24
N ALA A 139 -8.23 0.68 0.37
CA ALA A 139 -6.88 1.20 0.44
C ALA A 139 -6.90 2.72 0.60
N HIS A 140 -7.69 3.39 -0.22
CA HIS A 140 -7.82 4.83 -0.16
C HIS A 140 -8.18 5.24 1.26
N GLY A 141 -9.03 4.45 1.89
CA GLY A 141 -9.45 4.71 3.26
C GLY A 141 -8.29 4.64 4.22
N LEU A 142 -7.32 3.78 3.92
CA LEU A 142 -6.16 3.63 4.78
C LEU A 142 -5.24 4.82 4.58
N PHE A 143 -5.08 5.25 3.33
CA PHE A 143 -4.27 6.41 3.04
C PHE A 143 -4.84 7.60 3.81
N LYS A 144 -6.14 7.51 4.08
CA LYS A 144 -6.85 8.53 4.83
C LYS A 144 -6.52 8.40 6.31
N LEU A 145 -6.31 7.17 6.74
CA LEU A 145 -6.00 6.84 8.11
C LEU A 145 -4.64 7.40 8.52
N ILE A 146 -3.62 7.01 7.77
CA ILE A 146 -2.26 7.44 8.06
C ILE A 146 -2.13 8.94 7.87
N GLU A 147 -2.60 9.46 6.74
CA GLU A 147 -2.51 10.90 6.50
C GLU A 147 -2.98 11.67 7.74
N SER A 148 -4.12 11.27 8.29
CA SER A 148 -4.66 11.90 9.48
C SER A 148 -3.64 11.90 10.62
N TYR A 149 -2.98 10.77 10.79
CA TYR A 149 -1.99 10.64 11.86
C TYR A 149 -0.87 11.66 11.77
N LEU A 150 -0.30 11.90 10.60
CA LEU A 150 0.81 12.85 10.50
C LEU A 150 0.37 14.26 10.81
N LYS A 151 -0.78 14.66 10.31
CA LYS A 151 -1.26 16.02 10.59
C LYS A 151 -1.49 16.18 12.08
N ASP A 152 -1.74 15.06 12.76
CA ASP A 152 -1.94 15.09 14.21
C ASP A 152 -0.72 14.52 14.93
N HIS A 153 0.16 13.88 14.20
CA HIS A 153 1.36 13.24 14.70
C HIS A 153 2.40 13.12 13.59
N PRO A 154 2.92 14.24 13.13
CA PRO A 154 3.93 14.26 12.03
C PRO A 154 5.28 13.80 12.51
N ASP A 155 5.37 13.53 13.80
CA ASP A 155 6.59 13.09 14.45
C ASP A 155 6.83 11.59 14.29
N ALA A 156 6.02 10.87 13.52
CA ALA A 156 6.23 9.44 13.40
C ALA A 156 7.69 9.11 13.08
N TYR A 157 8.27 8.19 13.84
CA TYR A 157 9.65 7.76 13.65
C TYR A 157 10.64 8.92 13.67
N ASN A 158 10.16 10.12 13.98
CA ASN A 158 11.02 11.29 14.02
C ASN A 158 11.97 11.20 15.20
N GLY A 1 0.26 -9.82 -21.42
CA GLY A 1 0.39 -8.36 -21.26
C GLY A 1 -0.12 -7.93 -19.90
N VAL A 2 0.05 -6.66 -19.56
CA VAL A 2 -0.39 -6.14 -18.27
C VAL A 2 -1.10 -4.82 -18.43
N TYR A 3 -2.06 -4.55 -17.55
CA TYR A 3 -2.80 -3.29 -17.56
C TYR A 3 -2.20 -2.33 -16.54
N THR A 4 -1.59 -1.25 -17.00
CA THR A 4 -1.01 -0.27 -16.07
C THR A 4 -1.98 0.87 -15.84
N PHE A 5 -2.14 1.26 -14.58
CA PHE A 5 -3.03 2.34 -14.20
C PHE A 5 -2.30 3.29 -13.27
N GLU A 6 -2.22 4.56 -13.66
CA GLU A 6 -1.52 5.56 -12.87
C GLU A 6 -2.48 6.65 -12.38
N ASN A 7 -2.47 6.91 -11.07
CA ASN A 7 -3.34 7.94 -10.49
C ASN A 7 -2.58 8.75 -9.44
N GLU A 8 -3.23 9.77 -8.89
CA GLU A 8 -2.59 10.64 -7.91
C GLU A 8 -3.56 11.10 -6.83
N PHE A 9 -3.01 11.47 -5.67
CA PHE A 9 -3.80 11.95 -4.54
C PHE A 9 -2.97 12.92 -3.71
N THR A 10 -3.55 14.06 -3.34
CA THR A 10 -2.83 15.07 -2.57
C THR A 10 -3.04 14.89 -1.06
N SER A 11 -1.99 15.18 -0.29
CA SER A 11 -2.06 15.06 1.16
C SER A 11 -1.37 16.26 1.81
N GLU A 12 -1.78 16.59 3.04
CA GLU A 12 -1.18 17.72 3.77
C GLU A 12 -0.09 17.24 4.70
N ILE A 13 0.55 16.14 4.35
CA ILE A 13 1.59 15.54 5.17
C ILE A 13 2.92 15.50 4.40
N PRO A 14 3.99 16.04 4.97
CA PRO A 14 5.31 16.02 4.30
C PRO A 14 5.65 14.64 3.75
N PRO A 15 6.35 14.55 2.61
CA PRO A 15 6.71 13.24 2.02
C PRO A 15 7.48 12.34 2.97
N SER A 16 8.24 12.95 3.88
CA SER A 16 9.05 12.22 4.84
C SER A 16 8.22 11.36 5.78
N ARG A 17 7.05 11.83 6.19
CA ARG A 17 6.23 11.06 7.11
C ARG A 17 5.60 9.91 6.36
N LEU A 18 4.84 10.26 5.35
CA LEU A 18 4.18 9.28 4.52
C LEU A 18 5.21 8.25 4.06
N PHE A 19 6.39 8.74 3.68
CA PHE A 19 7.46 7.88 3.21
C PHE A 19 7.72 6.73 4.18
N LYS A 20 8.03 7.04 5.45
CA LYS A 20 8.27 5.96 6.37
C LYS A 20 6.98 5.23 6.66
N ALA A 21 5.94 6.02 6.80
CA ALA A 21 4.61 5.51 7.05
C ALA A 21 4.14 4.66 5.87
N PHE A 22 4.94 4.56 4.81
CA PHE A 22 4.58 3.80 3.64
C PHE A 22 5.55 2.65 3.35
N VAL A 23 6.68 2.58 4.06
CA VAL A 23 7.64 1.48 3.82
C VAL A 23 8.14 0.81 5.10
N LEU A 24 8.62 1.55 6.10
CA LEU A 24 9.13 0.92 7.32
C LEU A 24 8.10 0.93 8.45
N ASP A 25 7.25 1.95 8.50
CA ASP A 25 6.25 2.05 9.56
C ASP A 25 4.86 1.75 9.04
N ALA A 26 4.71 1.54 7.74
CA ALA A 26 3.41 1.25 7.12
C ALA A 26 2.86 -0.09 7.58
N ASP A 27 3.75 -1.07 7.68
CA ASP A 27 3.38 -2.43 8.08
C ASP A 27 3.33 -2.55 9.59
N ASN A 28 3.35 -1.39 10.23
CA ASN A 28 3.25 -1.27 11.68
C ASN A 28 2.26 -0.17 11.97
N LEU A 29 1.89 0.50 10.89
CA LEU A 29 0.97 1.61 10.87
C LEU A 29 -0.41 1.12 10.50
N ILE A 30 -0.50 0.33 9.44
CA ILE A 30 -1.77 -0.18 8.96
C ILE A 30 -2.55 -0.91 10.07
N PRO A 31 -1.99 -1.93 10.70
CA PRO A 31 -2.69 -2.69 11.77
C PRO A 31 -3.04 -1.84 13.00
N LYS A 32 -2.27 -0.78 13.24
CA LYS A 32 -2.48 0.06 14.42
C LYS A 32 -3.74 0.91 14.29
N ILE A 33 -3.86 1.56 13.17
CA ILE A 33 -4.96 2.46 12.88
C ILE A 33 -6.05 1.74 12.11
N ALA A 34 -5.66 0.80 11.25
CA ALA A 34 -6.60 0.08 10.41
C ALA A 34 -6.82 -1.34 10.89
N PRO A 35 -7.37 -1.52 12.08
CA PRO A 35 -7.71 -2.85 12.57
C PRO A 35 -8.99 -3.30 11.87
N GLN A 36 -9.75 -2.30 11.43
CA GLN A 36 -10.98 -2.53 10.71
C GLN A 36 -10.66 -2.99 9.30
N ALA A 37 -9.68 -2.33 8.68
CA ALA A 37 -9.28 -2.68 7.34
C ALA A 37 -8.53 -4.02 7.31
N ILE A 38 -7.26 -3.98 7.72
CA ILE A 38 -6.42 -5.19 7.75
C ILE A 38 -6.33 -5.72 9.17
N LYS A 39 -6.25 -7.05 9.30
CA LYS A 39 -6.16 -7.69 10.60
C LYS A 39 -4.75 -7.58 11.17
N GLN A 40 -3.75 -8.01 10.41
CA GLN A 40 -2.37 -7.93 10.88
C GLN A 40 -1.41 -8.32 9.78
N ALA A 41 -0.13 -8.02 9.99
CA ALA A 41 0.89 -8.34 9.02
C ALA A 41 2.27 -8.20 9.66
N GLU A 42 3.19 -9.05 9.26
CA GLU A 42 4.55 -9.01 9.80
C GLU A 42 5.56 -9.48 8.77
N ILE A 43 6.71 -8.85 8.73
CA ILE A 43 7.74 -9.22 7.77
C ILE A 43 8.49 -10.46 8.20
N LEU A 44 8.79 -11.30 7.22
CA LEU A 44 9.53 -12.53 7.46
C LEU A 44 11.00 -12.23 7.30
N GLU A 45 11.34 -11.41 6.31
CA GLU A 45 12.74 -11.06 6.05
C GLU A 45 12.84 -9.61 5.61
N GLY A 46 13.79 -8.89 6.16
CA GLY A 46 13.99 -7.50 5.79
C GLY A 46 13.24 -6.55 6.72
N ASN A 47 12.93 -5.38 6.21
CA ASN A 47 12.24 -4.33 6.96
C ASN A 47 11.14 -3.67 6.13
N GLY A 48 11.12 -3.97 4.82
CA GLY A 48 10.15 -3.40 3.91
C GLY A 48 10.80 -2.91 2.63
N GLY A 49 12.06 -3.30 2.41
CA GLY A 49 12.79 -2.90 1.22
C GLY A 49 13.03 -4.09 0.29
N PRO A 50 13.82 -3.90 -0.75
CA PRO A 50 14.13 -4.98 -1.72
C PRO A 50 14.79 -6.20 -1.08
N GLY A 51 14.22 -7.38 -1.30
CA GLY A 51 14.74 -8.62 -0.76
C GLY A 51 13.94 -9.02 0.47
N THR A 52 12.90 -8.25 0.71
CA THR A 52 12.03 -8.46 1.84
C THR A 52 10.82 -9.30 1.46
N ILE A 53 10.41 -10.17 2.37
CA ILE A 53 9.24 -10.99 2.19
C ILE A 53 8.25 -10.65 3.28
N LYS A 54 6.99 -10.44 2.92
CA LYS A 54 5.96 -10.10 3.88
C LYS A 54 4.84 -11.11 3.85
N LYS A 55 4.37 -11.46 5.04
CA LYS A 55 3.24 -12.39 5.19
C LYS A 55 2.08 -11.71 5.90
N ILE A 56 0.93 -11.60 5.23
CA ILE A 56 -0.24 -10.99 5.85
C ILE A 56 -1.24 -12.04 6.28
N THR A 57 -1.81 -11.86 7.47
CA THR A 57 -2.80 -12.80 7.99
C THR A 57 -4.12 -12.08 8.22
N PHE A 58 -5.16 -12.50 7.50
CA PHE A 58 -6.48 -11.91 7.64
C PHE A 58 -7.33 -12.72 8.63
N GLY A 59 -8.59 -12.34 8.78
CA GLY A 59 -9.50 -13.04 9.68
C GLY A 59 -9.52 -14.53 9.38
N GLU A 60 -9.65 -15.35 10.42
CA GLU A 60 -9.69 -16.79 10.26
C GLU A 60 -10.87 -17.20 9.40
N GLY A 61 -12.08 -16.85 9.84
CA GLY A 61 -13.29 -17.18 9.10
C GLY A 61 -13.65 -16.07 8.12
N SER A 62 -12.75 -15.80 7.17
CA SER A 62 -12.98 -14.77 6.18
C SER A 62 -12.52 -15.23 4.80
N GLN A 63 -12.65 -14.36 3.81
CA GLN A 63 -12.26 -14.67 2.44
C GLN A 63 -10.74 -14.82 2.36
N TYR A 64 -10.01 -13.91 2.99
CA TYR A 64 -8.56 -13.94 2.98
C TYR A 64 -8.02 -14.72 4.18
N GLY A 65 -6.92 -15.43 3.98
CA GLY A 65 -6.30 -16.21 5.04
C GLY A 65 -4.82 -15.89 5.18
N TYR A 66 -4.07 -16.15 4.12
CA TYR A 66 -2.63 -15.89 4.10
C TYR A 66 -2.17 -15.48 2.71
N VAL A 67 -1.12 -14.67 2.64
CA VAL A 67 -0.59 -14.22 1.35
C VAL A 67 0.87 -13.82 1.47
N LYS A 68 1.60 -13.98 0.36
CA LYS A 68 3.02 -13.62 0.32
C LYS A 68 3.23 -12.33 -0.47
N HIS A 69 3.54 -11.25 0.24
CA HIS A 69 3.79 -9.95 -0.38
C HIS A 69 5.29 -9.64 -0.35
N ARG A 70 5.91 -9.65 -1.53
CA ARG A 70 7.34 -9.38 -1.64
C ARG A 70 7.61 -7.98 -2.18
N ILE A 71 8.45 -7.23 -1.48
CA ILE A 71 8.82 -5.88 -1.90
C ILE A 71 9.78 -5.97 -3.08
N ASP A 72 9.69 -5.04 -4.02
CA ASP A 72 10.56 -5.05 -5.18
C ASP A 72 11.74 -4.10 -5.02
N SER A 73 11.47 -2.82 -4.76
CA SER A 73 12.56 -1.86 -4.62
C SER A 73 12.12 -0.54 -3.99
N ILE A 74 12.97 0.01 -3.14
CA ILE A 74 12.72 1.32 -2.51
C ILE A 74 13.85 2.25 -2.82
N ASP A 75 13.50 3.46 -3.25
CA ASP A 75 14.52 4.46 -3.55
C ASP A 75 14.32 5.60 -2.60
N GLU A 76 14.96 5.51 -1.44
CA GLU A 76 14.83 6.57 -0.42
C GLU A 76 15.20 7.90 -1.04
N ALA A 77 16.09 7.84 -2.04
CA ALA A 77 16.50 9.01 -2.76
C ALA A 77 15.27 9.66 -3.38
N SER A 78 14.37 8.81 -3.85
CA SER A 78 13.14 9.26 -4.48
C SER A 78 11.92 9.04 -3.59
N TYR A 79 12.07 8.29 -2.51
CA TYR A 79 10.98 8.00 -1.62
C TYR A 79 9.87 7.26 -2.37
N SER A 80 10.27 6.28 -3.17
CA SER A 80 9.31 5.48 -3.94
C SER A 80 9.26 4.08 -3.39
N TYR A 81 8.08 3.46 -3.44
CA TYR A 81 7.91 2.11 -2.94
C TYR A 81 7.20 1.23 -3.94
N SER A 82 7.83 0.12 -4.31
CA SER A 82 7.25 -0.81 -5.26
C SER A 82 7.30 -2.22 -4.70
N TYR A 83 6.20 -2.94 -4.84
CA TYR A 83 6.12 -4.31 -4.34
C TYR A 83 5.28 -5.14 -5.28
N THR A 84 5.34 -6.45 -5.13
CA THR A 84 4.58 -7.34 -6.00
C THR A 84 4.12 -8.58 -5.25
N LEU A 85 2.85 -8.94 -5.46
CA LEU A 85 2.29 -10.13 -4.83
C LEU A 85 2.73 -11.35 -5.63
N ILE A 86 3.49 -12.24 -4.99
CA ILE A 86 3.98 -13.42 -5.68
C ILE A 86 2.92 -14.53 -5.71
N GLU A 87 2.25 -14.75 -4.58
CA GLU A 87 1.25 -15.79 -4.49
C GLU A 87 0.20 -15.42 -3.46
N GLY A 88 -0.85 -16.21 -3.38
CA GLY A 88 -1.93 -15.97 -2.43
C GLY A 88 -3.22 -15.66 -3.17
N ASP A 89 -4.30 -15.47 -2.42
CA ASP A 89 -5.57 -15.12 -3.05
C ASP A 89 -5.40 -13.79 -3.78
N ALA A 90 -4.19 -13.25 -3.72
CA ALA A 90 -3.81 -12.04 -4.37
C ALA A 90 -3.92 -12.21 -5.88
N LEU A 91 -3.61 -13.40 -6.36
CA LEU A 91 -3.62 -13.75 -7.77
C LEU A 91 -4.75 -14.71 -8.05
N THR A 92 -5.66 -14.87 -7.10
CA THR A 92 -6.75 -15.83 -7.29
C THR A 92 -6.16 -17.15 -7.77
N ASP A 93 -6.68 -17.65 -8.89
CA ASP A 93 -6.18 -18.89 -9.48
C ASP A 93 -5.90 -18.71 -10.97
N THR A 94 -6.36 -17.60 -11.52
CA THR A 94 -6.21 -17.31 -12.94
C THR A 94 -5.13 -16.25 -13.21
N ILE A 95 -4.58 -15.63 -12.17
CA ILE A 95 -3.61 -14.57 -12.37
C ILE A 95 -2.18 -15.03 -12.25
N GLU A 96 -1.32 -14.31 -12.96
CA GLU A 96 0.10 -14.56 -12.95
C GLU A 96 0.77 -13.72 -11.86
N LYS A 97 0.54 -12.40 -11.89
CA LYS A 97 1.16 -11.52 -10.91
C LYS A 97 0.63 -10.09 -11.02
N ILE A 98 0.52 -9.42 -9.87
CA ILE A 98 0.07 -8.02 -9.81
C ILE A 98 1.16 -7.16 -9.16
N SER A 99 1.47 -6.03 -9.77
CA SER A 99 2.52 -5.13 -9.29
C SER A 99 1.95 -3.75 -8.94
N TYR A 100 2.51 -3.13 -7.90
CA TYR A 100 2.07 -1.81 -7.47
C TYR A 100 3.27 -0.91 -7.15
N GLU A 101 3.29 0.30 -7.70
CA GLU A 101 4.39 1.24 -7.47
C GLU A 101 3.85 2.59 -7.04
N THR A 102 4.43 3.18 -6.02
CA THR A 102 3.98 4.48 -5.52
C THR A 102 5.17 5.40 -5.33
N LYS A 103 5.02 6.64 -5.76
CA LYS A 103 6.08 7.62 -5.63
C LYS A 103 5.61 8.78 -4.79
N LEU A 104 6.44 9.21 -3.84
CA LEU A 104 6.08 10.31 -2.96
C LEU A 104 6.65 11.62 -3.49
N VAL A 105 5.79 12.62 -3.66
CA VAL A 105 6.21 13.91 -4.17
C VAL A 105 5.56 15.03 -3.39
N ALA A 106 6.31 16.05 -3.02
CA ALA A 106 5.74 17.17 -2.30
C ALA A 106 4.91 18.03 -3.25
N CYS A 107 3.76 18.49 -2.77
CA CYS A 107 2.87 19.33 -3.56
C CYS A 107 2.64 20.67 -2.86
N GLY A 108 2.01 21.60 -3.55
CA GLY A 108 1.73 22.91 -3.00
C GLY A 108 0.99 22.82 -1.67
N SER A 109 0.11 21.84 -1.50
CA SER A 109 -0.68 21.59 -0.27
C SER A 109 0.05 20.76 0.79
N GLY A 110 1.14 20.09 0.42
CA GLY A 110 1.87 19.11 1.22
C GLY A 110 2.67 18.14 0.35
N SER A 111 2.05 17.05 -0.14
CA SER A 111 2.66 16.05 -0.99
C SER A 111 1.61 15.23 -1.71
N THR A 112 1.80 15.06 -3.01
CA THR A 112 0.92 14.28 -3.84
C THR A 112 1.51 12.90 -4.06
N ILE A 113 0.71 11.89 -3.80
CA ILE A 113 1.15 10.51 -3.94
C ILE A 113 0.62 9.92 -5.23
N LYS A 114 1.53 9.35 -6.01
CA LYS A 114 1.16 8.72 -7.27
C LYS A 114 1.21 7.21 -7.09
N SER A 115 0.07 6.56 -7.23
CA SER A 115 -0.01 5.11 -7.05
C SER A 115 -0.29 4.41 -8.37
N ILE A 116 0.58 3.49 -8.74
CA ILE A 116 0.48 2.78 -10.01
C ILE A 116 0.11 1.34 -9.77
N SER A 117 -0.82 0.85 -10.58
CA SER A 117 -1.26 -0.54 -10.51
C SER A 117 -0.94 -1.25 -11.82
N HIS A 118 -0.37 -2.44 -11.75
CA HIS A 118 -0.01 -3.19 -12.95
C HIS A 118 -0.40 -4.65 -12.78
N TYR A 119 -1.48 -5.06 -13.42
CA TYR A 119 -1.93 -6.44 -13.33
C TYR A 119 -1.44 -7.25 -14.53
N HIS A 120 -0.49 -8.13 -14.31
CA HIS A 120 0.04 -8.95 -15.38
C HIS A 120 -0.77 -10.23 -15.50
N THR A 121 -1.60 -10.27 -16.53
CA THR A 121 -2.48 -11.40 -16.77
C THR A 121 -1.81 -12.46 -17.62
N LYS A 122 -2.46 -13.61 -17.71
CA LYS A 122 -1.97 -14.73 -18.50
C LYS A 122 -2.88 -14.98 -19.68
N GLY A 123 -2.35 -15.60 -20.74
CA GLY A 123 -3.14 -15.90 -21.92
C GLY A 123 -4.16 -14.79 -22.20
N ASN A 124 -5.44 -15.09 -21.99
CA ASN A 124 -6.51 -14.12 -22.18
C ASN A 124 -7.15 -13.73 -20.86
N ILE A 125 -6.69 -14.34 -19.77
CA ILE A 125 -7.21 -14.05 -18.44
C ILE A 125 -7.38 -12.55 -18.25
N GLU A 126 -8.20 -12.17 -17.28
CA GLU A 126 -8.44 -10.76 -16.98
C GLU A 126 -8.82 -10.57 -15.51
N ILE A 127 -8.45 -9.42 -14.96
CA ILE A 127 -8.76 -9.08 -13.58
C ILE A 127 -10.13 -8.41 -13.54
N LYS A 128 -11.05 -8.95 -12.75
CA LYS A 128 -12.40 -8.39 -12.67
C LYS A 128 -12.42 -7.09 -11.89
N GLU A 129 -13.49 -6.32 -12.09
CA GLU A 129 -13.66 -5.06 -11.40
C GLU A 129 -13.92 -5.27 -9.91
N GLU A 130 -14.75 -6.27 -9.60
CA GLU A 130 -15.08 -6.57 -8.21
C GLU A 130 -13.83 -6.98 -7.44
N HIS A 131 -12.84 -7.53 -8.15
CA HIS A 131 -11.60 -7.96 -7.52
C HIS A 131 -10.74 -6.77 -7.13
N VAL A 132 -10.53 -5.86 -8.07
CA VAL A 132 -9.71 -4.68 -7.82
C VAL A 132 -10.48 -3.63 -7.02
N LYS A 133 -11.80 -3.59 -7.17
CA LYS A 133 -12.62 -2.62 -6.47
C LYS A 133 -12.63 -2.90 -4.97
N VAL A 134 -12.80 -4.16 -4.60
CA VAL A 134 -12.81 -4.53 -3.18
C VAL A 134 -11.43 -4.34 -2.58
N GLY A 135 -10.40 -4.79 -3.29
CA GLY A 135 -9.04 -4.65 -2.81
C GLY A 135 -8.63 -3.18 -2.77
N LYS A 136 -9.05 -2.43 -3.77
CA LYS A 136 -8.74 -1.00 -3.85
C LYS A 136 -9.44 -0.24 -2.75
N GLU A 137 -10.73 -0.51 -2.56
CA GLU A 137 -11.50 0.18 -1.53
C GLU A 137 -10.82 0.02 -0.17
N LYS A 138 -10.42 -1.23 0.14
CA LYS A 138 -9.75 -1.50 1.40
C LYS A 138 -8.40 -0.79 1.42
N ALA A 139 -7.61 -1.01 0.38
CA ALA A 139 -6.30 -0.38 0.24
C ALA A 139 -6.41 1.13 0.49
N HIS A 140 -7.45 1.73 -0.08
CA HIS A 140 -7.68 3.14 0.09
C HIS A 140 -7.88 3.45 1.58
N GLY A 141 -8.53 2.53 2.27
CA GLY A 141 -8.80 2.68 3.69
C GLY A 141 -7.52 2.79 4.49
N LEU A 142 -6.56 1.93 4.18
CA LEU A 142 -5.27 1.93 4.89
C LEU A 142 -4.55 3.22 4.59
N PHE A 143 -4.63 3.65 3.34
CA PHE A 143 -4.01 4.90 2.93
C PHE A 143 -4.61 6.03 3.75
N LYS A 144 -5.86 5.82 4.15
CA LYS A 144 -6.60 6.77 4.95
C LYS A 144 -6.17 6.72 6.41
N LEU A 145 -5.86 5.53 6.90
CA LEU A 145 -5.45 5.37 8.28
C LEU A 145 -4.10 6.02 8.50
N ILE A 146 -3.13 5.57 7.73
CA ILE A 146 -1.77 6.05 7.87
C ILE A 146 -1.72 7.55 7.66
N GLU A 147 -2.31 8.05 6.58
CA GLU A 147 -2.30 9.49 6.36
C GLU A 147 -2.69 10.21 7.64
N SER A 148 -3.85 9.86 8.20
CA SER A 148 -4.30 10.45 9.45
C SER A 148 -3.23 10.34 10.54
N TYR A 149 -2.62 9.16 10.63
CA TYR A 149 -1.60 8.92 11.65
C TYR A 149 -0.42 9.87 11.56
N LEU A 150 0.14 10.13 10.39
CA LEU A 150 1.31 11.02 10.32
C LEU A 150 0.95 12.43 10.72
N LYS A 151 -0.17 12.94 10.24
CA LYS A 151 -0.56 14.30 10.59
C LYS A 151 -0.77 14.38 12.09
N ASP A 152 -1.04 13.24 12.72
CA ASP A 152 -1.20 13.19 14.17
C ASP A 152 0.02 12.54 14.83
N HIS A 153 0.86 11.91 14.05
CA HIS A 153 2.05 11.22 14.48
C HIS A 153 3.05 11.14 13.34
N PRO A 154 3.60 12.27 12.93
CA PRO A 154 4.58 12.34 11.82
C PRO A 154 5.94 11.78 12.23
N ASP A 155 6.04 11.43 13.49
CA ASP A 155 7.27 10.90 14.07
C ASP A 155 7.41 9.39 13.83
N ALA A 156 6.52 8.76 13.07
CA ALA A 156 6.63 7.32 12.86
C ALA A 156 8.04 6.92 12.45
N TYR A 157 8.59 5.92 13.14
CA TYR A 157 9.92 5.41 12.86
C TYR A 157 10.98 6.49 12.93
N ASN A 158 10.60 7.69 13.35
CA ASN A 158 11.53 8.80 13.44
C ASN A 158 12.52 8.56 14.57
N GLY A 1 0.30 -9.05 -20.68
CA GLY A 1 0.89 -7.74 -20.32
C GLY A 1 0.37 -7.29 -18.97
N VAL A 2 0.59 -6.02 -18.65
CA VAL A 2 0.14 -5.45 -17.38
C VAL A 2 -0.55 -4.11 -17.59
N TYR A 3 -1.52 -3.81 -16.73
CA TYR A 3 -2.22 -2.54 -16.79
C TYR A 3 -1.64 -1.56 -15.78
N THR A 4 -0.95 -0.52 -16.25
CA THR A 4 -0.39 0.48 -15.34
C THR A 4 -1.31 1.67 -15.22
N PHE A 5 -1.49 2.16 -14.00
CA PHE A 5 -2.36 3.31 -13.75
C PHE A 5 -1.67 4.28 -12.81
N GLU A 6 -1.63 5.55 -13.19
CA GLU A 6 -1.00 6.58 -12.37
C GLU A 6 -2.06 7.43 -11.65
N ASN A 7 -1.91 7.59 -10.35
CA ASN A 7 -2.85 8.34 -9.53
C ASN A 7 -2.11 9.12 -8.45
N GLU A 8 -2.77 10.08 -7.83
CA GLU A 8 -2.13 10.90 -6.80
C GLU A 8 -3.14 11.50 -5.83
N PHE A 9 -2.66 11.88 -4.65
CA PHE A 9 -3.49 12.49 -3.61
C PHE A 9 -2.71 13.55 -2.85
N THR A 10 -3.35 14.66 -2.52
CA THR A 10 -2.70 15.75 -1.80
C THR A 10 -2.98 15.69 -0.31
N SER A 11 -2.01 16.12 0.50
CA SER A 11 -2.15 16.12 1.95
C SER A 11 -1.43 17.32 2.56
N GLU A 12 -1.74 17.63 3.82
CA GLU A 12 -1.12 18.75 4.51
C GLU A 12 -0.06 18.26 5.48
N ILE A 13 0.49 17.08 5.22
CA ILE A 13 1.50 16.47 6.08
C ILE A 13 2.84 16.40 5.36
N PRO A 14 3.91 16.92 5.94
CA PRO A 14 5.24 16.87 5.32
C PRO A 14 5.58 15.47 4.79
N PRO A 15 6.28 15.35 3.68
CA PRO A 15 6.65 14.04 3.09
C PRO A 15 7.40 13.15 4.08
N SER A 16 8.06 13.76 5.05
CA SER A 16 8.84 13.04 6.04
C SER A 16 7.98 12.24 7.00
N ARG A 17 6.84 12.75 7.39
CA ARG A 17 5.99 12.01 8.32
C ARG A 17 5.33 10.89 7.59
N LEU A 18 4.76 11.23 6.44
CA LEU A 18 4.11 10.25 5.60
C LEU A 18 5.10 9.16 5.27
N PHE A 19 6.29 9.55 4.84
CA PHE A 19 7.35 8.62 4.49
C PHE A 19 7.52 7.54 5.54
N LYS A 20 7.78 7.92 6.79
CA LYS A 20 7.96 6.93 7.85
C LYS A 20 6.65 6.24 8.15
N ALA A 21 5.58 6.95 7.88
CA ALA A 21 4.24 6.46 8.11
C ALA A 21 3.75 5.61 6.95
N PHE A 22 4.57 5.47 5.90
CA PHE A 22 4.20 4.70 4.72
C PHE A 22 5.13 3.51 4.50
N VAL A 23 6.23 3.43 5.25
CA VAL A 23 7.17 2.32 5.09
C VAL A 23 7.63 1.71 6.42
N LEU A 24 7.82 2.52 7.47
CA LEU A 24 8.32 1.98 8.74
C LEU A 24 7.19 1.58 9.66
N ASP A 25 6.26 2.51 9.91
CA ASP A 25 5.17 2.26 10.85
C ASP A 25 3.83 2.25 10.13
N ALA A 26 3.83 2.17 8.81
CA ALA A 26 2.58 2.17 8.06
C ALA A 26 1.79 0.89 8.33
N ASP A 27 2.49 -0.23 8.37
CA ASP A 27 1.86 -1.53 8.60
C ASP A 27 1.69 -1.77 10.10
N ASN A 28 1.76 -0.68 10.84
CA ASN A 28 1.56 -0.65 12.28
C ASN A 28 0.67 0.53 12.59
N LEU A 29 0.46 1.32 11.54
CA LEU A 29 -0.33 2.52 11.54
C LEU A 29 -1.78 2.22 11.18
N ILE A 30 -1.98 1.52 10.07
CA ILE A 30 -3.33 1.14 9.63
C ILE A 30 -4.05 0.33 10.70
N PRO A 31 -3.43 -0.73 11.19
CA PRO A 31 -4.03 -1.59 12.24
C PRO A 31 -4.32 -0.83 13.54
N LYS A 32 -3.64 0.30 13.73
CA LYS A 32 -3.81 1.07 14.94
C LYS A 32 -5.11 1.84 14.91
N ILE A 33 -5.33 2.59 13.84
CA ILE A 33 -6.52 3.39 13.72
C ILE A 33 -7.61 2.66 12.96
N ALA A 34 -7.24 1.87 11.97
CA ALA A 34 -8.18 1.14 11.13
C ALA A 34 -8.18 -0.33 11.45
N PRO A 35 -8.89 -0.72 12.49
CA PRO A 35 -9.04 -2.14 12.79
C PRO A 35 -9.95 -2.75 11.73
N GLN A 36 -10.55 -1.84 10.95
CA GLN A 36 -11.44 -2.22 9.87
C GLN A 36 -10.64 -2.74 8.68
N ALA A 37 -9.54 -2.07 8.39
CA ALA A 37 -8.68 -2.42 7.27
C ALA A 37 -7.87 -3.69 7.56
N ILE A 38 -6.76 -3.52 8.26
CA ILE A 38 -5.87 -4.65 8.58
C ILE A 38 -5.97 -5.01 10.05
N LYS A 39 -5.90 -6.31 10.33
CA LYS A 39 -5.95 -6.79 11.71
C LYS A 39 -4.59 -6.63 12.35
N GLN A 40 -3.54 -7.01 11.62
CA GLN A 40 -2.18 -6.90 12.11
C GLN A 40 -1.22 -7.38 11.03
N ALA A 41 0.06 -7.08 11.22
CA ALA A 41 1.08 -7.50 10.28
C ALA A 41 2.46 -7.32 10.88
N GLU A 42 3.37 -8.23 10.55
CA GLU A 42 4.74 -8.18 11.06
C GLU A 42 5.72 -8.58 9.98
N ILE A 43 6.90 -7.97 9.99
CA ILE A 43 7.90 -8.29 8.99
C ILE A 43 8.63 -9.57 9.33
N LEU A 44 8.88 -10.37 8.31
CA LEU A 44 9.58 -11.64 8.47
C LEU A 44 11.07 -11.38 8.34
N GLU A 45 11.43 -10.51 7.40
CA GLU A 45 12.82 -10.17 7.19
C GLU A 45 12.96 -8.71 6.87
N GLY A 46 13.90 -8.03 7.51
CA GLY A 46 14.12 -6.61 7.28
C GLY A 46 13.28 -5.77 8.24
N ASN A 47 13.00 -4.54 7.85
CA ASN A 47 12.21 -3.62 8.68
C ASN A 47 11.23 -2.82 7.82
N GLY A 48 11.39 -2.90 6.51
CA GLY A 48 10.55 -2.17 5.58
C GLY A 48 11.35 -1.69 4.38
N GLY A 49 12.56 -2.20 4.20
CA GLY A 49 13.42 -1.81 3.09
C GLY A 49 13.56 -2.91 2.05
N PRO A 50 14.45 -2.73 1.09
CA PRO A 50 14.69 -3.72 0.01
C PRO A 50 15.20 -5.07 0.52
N GLY A 51 14.52 -6.15 0.15
CA GLY A 51 14.93 -7.50 0.56
C GLY A 51 14.10 -7.92 1.74
N THR A 52 13.14 -7.09 2.07
CA THR A 52 12.26 -7.32 3.19
C THR A 52 10.99 -8.02 2.74
N ILE A 53 10.53 -8.96 3.56
CA ILE A 53 9.29 -9.68 3.31
C ILE A 53 8.34 -9.40 4.44
N LYS A 54 7.12 -9.01 4.11
CA LYS A 54 6.11 -8.72 5.12
C LYS A 54 4.93 -9.66 5.00
N LYS A 55 4.40 -10.07 6.14
CA LYS A 55 3.23 -10.96 6.17
C LYS A 55 2.06 -10.30 6.90
N ILE A 56 0.88 -10.27 6.27
CA ILE A 56 -0.29 -9.68 6.92
C ILE A 56 -1.23 -10.77 7.40
N THR A 57 -1.57 -10.74 8.68
CA THR A 57 -2.47 -11.74 9.26
C THR A 57 -3.85 -11.13 9.43
N PHE A 58 -4.84 -11.70 8.75
CA PHE A 58 -6.21 -11.22 8.85
C PHE A 58 -6.98 -11.97 9.92
N GLY A 59 -8.28 -11.70 10.04
CA GLY A 59 -9.11 -12.35 11.03
C GLY A 59 -9.03 -13.87 10.92
N GLU A 60 -9.07 -14.55 12.05
CA GLU A 60 -8.99 -16.01 12.08
C GLU A 60 -10.15 -16.62 11.31
N GLY A 61 -11.37 -16.39 11.79
CA GLY A 61 -12.57 -16.91 11.15
C GLY A 61 -13.11 -15.95 10.12
N SER A 62 -12.31 -15.68 9.08
CA SER A 62 -12.71 -14.77 8.01
C SER A 62 -12.35 -15.34 6.65
N GLN A 63 -12.69 -14.62 5.59
CA GLN A 63 -12.38 -15.04 4.24
C GLN A 63 -10.88 -15.18 4.04
N TYR A 64 -10.13 -14.16 4.42
CA TYR A 64 -8.67 -14.16 4.27
C TYR A 64 -8.02 -14.71 5.53
N GLY A 65 -7.00 -15.55 5.35
CA GLY A 65 -6.27 -16.14 6.47
C GLY A 65 -4.87 -15.57 6.58
N TYR A 66 -4.08 -15.72 5.52
CA TYR A 66 -2.71 -15.22 5.52
C TYR A 66 -2.32 -14.74 4.13
N VAL A 67 -1.39 -13.79 4.07
CA VAL A 67 -0.93 -13.26 2.81
C VAL A 67 0.46 -12.65 2.94
N LYS A 68 1.30 -12.82 1.92
CA LYS A 68 2.68 -12.30 1.96
C LYS A 68 2.88 -11.10 1.03
N HIS A 69 3.24 -9.99 1.64
CA HIS A 69 3.53 -8.74 0.95
C HIS A 69 5.04 -8.57 0.84
N ARG A 70 5.56 -8.50 -0.39
CA ARG A 70 7.00 -8.35 -0.60
C ARG A 70 7.37 -6.93 -0.95
N ILE A 71 8.31 -6.37 -0.20
CA ILE A 71 8.81 -5.01 -0.44
C ILE A 71 9.90 -5.09 -1.50
N ASP A 72 9.89 -4.16 -2.46
CA ASP A 72 10.88 -4.17 -3.52
C ASP A 72 12.02 -3.20 -3.29
N SER A 73 11.74 -1.92 -3.09
CA SER A 73 12.81 -0.95 -2.90
C SER A 73 12.32 0.39 -2.33
N ILE A 74 13.13 0.97 -1.45
CA ILE A 74 12.84 2.28 -0.88
C ILE A 74 14.03 3.20 -1.07
N ASP A 75 13.76 4.39 -1.57
CA ASP A 75 14.80 5.39 -1.74
C ASP A 75 14.50 6.55 -0.83
N GLU A 76 14.98 6.49 0.41
CA GLU A 76 14.74 7.55 1.38
C GLU A 76 15.18 8.87 0.79
N ALA A 77 16.18 8.80 -0.07
CA ALA A 77 16.67 9.98 -0.76
C ALA A 77 15.53 10.62 -1.53
N SER A 78 14.70 9.78 -2.13
CA SER A 78 13.58 10.23 -2.93
C SER A 78 12.24 9.99 -2.23
N TYR A 79 12.23 9.23 -1.14
CA TYR A 79 11.02 8.91 -0.43
C TYR A 79 10.11 8.10 -1.32
N SER A 80 10.67 7.08 -1.98
CA SER A 80 9.91 6.23 -2.87
C SER A 80 9.67 4.89 -2.21
N TYR A 81 8.49 4.32 -2.44
CA TYR A 81 8.15 3.03 -1.85
C TYR A 81 7.55 2.11 -2.91
N SER A 82 8.19 0.96 -3.12
CA SER A 82 7.73 -0.02 -4.10
C SER A 82 7.59 -1.38 -3.45
N TYR A 83 6.44 -2.00 -3.65
CA TYR A 83 6.17 -3.32 -3.09
C TYR A 83 5.31 -4.12 -4.05
N THR A 84 5.24 -5.43 -3.84
CA THR A 84 4.45 -6.29 -4.71
C THR A 84 3.85 -7.44 -3.92
N LEU A 85 2.53 -7.58 -4.01
CA LEU A 85 1.84 -8.67 -3.35
C LEU A 85 2.02 -9.90 -4.23
N ILE A 86 2.60 -10.97 -3.68
CA ILE A 86 2.88 -12.15 -4.50
C ILE A 86 1.70 -13.11 -4.65
N GLU A 87 0.96 -13.40 -3.58
CA GLU A 87 -0.14 -14.33 -3.68
C GLU A 87 -1.06 -14.18 -2.49
N GLY A 88 -2.13 -14.95 -2.45
CA GLY A 88 -3.10 -14.88 -1.36
C GLY A 88 -4.43 -14.41 -1.88
N ASP A 89 -5.41 -14.32 -0.99
CA ASP A 89 -6.72 -13.83 -1.40
C ASP A 89 -6.57 -12.41 -1.90
N ALA A 90 -5.33 -11.93 -1.93
CA ALA A 90 -5.00 -10.61 -2.39
C ALA A 90 -5.15 -10.52 -3.91
N LEU A 91 -4.76 -11.59 -4.61
CA LEU A 91 -4.83 -11.63 -6.08
C LEU A 91 -5.88 -12.61 -6.52
N THR A 92 -6.76 -12.98 -5.61
CA THR A 92 -7.77 -13.97 -5.94
C THR A 92 -7.08 -15.25 -6.40
N ASP A 93 -7.53 -15.85 -7.50
CA ASP A 93 -6.92 -17.04 -8.05
C ASP A 93 -6.65 -16.94 -9.54
N THR A 94 -6.97 -15.80 -10.14
CA THR A 94 -6.80 -15.62 -11.58
C THR A 94 -5.60 -14.73 -11.93
N ILE A 95 -4.98 -14.09 -10.93
CA ILE A 95 -3.88 -13.18 -11.20
C ILE A 95 -2.51 -13.79 -10.96
N GLU A 96 -1.53 -13.29 -11.71
CA GLU A 96 -0.15 -13.70 -11.55
C GLU A 96 0.51 -12.85 -10.46
N LYS A 97 0.38 -11.52 -10.55
CA LYS A 97 0.97 -10.63 -9.56
C LYS A 97 0.53 -9.17 -9.74
N ILE A 98 0.44 -8.42 -8.64
CA ILE A 98 0.08 -6.99 -8.68
C ILE A 98 1.19 -6.20 -8.00
N SER A 99 1.67 -5.17 -8.69
CA SER A 99 2.75 -4.32 -8.18
C SER A 99 2.29 -2.88 -8.04
N TYR A 100 2.79 -2.17 -7.03
CA TYR A 100 2.40 -0.79 -6.79
C TYR A 100 3.58 0.02 -6.30
N GLU A 101 3.77 1.22 -6.84
CA GLU A 101 4.86 2.10 -6.46
C GLU A 101 4.34 3.49 -6.16
N THR A 102 4.75 4.07 -5.04
CA THR A 102 4.29 5.40 -4.65
C THR A 102 5.46 6.28 -4.25
N LYS A 103 5.47 7.50 -4.75
CA LYS A 103 6.52 8.45 -4.43
C LYS A 103 5.89 9.65 -3.77
N LEU A 104 6.47 10.11 -2.67
CA LEU A 104 5.91 11.24 -1.94
C LEU A 104 6.65 12.52 -2.32
N VAL A 105 5.90 13.57 -2.63
CA VAL A 105 6.48 14.84 -3.03
C VAL A 105 5.81 15.98 -2.29
N ALA A 106 6.58 16.94 -1.82
CA ALA A 106 6.01 18.09 -1.15
C ALA A 106 5.32 19.02 -2.15
N CYS A 107 4.11 19.47 -1.81
CA CYS A 107 3.35 20.37 -2.67
C CYS A 107 3.04 21.66 -1.94
N GLY A 108 2.50 22.64 -2.65
CA GLY A 108 2.17 23.92 -2.07
C GLY A 108 1.25 23.78 -0.84
N SER A 109 0.33 22.80 -0.78
CA SER A 109 -0.53 22.60 0.41
C SER A 109 0.06 21.64 1.47
N GLY A 110 1.11 20.90 1.10
CA GLY A 110 1.85 19.99 1.97
C GLY A 110 2.74 19.02 1.19
N SER A 111 2.18 17.93 0.66
CA SER A 111 2.83 16.93 -0.18
C SER A 111 1.81 16.12 -0.95
N THR A 112 2.05 15.98 -2.25
CA THR A 112 1.19 15.21 -3.11
C THR A 112 1.83 13.85 -3.34
N ILE A 113 1.12 12.81 -2.93
CA ILE A 113 1.61 11.45 -3.06
C ILE A 113 1.14 10.85 -4.36
N LYS A 114 2.07 10.32 -5.13
CA LYS A 114 1.74 9.70 -6.42
C LYS A 114 1.83 8.19 -6.28
N SER A 115 0.70 7.51 -6.44
CA SER A 115 0.64 6.06 -6.32
C SER A 115 0.36 5.39 -7.66
N ILE A 116 1.24 4.49 -8.06
CA ILE A 116 1.14 3.80 -9.33
C ILE A 116 0.67 2.38 -9.09
N SER A 117 -0.26 1.93 -9.90
CA SER A 117 -0.79 0.57 -9.80
C SER A 117 -0.43 -0.22 -11.04
N HIS A 118 0.02 -1.46 -10.87
CA HIS A 118 0.41 -2.31 -12.00
C HIS A 118 -0.11 -3.72 -11.81
N TYR A 119 -1.09 -4.11 -12.60
CA TYR A 119 -1.66 -5.45 -12.52
C TYR A 119 -1.13 -6.32 -13.63
N HIS A 120 -0.21 -7.22 -13.32
CA HIS A 120 0.37 -8.09 -14.32
C HIS A 120 -0.44 -9.37 -14.40
N THR A 121 -1.16 -9.53 -15.51
CA THR A 121 -2.01 -10.69 -15.71
C THR A 121 -1.29 -11.79 -16.48
N LYS A 122 -1.93 -12.94 -16.52
CA LYS A 122 -1.39 -14.10 -17.22
C LYS A 122 -2.28 -14.45 -18.41
N GLY A 123 -1.72 -15.15 -19.39
CA GLY A 123 -2.48 -15.53 -20.58
C GLY A 123 -3.40 -14.40 -21.05
N ASN A 124 -4.70 -14.58 -20.87
CA ASN A 124 -5.69 -13.57 -21.26
C ASN A 124 -6.44 -13.02 -20.06
N ILE A 125 -6.01 -13.41 -18.87
CA ILE A 125 -6.65 -12.98 -17.63
C ILE A 125 -6.86 -11.47 -17.64
N GLU A 126 -7.76 -11.01 -16.77
CA GLU A 126 -8.07 -9.59 -16.66
C GLU A 126 -8.47 -9.23 -15.23
N ILE A 127 -8.18 -8.00 -14.83
CA ILE A 127 -8.50 -7.51 -13.49
C ILE A 127 -9.91 -6.94 -13.52
N LYS A 128 -10.78 -7.45 -12.64
CA LYS A 128 -12.16 -6.99 -12.61
C LYS A 128 -12.28 -5.62 -11.96
N GLU A 129 -13.39 -4.94 -12.24
CA GLU A 129 -13.67 -3.63 -11.67
C GLU A 129 -13.98 -3.74 -10.19
N GLU A 130 -14.84 -4.69 -9.85
CA GLU A 130 -15.22 -4.90 -8.45
C GLU A 130 -13.99 -5.26 -7.62
N HIS A 131 -12.96 -5.80 -8.27
CA HIS A 131 -11.74 -6.18 -7.57
C HIS A 131 -10.95 -4.95 -7.16
N VAL A 132 -10.67 -4.09 -8.12
CA VAL A 132 -9.90 -2.88 -7.86
C VAL A 132 -10.76 -1.81 -7.19
N LYS A 133 -12.06 -1.83 -7.44
CA LYS A 133 -12.98 -0.86 -6.87
C LYS A 133 -13.09 -1.03 -5.37
N VAL A 134 -13.26 -2.26 -4.91
CA VAL A 134 -13.39 -2.53 -3.49
C VAL A 134 -12.06 -2.32 -2.79
N GLY A 135 -10.98 -2.83 -3.39
CA GLY A 135 -9.65 -2.68 -2.81
C GLY A 135 -9.19 -1.24 -2.83
N LYS A 136 -9.46 -0.53 -3.93
CA LYS A 136 -9.08 0.87 -4.06
C LYS A 136 -9.86 1.74 -3.08
N GLU A 137 -11.17 1.61 -3.09
CA GLU A 137 -12.01 2.41 -2.20
C GLU A 137 -11.58 2.21 -0.74
N LYS A 138 -11.42 0.95 -0.35
CA LYS A 138 -10.99 0.64 1.01
C LYS A 138 -9.59 1.20 1.22
N ALA A 139 -8.69 0.87 0.31
CA ALA A 139 -7.32 1.33 0.37
C ALA A 139 -7.27 2.84 0.59
N HIS A 140 -7.94 3.59 -0.27
CA HIS A 140 -7.99 5.03 -0.16
C HIS A 140 -8.31 5.42 1.28
N GLY A 141 -9.20 4.65 1.89
CA GLY A 141 -9.59 4.88 3.28
C GLY A 141 -8.38 4.69 4.19
N LEU A 142 -7.49 3.81 3.82
CA LEU A 142 -6.30 3.52 4.59
C LEU A 142 -5.30 4.65 4.43
N PHE A 143 -5.19 5.20 3.22
CA PHE A 143 -4.31 6.33 2.99
C PHE A 143 -4.75 7.44 3.93
N LYS A 144 -6.04 7.43 4.25
CA LYS A 144 -6.64 8.37 5.18
C LYS A 144 -6.28 8.00 6.60
N LEU A 145 -6.17 6.70 6.85
CA LEU A 145 -5.84 6.17 8.15
C LEU A 145 -4.51 6.70 8.66
N ILE A 146 -3.47 6.41 7.91
CA ILE A 146 -2.13 6.80 8.29
C ILE A 146 -1.97 8.30 8.20
N GLU A 147 -2.39 8.89 7.08
CA GLU A 147 -2.28 10.34 6.95
C GLU A 147 -2.81 11.00 8.22
N SER A 148 -3.93 10.48 8.73
CA SER A 148 -4.53 10.99 9.95
C SER A 148 -3.58 10.87 11.13
N TYR A 149 -2.90 9.73 11.23
CA TYR A 149 -1.98 9.49 12.33
C TYR A 149 -0.87 10.53 12.41
N LEU A 150 -0.24 10.90 11.30
CA LEU A 150 0.86 11.87 11.37
C LEU A 150 0.37 13.25 11.76
N LYS A 151 -0.73 13.68 11.17
CA LYS A 151 -1.26 15.00 11.50
C LYS A 151 -1.71 15.02 12.95
N ASP A 152 -2.04 13.85 13.50
CA ASP A 152 -2.46 13.75 14.88
C ASP A 152 -1.37 13.12 15.74
N HIS A 153 -0.39 12.55 15.10
CA HIS A 153 0.73 11.85 15.73
C HIS A 153 1.93 11.84 14.80
N PRO A 154 2.51 13.01 14.54
CA PRO A 154 3.67 13.13 13.64
C PRO A 154 4.89 12.45 14.23
N ASP A 155 4.73 11.92 15.43
CA ASP A 155 5.78 11.27 16.18
C ASP A 155 6.16 9.89 15.59
N ALA A 156 5.60 9.48 14.45
CA ALA A 156 5.91 8.17 13.89
C ALA A 156 7.40 7.99 13.58
N TYR A 157 7.96 6.90 14.06
CA TYR A 157 9.35 6.50 13.83
C TYR A 157 10.39 7.58 14.18
N ASN A 158 9.97 8.71 14.74
CA ASN A 158 10.93 9.75 15.10
C ASN A 158 11.35 9.61 16.54
#